data_1X67
#
_entry.id   1X67
#
_entity_poly.entity_id   1
_entity_poly.type   'polypeptide(L)'
_entity_poly.pdbx_seq_one_letter_code
;GSSGSSGMAANLSRNGPALQEAYVRVVTEKSPTDWALFTYEGNSNDIRVAGTGEGGLEEMVEELNSGKVMYAFCRVKDPN
SGLPKFVLINWTGEGVNDVRKGACASHVSTMASFLKGAHVTINARAEEDVEPECIMEKVASGPSSG
;
_entity_poly.pdbx_strand_id   A
#
# COMPACT_ATOMS: atom_id res chain seq x y z
N GLY A 1 29.50 16.95 -6.25
CA GLY A 1 28.37 16.63 -5.40
C GLY A 1 27.55 15.47 -5.94
N SER A 2 27.58 15.29 -7.25
CA SER A 2 26.84 14.21 -7.89
C SER A 2 27.57 12.88 -7.76
N SER A 3 27.05 12.01 -6.88
CA SER A 3 27.66 10.71 -6.65
C SER A 3 26.64 9.60 -6.82
N GLY A 4 25.55 9.67 -6.06
CA GLY A 4 24.51 8.67 -6.13
C GLY A 4 23.62 8.85 -7.35
N SER A 5 22.48 9.49 -7.16
CA SER A 5 21.53 9.73 -8.24
C SER A 5 20.43 10.70 -7.82
N SER A 6 19.94 10.53 -6.59
CA SER A 6 18.89 11.39 -6.06
C SER A 6 19.04 11.57 -4.56
N GLY A 7 19.15 10.45 -3.84
CA GLY A 7 19.31 10.51 -2.39
C GLY A 7 18.52 9.42 -1.69
N MET A 8 18.65 8.19 -2.17
CA MET A 8 17.94 7.06 -1.58
C MET A 8 16.43 7.22 -1.73
N ALA A 9 15.83 6.37 -2.56
CA ALA A 9 14.39 6.41 -2.79
C ALA A 9 13.93 5.20 -3.59
N ALA A 10 12.62 4.97 -3.60
CA ALA A 10 12.05 3.84 -4.32
C ALA A 10 12.37 3.93 -5.82
N ASN A 11 12.53 2.77 -6.44
CA ASN A 11 12.84 2.71 -7.87
C ASN A 11 11.62 2.33 -8.69
N LEU A 12 11.05 1.16 -8.40
CA LEU A 12 9.87 0.69 -9.11
C LEU A 12 10.12 0.64 -10.61
N SER A 13 11.39 0.48 -10.99
CA SER A 13 11.76 0.41 -12.40
C SER A 13 11.87 -1.04 -12.87
N ARG A 14 12.66 -1.83 -12.14
CA ARG A 14 12.84 -3.23 -12.48
C ARG A 14 11.50 -3.94 -12.64
N ASN A 15 10.61 -3.74 -11.67
CA ASN A 15 9.29 -4.36 -11.71
C ASN A 15 8.22 -3.34 -12.12
N GLY A 16 8.55 -2.52 -13.11
CA GLY A 16 7.60 -1.52 -13.58
C GLY A 16 6.25 -2.10 -13.91
N PRO A 17 6.18 -2.83 -15.03
CA PRO A 17 4.94 -3.46 -15.49
C PRO A 17 4.29 -4.31 -14.41
N ALA A 18 5.10 -5.03 -13.65
CA ALA A 18 4.60 -5.88 -12.57
C ALA A 18 3.80 -5.06 -11.56
N LEU A 19 4.47 -4.10 -10.94
CA LEU A 19 3.82 -3.24 -9.95
C LEU A 19 2.56 -2.59 -10.52
N GLN A 20 2.72 -1.90 -11.65
CA GLN A 20 1.60 -1.24 -12.30
C GLN A 20 0.44 -2.21 -12.52
N GLU A 21 0.78 -3.42 -12.96
CA GLU A 21 -0.23 -4.44 -13.21
C GLU A 21 -1.12 -4.66 -11.99
N ALA A 22 -0.48 -4.93 -10.84
CA ALA A 22 -1.20 -5.14 -9.60
C ALA A 22 -2.02 -3.92 -9.21
N TYR A 23 -1.59 -2.75 -9.68
CA TYR A 23 -2.28 -1.50 -9.38
C TYR A 23 -3.45 -1.28 -10.33
N VAL A 24 -3.36 -1.87 -11.52
CA VAL A 24 -4.41 -1.74 -12.52
C VAL A 24 -5.58 -2.66 -12.21
N ARG A 25 -5.30 -3.79 -11.56
CA ARG A 25 -6.33 -4.75 -11.20
C ARG A 25 -7.13 -4.25 -10.01
N VAL A 26 -6.44 -3.80 -8.97
CA VAL A 26 -7.09 -3.30 -7.77
C VAL A 26 -8.05 -2.17 -8.09
N VAL A 27 -7.74 -1.43 -9.16
CA VAL A 27 -8.58 -0.31 -9.59
C VAL A 27 -9.62 -0.77 -10.60
N THR A 28 -9.34 -1.87 -11.29
CA THR A 28 -10.26 -2.40 -12.28
C THR A 28 -11.12 -3.52 -11.69
N GLU A 29 -12.42 -3.26 -11.59
CA GLU A 29 -13.35 -4.24 -11.05
C GLU A 29 -13.51 -5.42 -11.99
N LYS A 30 -13.17 -5.20 -13.26
CA LYS A 30 -13.27 -6.25 -14.27
C LYS A 30 -12.57 -7.53 -13.81
N SER A 31 -11.30 -7.41 -13.44
CA SER A 31 -10.53 -8.56 -12.96
C SER A 31 -10.72 -8.77 -11.47
N PRO A 32 -10.38 -9.98 -11.00
CA PRO A 32 -10.51 -10.35 -9.58
C PRO A 32 -9.34 -9.84 -8.75
N THR A 33 -9.54 -8.71 -8.07
CA THR A 33 -8.50 -8.12 -7.24
C THR A 33 -9.09 -7.13 -6.24
N ASP A 34 -9.02 -7.47 -4.96
CA ASP A 34 -9.55 -6.62 -3.91
C ASP A 34 -8.42 -5.92 -3.15
N TRP A 35 -7.26 -6.55 -3.15
CA TRP A 35 -6.09 -5.99 -2.46
C TRP A 35 -4.82 -6.20 -3.28
N ALA A 36 -3.70 -5.69 -2.77
CA ALA A 36 -2.42 -5.82 -3.47
C ALA A 36 -1.28 -5.38 -2.57
N LEU A 37 -0.37 -6.31 -2.28
CA LEU A 37 0.78 -6.02 -1.43
C LEU A 37 2.04 -5.81 -2.27
N PHE A 38 2.89 -4.89 -1.82
CA PHE A 38 4.13 -4.58 -2.52
C PHE A 38 5.30 -4.45 -1.55
N THR A 39 6.28 -5.35 -1.69
CA THR A 39 7.44 -5.33 -0.82
C THR A 39 8.73 -5.26 -1.64
N TYR A 40 9.83 -4.97 -0.95
CA TYR A 40 11.13 -4.87 -1.62
C TYR A 40 11.57 -6.23 -2.16
N GLU A 41 12.57 -6.21 -3.04
CA GLU A 41 13.09 -7.44 -3.64
C GLU A 41 14.13 -8.08 -2.72
N GLY A 42 15.32 -7.49 -2.67
CA GLY A 42 16.38 -8.03 -1.84
C GLY A 42 16.72 -7.11 -0.68
N ASN A 43 17.88 -6.45 -0.78
CA ASN A 43 18.32 -5.55 0.27
C ASN A 43 18.62 -4.16 -0.29
N SER A 44 17.96 -3.83 -1.40
CA SER A 44 18.15 -2.54 -2.05
C SER A 44 16.81 -1.86 -2.31
N ASN A 45 16.88 -0.62 -2.77
CA ASN A 45 15.67 0.15 -3.07
C ASN A 45 15.01 -0.35 -4.37
N ASP A 46 13.88 -1.03 -4.22
CA ASP A 46 13.16 -1.56 -5.36
C ASP A 46 11.88 -2.27 -4.91
N ILE A 47 10.75 -1.57 -5.01
CA ILE A 47 9.47 -2.13 -4.61
C ILE A 47 8.92 -3.06 -5.70
N ARG A 48 8.40 -4.21 -5.28
CA ARG A 48 7.84 -5.19 -6.21
C ARG A 48 6.58 -5.83 -5.63
N VAL A 49 5.91 -6.64 -6.46
CA VAL A 49 4.69 -7.32 -6.03
C VAL A 49 5.00 -8.39 -5.00
N ALA A 50 4.11 -8.55 -4.03
CA ALA A 50 4.28 -9.56 -2.98
C ALA A 50 3.09 -10.50 -2.92
N GLY A 51 1.90 -9.96 -3.17
CA GLY A 51 0.69 -10.77 -3.15
C GLY A 51 -0.52 -10.02 -3.66
N THR A 52 -1.42 -10.73 -4.32
CA THR A 52 -2.64 -10.13 -4.86
C THR A 52 -3.77 -11.15 -4.94
N GLY A 53 -4.97 -10.71 -4.60
CA GLY A 53 -6.13 -11.59 -4.63
C GLY A 53 -7.42 -10.88 -4.32
N GLU A 54 -8.54 -11.59 -4.44
CA GLU A 54 -9.84 -11.00 -4.16
C GLU A 54 -10.37 -11.46 -2.80
N GLY A 55 -9.44 -11.79 -1.91
CA GLY A 55 -9.83 -12.24 -0.58
C GLY A 55 -10.41 -11.13 0.26
N GLY A 56 -10.13 -9.89 -0.13
CA GLY A 56 -10.64 -8.75 0.61
C GLY A 56 -9.61 -8.16 1.56
N LEU A 57 -10.06 -7.73 2.73
CA LEU A 57 -9.16 -7.16 3.73
C LEU A 57 -8.61 -8.23 4.66
N GLU A 58 -9.36 -9.32 4.81
CA GLU A 58 -8.94 -10.42 5.66
C GLU A 58 -7.72 -11.13 5.09
N GLU A 59 -7.69 -11.26 3.77
CA GLU A 59 -6.58 -11.91 3.09
C GLU A 59 -5.37 -10.97 2.97
N MET A 60 -5.65 -9.69 2.84
CA MET A 60 -4.59 -8.69 2.71
C MET A 60 -3.76 -8.62 3.99
N VAL A 61 -4.44 -8.51 5.13
CA VAL A 61 -3.75 -8.43 6.42
C VAL A 61 -3.02 -9.74 6.73
N GLU A 62 -3.53 -10.83 6.18
CA GLU A 62 -2.93 -12.15 6.41
C GLU A 62 -1.54 -12.21 5.77
N GLU A 63 -1.33 -11.43 4.72
CA GLU A 63 -0.05 -11.39 4.02
C GLU A 63 0.92 -10.44 4.71
N LEU A 64 0.37 -9.43 5.38
CA LEU A 64 1.19 -8.45 6.08
C LEU A 64 2.12 -9.12 7.07
N ASN A 65 3.42 -8.89 6.91
CA ASN A 65 4.43 -9.47 7.79
C ASN A 65 4.96 -8.43 8.77
N SER A 66 4.75 -8.67 10.05
CA SER A 66 5.21 -7.75 11.09
C SER A 66 6.73 -7.81 11.23
N GLY A 67 7.40 -6.86 10.58
CA GLY A 67 8.85 -6.82 10.63
C GLY A 67 9.46 -6.17 9.41
N LYS A 68 8.69 -6.10 8.33
CA LYS A 68 9.16 -5.49 7.09
C LYS A 68 8.17 -4.45 6.58
N VAL A 69 8.69 -3.41 5.93
CA VAL A 69 7.85 -2.35 5.40
C VAL A 69 7.21 -2.76 4.08
N MET A 70 5.89 -2.67 4.02
CA MET A 70 5.16 -3.03 2.81
C MET A 70 4.02 -2.05 2.54
N TYR A 71 3.41 -2.16 1.37
CA TYR A 71 2.31 -1.28 0.99
C TYR A 71 1.07 -2.08 0.62
N ALA A 72 -0.06 -1.73 1.24
CA ALA A 72 -1.32 -2.41 0.97
C ALA A 72 -2.28 -1.52 0.21
N PHE A 73 -2.82 -2.03 -0.88
CA PHE A 73 -3.76 -1.28 -1.70
C PHE A 73 -5.07 -2.03 -1.86
N CYS A 74 -6.06 -1.68 -1.04
CA CYS A 74 -7.37 -2.31 -1.08
C CYS A 74 -8.39 -1.41 -1.76
N ARG A 75 -9.50 -2.01 -2.21
CA ARG A 75 -10.55 -1.26 -2.88
C ARG A 75 -11.92 -1.68 -2.36
N VAL A 76 -12.58 -0.79 -1.63
CA VAL A 76 -13.90 -1.06 -1.09
C VAL A 76 -14.89 0.01 -1.49
N LYS A 77 -16.17 -0.21 -1.16
CA LYS A 77 -17.22 0.74 -1.48
C LYS A 77 -17.69 1.49 -0.24
N ASP A 78 -17.95 2.78 -0.40
CA ASP A 78 -18.40 3.61 0.72
C ASP A 78 -19.82 3.23 1.13
N PRO A 79 -20.21 3.65 2.35
CA PRO A 79 -21.55 3.37 2.89
C PRO A 79 -22.63 4.23 2.24
N ASN A 80 -22.37 5.53 2.16
CA ASN A 80 -23.32 6.46 1.56
C ASN A 80 -23.09 6.59 0.06
N SER A 81 -21.87 6.92 -0.32
CA SER A 81 -21.50 7.08 -1.72
C SER A 81 -21.73 5.78 -2.49
N GLY A 82 -21.43 4.66 -1.84
CA GLY A 82 -21.61 3.37 -2.47
C GLY A 82 -20.75 3.21 -3.70
N LEU A 83 -19.69 4.01 -3.80
CA LEU A 83 -18.78 3.96 -4.94
C LEU A 83 -17.44 3.34 -4.54
N PRO A 84 -16.76 2.74 -5.52
CA PRO A 84 -15.46 2.09 -5.30
C PRO A 84 -14.36 3.11 -5.00
N LYS A 85 -13.91 3.13 -3.75
CA LYS A 85 -12.86 4.05 -3.33
C LYS A 85 -11.54 3.33 -3.14
N PHE A 86 -10.43 4.04 -3.31
CA PHE A 86 -9.10 3.45 -3.16
C PHE A 86 -8.49 3.84 -1.82
N VAL A 87 -7.99 2.85 -1.09
CA VAL A 87 -7.37 3.08 0.21
C VAL A 87 -5.88 2.79 0.17
N LEU A 88 -5.11 3.61 0.86
CA LEU A 88 -3.66 3.45 0.91
C LEU A 88 -3.18 3.25 2.35
N ILE A 89 -2.49 2.14 2.59
CA ILE A 89 -1.97 1.83 3.92
C ILE A 89 -0.46 1.63 3.89
N ASN A 90 0.24 2.32 4.78
CA ASN A 90 1.69 2.22 4.86
C ASN A 90 2.11 1.24 5.95
N TRP A 91 1.97 -0.06 5.65
CA TRP A 91 2.34 -1.10 6.61
C TRP A 91 3.76 -0.89 7.12
N THR A 92 3.88 -0.71 8.44
CA THR A 92 5.18 -0.50 9.06
C THR A 92 5.38 -1.43 10.26
N GLY A 93 5.97 -2.59 10.02
CA GLY A 93 6.19 -3.54 11.09
C GLY A 93 6.92 -2.92 12.27
N GLU A 94 6.52 -3.30 13.48
CA GLU A 94 7.14 -2.77 14.69
C GLU A 94 8.56 -3.31 14.85
N GLY A 95 8.79 -4.52 14.37
CA GLY A 95 10.11 -5.12 14.47
C GLY A 95 11.18 -4.27 13.81
N VAL A 96 10.77 -3.40 12.90
CA VAL A 96 11.71 -2.53 12.20
C VAL A 96 12.26 -1.46 13.13
N ASN A 97 13.59 -1.29 13.11
CA ASN A 97 14.24 -0.30 13.96
C ASN A 97 13.72 1.10 13.65
N ASP A 98 14.21 2.08 14.40
CA ASP A 98 13.80 3.47 14.21
C ASP A 98 14.59 4.12 13.07
N VAL A 99 15.87 3.80 13.00
CA VAL A 99 16.74 4.35 11.96
C VAL A 99 16.21 4.02 10.57
N ARG A 100 15.47 2.92 10.46
CA ARG A 100 14.90 2.49 9.20
C ARG A 100 13.55 3.16 8.95
N LYS A 101 12.73 3.23 10.00
CA LYS A 101 11.42 3.84 9.90
C LYS A 101 11.51 5.24 9.31
N GLY A 102 12.60 5.94 9.60
CA GLY A 102 12.80 7.28 9.09
C GLY A 102 13.39 7.29 7.70
N ALA A 103 14.02 6.18 7.33
CA ALA A 103 14.63 6.07 6.01
C ALA A 103 13.63 5.56 4.97
N CYS A 104 12.62 4.83 5.44
CA CYS A 104 11.59 4.30 4.55
C CYS A 104 10.52 5.34 4.26
N ALA A 105 10.36 6.29 5.18
CA ALA A 105 9.36 7.34 5.01
C ALA A 105 9.60 8.11 3.72
N SER A 106 10.86 8.23 3.31
CA SER A 106 11.21 8.94 2.10
C SER A 106 10.63 8.25 0.87
N HIS A 107 10.46 6.93 0.97
CA HIS A 107 9.91 6.14 -0.14
C HIS A 107 8.40 6.34 -0.24
N VAL A 108 7.76 6.59 0.89
CA VAL A 108 6.32 6.79 0.94
C VAL A 108 5.88 7.86 -0.05
N SER A 109 6.72 8.89 -0.21
CA SER A 109 6.43 9.98 -1.13
C SER A 109 6.37 9.48 -2.57
N THR A 110 7.30 8.59 -2.92
CA THR A 110 7.37 8.04 -4.26
C THR A 110 6.23 7.07 -4.51
N MET A 111 6.03 6.14 -3.57
CA MET A 111 4.97 5.15 -3.69
C MET A 111 3.60 5.81 -3.69
N ALA A 112 3.45 6.84 -2.86
CA ALA A 112 2.18 7.57 -2.77
C ALA A 112 1.71 8.03 -4.15
N SER A 113 2.63 8.60 -4.93
CA SER A 113 2.32 9.08 -6.27
C SER A 113 1.95 7.93 -7.19
N PHE A 114 2.69 6.83 -7.10
CA PHE A 114 2.44 5.66 -7.92
C PHE A 114 1.03 5.14 -7.70
N LEU A 115 0.66 4.93 -6.44
CA LEU A 115 -0.67 4.43 -6.10
C LEU A 115 -1.66 5.58 -5.91
N LYS A 116 -1.86 6.35 -6.98
CA LYS A 116 -2.78 7.49 -6.93
C LYS A 116 -4.23 7.01 -6.78
N GLY A 117 -5.13 7.95 -6.57
CA GLY A 117 -6.53 7.60 -6.40
C GLY A 117 -6.91 7.38 -4.96
N ALA A 118 -5.91 7.15 -4.11
CA ALA A 118 -6.14 6.92 -2.69
C ALA A 118 -7.00 8.03 -2.10
N HIS A 119 -8.28 7.73 -1.86
CA HIS A 119 -9.20 8.70 -1.30
C HIS A 119 -8.85 9.01 0.15
N VAL A 120 -8.20 8.05 0.81
CA VAL A 120 -7.80 8.22 2.20
C VAL A 120 -6.46 7.53 2.48
N THR A 121 -5.67 8.13 3.36
CA THR A 121 -4.37 7.58 3.72
C THR A 121 -4.32 7.18 5.19
N ILE A 122 -3.74 6.02 5.46
CA ILE A 122 -3.63 5.53 6.84
C ILE A 122 -2.24 4.96 7.10
N ASN A 123 -1.62 5.39 8.19
CA ASN A 123 -0.29 4.90 8.55
C ASN A 123 -0.37 4.00 9.77
N ALA A 124 -0.55 2.70 9.52
CA ALA A 124 -0.63 1.72 10.59
C ALA A 124 0.72 1.03 10.81
N ARG A 125 0.76 0.09 11.75
CA ARG A 125 1.98 -0.63 12.06
C ARG A 125 1.67 -2.08 12.45
N ALA A 126 0.63 -2.27 13.24
CA ALA A 126 0.23 -3.60 13.68
C ALA A 126 -0.96 -4.11 12.87
N GLU A 127 -1.24 -5.41 12.97
CA GLU A 127 -2.34 -6.01 12.25
C GLU A 127 -3.69 -5.51 12.78
N GLU A 128 -3.69 -5.09 14.04
CA GLU A 128 -4.91 -4.59 14.66
C GLU A 128 -5.26 -3.20 14.14
N ASP A 129 -4.26 -2.50 13.63
CA ASP A 129 -4.46 -1.16 13.09
C ASP A 129 -4.65 -1.21 11.58
N VAL A 130 -5.12 -2.35 11.08
CA VAL A 130 -5.35 -2.53 9.66
C VAL A 130 -6.48 -3.52 9.40
N GLU A 131 -7.39 -3.63 10.36
CA GLU A 131 -8.52 -4.55 10.23
C GLU A 131 -9.59 -3.96 9.31
N PRO A 132 -10.49 -4.84 8.83
CA PRO A 132 -11.58 -4.44 7.93
C PRO A 132 -12.32 -3.20 8.43
N GLU A 133 -12.80 -3.26 9.67
CA GLU A 133 -13.52 -2.15 10.27
C GLU A 133 -12.61 -0.95 10.48
N CYS A 134 -11.39 -1.21 10.93
CA CYS A 134 -10.41 -0.15 11.16
C CYS A 134 -10.16 0.66 9.89
N ILE A 135 -10.37 0.02 8.74
CA ILE A 135 -10.17 0.67 7.46
C ILE A 135 -11.48 1.25 6.93
N MET A 136 -12.55 0.47 7.04
CA MET A 136 -13.86 0.90 6.57
C MET A 136 -14.34 2.13 7.34
N GLU A 137 -13.87 2.25 8.58
CA GLU A 137 -14.26 3.38 9.43
C GLU A 137 -13.70 4.69 8.87
N LYS A 138 -12.60 4.59 8.15
CA LYS A 138 -11.96 5.76 7.56
C LYS A 138 -12.42 5.97 6.12
N VAL A 139 -12.82 4.89 5.46
CA VAL A 139 -13.29 4.95 4.08
C VAL A 139 -14.55 5.81 3.98
N ALA A 140 -15.41 5.71 4.97
CA ALA A 140 -16.66 6.48 4.98
C ALA A 140 -16.38 7.96 5.25
N SER A 141 -15.42 8.23 6.12
CA SER A 141 -15.05 9.60 6.47
C SER A 141 -14.71 10.40 5.22
N GLY A 142 -15.57 11.34 4.86
CA GLY A 142 -15.34 12.17 3.68
C GLY A 142 -16.37 13.26 3.53
N PRO A 143 -16.17 14.13 2.52
CA PRO A 143 -17.08 15.25 2.25
C PRO A 143 -18.54 14.79 2.14
N SER A 144 -19.43 15.61 2.68
CA SER A 144 -20.86 15.30 2.65
C SER A 144 -21.70 16.56 2.83
N SER A 145 -21.32 17.38 3.80
CA SER A 145 -22.04 18.62 4.07
C SER A 145 -21.35 19.42 5.17
N GLY A 146 -21.07 20.69 4.89
CA GLY A 146 -20.41 21.54 5.86
C GLY A 146 -18.98 21.13 6.11
N GLY A 1 20.94 13.69 -18.08
CA GLY A 1 21.78 12.53 -17.90
C GLY A 1 21.27 11.31 -18.65
N SER A 2 20.37 10.56 -18.03
CA SER A 2 19.81 9.37 -18.65
C SER A 2 18.72 8.77 -17.76
N SER A 3 19.10 8.38 -16.54
CA SER A 3 18.15 7.78 -15.60
C SER A 3 17.47 8.86 -14.77
N GLY A 4 18.28 9.70 -14.13
CA GLY A 4 17.74 10.75 -13.29
C GLY A 4 18.76 11.31 -12.32
N SER A 5 18.49 11.17 -11.03
CA SER A 5 19.40 11.67 -10.00
C SER A 5 19.72 10.57 -8.99
N SER A 6 21.00 10.44 -8.65
CA SER A 6 21.44 9.43 -7.70
C SER A 6 21.05 9.83 -6.28
N GLY A 7 20.09 9.09 -5.71
CA GLY A 7 19.65 9.37 -4.36
C GLY A 7 18.78 8.26 -3.79
N MET A 8 18.77 8.15 -2.47
CA MET A 8 17.98 7.11 -1.80
C MET A 8 16.48 7.33 -2.05
N ALA A 9 15.87 6.39 -2.76
CA ALA A 9 14.45 6.47 -3.06
C ALA A 9 13.94 5.17 -3.65
N ALA A 10 12.66 4.88 -3.43
CA ALA A 10 12.05 3.66 -3.94
C ALA A 10 12.27 3.53 -5.44
N ASN A 11 12.59 2.31 -5.89
CA ASN A 11 12.83 2.06 -7.30
C ASN A 11 11.74 1.14 -7.88
N LEU A 12 10.87 1.71 -8.71
CA LEU A 12 9.80 0.95 -9.32
C LEU A 12 10.05 0.76 -10.82
N SER A 13 11.32 0.80 -11.21
CA SER A 13 11.69 0.63 -12.61
C SER A 13 11.87 -0.86 -12.95
N ARG A 14 12.62 -1.56 -12.11
CA ARG A 14 12.87 -2.97 -12.32
C ARG A 14 11.56 -3.74 -12.53
N ASN A 15 10.63 -3.55 -11.60
CA ASN A 15 9.33 -4.21 -11.66
C ASN A 15 8.23 -3.23 -12.06
N GLY A 16 8.54 -2.37 -13.02
CA GLY A 16 7.56 -1.38 -13.47
C GLY A 16 6.23 -2.01 -13.83
N PRO A 17 6.19 -2.70 -14.98
CA PRO A 17 4.97 -3.36 -15.47
C PRO A 17 4.33 -4.24 -14.41
N ALA A 18 5.17 -4.91 -13.61
CA ALA A 18 4.68 -5.78 -12.55
C ALA A 18 3.87 -5.00 -11.52
N LEU A 19 4.52 -4.02 -10.88
CA LEU A 19 3.85 -3.20 -9.87
C LEU A 19 2.60 -2.55 -10.44
N GLN A 20 2.76 -1.85 -11.56
CA GLN A 20 1.63 -1.17 -12.20
C GLN A 20 0.48 -2.13 -12.43
N GLU A 21 0.80 -3.34 -12.89
CA GLU A 21 -0.21 -4.36 -13.15
C GLU A 21 -1.08 -4.60 -11.92
N ALA A 22 -0.42 -4.90 -10.79
CA ALA A 22 -1.13 -5.15 -9.55
C ALA A 22 -1.98 -3.94 -9.14
N TYR A 23 -1.58 -2.76 -9.61
CA TYR A 23 -2.30 -1.54 -9.29
C TYR A 23 -3.47 -1.33 -10.26
N VAL A 24 -3.35 -1.89 -11.45
CA VAL A 24 -4.39 -1.77 -12.47
C VAL A 24 -5.56 -2.69 -12.17
N ARG A 25 -5.27 -3.81 -11.50
CA ARG A 25 -6.30 -4.77 -11.15
C ARG A 25 -7.13 -4.28 -9.97
N VAL A 26 -6.44 -3.82 -8.93
CA VAL A 26 -7.12 -3.32 -7.73
C VAL A 26 -8.08 -2.19 -8.08
N VAL A 27 -7.77 -1.47 -9.14
CA VAL A 27 -8.61 -0.36 -9.58
C VAL A 27 -9.65 -0.82 -10.60
N THR A 28 -9.36 -1.93 -11.27
CA THR A 28 -10.27 -2.48 -12.26
C THR A 28 -11.14 -3.58 -11.67
N GLU A 29 -12.44 -3.30 -11.56
CA GLU A 29 -13.38 -4.27 -11.00
C GLU A 29 -13.55 -5.47 -11.94
N LYS A 30 -13.20 -5.26 -13.22
CA LYS A 30 -13.31 -6.32 -14.21
C LYS A 30 -12.63 -7.60 -13.73
N SER A 31 -11.35 -7.48 -13.37
CA SER A 31 -10.58 -8.62 -12.89
C SER A 31 -10.77 -8.81 -11.39
N PRO A 32 -10.42 -10.01 -10.91
CA PRO A 32 -10.54 -10.36 -9.48
C PRO A 32 -9.36 -9.84 -8.66
N THR A 33 -9.56 -8.71 -8.00
CA THR A 33 -8.51 -8.11 -7.18
C THR A 33 -9.10 -7.10 -6.20
N ASP A 34 -9.09 -7.47 -4.91
CA ASP A 34 -9.61 -6.60 -3.87
C ASP A 34 -8.48 -5.93 -3.10
N TRP A 35 -7.32 -6.59 -3.06
CA TRP A 35 -6.16 -6.06 -2.35
C TRP A 35 -4.89 -6.25 -3.18
N ALA A 36 -3.78 -5.73 -2.67
CA ALA A 36 -2.51 -5.84 -3.36
C ALA A 36 -1.37 -5.37 -2.46
N LEU A 37 -0.43 -6.28 -2.17
CA LEU A 37 0.71 -5.95 -1.32
C LEU A 37 1.96 -5.72 -2.17
N PHE A 38 2.83 -4.83 -1.69
CA PHE A 38 4.06 -4.52 -2.40
C PHE A 38 5.23 -4.40 -1.43
N THR A 39 6.20 -5.31 -1.57
CA THR A 39 7.37 -5.31 -0.71
C THR A 39 8.67 -5.29 -1.52
N TYR A 40 9.78 -5.05 -0.85
CA TYR A 40 11.07 -5.01 -1.51
C TYR A 40 11.49 -6.39 -2.01
N GLU A 41 12.53 -6.43 -2.83
CA GLU A 41 13.02 -7.69 -3.39
C GLU A 41 13.99 -8.36 -2.41
N GLY A 42 14.97 -7.61 -1.93
CA GLY A 42 15.94 -8.15 -1.00
C GLY A 42 16.47 -7.10 -0.04
N ASN A 43 17.75 -6.79 -0.16
CA ASN A 43 18.39 -5.80 0.70
C ASN A 43 18.75 -4.55 -0.08
N SER A 44 17.89 -4.17 -1.02
CA SER A 44 18.12 -2.99 -1.85
C SER A 44 16.82 -2.27 -2.15
N ASN A 45 16.92 -1.03 -2.60
CA ASN A 45 15.74 -0.23 -2.93
C ASN A 45 15.10 -0.70 -4.24
N ASP A 46 13.94 -1.34 -4.12
CA ASP A 46 13.23 -1.83 -5.29
C ASP A 46 11.91 -2.50 -4.88
N ILE A 47 10.84 -1.72 -4.91
CA ILE A 47 9.53 -2.23 -4.53
C ILE A 47 8.96 -3.14 -5.63
N ARG A 48 8.46 -4.31 -5.22
CA ARG A 48 7.89 -5.26 -6.16
C ARG A 48 6.66 -5.94 -5.57
N VAL A 49 5.82 -6.50 -6.44
CA VAL A 49 4.61 -7.19 -5.99
C VAL A 49 4.94 -8.23 -4.93
N ALA A 50 4.03 -8.38 -3.97
CA ALA A 50 4.21 -9.36 -2.89
C ALA A 50 3.04 -10.33 -2.84
N GLY A 51 1.84 -9.83 -3.12
CA GLY A 51 0.66 -10.68 -3.09
C GLY A 51 -0.58 -9.96 -3.59
N THR A 52 -1.45 -10.69 -4.28
CA THR A 52 -2.67 -10.12 -4.82
C THR A 52 -3.77 -11.17 -4.92
N GLY A 53 -4.99 -10.77 -4.58
CA GLY A 53 -6.12 -11.70 -4.63
C GLY A 53 -7.44 -11.01 -4.31
N GLU A 54 -8.53 -11.77 -4.42
CA GLU A 54 -9.85 -11.23 -4.13
C GLU A 54 -10.36 -11.71 -2.77
N GLY A 55 -9.42 -12.03 -1.88
CA GLY A 55 -9.78 -12.49 -0.56
C GLY A 55 -10.33 -11.37 0.32
N GLY A 56 -10.03 -10.14 -0.04
CA GLY A 56 -10.50 -9.00 0.73
C GLY A 56 -9.47 -8.51 1.72
N LEU A 57 -9.89 -7.63 2.63
CA LEU A 57 -8.99 -7.08 3.64
C LEU A 57 -8.50 -8.18 4.58
N GLU A 58 -9.34 -9.20 4.77
CA GLU A 58 -8.98 -10.31 5.64
C GLU A 58 -7.73 -11.01 5.15
N GLU A 59 -7.62 -11.18 3.83
CA GLU A 59 -6.47 -11.84 3.24
C GLU A 59 -5.28 -10.89 3.15
N MET A 60 -5.55 -9.63 2.87
CA MET A 60 -4.51 -8.62 2.77
C MET A 60 -3.66 -8.58 4.04
N VAL A 61 -4.32 -8.42 5.18
CA VAL A 61 -3.62 -8.38 6.46
C VAL A 61 -2.88 -9.69 6.73
N GLU A 62 -3.46 -10.79 6.28
CA GLU A 62 -2.86 -12.11 6.48
C GLU A 62 -1.49 -12.17 5.82
N GLU A 63 -1.28 -11.37 4.79
CA GLU A 63 -0.01 -11.34 4.07
C GLU A 63 0.96 -10.36 4.74
N LEU A 64 0.41 -9.34 5.39
CA LEU A 64 1.23 -8.34 6.05
C LEU A 64 2.18 -8.99 7.06
N ASN A 65 3.48 -8.77 6.86
CA ASN A 65 4.48 -9.34 7.74
C ASN A 65 5.01 -8.29 8.72
N SER A 66 4.83 -8.55 10.01
CA SER A 66 5.28 -7.62 11.05
C SER A 66 6.80 -7.64 11.17
N GLY A 67 7.46 -6.69 10.52
CA GLY A 67 8.90 -6.62 10.57
C GLY A 67 9.49 -6.00 9.31
N LYS A 68 8.72 -6.00 8.23
CA LYS A 68 9.17 -5.44 6.97
C LYS A 68 8.17 -4.41 6.43
N VAL A 69 8.68 -3.29 5.95
CA VAL A 69 7.83 -2.23 5.41
C VAL A 69 7.19 -2.65 4.10
N MET A 70 5.88 -2.50 4.01
CA MET A 70 5.14 -2.86 2.80
C MET A 70 4.02 -1.86 2.53
N TYR A 71 3.33 -2.06 1.41
CA TYR A 71 2.23 -1.18 1.03
C TYR A 71 0.98 -1.97 0.68
N ALA A 72 -0.13 -1.60 1.29
CA ALA A 72 -1.41 -2.27 1.04
C ALA A 72 -2.36 -1.37 0.26
N PHE A 73 -2.92 -1.91 -0.82
CA PHE A 73 -3.86 -1.17 -1.65
C PHE A 73 -5.16 -1.94 -1.83
N CYS A 74 -6.18 -1.55 -1.07
CA CYS A 74 -7.48 -2.21 -1.16
C CYS A 74 -8.50 -1.32 -1.86
N ARG A 75 -9.63 -1.91 -2.22
CA ARG A 75 -10.69 -1.16 -2.91
C ARG A 75 -12.07 -1.63 -2.45
N VAL A 76 -12.77 -0.74 -1.76
CA VAL A 76 -14.11 -1.05 -1.26
C VAL A 76 -15.12 0.02 -1.66
N LYS A 77 -16.39 -0.26 -1.45
CA LYS A 77 -17.45 0.68 -1.78
C LYS A 77 -17.94 1.42 -0.53
N ASP A 78 -18.12 2.72 -0.65
CA ASP A 78 -18.59 3.53 0.47
C ASP A 78 -19.93 3.02 0.98
N PRO A 79 -20.29 3.44 2.20
CA PRO A 79 -21.55 3.04 2.84
C PRO A 79 -22.76 3.74 2.23
N ASN A 80 -22.65 5.05 2.07
CA ASN A 80 -23.74 5.85 1.50
C ASN A 80 -23.48 6.14 0.03
N SER A 81 -22.27 6.61 -0.28
CA SER A 81 -21.89 6.93 -1.65
C SER A 81 -22.13 5.73 -2.57
N GLY A 82 -21.84 4.54 -2.07
CA GLY A 82 -22.02 3.34 -2.86
C GLY A 82 -21.10 3.28 -4.06
N LEU A 83 -20.02 4.06 -4.01
CA LEU A 83 -19.06 4.10 -5.11
C LEU A 83 -17.73 3.46 -4.69
N PRO A 84 -16.99 2.94 -5.69
CA PRO A 84 -15.70 2.29 -5.45
C PRO A 84 -14.61 3.29 -5.07
N LYS A 85 -14.12 3.18 -3.85
CA LYS A 85 -13.07 4.07 -3.36
C LYS A 85 -11.75 3.32 -3.20
N PHE A 86 -10.65 4.04 -3.37
CA PHE A 86 -9.32 3.44 -3.24
C PHE A 86 -8.71 3.77 -1.87
N VAL A 87 -8.21 2.73 -1.20
CA VAL A 87 -7.60 2.91 0.11
C VAL A 87 -6.11 2.61 0.07
N LEU A 88 -5.32 3.39 0.80
CA LEU A 88 -3.88 3.21 0.84
C LEU A 88 -3.38 3.11 2.28
N ILE A 89 -2.70 2.01 2.59
CA ILE A 89 -2.17 1.80 3.93
C ILE A 89 -0.65 1.71 3.92
N ASN A 90 0.00 2.44 4.82
CA ASN A 90 1.45 2.43 4.90
C ASN A 90 1.92 1.45 5.97
N TRP A 91 1.92 0.17 5.64
CA TRP A 91 2.35 -0.87 6.57
C TRP A 91 3.75 -0.59 7.09
N THR A 92 3.91 -0.57 8.40
CA THR A 92 5.20 -0.31 9.02
C THR A 92 5.44 -1.24 10.20
N GLY A 93 6.04 -2.40 9.93
CA GLY A 93 6.32 -3.37 10.98
C GLY A 93 7.06 -2.74 12.15
N GLU A 94 6.68 -3.14 13.36
CA GLU A 94 7.32 -2.61 14.56
C GLU A 94 8.75 -3.11 14.66
N GLY A 95 8.99 -4.32 14.19
CA GLY A 95 10.33 -4.89 14.24
C GLY A 95 11.36 -4.02 13.54
N VAL A 96 10.90 -3.17 12.64
CA VAL A 96 11.79 -2.27 11.90
C VAL A 96 12.37 -1.20 12.82
N ASN A 97 13.69 -1.20 12.94
CA ASN A 97 14.37 -0.22 13.79
C ASN A 97 13.97 1.20 13.41
N ASP A 98 14.41 2.16 14.21
CA ASP A 98 14.10 3.56 13.96
C ASP A 98 14.92 4.10 12.79
N VAL A 99 16.19 3.73 12.74
CA VAL A 99 17.08 4.18 11.68
C VAL A 99 16.52 3.82 10.31
N ARG A 100 15.72 2.75 10.27
CA ARG A 100 15.11 2.31 9.02
C ARG A 100 13.76 2.97 8.80
N LYS A 101 12.96 3.06 9.87
CA LYS A 101 11.65 3.67 9.79
C LYS A 101 11.73 5.08 9.20
N GLY A 102 12.81 5.78 9.52
CA GLY A 102 13.00 7.13 9.01
C GLY A 102 13.60 7.15 7.62
N ALA A 103 14.23 6.05 7.24
CA ALA A 103 14.85 5.94 5.92
C ALA A 103 13.86 5.44 4.88
N CYS A 104 12.84 4.72 5.34
CA CYS A 104 11.83 4.18 4.44
C CYS A 104 10.74 5.22 4.17
N ALA A 105 10.57 6.15 5.10
CA ALA A 105 9.57 7.19 4.96
C ALA A 105 9.80 8.02 3.69
N SER A 106 11.07 8.26 3.38
CA SER A 106 11.43 9.03 2.20
C SER A 106 10.88 8.38 0.93
N HIS A 107 10.78 7.05 0.96
CA HIS A 107 10.27 6.31 -0.19
C HIS A 107 8.75 6.44 -0.29
N VAL A 108 8.10 6.64 0.85
CA VAL A 108 6.64 6.78 0.89
C VAL A 108 6.18 7.90 -0.04
N SER A 109 7.00 8.94 -0.16
CA SER A 109 6.67 10.08 -1.02
C SER A 109 6.49 9.63 -2.46
N THR A 110 7.34 8.71 -2.91
CA THR A 110 7.28 8.20 -4.26
C THR A 110 6.17 7.16 -4.42
N MET A 111 6.19 6.16 -3.55
CA MET A 111 5.18 5.11 -3.58
C MET A 111 3.77 5.69 -3.51
N ALA A 112 3.59 6.66 -2.63
CA ALA A 112 2.30 7.31 -2.45
C ALA A 112 1.75 7.81 -3.79
N SER A 113 2.62 8.44 -4.58
CA SER A 113 2.23 8.97 -5.88
C SER A 113 1.88 7.83 -6.84
N PHE A 114 2.62 6.74 -6.76
CA PHE A 114 2.39 5.58 -7.62
C PHE A 114 0.97 5.05 -7.45
N LEU A 115 0.55 4.90 -6.20
CA LEU A 115 -0.78 4.40 -5.89
C LEU A 115 -1.77 5.55 -5.72
N LYS A 116 -1.95 6.32 -6.77
CA LYS A 116 -2.87 7.46 -6.74
C LYS A 116 -4.31 7.00 -6.58
N GLY A 117 -5.22 7.94 -6.34
CA GLY A 117 -6.62 7.60 -6.18
C GLY A 117 -6.99 7.35 -4.73
N ALA A 118 -5.99 7.07 -3.90
CA ALA A 118 -6.21 6.82 -2.49
C ALA A 118 -7.04 7.92 -1.85
N HIS A 119 -8.32 7.63 -1.63
CA HIS A 119 -9.22 8.61 -1.02
C HIS A 119 -8.86 8.85 0.44
N VAL A 120 -8.24 7.86 1.07
CA VAL A 120 -7.85 7.97 2.46
C VAL A 120 -6.54 7.22 2.72
N THR A 121 -5.49 7.97 3.05
CA THR A 121 -4.18 7.38 3.33
C THR A 121 -3.96 7.20 4.82
N ILE A 122 -3.89 5.95 5.27
CA ILE A 122 -3.68 5.65 6.67
C ILE A 122 -2.29 5.05 6.90
N ASN A 123 -1.60 5.54 7.93
CA ASN A 123 -0.28 5.05 8.26
C ASN A 123 -0.31 4.15 9.50
N ALA A 124 -0.57 2.87 9.27
CA ALA A 124 -0.64 1.90 10.37
C ALA A 124 0.70 1.20 10.56
N ARG A 125 0.77 0.34 11.56
CA ARG A 125 2.00 -0.40 11.85
C ARG A 125 1.69 -1.82 12.32
N ALA A 126 0.68 -1.95 13.17
CA ALA A 126 0.28 -3.25 13.70
C ALA A 126 -0.88 -3.82 12.89
N GLU A 127 -1.13 -5.12 13.08
CA GLU A 127 -2.21 -5.80 12.36
C GLU A 127 -3.57 -5.31 12.86
N GLU A 128 -3.61 -4.84 14.09
CA GLU A 128 -4.85 -4.35 14.69
C GLU A 128 -5.24 -2.99 14.09
N ASP A 129 -4.24 -2.28 13.58
CA ASP A 129 -4.48 -0.96 12.98
C ASP A 129 -4.64 -1.07 11.47
N VAL A 130 -5.06 -2.24 11.01
CA VAL A 130 -5.26 -2.49 9.59
C VAL A 130 -6.35 -3.52 9.35
N GLU A 131 -7.28 -3.62 10.30
CA GLU A 131 -8.38 -4.57 10.18
C GLU A 131 -9.45 -4.05 9.23
N PRO A 132 -10.32 -4.96 8.76
CA PRO A 132 -11.40 -4.62 7.84
C PRO A 132 -12.19 -3.39 8.28
N GLU A 133 -12.68 -3.44 9.52
CA GLU A 133 -13.46 -2.33 10.07
C GLU A 133 -12.57 -1.09 10.26
N CYS A 134 -11.31 -1.32 10.61
CA CYS A 134 -10.37 -0.24 10.82
C CYS A 134 -10.20 0.60 9.56
N ILE A 135 -10.43 -0.02 8.41
CA ILE A 135 -10.31 0.66 7.13
C ILE A 135 -11.65 1.19 6.66
N MET A 136 -12.69 0.36 6.76
CA MET A 136 -14.03 0.74 6.35
C MET A 136 -14.55 1.90 7.19
N GLU A 137 -14.03 2.01 8.42
CA GLU A 137 -14.45 3.07 9.32
C GLU A 137 -13.99 4.44 8.81
N LYS A 138 -12.91 4.44 8.04
CA LYS A 138 -12.37 5.68 7.48
C LYS A 138 -12.91 5.92 6.07
N VAL A 139 -13.27 4.84 5.39
CA VAL A 139 -13.80 4.94 4.03
C VAL A 139 -15.11 5.73 4.01
N ALA A 140 -15.90 5.57 5.06
CA ALA A 140 -17.18 6.27 5.16
C ALA A 140 -16.98 7.78 5.13
N SER A 141 -15.91 8.25 5.79
CA SER A 141 -15.61 9.67 5.84
C SER A 141 -15.27 10.20 4.46
N GLY A 142 -16.24 10.84 3.81
CA GLY A 142 -16.01 11.38 2.49
C GLY A 142 -15.44 12.79 2.53
N PRO A 143 -15.16 13.36 1.34
CA PRO A 143 -14.61 14.71 1.22
C PRO A 143 -15.63 15.79 1.56
N SER A 144 -15.26 16.68 2.48
CA SER A 144 -16.15 17.76 2.89
C SER A 144 -16.40 18.72 1.74
N SER A 145 -15.35 19.03 0.99
CA SER A 145 -15.46 19.94 -0.14
C SER A 145 -15.64 19.17 -1.45
N GLY A 146 -16.49 19.70 -2.33
CA GLY A 146 -16.74 19.05 -3.60
C GLY A 146 -17.33 17.66 -3.44
N GLY A 1 19.00 19.33 -3.97
CA GLY A 1 19.47 17.96 -3.87
C GLY A 1 19.16 17.15 -5.11
N SER A 2 20.17 16.93 -5.95
CA SER A 2 19.99 16.17 -7.19
C SER A 2 18.95 16.83 -8.08
N SER A 3 18.75 16.26 -9.26
CA SER A 3 17.79 16.80 -10.22
C SER A 3 16.40 16.19 -10.00
N GLY A 4 16.31 14.87 -10.14
CA GLY A 4 15.05 14.19 -9.95
C GLY A 4 14.96 12.89 -10.73
N SER A 5 15.91 12.00 -10.50
CA SER A 5 15.94 10.71 -11.20
C SER A 5 16.94 9.76 -10.53
N SER A 6 16.44 8.63 -10.04
CA SER A 6 17.28 7.64 -9.39
C SER A 6 17.95 8.23 -8.15
N GLY A 7 18.71 7.41 -7.44
CA GLY A 7 19.40 7.86 -6.25
C GLY A 7 19.23 6.90 -5.08
N MET A 8 18.41 7.29 -4.11
CA MET A 8 18.18 6.45 -2.94
C MET A 8 16.69 6.35 -2.64
N ALA A 9 15.88 6.17 -3.69
CA ALA A 9 14.44 6.05 -3.54
C ALA A 9 13.93 4.73 -4.10
N ALA A 10 12.68 4.41 -3.81
CA ALA A 10 12.07 3.17 -4.29
C ALA A 10 12.23 3.04 -5.79
N ASN A 11 12.85 1.95 -6.22
CA ASN A 11 13.07 1.70 -7.65
C ASN A 11 11.96 0.82 -8.22
N LEU A 12 11.06 1.43 -8.98
CA LEU A 12 9.95 0.69 -9.58
C LEU A 12 10.16 0.53 -11.09
N SER A 13 11.42 0.42 -11.50
CA SER A 13 11.76 0.26 -12.91
C SER A 13 11.88 -1.22 -13.27
N ARG A 14 12.61 -1.97 -12.46
CA ARG A 14 12.81 -3.39 -12.70
C ARG A 14 11.47 -4.10 -12.90
N ASN A 15 10.57 -3.94 -11.92
CA ASN A 15 9.26 -4.56 -11.99
C ASN A 15 8.18 -3.53 -12.34
N GLY A 16 8.48 -2.69 -13.32
CA GLY A 16 7.53 -1.68 -13.73
C GLY A 16 6.16 -2.25 -14.05
N PRO A 17 6.08 -2.97 -15.18
CA PRO A 17 4.82 -3.58 -15.63
C PRO A 17 4.16 -4.41 -14.52
N ALA A 18 4.99 -5.15 -13.78
CA ALA A 18 4.47 -5.98 -12.70
C ALA A 18 3.78 -5.14 -11.63
N LEU A 19 4.52 -4.19 -11.06
CA LEU A 19 3.98 -3.32 -10.02
C LEU A 19 2.77 -2.55 -10.54
N GLN A 20 2.92 -1.93 -11.70
CA GLN A 20 1.83 -1.17 -12.31
C GLN A 20 0.63 -2.05 -12.58
N GLU A 21 0.88 -3.31 -12.91
CA GLU A 21 -0.19 -4.26 -13.18
C GLU A 21 -1.03 -4.50 -11.94
N ALA A 22 -0.38 -4.82 -10.83
CA ALA A 22 -1.06 -5.08 -9.57
C ALA A 22 -1.91 -3.88 -9.16
N TYR A 23 -1.53 -2.70 -9.63
CA TYR A 23 -2.26 -1.48 -9.30
C TYR A 23 -3.45 -1.28 -10.24
N VAL A 24 -3.25 -1.63 -11.50
CA VAL A 24 -4.32 -1.50 -12.50
C VAL A 24 -5.44 -2.49 -12.23
N ARG A 25 -5.12 -3.59 -11.56
CA ARG A 25 -6.11 -4.61 -11.24
C ARG A 25 -6.95 -4.20 -10.04
N VAL A 26 -6.28 -3.75 -8.98
CA VAL A 26 -6.96 -3.32 -7.77
C VAL A 26 -7.99 -2.23 -8.07
N VAL A 27 -7.75 -1.49 -9.15
CA VAL A 27 -8.64 -0.40 -9.55
C VAL A 27 -9.68 -0.90 -10.55
N THR A 28 -9.35 -1.97 -11.25
CA THR A 28 -10.26 -2.53 -12.24
C THR A 28 -11.12 -3.64 -11.64
N GLU A 29 -12.42 -3.42 -11.62
CA GLU A 29 -13.36 -4.39 -11.07
C GLU A 29 -13.50 -5.60 -12.00
N LYS A 30 -13.14 -5.40 -13.27
CA LYS A 30 -13.24 -6.47 -14.25
C LYS A 30 -12.53 -7.73 -13.75
N SER A 31 -11.25 -7.60 -13.42
CA SER A 31 -10.47 -8.74 -12.93
C SER A 31 -10.64 -8.89 -11.42
N PRO A 32 -10.28 -10.08 -10.91
CA PRO A 32 -10.37 -10.39 -9.48
C PRO A 32 -9.18 -9.85 -8.70
N THR A 33 -9.36 -8.69 -8.06
CA THR A 33 -8.31 -8.08 -7.27
C THR A 33 -8.87 -7.05 -6.30
N ASP A 34 -9.05 -7.46 -5.05
CA ASP A 34 -9.58 -6.58 -4.02
C ASP A 34 -8.46 -5.91 -3.24
N TRP A 35 -7.30 -6.56 -3.20
CA TRP A 35 -6.15 -6.03 -2.49
C TRP A 35 -4.87 -6.24 -3.29
N ALA A 36 -3.76 -5.74 -2.77
CA ALA A 36 -2.47 -5.87 -3.44
C ALA A 36 -1.32 -5.42 -2.53
N LEU A 37 -0.37 -6.31 -2.31
CA LEU A 37 0.78 -6.00 -1.46
C LEU A 37 2.01 -5.66 -2.30
N PHE A 38 2.90 -4.84 -1.74
CA PHE A 38 4.11 -4.44 -2.43
C PHE A 38 5.26 -4.29 -1.46
N THR A 39 6.28 -5.14 -1.63
CA THR A 39 7.45 -5.11 -0.76
C THR A 39 8.74 -5.17 -1.57
N TYR A 40 9.87 -4.94 -0.91
CA TYR A 40 11.17 -4.97 -1.57
C TYR A 40 11.54 -6.39 -1.96
N GLU A 41 12.53 -6.52 -2.84
CA GLU A 41 12.99 -7.83 -3.29
C GLU A 41 13.64 -8.60 -2.16
N GLY A 42 14.36 -7.89 -1.30
CA GLY A 42 15.02 -8.54 -0.17
C GLY A 42 16.53 -8.55 -0.32
N ASN A 43 17.11 -7.40 -0.62
CA ASN A 43 18.55 -7.29 -0.80
C ASN A 43 18.96 -5.85 -1.11
N SER A 44 18.11 -5.15 -1.86
CA SER A 44 18.38 -3.77 -2.24
C SER A 44 17.07 -3.03 -2.53
N ASN A 45 17.20 -1.77 -2.95
CA ASN A 45 16.04 -0.95 -3.26
C ASN A 45 15.40 -1.39 -4.57
N ASP A 46 14.23 -2.02 -4.46
CA ASP A 46 13.51 -2.50 -5.63
C ASP A 46 12.14 -3.05 -5.25
N ILE A 47 11.14 -2.18 -5.24
CA ILE A 47 9.78 -2.58 -4.88
C ILE A 47 9.22 -3.59 -5.89
N ARG A 48 8.49 -4.57 -5.37
CA ARG A 48 7.90 -5.60 -6.22
C ARG A 48 6.63 -6.16 -5.59
N VAL A 49 5.61 -6.38 -6.42
CA VAL A 49 4.34 -6.91 -5.94
C VAL A 49 4.54 -8.22 -5.18
N ALA A 50 4.06 -8.25 -3.95
CA ALA A 50 4.17 -9.44 -3.11
C ALA A 50 3.10 -10.46 -3.45
N GLY A 51 1.88 -9.99 -3.65
CA GLY A 51 0.78 -10.87 -3.98
C GLY A 51 -0.52 -10.13 -4.24
N THR A 52 -1.42 -10.77 -4.97
CA THR A 52 -2.71 -10.15 -5.30
C THR A 52 -3.83 -11.18 -5.30
N GLY A 53 -4.97 -10.80 -4.77
CA GLY A 53 -6.11 -11.71 -4.71
C GLY A 53 -7.40 -11.01 -4.36
N GLU A 54 -8.52 -11.72 -4.49
CA GLU A 54 -9.83 -11.14 -4.19
C GLU A 54 -10.35 -11.65 -2.84
N GLY A 55 -9.42 -12.01 -1.96
CA GLY A 55 -9.80 -12.51 -0.66
C GLY A 55 -10.39 -11.42 0.23
N GLY A 56 -10.11 -10.17 -0.11
CA GLY A 56 -10.62 -9.06 0.67
C GLY A 56 -9.58 -8.48 1.61
N LEU A 57 -10.05 -7.85 2.68
CA LEU A 57 -9.16 -7.25 3.66
C LEU A 57 -8.62 -8.30 4.63
N GLU A 58 -9.38 -9.37 4.81
CA GLU A 58 -8.98 -10.45 5.71
C GLU A 58 -7.75 -11.17 5.18
N GLU A 59 -7.60 -11.18 3.85
CA GLU A 59 -6.46 -11.83 3.22
C GLU A 59 -5.30 -10.86 3.05
N MET A 60 -5.63 -9.58 2.83
CA MET A 60 -4.61 -8.55 2.65
C MET A 60 -3.77 -8.40 3.91
N VAL A 61 -4.42 -8.47 5.07
CA VAL A 61 -3.71 -8.34 6.34
C VAL A 61 -2.98 -9.63 6.69
N GLU A 62 -3.52 -10.76 6.25
CA GLU A 62 -2.92 -12.06 6.52
C GLU A 62 -1.54 -12.16 5.89
N GLU A 63 -1.33 -11.39 4.81
CA GLU A 63 -0.06 -11.40 4.11
C GLU A 63 0.95 -10.47 4.79
N LEU A 64 0.44 -9.38 5.36
CA LEU A 64 1.28 -8.41 6.05
C LEU A 64 2.17 -9.10 7.08
N ASN A 65 3.44 -8.70 7.11
CA ASN A 65 4.40 -9.27 8.05
C ASN A 65 4.97 -8.20 8.97
N SER A 66 4.75 -8.35 10.26
CA SER A 66 5.25 -7.40 11.25
C SER A 66 6.76 -7.47 11.36
N GLY A 67 7.44 -6.54 10.70
CA GLY A 67 8.90 -6.52 10.73
C GLY A 67 9.50 -5.95 9.46
N LYS A 68 8.72 -5.95 8.39
CA LYS A 68 9.18 -5.42 7.11
C LYS A 68 8.20 -4.40 6.56
N VAL A 69 8.72 -3.26 6.11
CA VAL A 69 7.89 -2.20 5.55
C VAL A 69 7.26 -2.63 4.23
N MET A 70 5.95 -2.46 4.12
CA MET A 70 5.23 -2.84 2.91
C MET A 70 4.10 -1.87 2.63
N TYR A 71 3.37 -2.10 1.54
CA TYR A 71 2.26 -1.24 1.15
C TYR A 71 1.04 -2.06 0.77
N ALA A 72 -0.12 -1.69 1.31
CA ALA A 72 -1.36 -2.38 1.02
C ALA A 72 -2.35 -1.47 0.30
N PHE A 73 -2.89 -1.97 -0.81
CA PHE A 73 -3.85 -1.20 -1.60
C PHE A 73 -5.14 -1.99 -1.81
N CYS A 74 -6.17 -1.62 -1.05
CA CYS A 74 -7.46 -2.30 -1.15
C CYS A 74 -8.48 -1.41 -1.86
N ARG A 75 -9.64 -2.00 -2.20
CA ARG A 75 -10.68 -1.27 -2.89
C ARG A 75 -12.06 -1.70 -2.39
N VAL A 76 -12.73 -0.81 -1.67
CA VAL A 76 -14.06 -1.10 -1.13
C VAL A 76 -15.06 -0.01 -1.53
N LYS A 77 -16.33 -0.22 -1.18
CA LYS A 77 -17.38 0.73 -1.49
C LYS A 77 -17.83 1.46 -0.24
N ASP A 78 -18.10 2.76 -0.37
CA ASP A 78 -18.55 3.57 0.75
C ASP A 78 -19.97 3.20 1.17
N PRO A 79 -20.36 3.59 2.39
CA PRO A 79 -21.69 3.30 2.93
C PRO A 79 -22.77 4.17 2.29
N ASN A 80 -22.52 5.47 2.22
CA ASN A 80 -23.48 6.40 1.63
C ASN A 80 -23.25 6.54 0.14
N SER A 81 -22.02 6.88 -0.24
CA SER A 81 -21.68 7.05 -1.66
C SER A 81 -21.91 5.75 -2.43
N GLY A 82 -21.63 4.63 -1.78
CA GLY A 82 -21.81 3.34 -2.42
C GLY A 82 -20.95 3.18 -3.67
N LEU A 83 -19.91 4.00 -3.77
CA LEU A 83 -19.02 3.95 -4.93
C LEU A 83 -17.68 3.33 -4.55
N PRO A 84 -17.01 2.73 -5.54
CA PRO A 84 -15.71 2.09 -5.34
C PRO A 84 -14.60 3.10 -5.05
N LYS A 85 -14.13 3.11 -3.80
CA LYS A 85 -13.08 4.03 -3.39
C LYS A 85 -11.74 3.31 -3.29
N PHE A 86 -10.66 4.07 -3.26
CA PHE A 86 -9.31 3.50 -3.16
C PHE A 86 -8.68 3.84 -1.81
N VAL A 87 -8.17 2.82 -1.14
CA VAL A 87 -7.53 3.01 0.16
C VAL A 87 -6.06 2.62 0.11
N LEU A 88 -5.21 3.44 0.74
CA LEU A 88 -3.78 3.20 0.77
C LEU A 88 -3.27 3.09 2.19
N ILE A 89 -2.68 1.95 2.53
CA ILE A 89 -2.14 1.73 3.87
C ILE A 89 -0.63 1.62 3.84
N ASN A 90 0.03 2.37 4.72
CA ASN A 90 1.49 2.36 4.80
C ASN A 90 1.97 1.41 5.89
N TRP A 91 1.94 0.11 5.58
CA TRP A 91 2.37 -0.90 6.54
C TRP A 91 3.77 -0.59 7.07
N THR A 92 3.91 -0.54 8.38
CA THR A 92 5.20 -0.27 9.01
C THR A 92 5.43 -1.18 10.21
N GLY A 93 6.12 -2.29 9.97
CA GLY A 93 6.40 -3.22 11.05
C GLY A 93 7.05 -2.55 12.25
N GLU A 94 6.50 -2.81 13.43
CA GLU A 94 7.01 -2.22 14.66
C GLU A 94 8.43 -2.73 14.94
N GLY A 95 8.69 -3.97 14.56
CA GLY A 95 10.00 -4.56 14.78
C GLY A 95 11.12 -3.75 14.14
N VAL A 96 10.76 -2.94 13.15
CA VAL A 96 11.74 -2.11 12.45
C VAL A 96 12.26 -0.99 13.35
N ASN A 97 13.57 -0.86 13.42
CA ASN A 97 14.19 0.17 14.25
C ASN A 97 13.69 1.56 13.86
N ASP A 98 14.17 2.58 14.56
CA ASP A 98 13.78 3.95 14.29
C ASP A 98 14.60 4.54 13.14
N VAL A 99 15.88 4.20 13.11
CA VAL A 99 16.77 4.69 12.07
C VAL A 99 16.27 4.29 10.68
N ARG A 100 15.58 3.16 10.61
CA ARG A 100 15.05 2.67 9.35
C ARG A 100 13.69 3.30 9.06
N LYS A 101 12.84 3.38 10.08
CA LYS A 101 11.51 3.96 9.94
C LYS A 101 11.59 5.33 9.29
N GLY A 102 12.64 6.08 9.60
CA GLY A 102 12.82 7.41 9.04
C GLY A 102 13.46 7.37 7.67
N ALA A 103 14.14 6.27 7.36
CA ALA A 103 14.81 6.13 6.07
C ALA A 103 13.86 5.56 5.02
N CYS A 104 12.84 4.84 5.47
CA CYS A 104 11.87 4.24 4.58
C CYS A 104 10.77 5.24 4.22
N ALA A 105 10.55 6.20 5.10
CA ALA A 105 9.52 7.22 4.89
C ALA A 105 9.77 7.97 3.58
N SER A 106 11.04 8.12 3.22
CA SER A 106 11.40 8.82 1.99
C SER A 106 10.80 8.12 0.78
N HIS A 107 10.65 6.81 0.87
CA HIS A 107 10.09 6.02 -0.22
C HIS A 107 8.58 6.20 -0.30
N VAL A 108 7.96 6.52 0.83
CA VAL A 108 6.52 6.73 0.88
C VAL A 108 6.08 7.85 -0.04
N SER A 109 6.94 8.87 -0.18
CA SER A 109 6.64 10.00 -1.04
C SER A 109 6.46 9.56 -2.49
N THR A 110 7.25 8.58 -2.90
CA THR A 110 7.18 8.06 -4.26
C THR A 110 6.08 7.03 -4.40
N MET A 111 6.05 6.07 -3.48
CA MET A 111 5.03 5.02 -3.49
C MET A 111 3.63 5.61 -3.43
N ALA A 112 3.45 6.58 -2.54
CA ALA A 112 2.15 7.23 -2.37
C ALA A 112 1.61 7.73 -3.70
N SER A 113 2.48 8.35 -4.49
CA SER A 113 2.09 8.87 -5.80
C SER A 113 1.77 7.74 -6.77
N PHE A 114 2.58 6.69 -6.72
CA PHE A 114 2.40 5.54 -7.60
C PHE A 114 0.97 5.02 -7.50
N LEU A 115 0.49 4.83 -6.28
CA LEU A 115 -0.86 4.34 -6.05
C LEU A 115 -1.84 5.49 -5.84
N LYS A 116 -1.97 6.34 -6.85
CA LYS A 116 -2.87 7.49 -6.79
C LYS A 116 -4.31 7.03 -6.60
N GLY A 117 -5.20 7.98 -6.32
CA GLY A 117 -6.61 7.66 -6.13
C GLY A 117 -6.94 7.40 -4.67
N ALA A 118 -5.92 7.10 -3.87
CA ALA A 118 -6.12 6.84 -2.46
C ALA A 118 -6.90 7.97 -1.78
N HIS A 119 -8.19 7.71 -1.54
CA HIS A 119 -9.05 8.71 -0.91
C HIS A 119 -8.63 8.94 0.54
N VAL A 120 -8.02 7.93 1.15
CA VAL A 120 -7.57 8.03 2.53
C VAL A 120 -6.29 7.24 2.75
N THR A 121 -5.21 7.96 3.05
CA THR A 121 -3.91 7.32 3.28
C THR A 121 -3.66 7.12 4.77
N ILE A 122 -3.78 5.87 5.21
CA ILE A 122 -3.56 5.55 6.61
C ILE A 122 -2.18 4.94 6.83
N ASN A 123 -1.51 5.36 7.90
CA ASN A 123 -0.18 4.86 8.23
C ASN A 123 -0.21 3.98 9.47
N ALA A 124 -0.60 2.72 9.29
CA ALA A 124 -0.67 1.78 10.40
C ALA A 124 0.68 1.11 10.63
N ARG A 125 0.71 0.18 11.58
CA ARG A 125 1.94 -0.55 11.90
C ARG A 125 1.63 -1.99 12.32
N ALA A 126 0.59 -2.16 13.13
CA ALA A 126 0.19 -3.47 13.59
C ALA A 126 -0.98 -4.01 12.79
N GLU A 127 -1.28 -5.29 12.97
CA GLU A 127 -2.38 -5.93 12.25
C GLU A 127 -3.73 -5.42 12.76
N GLU A 128 -3.75 -4.97 14.01
CA GLU A 128 -4.97 -4.45 14.62
C GLU A 128 -5.32 -3.08 14.06
N ASP A 129 -4.32 -2.38 13.54
CA ASP A 129 -4.52 -1.05 12.97
C ASP A 129 -4.70 -1.14 11.46
N VAL A 130 -5.16 -2.30 10.98
CA VAL A 130 -5.37 -2.51 9.56
C VAL A 130 -6.50 -3.51 9.31
N GLU A 131 -7.41 -3.60 10.27
CA GLU A 131 -8.55 -4.52 10.16
C GLU A 131 -9.63 -3.94 9.25
N PRO A 132 -10.53 -4.82 8.79
CA PRO A 132 -11.63 -4.42 7.90
C PRO A 132 -12.38 -3.20 8.43
N GLU A 133 -12.84 -3.27 9.67
CA GLU A 133 -13.56 -2.17 10.28
C GLU A 133 -12.66 -0.97 10.49
N CYS A 134 -11.44 -1.22 10.95
CA CYS A 134 -10.46 -0.16 11.19
C CYS A 134 -10.22 0.65 9.93
N ILE A 135 -10.43 0.02 8.77
CA ILE A 135 -10.23 0.68 7.49
C ILE A 135 -11.54 1.26 6.96
N MET A 136 -12.61 0.48 7.07
CA MET A 136 -13.92 0.92 6.61
C MET A 136 -14.40 2.15 7.39
N GLU A 137 -13.98 2.24 8.65
CA GLU A 137 -14.37 3.35 9.50
C GLU A 137 -13.83 4.66 8.95
N LYS A 138 -12.72 4.59 8.22
CA LYS A 138 -12.11 5.77 7.63
C LYS A 138 -12.59 5.97 6.20
N VAL A 139 -12.96 4.88 5.54
CA VAL A 139 -13.44 4.95 4.16
C VAL A 139 -14.72 5.76 4.05
N ALA A 140 -15.59 5.62 5.05
CA ALA A 140 -16.84 6.36 5.07
C ALA A 140 -16.61 7.85 5.19
N SER A 141 -15.61 8.23 5.98
CA SER A 141 -15.27 9.63 6.18
C SER A 141 -14.62 10.22 4.94
N GLY A 142 -15.41 10.93 4.14
CA GLY A 142 -14.89 11.54 2.93
C GLY A 142 -14.76 13.04 3.04
N PRO A 143 -14.28 13.68 1.97
CA PRO A 143 -14.09 15.14 1.93
C PRO A 143 -15.34 15.89 2.33
N SER A 144 -15.36 16.39 3.56
CA SER A 144 -16.52 17.13 4.07
C SER A 144 -16.43 18.60 3.68
N SER A 145 -15.22 19.15 3.77
CA SER A 145 -15.00 20.56 3.43
C SER A 145 -14.20 20.69 2.14
N GLY A 146 -14.38 19.73 1.24
CA GLY A 146 -13.68 19.75 -0.03
C GLY A 146 -14.59 20.05 -1.20
N GLY A 1 22.25 0.69 -22.00
CA GLY A 1 21.43 0.67 -20.80
C GLY A 1 22.25 0.43 -19.54
N SER A 2 23.41 1.07 -19.47
CA SER A 2 24.28 0.93 -18.31
C SER A 2 24.50 2.26 -17.61
N SER A 3 24.44 2.25 -16.29
CA SER A 3 24.62 3.47 -15.50
C SER A 3 25.22 3.14 -14.13
N GLY A 4 24.40 2.59 -13.25
CA GLY A 4 24.86 2.24 -11.92
C GLY A 4 24.45 3.26 -10.88
N SER A 5 25.44 3.90 -10.27
CA SER A 5 25.17 4.90 -9.24
C SER A 5 24.44 4.29 -8.06
N SER A 6 24.02 5.15 -7.12
CA SER A 6 23.31 4.69 -5.94
C SER A 6 22.29 5.73 -5.49
N GLY A 7 21.65 5.47 -4.34
CA GLY A 7 20.67 6.39 -3.81
C GLY A 7 19.77 5.75 -2.78
N MET A 8 18.83 6.52 -2.25
CA MET A 8 17.90 6.02 -1.24
C MET A 8 16.46 6.30 -1.65
N ALA A 9 16.16 6.11 -2.93
CA ALA A 9 14.82 6.33 -3.45
C ALA A 9 14.29 5.09 -4.15
N ALA A 10 12.96 4.92 -4.13
CA ALA A 10 12.33 3.78 -4.76
C ALA A 10 12.62 3.75 -6.26
N ASN A 11 12.87 2.56 -6.79
CA ASN A 11 13.16 2.39 -8.21
C ASN A 11 11.90 2.06 -8.99
N LEU A 12 11.31 0.91 -8.68
CA LEU A 12 10.09 0.46 -9.34
C LEU A 12 10.30 0.39 -10.85
N SER A 13 11.55 0.19 -11.26
CA SER A 13 11.87 0.09 -12.68
C SER A 13 11.93 -1.37 -13.13
N ARG A 14 12.72 -2.17 -12.43
CA ARG A 14 12.85 -3.59 -12.76
C ARG A 14 11.48 -4.25 -12.86
N ASN A 15 10.65 -4.04 -11.84
CA ASN A 15 9.31 -4.62 -11.82
C ASN A 15 8.26 -3.57 -12.17
N GLY A 16 8.57 -2.72 -13.14
CA GLY A 16 7.64 -1.68 -13.55
C GLY A 16 6.26 -2.23 -13.88
N PRO A 17 6.16 -2.92 -15.02
CA PRO A 17 4.90 -3.51 -15.49
C PRO A 17 4.24 -4.37 -14.41
N ALA A 18 5.04 -5.15 -13.71
CA ALA A 18 4.53 -6.02 -12.66
C ALA A 18 3.77 -5.22 -11.61
N LEU A 19 4.47 -4.28 -10.97
CA LEU A 19 3.86 -3.43 -9.94
C LEU A 19 2.62 -2.73 -10.48
N GLN A 20 2.78 -2.02 -11.60
CA GLN A 20 1.68 -1.30 -12.21
C GLN A 20 0.48 -2.23 -12.44
N GLU A 21 0.76 -3.44 -12.91
CA GLU A 21 -0.29 -4.42 -13.17
C GLU A 21 -1.15 -4.64 -11.93
N ALA A 22 -0.51 -4.94 -10.81
CA ALA A 22 -1.21 -5.18 -9.55
C ALA A 22 -2.00 -3.94 -9.14
N TYR A 23 -1.56 -2.78 -9.60
CA TYR A 23 -2.23 -1.52 -9.27
C TYR A 23 -3.40 -1.26 -10.22
N VAL A 24 -3.31 -1.82 -11.42
CA VAL A 24 -4.36 -1.64 -12.42
C VAL A 24 -5.56 -2.54 -12.11
N ARG A 25 -5.29 -3.68 -11.49
CA ARG A 25 -6.35 -4.63 -11.15
C ARG A 25 -7.15 -4.13 -9.95
N VAL A 26 -6.44 -3.71 -8.91
CA VAL A 26 -7.09 -3.20 -7.69
C VAL A 26 -8.02 -2.04 -8.02
N VAL A 27 -7.69 -1.30 -9.07
CA VAL A 27 -8.50 -0.16 -9.48
C VAL A 27 -9.55 -0.57 -10.51
N THR A 28 -9.30 -1.68 -11.20
CA THR A 28 -10.21 -2.17 -12.21
C THR A 28 -11.10 -3.28 -11.64
N GLU A 29 -12.40 -3.01 -11.57
CA GLU A 29 -13.36 -3.98 -11.06
C GLU A 29 -13.53 -5.15 -12.02
N LYS A 30 -13.16 -4.93 -13.28
CA LYS A 30 -13.26 -5.96 -14.30
C LYS A 30 -12.59 -7.26 -13.84
N SER A 31 -11.32 -7.16 -13.47
CA SER A 31 -10.57 -8.32 -13.01
C SER A 31 -10.79 -8.56 -11.52
N PRO A 32 -10.47 -9.77 -11.05
CA PRO A 32 -10.63 -10.16 -9.65
C PRO A 32 -9.46 -9.68 -8.78
N THR A 33 -9.65 -8.57 -8.10
CA THR A 33 -8.61 -8.01 -7.24
C THR A 33 -9.20 -7.02 -6.24
N ASP A 34 -9.08 -7.34 -4.95
CA ASP A 34 -9.60 -6.49 -3.89
C ASP A 34 -8.46 -5.86 -3.09
N TRP A 35 -7.32 -6.53 -3.08
CA TRP A 35 -6.15 -6.04 -2.35
C TRP A 35 -4.88 -6.21 -3.18
N ALA A 36 -3.77 -5.72 -2.65
CA ALA A 36 -2.48 -5.83 -3.33
C ALA A 36 -1.34 -5.39 -2.43
N LEU A 37 -0.39 -6.30 -2.20
CA LEU A 37 0.76 -6.01 -1.35
C LEU A 37 1.99 -5.70 -2.19
N PHE A 38 2.80 -4.76 -1.71
CA PHE A 38 4.01 -4.37 -2.43
C PHE A 38 5.18 -4.20 -1.45
N THR A 39 6.18 -5.05 -1.60
CA THR A 39 7.36 -4.99 -0.74
C THR A 39 8.64 -5.05 -1.55
N TYR A 40 9.77 -4.76 -0.90
CA TYR A 40 11.06 -4.78 -1.56
C TYR A 40 11.45 -6.19 -1.99
N GLU A 41 12.43 -6.31 -2.87
CA GLU A 41 12.88 -7.60 -3.35
C GLU A 41 13.87 -8.23 -2.37
N GLY A 42 14.99 -7.55 -2.16
CA GLY A 42 16.00 -8.07 -1.24
C GLY A 42 16.59 -6.97 -0.37
N ASN A 43 17.92 -6.87 -0.38
CA ASN A 43 18.61 -5.86 0.42
C ASN A 43 19.01 -4.67 -0.44
N SER A 44 18.12 -4.29 -1.36
CA SER A 44 18.39 -3.16 -2.25
C SER A 44 17.09 -2.46 -2.63
N ASN A 45 17.22 -1.27 -3.21
CA ASN A 45 16.06 -0.49 -3.62
C ASN A 45 15.38 -1.11 -4.84
N ASP A 46 14.21 -1.71 -4.62
CA ASP A 46 13.46 -2.33 -5.71
C ASP A 46 12.15 -2.91 -5.19
N ILE A 47 11.06 -2.19 -5.42
CA ILE A 47 9.74 -2.64 -4.98
C ILE A 47 9.14 -3.65 -5.95
N ARG A 48 8.48 -4.67 -5.41
CA ARG A 48 7.87 -5.71 -6.23
C ARG A 48 6.60 -6.23 -5.57
N VAL A 49 5.57 -6.45 -6.37
CA VAL A 49 4.29 -6.95 -5.87
C VAL A 49 4.50 -8.26 -5.09
N ALA A 50 4.03 -8.28 -3.84
CA ALA A 50 4.16 -9.46 -3.00
C ALA A 50 3.08 -10.49 -3.34
N GLY A 51 1.85 -10.01 -3.54
CA GLY A 51 0.76 -10.91 -3.86
C GLY A 51 -0.54 -10.16 -4.10
N THR A 52 -1.49 -10.82 -4.76
CA THR A 52 -2.78 -10.21 -5.05
C THR A 52 -3.89 -11.26 -5.14
N GLY A 53 -5.09 -10.89 -4.72
CA GLY A 53 -6.20 -11.81 -4.76
C GLY A 53 -7.52 -11.14 -4.42
N GLU A 54 -8.62 -11.86 -4.62
CA GLU A 54 -9.94 -11.33 -4.34
C GLU A 54 -10.45 -11.84 -3.00
N GLY A 55 -9.52 -12.16 -2.10
CA GLY A 55 -9.90 -12.66 -0.79
C GLY A 55 -10.49 -11.57 0.09
N GLY A 56 -10.21 -10.31 -0.26
CA GLY A 56 -10.72 -9.20 0.51
C GLY A 56 -9.68 -8.64 1.47
N LEU A 57 -10.14 -8.20 2.64
CA LEU A 57 -9.24 -7.63 3.65
C LEU A 57 -8.69 -8.72 4.56
N GLU A 58 -9.45 -9.81 4.70
CA GLU A 58 -9.05 -10.92 5.54
C GLU A 58 -7.80 -11.60 4.98
N GLU A 59 -7.62 -11.49 3.67
CA GLU A 59 -6.46 -12.10 3.01
C GLU A 59 -5.29 -11.12 2.95
N MET A 60 -5.60 -9.85 2.79
CA MET A 60 -4.57 -8.81 2.73
C MET A 60 -3.75 -8.79 4.02
N VAL A 61 -4.43 -8.59 5.14
CA VAL A 61 -3.77 -8.54 6.44
C VAL A 61 -3.00 -9.83 6.71
N GLU A 62 -3.52 -10.94 6.21
CA GLU A 62 -2.89 -12.24 6.41
C GLU A 62 -1.52 -12.28 5.72
N GLU A 63 -1.40 -11.54 4.63
CA GLU A 63 -0.13 -11.49 3.89
C GLU A 63 0.86 -10.55 4.56
N LEU A 64 0.34 -9.52 5.22
CA LEU A 64 1.18 -8.55 5.91
C LEU A 64 2.14 -9.24 6.86
N ASN A 65 3.44 -8.98 6.69
CA ASN A 65 4.46 -9.58 7.55
C ASN A 65 4.96 -8.57 8.57
N SER A 66 4.70 -8.86 9.86
CA SER A 66 5.12 -7.98 10.93
C SER A 66 6.64 -8.00 11.08
N GLY A 67 7.30 -7.01 10.49
CA GLY A 67 8.75 -6.93 10.56
C GLY A 67 9.35 -6.22 9.37
N LYS A 68 8.59 -6.14 8.28
CA LYS A 68 9.06 -5.49 7.06
C LYS A 68 8.05 -4.46 6.58
N VAL A 69 8.55 -3.35 6.06
CA VAL A 69 7.68 -2.28 5.56
C VAL A 69 7.04 -2.67 4.23
N MET A 70 5.74 -2.45 4.11
CA MET A 70 5.01 -2.78 2.89
C MET A 70 3.89 -1.78 2.64
N TYR A 71 3.20 -1.95 1.52
CA TYR A 71 2.10 -1.05 1.16
C TYR A 71 0.86 -1.85 0.76
N ALA A 72 -0.23 -1.65 1.49
CA ALA A 72 -1.48 -2.34 1.20
C ALA A 72 -2.44 -1.44 0.44
N PHE A 73 -2.90 -1.93 -0.72
CA PHE A 73 -3.83 -1.17 -1.56
C PHE A 73 -5.14 -1.92 -1.74
N CYS A 74 -6.13 -1.58 -0.92
CA CYS A 74 -7.44 -2.23 -1.00
C CYS A 74 -8.45 -1.33 -1.70
N ARG A 75 -9.54 -1.93 -2.17
CA ARG A 75 -10.59 -1.18 -2.85
C ARG A 75 -11.97 -1.58 -2.34
N VAL A 76 -12.62 -0.66 -1.64
CA VAL A 76 -13.95 -0.91 -1.10
C VAL A 76 -14.90 0.26 -1.40
N LYS A 77 -16.19 -0.05 -1.45
CA LYS A 77 -17.20 0.96 -1.73
C LYS A 77 -17.54 1.74 -0.46
N ASP A 78 -17.71 3.05 -0.61
CA ASP A 78 -18.05 3.92 0.53
C ASP A 78 -19.48 3.68 0.98
N PRO A 79 -19.79 4.11 2.21
CA PRO A 79 -21.12 3.96 2.80
C PRO A 79 -22.14 4.91 2.18
N ASN A 80 -21.77 6.18 2.07
CA ASN A 80 -22.65 7.20 1.51
C ASN A 80 -22.47 7.29 0.00
N SER A 81 -21.21 7.29 -0.44
CA SER A 81 -20.89 7.38 -1.86
C SER A 81 -21.39 6.15 -2.61
N GLY A 82 -21.08 4.97 -2.08
CA GLY A 82 -21.51 3.74 -2.71
C GLY A 82 -20.71 3.42 -3.96
N LEU A 83 -19.53 4.01 -4.07
CA LEU A 83 -18.67 3.78 -5.23
C LEU A 83 -17.30 3.30 -4.80
N PRO A 84 -16.62 2.56 -5.68
CA PRO A 84 -15.28 2.02 -5.42
C PRO A 84 -14.31 3.09 -4.95
N LYS A 85 -13.77 2.91 -3.75
CA LYS A 85 -12.82 3.86 -3.18
C LYS A 85 -11.45 3.22 -2.99
N PHE A 86 -10.40 4.00 -3.19
CA PHE A 86 -9.04 3.52 -3.04
C PHE A 86 -8.44 3.95 -1.70
N VAL A 87 -7.78 3.01 -1.02
CA VAL A 87 -7.17 3.29 0.27
C VAL A 87 -5.68 2.95 0.25
N LEU A 88 -4.89 3.78 0.93
CA LEU A 88 -3.45 3.58 0.99
C LEU A 88 -2.99 3.41 2.45
N ILE A 89 -2.41 2.26 2.75
CA ILE A 89 -1.92 1.98 4.09
C ILE A 89 -0.40 1.82 4.10
N ASN A 90 0.25 2.49 5.05
CA ASN A 90 1.69 2.43 5.16
C ASN A 90 2.11 1.39 6.20
N TRP A 91 2.04 0.12 5.82
CA TRP A 91 2.41 -0.97 6.72
C TRP A 91 3.79 -0.73 7.32
N THR A 92 3.87 -0.73 8.65
CA THR A 92 5.13 -0.52 9.34
C THR A 92 5.30 -1.51 10.49
N GLY A 93 5.80 -2.70 10.16
CA GLY A 93 6.01 -3.72 11.18
C GLY A 93 6.81 -3.20 12.36
N GLU A 94 6.47 -3.71 13.56
CA GLU A 94 7.17 -3.29 14.76
C GLU A 94 8.64 -3.70 14.73
N GLY A 95 8.93 -4.76 13.99
CA GLY A 95 10.29 -5.24 13.88
C GLY A 95 11.21 -4.23 13.22
N VAL A 96 10.61 -3.29 12.49
CA VAL A 96 11.39 -2.26 11.80
C VAL A 96 11.83 -1.17 12.77
N ASN A 97 13.14 -1.12 13.04
CA ASN A 97 13.69 -0.12 13.95
C ASN A 97 13.27 1.28 13.53
N ASP A 98 13.41 2.23 14.46
CA ASP A 98 13.05 3.61 14.19
C ASP A 98 13.95 4.22 13.12
N VAL A 99 15.23 3.88 13.18
CA VAL A 99 16.21 4.39 12.22
C VAL A 99 15.79 4.08 10.79
N ARG A 100 15.00 3.01 10.64
CA ARG A 100 14.52 2.60 9.32
C ARG A 100 13.18 3.26 9.00
N LYS A 101 12.35 3.42 10.00
CA LYS A 101 11.04 4.04 9.82
C LYS A 101 11.17 5.40 9.15
N GLY A 102 12.16 6.17 9.57
CA GLY A 102 12.38 7.49 8.99
C GLY A 102 12.96 7.42 7.60
N ALA A 103 13.75 6.39 7.34
CA ALA A 103 14.38 6.21 6.04
C ALA A 103 13.37 5.74 5.00
N CYS A 104 12.41 4.92 5.44
CA CYS A 104 11.39 4.40 4.54
C CYS A 104 10.44 5.50 4.10
N ALA A 105 10.28 6.52 4.95
CA ALA A 105 9.41 7.65 4.63
C ALA A 105 9.79 8.28 3.30
N SER A 106 11.09 8.44 3.07
CA SER A 106 11.58 9.03 1.84
C SER A 106 11.05 8.30 0.62
N HIS A 107 10.75 7.01 0.79
CA HIS A 107 10.23 6.19 -0.29
C HIS A 107 8.71 6.34 -0.40
N VAL A 108 8.07 6.63 0.73
CA VAL A 108 6.62 6.78 0.77
C VAL A 108 6.18 7.88 -0.19
N SER A 109 7.06 8.84 -0.45
CA SER A 109 6.75 9.94 -1.35
C SER A 109 6.52 9.44 -2.77
N THR A 110 7.43 8.59 -3.25
CA THR A 110 7.33 8.03 -4.59
C THR A 110 6.16 7.06 -4.70
N MET A 111 6.08 6.14 -3.74
CA MET A 111 5.01 5.15 -3.73
C MET A 111 3.64 5.82 -3.69
N ALA A 112 3.53 6.87 -2.89
CA ALA A 112 2.28 7.62 -2.76
C ALA A 112 1.74 8.02 -4.13
N SER A 113 2.62 8.54 -4.97
CA SER A 113 2.24 8.97 -6.31
C SER A 113 1.86 7.77 -7.19
N PHE A 114 2.71 6.75 -7.17
CA PHE A 114 2.46 5.55 -7.96
C PHE A 114 1.07 4.99 -7.69
N LEU A 115 0.68 4.98 -6.42
CA LEU A 115 -0.64 4.47 -6.03
C LEU A 115 -1.62 5.62 -5.83
N LYS A 116 -1.83 6.41 -6.88
CA LYS A 116 -2.75 7.53 -6.82
C LYS A 116 -4.19 7.06 -6.63
N GLY A 117 -5.09 8.00 -6.40
CA GLY A 117 -6.50 7.66 -6.21
C GLY A 117 -6.84 7.44 -4.75
N ALA A 118 -5.82 7.21 -3.92
CA ALA A 118 -6.01 6.99 -2.50
C ALA A 118 -6.87 8.10 -1.89
N HIS A 119 -8.14 7.79 -1.64
CA HIS A 119 -9.06 8.75 -1.05
C HIS A 119 -8.72 9.01 0.41
N VAL A 120 -8.09 8.03 1.05
CA VAL A 120 -7.70 8.15 2.45
C VAL A 120 -6.38 7.44 2.72
N THR A 121 -5.54 8.07 3.54
CA THR A 121 -4.24 7.50 3.89
C THR A 121 -4.18 7.11 5.35
N ILE A 122 -3.50 6.01 5.64
CA ILE A 122 -3.36 5.54 7.02
C ILE A 122 -1.98 4.94 7.26
N ASN A 123 -1.36 5.33 8.37
CA ASN A 123 -0.04 4.84 8.72
C ASN A 123 -0.11 3.85 9.88
N ALA A 124 -0.49 2.61 9.60
CA ALA A 124 -0.60 1.58 10.62
C ALA A 124 0.73 0.85 10.81
N ARG A 125 0.81 0.06 11.87
CA ARG A 125 2.03 -0.70 12.17
C ARG A 125 1.72 -2.18 12.34
N ALA A 126 0.58 -2.47 12.97
CA ALA A 126 0.17 -3.85 13.19
C ALA A 126 -1.10 -4.18 12.42
N GLU A 127 -1.44 -5.46 12.37
CA GLU A 127 -2.64 -5.91 11.65
C GLU A 127 -3.90 -5.41 12.34
N GLU A 128 -3.80 -5.17 13.64
CA GLU A 128 -4.95 -4.70 14.42
C GLU A 128 -5.34 -3.28 13.99
N ASP A 129 -4.38 -2.55 13.46
CA ASP A 129 -4.62 -1.18 13.02
C ASP A 129 -5.21 -1.16 11.61
N VAL A 130 -4.94 -2.23 10.85
CA VAL A 130 -5.45 -2.34 9.48
C VAL A 130 -6.53 -3.41 9.38
N GLU A 131 -7.41 -3.47 10.38
CA GLU A 131 -8.48 -4.45 10.41
C GLU A 131 -9.62 -4.03 9.48
N PRO A 132 -10.48 -4.99 9.12
CA PRO A 132 -11.62 -4.75 8.24
C PRO A 132 -12.43 -3.53 8.64
N GLU A 133 -12.57 -3.33 9.95
CA GLU A 133 -13.31 -2.19 10.46
C GLU A 133 -12.41 -0.96 10.60
N CYS A 134 -11.17 -1.18 11.01
CA CYS A 134 -10.21 -0.10 11.16
C CYS A 134 -9.95 0.59 9.84
N ILE A 135 -10.13 -0.14 8.74
CA ILE A 135 -9.92 0.41 7.41
C ILE A 135 -11.18 1.06 6.86
N MET A 136 -12.31 0.38 7.04
CA MET A 136 -13.60 0.88 6.57
C MET A 136 -14.01 2.12 7.36
N GLU A 137 -13.54 2.21 8.60
CA GLU A 137 -13.86 3.33 9.46
C GLU A 137 -13.28 4.63 8.90
N LYS A 138 -12.19 4.51 8.15
CA LYS A 138 -11.54 5.67 7.57
C LYS A 138 -12.02 5.91 6.13
N VAL A 139 -12.46 4.82 5.48
CA VAL A 139 -12.95 4.91 4.12
C VAL A 139 -14.19 5.78 4.03
N ALA A 140 -15.04 5.71 5.06
CA ALA A 140 -16.26 6.49 5.10
C ALA A 140 -15.96 7.99 5.10
N SER A 141 -14.99 8.39 5.92
CA SER A 141 -14.60 9.80 6.00
C SER A 141 -13.81 10.22 4.76
N GLY A 142 -14.49 10.91 3.85
CA GLY A 142 -13.85 11.37 2.64
C GLY A 142 -12.87 12.50 2.89
N PRO A 143 -13.41 13.68 3.22
CA PRO A 143 -12.60 14.87 3.49
C PRO A 143 -11.51 14.60 4.53
N SER A 144 -10.26 14.62 4.09
CA SER A 144 -9.13 14.36 4.98
C SER A 144 -8.98 15.50 5.99
N SER A 145 -7.94 15.41 6.82
CA SER A 145 -7.69 16.43 7.83
C SER A 145 -6.19 16.71 7.96
N GLY A 146 -5.81 17.96 7.68
CA GLY A 146 -4.41 18.34 7.76
C GLY A 146 -4.21 19.64 8.51
N GLY A 1 17.56 -2.97 -18.50
CA GLY A 1 17.74 -1.54 -18.69
C GLY A 1 19.19 -1.16 -18.89
N SER A 2 19.80 -0.59 -17.85
CA SER A 2 21.19 -0.16 -17.92
C SER A 2 21.67 0.35 -16.57
N SER A 3 22.51 -0.44 -15.90
CA SER A 3 23.04 -0.06 -14.60
C SER A 3 21.90 0.28 -13.63
N GLY A 4 22.27 0.80 -12.46
CA GLY A 4 21.27 1.17 -11.47
C GLY A 4 21.76 2.26 -10.54
N SER A 5 21.14 3.43 -10.63
CA SER A 5 21.53 4.56 -9.79
C SER A 5 20.40 5.59 -9.72
N SER A 6 19.95 5.87 -8.50
CA SER A 6 18.86 6.84 -8.30
C SER A 6 19.10 7.66 -7.04
N GLY A 7 19.25 6.96 -5.91
CA GLY A 7 19.47 7.64 -4.65
C GLY A 7 18.89 6.88 -3.47
N MET A 8 18.23 7.60 -2.57
CA MET A 8 17.62 6.98 -1.40
C MET A 8 16.10 6.98 -1.51
N ALA A 9 15.60 6.88 -2.74
CA ALA A 9 14.16 6.86 -2.97
C ALA A 9 13.74 5.59 -3.71
N ALA A 10 12.45 5.27 -3.63
CA ALA A 10 11.93 4.08 -4.30
C ALA A 10 12.30 4.06 -5.78
N ASN A 11 12.59 2.88 -6.30
CA ASN A 11 12.96 2.73 -7.71
C ASN A 11 11.75 2.35 -8.55
N LEU A 12 11.16 1.19 -8.26
CA LEU A 12 10.00 0.73 -9.00
C LEU A 12 10.29 0.63 -10.49
N SER A 13 11.57 0.43 -10.82
CA SER A 13 11.99 0.33 -12.21
C SER A 13 12.09 -1.13 -12.64
N ARG A 14 12.82 -1.92 -11.85
CA ARG A 14 13.00 -3.34 -12.16
C ARG A 14 11.64 -4.04 -12.28
N ASN A 15 10.75 -3.78 -11.33
CA ASN A 15 9.43 -4.39 -11.33
C ASN A 15 8.38 -3.39 -11.81
N GLY A 16 8.73 -2.58 -12.81
CA GLY A 16 7.81 -1.60 -13.34
C GLY A 16 6.47 -2.19 -13.72
N PRO A 17 6.45 -2.93 -14.84
CA PRO A 17 5.22 -3.56 -15.34
C PRO A 17 4.52 -4.39 -14.26
N ALA A 18 5.31 -5.08 -13.45
CA ALA A 18 4.76 -5.91 -12.38
C ALA A 18 3.97 -5.06 -11.38
N LEU A 19 4.63 -4.06 -10.82
CA LEU A 19 3.98 -3.18 -9.85
C LEU A 19 2.75 -2.51 -10.45
N GLN A 20 2.92 -1.88 -11.60
CA GLN A 20 1.82 -1.21 -12.28
C GLN A 20 0.63 -2.15 -12.45
N GLU A 21 0.91 -3.38 -12.86
CA GLU A 21 -0.13 -4.37 -13.06
C GLU A 21 -0.96 -4.56 -11.80
N ALA A 22 -0.28 -4.86 -10.69
CA ALA A 22 -0.95 -5.07 -9.41
C ALA A 22 -1.76 -3.84 -9.02
N TYR A 23 -1.38 -2.68 -9.54
CA TYR A 23 -2.07 -1.43 -9.25
C TYR A 23 -3.25 -1.24 -10.19
N VAL A 24 -3.14 -1.76 -11.40
CA VAL A 24 -4.19 -1.64 -12.40
C VAL A 24 -5.36 -2.57 -12.07
N ARG A 25 -5.05 -3.68 -11.42
CA ARG A 25 -6.08 -4.65 -11.05
C ARG A 25 -6.89 -4.15 -9.85
N VAL A 26 -6.20 -3.70 -8.83
CA VAL A 26 -6.85 -3.19 -7.63
C VAL A 26 -7.82 -2.05 -7.96
N VAL A 27 -7.54 -1.36 -9.06
CA VAL A 27 -8.37 -0.24 -9.49
C VAL A 27 -9.40 -0.70 -10.52
N THR A 28 -9.12 -1.82 -11.18
CA THR A 28 -10.02 -2.37 -12.18
C THR A 28 -10.87 -3.49 -11.61
N GLU A 29 -12.19 -3.29 -11.61
CA GLU A 29 -13.11 -4.28 -11.09
C GLU A 29 -13.24 -5.47 -12.05
N LYS A 30 -12.87 -5.24 -13.31
CA LYS A 30 -12.95 -6.28 -14.32
C LYS A 30 -12.25 -7.56 -13.85
N SER A 31 -10.98 -7.43 -13.49
CA SER A 31 -10.20 -8.57 -13.02
C SER A 31 -10.44 -8.81 -11.53
N PRO A 32 -10.09 -10.02 -11.06
CA PRO A 32 -10.25 -10.41 -9.66
C PRO A 32 -9.12 -9.90 -8.78
N THR A 33 -9.37 -8.78 -8.10
CA THR A 33 -8.38 -8.19 -7.21
C THR A 33 -9.02 -7.24 -6.22
N ASP A 34 -8.78 -7.47 -4.93
CA ASP A 34 -9.34 -6.63 -3.89
C ASP A 34 -8.23 -5.91 -3.11
N TRP A 35 -7.06 -6.53 -3.06
CA TRP A 35 -5.91 -5.96 -2.36
C TRP A 35 -4.63 -6.13 -3.17
N ALA A 36 -3.53 -5.61 -2.63
CA ALA A 36 -2.23 -5.71 -3.30
C ALA A 36 -1.10 -5.28 -2.37
N LEU A 37 -0.20 -6.21 -2.07
CA LEU A 37 0.93 -5.93 -1.20
C LEU A 37 2.20 -5.70 -2.02
N PHE A 38 2.97 -4.69 -1.63
CA PHE A 38 4.21 -4.36 -2.31
C PHE A 38 5.36 -4.21 -1.33
N THR A 39 6.36 -5.07 -1.46
CA THR A 39 7.52 -5.02 -0.58
C THR A 39 8.82 -4.90 -1.37
N TYR A 40 9.92 -4.65 -0.66
CA TYR A 40 11.22 -4.51 -1.31
C TYR A 40 11.75 -5.85 -1.77
N GLU A 41 12.82 -5.83 -2.56
CA GLU A 41 13.43 -7.04 -3.07
C GLU A 41 14.40 -7.64 -2.06
N GLY A 42 15.25 -6.78 -1.50
CA GLY A 42 16.22 -7.23 -0.51
C GLY A 42 16.74 -6.11 0.35
N ASN A 43 18.06 -5.99 0.43
CA ASN A 43 18.69 -4.95 1.24
C ASN A 43 19.02 -3.73 0.38
N SER A 44 18.11 -3.39 -0.53
CA SER A 44 18.30 -2.25 -1.41
C SER A 44 16.96 -1.58 -1.73
N ASN A 45 17.03 -0.41 -2.36
CA ASN A 45 15.83 0.33 -2.73
C ASN A 45 15.23 -0.22 -4.03
N ASP A 46 14.09 -0.90 -3.90
CA ASP A 46 13.41 -1.47 -5.06
C ASP A 46 12.10 -2.13 -4.64
N ILE A 47 11.00 -1.42 -4.85
CA ILE A 47 9.68 -1.93 -4.49
C ILE A 47 9.16 -2.87 -5.58
N ARG A 48 8.51 -3.95 -5.16
CA ARG A 48 7.96 -4.92 -6.09
C ARG A 48 6.67 -5.54 -5.54
N VAL A 49 6.15 -6.54 -6.25
CA VAL A 49 4.93 -7.22 -5.82
C VAL A 49 5.24 -8.31 -4.80
N ALA A 50 4.35 -8.44 -3.81
CA ALA A 50 4.52 -9.46 -2.78
C ALA A 50 3.32 -10.40 -2.72
N GLY A 51 2.14 -9.86 -2.97
CA GLY A 51 0.93 -10.67 -2.95
C GLY A 51 -0.28 -9.92 -3.47
N THR A 52 -1.16 -10.64 -4.17
CA THR A 52 -2.37 -10.04 -4.73
C THR A 52 -3.50 -11.06 -4.82
N GLY A 53 -4.70 -10.63 -4.50
CA GLY A 53 -5.85 -11.52 -4.55
C GLY A 53 -7.15 -10.81 -4.23
N GLU A 54 -8.26 -11.54 -4.35
CA GLU A 54 -9.58 -10.97 -4.07
C GLU A 54 -10.08 -11.41 -2.70
N GLY A 55 -9.16 -11.74 -1.81
CA GLY A 55 -9.54 -12.17 -0.48
C GLY A 55 -10.16 -11.07 0.35
N GLY A 56 -9.93 -9.83 -0.06
CA GLY A 56 -10.48 -8.69 0.66
C GLY A 56 -9.50 -8.11 1.66
N LEU A 57 -10.00 -7.71 2.82
CA LEU A 57 -9.16 -7.12 3.85
C LEU A 57 -8.65 -8.20 4.80
N GLU A 58 -9.40 -9.30 4.91
CA GLU A 58 -9.02 -10.40 5.78
C GLU A 58 -7.76 -11.09 5.27
N GLU A 59 -7.59 -11.10 3.95
CA GLU A 59 -6.45 -11.73 3.32
C GLU A 59 -5.26 -10.76 3.25
N MET A 60 -5.55 -9.50 2.97
CA MET A 60 -4.52 -8.48 2.89
C MET A 60 -3.71 -8.41 4.18
N VAL A 61 -4.41 -8.32 5.31
CA VAL A 61 -3.75 -8.26 6.61
C VAL A 61 -3.02 -9.56 6.93
N GLU A 62 -3.54 -10.66 6.41
CA GLU A 62 -2.94 -11.97 6.64
C GLU A 62 -1.55 -12.05 6.03
N GLU A 63 -1.32 -11.24 5.01
CA GLU A 63 -0.01 -11.21 4.33
C GLU A 63 0.95 -10.30 5.08
N LEU A 64 0.43 -9.24 5.69
CA LEU A 64 1.25 -8.29 6.43
C LEU A 64 2.13 -9.02 7.44
N ASN A 65 3.44 -8.81 7.33
CA ASN A 65 4.39 -9.44 8.24
C ASN A 65 5.00 -8.41 9.18
N SER A 66 4.73 -8.56 10.47
CA SER A 66 5.24 -7.64 11.47
C SER A 66 6.76 -7.74 11.56
N GLY A 67 7.45 -6.76 10.97
CA GLY A 67 8.90 -6.75 10.99
C GLY A 67 9.48 -6.06 9.77
N LYS A 68 8.69 -5.93 8.72
CA LYS A 68 9.14 -5.28 7.49
C LYS A 68 8.13 -4.24 7.01
N VAL A 69 8.60 -3.29 6.22
CA VAL A 69 7.73 -2.24 5.70
C VAL A 69 7.13 -2.64 4.37
N MET A 70 5.81 -2.52 4.26
CA MET A 70 5.10 -2.87 3.04
C MET A 70 3.98 -1.89 2.76
N TYR A 71 3.35 -2.02 1.59
CA TYR A 71 2.25 -1.14 1.20
C TYR A 71 1.02 -1.95 0.80
N ALA A 72 -0.10 -1.64 1.44
CA ALA A 72 -1.35 -2.34 1.14
C ALA A 72 -2.31 -1.43 0.38
N PHE A 73 -2.76 -1.90 -0.77
CA PHE A 73 -3.69 -1.14 -1.60
C PHE A 73 -4.99 -1.91 -1.81
N CYS A 74 -6.03 -1.48 -1.10
CA CYS A 74 -7.34 -2.13 -1.20
C CYS A 74 -8.33 -1.24 -1.96
N ARG A 75 -9.48 -1.81 -2.29
CA ARG A 75 -10.51 -1.07 -3.01
C ARG A 75 -11.91 -1.51 -2.58
N VAL A 76 -12.64 -0.62 -1.93
CA VAL A 76 -13.98 -0.92 -1.46
C VAL A 76 -14.93 0.24 -1.74
N LYS A 77 -16.19 -0.08 -2.01
CA LYS A 77 -17.19 0.94 -2.29
C LYS A 77 -17.59 1.67 -1.02
N ASP A 78 -17.77 2.98 -1.13
CA ASP A 78 -18.15 3.80 0.03
C ASP A 78 -19.57 3.49 0.47
N PRO A 79 -19.91 3.90 1.70
CA PRO A 79 -21.24 3.66 2.27
C PRO A 79 -22.29 4.59 1.67
N ASN A 80 -21.98 5.87 1.60
CA ASN A 80 -22.90 6.86 1.04
C ASN A 80 -22.67 7.04 -0.46
N SER A 81 -21.42 7.26 -0.83
CA SER A 81 -21.07 7.45 -2.24
C SER A 81 -21.53 6.27 -3.08
N GLY A 82 -21.36 5.06 -2.54
CA GLY A 82 -21.77 3.87 -3.25
C GLY A 82 -20.91 3.59 -4.47
N LEU A 83 -19.71 4.18 -4.49
CA LEU A 83 -18.79 4.00 -5.61
C LEU A 83 -17.44 3.48 -5.11
N PRO A 84 -16.73 2.76 -5.99
CA PRO A 84 -15.41 2.20 -5.68
C PRO A 84 -14.46 3.24 -5.10
N LYS A 85 -14.03 3.01 -3.86
CA LYS A 85 -13.10 3.93 -3.20
C LYS A 85 -11.78 3.25 -2.90
N PHE A 86 -10.69 3.88 -3.31
CA PHE A 86 -9.35 3.34 -3.09
C PHE A 86 -8.81 3.75 -1.73
N VAL A 87 -8.12 2.83 -1.06
CA VAL A 87 -7.55 3.10 0.25
C VAL A 87 -6.09 2.67 0.32
N LEU A 88 -5.23 3.59 0.73
CA LEU A 88 -3.80 3.30 0.85
C LEU A 88 -3.38 3.16 2.30
N ILE A 89 -2.62 2.12 2.60
CA ILE A 89 -2.16 1.87 3.97
C ILE A 89 -0.64 1.72 4.01
N ASN A 90 0.00 2.41 4.94
CA ASN A 90 1.45 2.36 5.09
C ASN A 90 1.84 1.37 6.20
N TRP A 91 1.80 0.09 5.87
CA TRP A 91 2.15 -0.95 6.83
C TRP A 91 3.52 -0.67 7.45
N THR A 92 3.57 -0.66 8.78
CA THR A 92 4.81 -0.41 9.49
C THR A 92 4.94 -1.32 10.72
N GLY A 93 5.39 -2.55 10.48
CA GLY A 93 5.55 -3.49 11.57
C GLY A 93 6.40 -2.93 12.70
N GLU A 94 6.49 -3.69 13.79
CA GLU A 94 7.27 -3.26 14.95
C GLU A 94 8.67 -3.88 14.92
N GLY A 95 8.77 -5.09 14.37
CA GLY A 95 10.04 -5.77 14.30
C GLY A 95 11.04 -5.04 13.43
N VAL A 96 10.54 -4.17 12.55
CA VAL A 96 11.39 -3.40 11.66
C VAL A 96 12.19 -2.36 12.44
N ASN A 97 13.50 -2.33 12.19
CA ASN A 97 14.37 -1.38 12.87
C ASN A 97 13.98 0.06 12.54
N ASP A 98 14.53 1.01 13.30
CA ASP A 98 14.23 2.42 13.08
C ASP A 98 14.99 2.96 11.88
N VAL A 99 16.17 2.39 11.62
CA VAL A 99 16.99 2.81 10.49
C VAL A 99 16.23 2.67 9.18
N ARG A 100 15.27 1.74 9.15
CA ARG A 100 14.47 1.49 7.96
C ARG A 100 13.22 2.36 7.95
N LYS A 101 12.56 2.46 9.11
CA LYS A 101 11.36 3.26 9.23
C LYS A 101 11.61 4.70 8.80
N GLY A 102 12.81 5.20 9.07
CA GLY A 102 13.15 6.55 8.69
C GLY A 102 13.62 6.66 7.26
N ALA A 103 14.04 5.53 6.69
CA ALA A 103 14.52 5.50 5.32
C ALA A 103 13.37 5.28 4.33
N CYS A 104 12.30 4.65 4.82
CA CYS A 104 11.14 4.37 3.98
C CYS A 104 10.21 5.59 3.93
N ALA A 105 10.27 6.41 4.97
CA ALA A 105 9.43 7.60 5.04
C ALA A 105 9.56 8.44 3.77
N SER A 106 10.79 8.57 3.28
CA SER A 106 11.06 9.35 2.08
C SER A 106 10.43 8.68 0.85
N HIS A 107 10.30 7.36 0.90
CA HIS A 107 9.72 6.61 -0.20
C HIS A 107 8.19 6.79 -0.24
N VAL A 108 7.62 7.04 0.93
CA VAL A 108 6.17 7.23 1.02
C VAL A 108 5.68 8.27 0.03
N SER A 109 6.48 9.31 -0.17
CA SER A 109 6.13 10.38 -1.10
C SER A 109 6.07 9.86 -2.53
N THR A 110 6.92 8.89 -2.84
CA THR A 110 6.97 8.31 -4.17
C THR A 110 5.89 7.25 -4.35
N MET A 111 5.85 6.29 -3.42
CA MET A 111 4.86 5.22 -3.46
C MET A 111 3.45 5.79 -3.48
N ALA A 112 3.19 6.76 -2.61
CA ALA A 112 1.88 7.39 -2.53
C ALA A 112 1.41 7.86 -3.90
N SER A 113 2.31 8.48 -4.65
CA SER A 113 1.99 8.98 -5.98
C SER A 113 1.68 7.85 -6.94
N PHE A 114 2.50 6.80 -6.89
CA PHE A 114 2.32 5.64 -7.76
C PHE A 114 0.93 5.04 -7.56
N LEU A 115 0.55 4.84 -6.31
CA LEU A 115 -0.76 4.27 -5.99
C LEU A 115 -1.82 5.36 -5.87
N LYS A 116 -1.89 6.22 -6.87
CA LYS A 116 -2.86 7.31 -6.89
C LYS A 116 -4.27 6.79 -6.69
N GLY A 117 -5.22 7.70 -6.48
CA GLY A 117 -6.60 7.30 -6.29
C GLY A 117 -6.95 7.10 -4.82
N ALA A 118 -5.92 6.92 -3.99
CA ALA A 118 -6.12 6.73 -2.56
C ALA A 118 -7.00 7.82 -1.97
N HIS A 119 -8.26 7.49 -1.72
CA HIS A 119 -9.21 8.45 -1.16
C HIS A 119 -8.91 8.70 0.31
N VAL A 120 -8.30 7.71 0.97
CA VAL A 120 -7.96 7.84 2.38
C VAL A 120 -6.66 7.09 2.70
N THR A 121 -5.65 7.84 3.11
CA THR A 121 -4.35 7.26 3.43
C THR A 121 -4.22 7.04 4.95
N ILE A 122 -3.91 5.82 5.33
CA ILE A 122 -3.75 5.47 6.74
C ILE A 122 -2.34 4.94 7.02
N ASN A 123 -1.77 5.39 8.13
CA ASN A 123 -0.43 4.96 8.52
C ASN A 123 -0.48 4.09 9.77
N ALA A 124 -0.77 2.81 9.60
CA ALA A 124 -0.84 1.88 10.72
C ALA A 124 0.51 1.22 10.98
N ARG A 125 0.55 0.34 11.97
CA ARG A 125 1.79 -0.35 12.32
C ARG A 125 1.50 -1.79 12.75
N ALA A 126 0.44 -1.97 13.54
CA ALA A 126 0.06 -3.29 14.02
C ALA A 126 -1.08 -3.86 13.19
N GLU A 127 -1.37 -5.15 13.38
CA GLU A 127 -2.44 -5.80 12.65
C GLU A 127 -3.80 -5.32 13.12
N GLU A 128 -3.87 -4.85 14.36
CA GLU A 128 -5.10 -4.36 14.94
C GLU A 128 -5.48 -3.00 14.35
N ASP A 129 -4.48 -2.29 13.85
CA ASP A 129 -4.70 -0.98 13.25
C ASP A 129 -4.85 -1.09 11.74
N VAL A 130 -5.27 -2.26 11.27
CA VAL A 130 -5.45 -2.49 9.84
C VAL A 130 -6.55 -3.53 9.59
N GLU A 131 -7.49 -3.62 10.53
CA GLU A 131 -8.59 -4.57 10.40
C GLU A 131 -9.62 -4.07 9.40
N PRO A 132 -10.49 -4.99 8.94
CA PRO A 132 -11.53 -4.67 7.97
C PRO A 132 -12.32 -3.43 8.36
N GLU A 133 -12.87 -3.44 9.57
CA GLU A 133 -13.65 -2.30 10.07
C GLU A 133 -12.76 -1.09 10.31
N CYS A 134 -11.51 -1.35 10.70
CA CYS A 134 -10.56 -0.28 10.97
C CYS A 134 -10.33 0.57 9.72
N ILE A 135 -10.53 -0.03 8.56
CA ILE A 135 -10.34 0.66 7.30
C ILE A 135 -11.66 1.22 6.77
N MET A 136 -12.70 0.41 6.82
CA MET A 136 -14.01 0.83 6.35
C MET A 136 -14.50 2.06 7.13
N GLU A 137 -14.05 2.18 8.37
CA GLU A 137 -14.43 3.31 9.22
C GLU A 137 -13.83 4.61 8.70
N LYS A 138 -12.69 4.49 8.03
CA LYS A 138 -12.00 5.66 7.48
C LYS A 138 -12.39 5.88 6.02
N VAL A 139 -12.76 4.80 5.35
CA VAL A 139 -13.16 4.88 3.95
C VAL A 139 -14.39 5.76 3.77
N ALA A 140 -15.28 5.73 4.76
CA ALA A 140 -16.50 6.52 4.72
C ALA A 140 -16.19 8.02 4.79
N SER A 141 -15.27 8.38 5.67
CA SER A 141 -14.88 9.78 5.83
C SER A 141 -14.10 10.28 4.62
N GLY A 142 -14.78 10.99 3.73
CA GLY A 142 -14.14 11.51 2.53
C GLY A 142 -13.13 12.60 2.85
N PRO A 143 -13.64 13.76 3.31
CA PRO A 143 -12.81 14.90 3.65
C PRO A 143 -12.04 14.69 4.95
N SER A 144 -11.11 15.60 5.24
CA SER A 144 -10.30 15.51 6.46
C SER A 144 -9.60 14.16 6.54
N SER A 145 -8.57 13.98 5.73
CA SER A 145 -7.82 12.73 5.71
C SER A 145 -6.46 12.92 6.35
N GLY A 146 -6.18 12.13 7.38
CA GLY A 146 -4.90 12.21 8.07
C GLY A 146 -4.92 11.48 9.41
N GLY A 1 34.40 5.42 -4.89
CA GLY A 1 34.95 5.43 -6.24
C GLY A 1 34.83 6.78 -6.91
N SER A 2 33.68 7.03 -7.54
CA SER A 2 33.44 8.30 -8.22
C SER A 2 32.40 9.13 -7.49
N SER A 3 31.51 8.44 -6.76
CA SER A 3 30.46 9.12 -6.01
C SER A 3 29.65 10.04 -6.92
N GLY A 4 29.17 9.49 -8.03
CA GLY A 4 28.38 10.28 -8.98
C GLY A 4 26.90 10.22 -8.68
N SER A 5 26.12 9.74 -9.65
CA SER A 5 24.68 9.64 -9.48
C SER A 5 24.29 8.35 -8.77
N SER A 6 23.59 8.49 -7.64
CA SER A 6 23.17 7.33 -6.87
C SER A 6 21.67 7.08 -7.03
N GLY A 7 20.90 8.15 -6.99
CA GLY A 7 19.46 8.03 -7.15
C GLY A 7 18.74 7.92 -5.80
N MET A 8 18.98 6.82 -5.11
CA MET A 8 18.36 6.59 -3.80
C MET A 8 16.84 6.52 -3.94
N ALA A 9 16.16 6.39 -2.80
CA ALA A 9 14.70 6.31 -2.79
C ALA A 9 14.21 5.12 -3.60
N ALA A 10 12.90 4.86 -3.52
CA ALA A 10 12.31 3.74 -4.24
C ALA A 10 12.63 3.82 -5.74
N ASN A 11 12.84 2.67 -6.35
CA ASN A 11 13.16 2.60 -7.77
C ASN A 11 11.91 2.29 -8.59
N LEU A 12 11.30 1.14 -8.33
CA LEU A 12 10.09 0.73 -9.04
C LEU A 12 10.35 0.67 -10.54
N SER A 13 11.60 0.45 -10.92
CA SER A 13 11.97 0.37 -12.33
C SER A 13 12.02 -1.08 -12.79
N ARG A 14 12.76 -1.91 -12.07
CA ARG A 14 12.88 -3.32 -12.41
C ARG A 14 11.51 -3.97 -12.55
N ASN A 15 10.66 -3.76 -11.55
CA ASN A 15 9.32 -4.33 -11.56
C ASN A 15 8.28 -3.28 -11.96
N GLY A 16 8.65 -2.43 -12.91
CA GLY A 16 7.75 -1.38 -13.37
C GLY A 16 6.39 -1.93 -13.76
N PRO A 17 6.34 -2.62 -14.91
CA PRO A 17 5.10 -3.21 -15.43
C PRO A 17 4.39 -4.08 -14.38
N ALA A 18 5.17 -4.85 -13.64
CA ALA A 18 4.62 -5.72 -12.61
C ALA A 18 3.81 -4.93 -11.60
N LEU A 19 4.46 -3.98 -10.94
CA LEU A 19 3.80 -3.15 -9.93
C LEU A 19 2.55 -2.50 -10.51
N GLN A 20 2.70 -1.81 -11.63
CA GLN A 20 1.58 -1.14 -12.29
C GLN A 20 0.42 -2.12 -12.51
N GLU A 21 0.75 -3.32 -12.95
CA GLU A 21 -0.26 -4.34 -13.21
C GLU A 21 -1.12 -4.57 -11.97
N ALA A 22 -0.48 -4.86 -10.85
CA ALA A 22 -1.18 -5.11 -9.60
C ALA A 22 -2.02 -3.89 -9.21
N TYR A 23 -1.61 -2.71 -9.66
CA TYR A 23 -2.32 -1.48 -9.36
C TYR A 23 -3.50 -1.28 -10.31
N VAL A 24 -3.38 -1.85 -11.51
CA VAL A 24 -4.44 -1.73 -12.51
C VAL A 24 -5.60 -2.67 -12.20
N ARG A 25 -5.30 -3.80 -11.58
CA ARG A 25 -6.32 -4.77 -11.22
C ARG A 25 -7.15 -4.30 -10.03
N VAL A 26 -6.46 -3.84 -8.99
CA VAL A 26 -7.13 -3.35 -7.79
C VAL A 26 -8.10 -2.22 -8.12
N VAL A 27 -7.80 -1.48 -9.18
CA VAL A 27 -8.64 -0.37 -9.61
C VAL A 27 -9.67 -0.83 -10.64
N THR A 28 -9.37 -1.93 -11.32
CA THR A 28 -10.26 -2.47 -12.33
C THR A 28 -11.10 -3.62 -11.77
N GLU A 29 -12.40 -3.37 -11.65
CA GLU A 29 -13.32 -4.38 -11.12
C GLU A 29 -13.46 -5.55 -12.09
N LYS A 30 -13.10 -5.32 -13.34
CA LYS A 30 -13.17 -6.36 -14.36
C LYS A 30 -12.46 -7.62 -13.90
N SER A 31 -11.21 -7.48 -13.50
CA SER A 31 -10.41 -8.62 -13.05
C SER A 31 -10.63 -8.85 -11.55
N PRO A 32 -10.25 -10.06 -11.09
CA PRO A 32 -10.40 -10.44 -9.68
C PRO A 32 -9.25 -9.92 -8.83
N THR A 33 -9.48 -8.80 -8.15
CA THR A 33 -8.46 -8.20 -7.29
C THR A 33 -9.08 -7.24 -6.28
N ASP A 34 -9.01 -7.59 -5.01
CA ASP A 34 -9.57 -6.75 -3.95
C ASP A 34 -8.45 -6.05 -3.18
N TRP A 35 -7.27 -6.65 -3.16
CA TRP A 35 -6.13 -6.08 -2.46
C TRP A 35 -4.85 -6.25 -3.27
N ALA A 36 -3.76 -5.71 -2.76
CA ALA A 36 -2.46 -5.79 -3.43
C ALA A 36 -1.34 -5.31 -2.53
N LEU A 37 -0.41 -6.19 -2.21
CA LEU A 37 0.73 -5.85 -1.36
C LEU A 37 1.98 -5.62 -2.19
N PHE A 38 2.84 -4.71 -1.71
CA PHE A 38 4.07 -4.39 -2.42
C PHE A 38 5.23 -4.23 -1.43
N THR A 39 6.22 -5.12 -1.52
CA THR A 39 7.37 -5.06 -0.64
C THR A 39 8.66 -4.96 -1.44
N TYR A 40 9.76 -4.67 -0.74
CA TYR A 40 11.07 -4.54 -1.39
C TYR A 40 11.53 -5.88 -1.95
N GLU A 41 12.60 -5.84 -2.75
CA GLU A 41 13.14 -7.06 -3.34
C GLU A 41 13.93 -7.86 -2.31
N GLY A 42 15.06 -7.31 -1.88
CA GLY A 42 15.89 -7.99 -0.91
C GLY A 42 17.20 -7.26 -0.64
N ASN A 43 17.25 -6.55 0.48
CA ASN A 43 18.45 -5.79 0.85
C ASN A 43 18.81 -4.79 -0.25
N SER A 44 17.80 -4.23 -0.89
CA SER A 44 18.02 -3.25 -1.96
C SER A 44 16.74 -2.45 -2.23
N ASN A 45 16.91 -1.22 -2.70
CA ASN A 45 15.78 -0.36 -3.00
C ASN A 45 15.13 -0.75 -4.33
N ASP A 46 13.94 -1.34 -4.25
CA ASP A 46 13.21 -1.76 -5.44
C ASP A 46 11.87 -2.39 -5.06
N ILE A 47 10.87 -1.54 -4.84
CA ILE A 47 9.54 -2.01 -4.48
C ILE A 47 8.95 -2.89 -5.58
N ARG A 48 8.46 -4.07 -5.19
CA ARG A 48 7.86 -4.99 -6.14
C ARG A 48 6.58 -5.60 -5.57
N VAL A 49 6.01 -6.56 -6.30
CA VAL A 49 4.78 -7.22 -5.88
C VAL A 49 5.07 -8.25 -4.79
N ALA A 50 4.14 -8.38 -3.85
CA ALA A 50 4.29 -9.33 -2.76
C ALA A 50 3.11 -10.30 -2.71
N GLY A 51 1.92 -9.80 -3.05
CA GLY A 51 0.74 -10.63 -3.04
C GLY A 51 -0.48 -9.91 -3.58
N THR A 52 -1.35 -10.65 -4.25
CA THR A 52 -2.56 -10.07 -4.83
C THR A 52 -3.67 -11.12 -4.93
N GLY A 53 -4.90 -10.70 -4.60
CA GLY A 53 -6.03 -11.61 -4.66
C GLY A 53 -7.34 -10.91 -4.38
N GLU A 54 -8.44 -11.65 -4.51
CA GLU A 54 -9.76 -11.11 -4.27
C GLU A 54 -10.31 -11.57 -2.91
N GLY A 55 -9.40 -11.88 -2.00
CA GLY A 55 -9.80 -12.33 -0.67
C GLY A 55 -10.40 -11.22 0.16
N GLY A 56 -10.12 -9.97 -0.22
CA GLY A 56 -10.65 -8.84 0.51
C GLY A 56 -9.62 -8.24 1.46
N LEU A 57 -10.09 -7.78 2.61
CA LEU A 57 -9.21 -7.17 3.60
C LEU A 57 -8.68 -8.21 4.58
N GLU A 58 -9.44 -9.29 4.75
CA GLU A 58 -9.04 -10.37 5.65
C GLU A 58 -7.81 -11.09 5.12
N GLU A 59 -7.69 -11.16 3.79
CA GLU A 59 -6.55 -11.83 3.17
C GLU A 59 -5.35 -10.89 3.08
N MET A 60 -5.62 -9.61 2.83
CA MET A 60 -4.57 -8.61 2.72
C MET A 60 -3.74 -8.56 4.00
N VAL A 61 -4.40 -8.42 5.13
CA VAL A 61 -3.71 -8.36 6.42
C VAL A 61 -3.00 -9.66 6.73
N GLU A 62 -3.52 -10.76 6.18
CA GLU A 62 -2.92 -12.07 6.39
C GLU A 62 -1.53 -12.15 5.77
N GLU A 63 -1.30 -11.35 4.73
CA GLU A 63 -0.01 -11.33 4.05
C GLU A 63 0.94 -10.36 4.74
N LEU A 64 0.39 -9.32 5.36
CA LEU A 64 1.19 -8.32 6.05
C LEU A 64 2.13 -8.98 7.07
N ASN A 65 3.41 -8.72 6.94
CA ASN A 65 4.41 -9.28 7.84
C ASN A 65 4.92 -8.23 8.81
N SER A 66 4.70 -8.46 10.10
CA SER A 66 5.13 -7.54 11.14
C SER A 66 6.64 -7.56 11.29
N GLY A 67 7.31 -6.61 10.64
CA GLY A 67 8.76 -6.54 10.71
C GLY A 67 9.38 -5.90 9.48
N LYS A 68 8.61 -5.87 8.38
CA LYS A 68 9.08 -5.28 7.14
C LYS A 68 8.07 -4.27 6.60
N VAL A 69 8.58 -3.14 6.11
CA VAL A 69 7.73 -2.09 5.56
C VAL A 69 7.11 -2.53 4.25
N MET A 70 5.79 -2.39 4.13
CA MET A 70 5.07 -2.76 2.93
C MET A 70 3.92 -1.79 2.65
N TYR A 71 3.31 -1.93 1.48
CA TYR A 71 2.20 -1.07 1.10
C TYR A 71 0.96 -1.90 0.76
N ALA A 72 -0.19 -1.47 1.27
CA ALA A 72 -1.45 -2.16 1.01
C ALA A 72 -2.39 -1.31 0.17
N PHE A 73 -3.02 -1.93 -0.81
CA PHE A 73 -3.95 -1.23 -1.68
C PHE A 73 -5.24 -2.02 -1.86
N CYS A 74 -6.28 -1.61 -1.14
CA CYS A 74 -7.58 -2.29 -1.22
C CYS A 74 -8.60 -1.42 -1.93
N ARG A 75 -9.73 -2.01 -2.29
CA ARG A 75 -10.79 -1.30 -2.99
C ARG A 75 -12.16 -1.77 -2.52
N VAL A 76 -12.87 -0.89 -1.82
CA VAL A 76 -14.20 -1.21 -1.31
C VAL A 76 -15.21 -0.12 -1.67
N LYS A 77 -16.48 -0.38 -1.37
CA LYS A 77 -17.54 0.58 -1.66
C LYS A 77 -17.91 1.37 -0.41
N ASP A 78 -18.26 2.64 -0.60
CA ASP A 78 -18.65 3.50 0.52
C ASP A 78 -20.09 3.24 0.94
N PRO A 79 -20.44 3.68 2.15
CA PRO A 79 -21.78 3.50 2.71
C PRO A 79 -22.79 4.48 2.12
N ASN A 80 -22.41 5.76 2.08
CA ASN A 80 -23.27 6.79 1.55
C ASN A 80 -23.11 6.92 0.03
N SER A 81 -21.86 6.90 -0.43
CA SER A 81 -21.57 7.00 -1.86
C SER A 81 -21.94 5.70 -2.58
N GLY A 82 -21.32 4.60 -2.15
CA GLY A 82 -21.58 3.32 -2.76
C GLY A 82 -20.72 3.08 -3.99
N LEU A 83 -19.63 3.83 -4.11
CA LEU A 83 -18.72 3.70 -5.24
C LEU A 83 -17.40 3.08 -4.79
N PRO A 84 -16.72 2.41 -5.73
CA PRO A 84 -15.43 1.75 -5.48
C PRO A 84 -14.33 2.77 -5.19
N LYS A 85 -13.95 2.87 -3.92
CA LYS A 85 -12.89 3.80 -3.51
C LYS A 85 -11.55 3.08 -3.41
N PHE A 86 -10.49 3.86 -3.23
CA PHE A 86 -9.15 3.30 -3.12
C PHE A 86 -8.53 3.66 -1.77
N VAL A 87 -8.14 2.64 -1.01
CA VAL A 87 -7.54 2.85 0.30
C VAL A 87 -6.05 2.49 0.28
N LEU A 88 -5.23 3.43 0.74
CA LEU A 88 -3.78 3.20 0.77
C LEU A 88 -3.28 3.12 2.21
N ILE A 89 -2.73 1.96 2.57
CA ILE A 89 -2.22 1.75 3.92
C ILE A 89 -0.70 1.64 3.91
N ASN A 90 -0.05 2.36 4.82
CA ASN A 90 1.40 2.36 4.93
C ASN A 90 1.86 1.37 6.00
N TRP A 91 1.77 0.08 5.70
CA TRP A 91 2.18 -0.95 6.64
C TRP A 91 3.60 -0.70 7.14
N THR A 92 3.76 -0.62 8.46
CA THR A 92 5.07 -0.38 9.07
C THR A 92 5.26 -1.22 10.31
N GLY A 93 5.73 -2.45 10.13
CA GLY A 93 5.95 -3.33 11.26
C GLY A 93 6.79 -2.69 12.36
N GLU A 94 6.56 -3.11 13.60
CA GLU A 94 7.29 -2.56 14.73
C GLU A 94 8.74 -3.07 14.74
N GLY A 95 8.94 -4.26 14.19
CA GLY A 95 10.27 -4.83 14.14
C GLY A 95 11.26 -3.95 13.39
N VAL A 96 10.74 -3.10 12.51
CA VAL A 96 11.58 -2.20 11.73
C VAL A 96 12.21 -1.13 12.62
N ASN A 97 13.52 -1.23 12.82
CA ASN A 97 14.24 -0.27 13.65
C ASN A 97 13.94 1.17 13.22
N ASP A 98 14.12 2.11 14.13
CA ASP A 98 13.87 3.52 13.84
C ASP A 98 14.78 4.00 12.71
N VAL A 99 16.02 3.55 12.72
CA VAL A 99 16.99 3.94 11.71
C VAL A 99 16.46 3.64 10.30
N ARG A 100 15.58 2.66 10.20
CA ARG A 100 14.99 2.28 8.93
C ARG A 100 13.70 3.04 8.67
N LYS A 101 12.92 3.25 9.72
CA LYS A 101 11.65 3.97 9.62
C LYS A 101 11.85 5.32 8.93
N GLY A 102 12.91 6.02 9.31
CA GLY A 102 13.20 7.31 8.71
C GLY A 102 13.70 7.20 7.29
N ALA A 103 14.37 6.09 6.98
CA ALA A 103 14.90 5.87 5.65
C ALA A 103 13.80 5.47 4.67
N CYS A 104 12.82 4.72 5.17
CA CYS A 104 11.70 4.28 4.35
C CYS A 104 10.75 5.44 4.04
N ALA A 105 10.68 6.39 4.95
CA ALA A 105 9.81 7.55 4.78
C ALA A 105 10.08 8.24 3.45
N SER A 106 11.34 8.23 3.02
CA SER A 106 11.72 8.86 1.76
C SER A 106 11.08 8.15 0.58
N HIS A 107 10.89 6.84 0.72
CA HIS A 107 10.29 6.03 -0.33
C HIS A 107 8.77 6.23 -0.37
N VAL A 108 8.20 6.52 0.79
CA VAL A 108 6.76 6.74 0.89
C VAL A 108 6.30 7.85 -0.05
N SER A 109 7.12 8.89 -0.17
CA SER A 109 6.79 10.02 -1.03
C SER A 109 6.63 9.57 -2.49
N THR A 110 7.45 8.60 -2.88
CA THR A 110 7.39 8.08 -4.24
C THR A 110 6.27 7.05 -4.40
N MET A 111 6.25 6.06 -3.52
CA MET A 111 5.23 5.03 -3.57
C MET A 111 3.83 5.64 -3.49
N ALA A 112 3.65 6.59 -2.58
CA ALA A 112 2.37 7.25 -2.41
C ALA A 112 1.86 7.79 -3.74
N SER A 113 2.75 8.40 -4.52
CA SER A 113 2.38 8.97 -5.82
C SER A 113 2.00 7.87 -6.80
N PHE A 114 2.72 6.75 -6.72
CA PHE A 114 2.46 5.61 -7.61
C PHE A 114 1.03 5.10 -7.43
N LEU A 115 0.68 4.75 -6.21
CA LEU A 115 -0.65 4.24 -5.90
C LEU A 115 -1.65 5.39 -5.74
N LYS A 116 -1.77 6.20 -6.78
CA LYS A 116 -2.69 7.33 -6.75
C LYS A 116 -4.13 6.87 -6.59
N GLY A 117 -5.04 7.82 -6.35
CA GLY A 117 -6.43 7.47 -6.17
C GLY A 117 -6.80 7.24 -4.72
N ALA A 118 -5.79 6.98 -3.90
CA ALA A 118 -6.00 6.73 -2.47
C ALA A 118 -6.84 7.85 -1.85
N HIS A 119 -8.11 7.57 -1.61
CA HIS A 119 -9.01 8.54 -1.01
C HIS A 119 -8.61 8.84 0.43
N VAL A 120 -8.04 7.84 1.09
CA VAL A 120 -7.60 8.00 2.48
C VAL A 120 -6.33 7.20 2.76
N THR A 121 -5.25 7.92 3.03
CA THR A 121 -3.97 7.28 3.32
C THR A 121 -3.78 7.07 4.80
N ILE A 122 -3.87 5.83 5.25
CA ILE A 122 -3.71 5.48 6.66
C ILE A 122 -2.33 4.91 6.92
N ASN A 123 -1.70 5.37 7.99
CA ASN A 123 -0.36 4.91 8.37
C ASN A 123 -0.42 4.03 9.61
N ALA A 124 -0.76 2.76 9.42
CA ALA A 124 -0.85 1.82 10.53
C ALA A 124 0.50 1.14 10.78
N ARG A 125 0.49 0.15 11.68
CA ARG A 125 1.72 -0.56 12.02
C ARG A 125 1.40 -1.99 12.47
N ALA A 126 0.36 -2.14 13.28
CA ALA A 126 -0.06 -3.44 13.77
C ALA A 126 -1.20 -4.00 12.95
N GLU A 127 -1.49 -5.28 13.15
CA GLU A 127 -2.57 -5.95 12.42
C GLU A 127 -3.94 -5.44 12.89
N GLU A 128 -3.98 -4.96 14.13
CA GLU A 128 -5.22 -4.45 14.71
C GLU A 128 -5.57 -3.09 14.12
N ASP A 129 -4.55 -2.38 13.63
CA ASP A 129 -4.75 -1.07 13.05
C ASP A 129 -4.88 -1.16 11.53
N VAL A 130 -5.31 -2.31 11.05
CA VAL A 130 -5.47 -2.54 9.62
C VAL A 130 -6.58 -3.55 9.35
N GLU A 131 -7.53 -3.65 10.27
CA GLU A 131 -8.65 -4.57 10.12
C GLU A 131 -9.73 -3.98 9.24
N PRO A 132 -10.63 -4.85 8.73
CA PRO A 132 -11.72 -4.44 7.86
C PRO A 132 -12.49 -3.24 8.42
N GLU A 133 -12.96 -3.36 9.65
CA GLU A 133 -13.70 -2.28 10.29
C GLU A 133 -12.80 -1.07 10.54
N CYS A 134 -11.55 -1.34 10.91
CA CYS A 134 -10.59 -0.27 11.18
C CYS A 134 -10.34 0.57 9.93
N ILE A 135 -10.52 -0.05 8.76
CA ILE A 135 -10.32 0.64 7.50
C ILE A 135 -11.62 1.24 6.99
N MET A 136 -12.69 0.45 7.03
CA MET A 136 -14.00 0.91 6.57
C MET A 136 -14.46 2.12 7.37
N GLU A 137 -14.12 2.15 8.65
CA GLU A 137 -14.50 3.25 9.53
C GLU A 137 -13.99 4.58 8.99
N LYS A 138 -12.86 4.52 8.27
CA LYS A 138 -12.26 5.71 7.71
C LYS A 138 -12.71 5.91 6.26
N VAL A 139 -13.06 4.82 5.59
CA VAL A 139 -13.51 4.87 4.21
C VAL A 139 -14.80 5.66 4.09
N ALA A 140 -15.64 5.59 5.12
CA ALA A 140 -16.91 6.30 5.14
C ALA A 140 -16.71 7.79 5.37
N SER A 141 -15.65 8.14 6.11
CA SER A 141 -15.35 9.53 6.40
C SER A 141 -15.21 10.34 5.12
N GLY A 142 -16.24 11.09 4.78
CA GLY A 142 -16.21 11.90 3.57
C GLY A 142 -16.78 13.29 3.79
N PRO A 143 -16.58 14.17 2.80
CA PRO A 143 -17.07 15.56 2.86
C PRO A 143 -18.59 15.63 2.74
N SER A 144 -19.22 16.31 3.70
CA SER A 144 -20.67 16.47 3.70
C SER A 144 -21.09 17.63 4.59
N SER A 145 -20.94 18.84 4.08
CA SER A 145 -21.30 20.03 4.83
C SER A 145 -22.82 20.09 5.07
N GLY A 146 -23.21 20.78 6.14
CA GLY A 146 -24.63 20.89 6.46
C GLY A 146 -25.43 21.51 5.34
N GLY A 1 31.22 9.50 -5.63
CA GLY A 1 31.94 8.25 -5.72
C GLY A 1 31.01 7.05 -5.86
N SER A 2 31.58 5.85 -5.78
CA SER A 2 30.80 4.63 -5.90
C SER A 2 31.24 3.60 -4.86
N SER A 3 31.07 3.93 -3.59
CA SER A 3 31.45 3.03 -2.52
C SER A 3 30.50 3.17 -1.33
N GLY A 4 30.57 2.21 -0.41
CA GLY A 4 29.72 2.25 0.77
C GLY A 4 28.28 1.90 0.44
N SER A 5 27.62 1.19 1.35
CA SER A 5 26.23 0.78 1.14
C SER A 5 25.29 1.90 1.57
N SER A 6 24.85 2.70 0.59
CA SER A 6 23.94 3.81 0.86
C SER A 6 22.49 3.41 0.56
N GLY A 7 21.56 3.97 1.32
CA GLY A 7 20.16 3.66 1.13
C GLY A 7 19.52 4.52 0.04
N MET A 8 19.78 4.16 -1.22
CA MET A 8 19.23 4.91 -2.35
C MET A 8 17.71 4.96 -2.28
N ALA A 9 17.11 5.77 -3.12
CA ALA A 9 15.66 5.92 -3.15
C ALA A 9 15.00 4.63 -3.65
N ALA A 10 13.67 4.63 -3.65
CA ALA A 10 12.92 3.45 -4.10
C ALA A 10 13.05 3.26 -5.60
N ASN A 11 13.24 2.00 -6.01
CA ASN A 11 13.39 1.68 -7.43
C ASN A 11 12.19 0.87 -7.93
N LEU A 12 11.38 1.49 -8.78
CA LEU A 12 10.20 0.83 -9.34
C LEU A 12 10.35 0.61 -10.83
N SER A 13 11.59 0.46 -11.28
CA SER A 13 11.88 0.24 -12.69
C SER A 13 12.03 -1.25 -12.99
N ARG A 14 12.74 -1.96 -12.12
CA ARG A 14 12.95 -3.38 -12.29
C ARG A 14 11.62 -4.11 -12.49
N ASN A 15 10.70 -3.92 -11.56
CA ASN A 15 9.38 -4.55 -11.63
C ASN A 15 8.31 -3.55 -12.01
N GLY A 16 8.64 -2.66 -12.95
CA GLY A 16 7.69 -1.66 -13.39
C GLY A 16 6.36 -2.26 -13.80
N PRO A 17 6.37 -3.01 -14.91
CA PRO A 17 5.15 -3.65 -15.43
C PRO A 17 4.41 -4.44 -14.35
N ALA A 18 5.17 -5.14 -13.51
CA ALA A 18 4.57 -5.93 -12.44
C ALA A 18 3.80 -5.05 -11.46
N LEU A 19 4.51 -4.14 -10.81
CA LEU A 19 3.88 -3.23 -9.85
C LEU A 19 2.71 -2.49 -10.48
N GLN A 20 2.94 -1.91 -11.66
CA GLN A 20 1.91 -1.18 -12.37
C GLN A 20 0.73 -2.08 -12.69
N GLU A 21 1.01 -3.34 -13.00
CA GLU A 21 -0.03 -4.30 -13.32
C GLU A 21 -0.94 -4.56 -12.12
N ALA A 22 -0.32 -4.84 -10.98
CA ALA A 22 -1.07 -5.09 -9.75
C ALA A 22 -1.92 -3.89 -9.36
N TYR A 23 -1.46 -2.70 -9.73
CA TYR A 23 -2.17 -1.47 -9.41
C TYR A 23 -3.37 -1.28 -10.34
N VAL A 24 -3.19 -1.63 -11.61
CA VAL A 24 -4.25 -1.50 -12.60
C VAL A 24 -5.36 -2.51 -12.34
N ARG A 25 -5.02 -3.60 -11.67
CA ARG A 25 -6.01 -4.63 -11.36
C ARG A 25 -6.86 -4.23 -10.16
N VAL A 26 -6.21 -3.78 -9.09
CA VAL A 26 -6.91 -3.35 -7.89
C VAL A 26 -7.93 -2.27 -8.20
N VAL A 27 -7.70 -1.54 -9.28
CA VAL A 27 -8.60 -0.46 -9.69
C VAL A 27 -9.62 -0.97 -10.71
N THR A 28 -9.27 -2.04 -11.41
CA THR A 28 -10.15 -2.62 -12.41
C THR A 28 -10.98 -3.76 -11.83
N GLU A 29 -12.29 -3.55 -11.77
CA GLU A 29 -13.20 -4.56 -11.23
C GLU A 29 -13.32 -5.74 -12.18
N LYS A 30 -12.96 -5.53 -13.43
CA LYS A 30 -13.02 -6.58 -14.44
C LYS A 30 -12.30 -7.85 -13.95
N SER A 31 -11.04 -7.69 -13.55
CA SER A 31 -10.26 -8.82 -13.06
C SER A 31 -10.43 -8.98 -11.55
N PRO A 32 -10.05 -10.17 -11.05
CA PRO A 32 -10.16 -10.49 -9.62
C PRO A 32 -8.98 -9.94 -8.82
N THR A 33 -9.20 -8.78 -8.18
CA THR A 33 -8.15 -8.15 -7.38
C THR A 33 -8.75 -7.13 -6.41
N ASP A 34 -8.98 -7.57 -5.17
CA ASP A 34 -9.54 -6.71 -4.14
C ASP A 34 -8.44 -5.99 -3.38
N TRP A 35 -7.26 -6.60 -3.33
CA TRP A 35 -6.13 -6.01 -2.62
C TRP A 35 -4.84 -6.23 -3.40
N ALA A 36 -3.74 -5.70 -2.88
CA ALA A 36 -2.44 -5.83 -3.52
C ALA A 36 -1.31 -5.40 -2.59
N LEU A 37 -0.37 -6.30 -2.34
CA LEU A 37 0.77 -6.01 -1.47
C LEU A 37 2.01 -5.68 -2.28
N PHE A 38 2.85 -4.80 -1.74
CA PHE A 38 4.08 -4.41 -2.42
C PHE A 38 5.22 -4.24 -1.42
N THR A 39 6.29 -5.03 -1.60
CA THR A 39 7.44 -4.97 -0.71
C THR A 39 8.74 -5.11 -1.49
N TYR A 40 9.85 -4.89 -0.81
CA TYR A 40 11.17 -4.98 -1.44
C TYR A 40 11.47 -6.42 -1.85
N GLU A 41 12.43 -6.59 -2.75
CA GLU A 41 12.83 -7.92 -3.22
C GLU A 41 13.46 -8.73 -2.10
N GLY A 42 14.11 -8.04 -1.17
CA GLY A 42 14.76 -8.72 -0.06
C GLY A 42 16.26 -8.84 -0.24
N ASN A 43 16.91 -7.72 -0.55
CA ASN A 43 18.36 -7.71 -0.75
C ASN A 43 18.85 -6.30 -1.06
N SER A 44 18.03 -5.54 -1.79
CA SER A 44 18.39 -4.17 -2.15
C SER A 44 17.13 -3.34 -2.42
N ASN A 45 17.33 -2.08 -2.80
CA ASN A 45 16.22 -1.18 -3.09
C ASN A 45 15.53 -1.56 -4.39
N ASP A 46 14.32 -2.11 -4.28
CA ASP A 46 13.56 -2.51 -5.45
C ASP A 46 12.17 -3.01 -5.05
N ILE A 47 11.20 -2.10 -5.03
CA ILE A 47 9.84 -2.43 -4.67
C ILE A 47 9.20 -3.35 -5.71
N ARG A 48 8.53 -4.40 -5.24
CA ARG A 48 7.88 -5.35 -6.11
C ARG A 48 6.57 -5.85 -5.51
N VAL A 49 5.70 -6.40 -6.35
CA VAL A 49 4.41 -6.91 -5.90
C VAL A 49 4.57 -8.24 -5.18
N ALA A 50 4.10 -8.30 -3.93
CA ALA A 50 4.19 -9.51 -3.13
C ALA A 50 3.11 -10.51 -3.53
N GLY A 51 1.90 -10.01 -3.72
CA GLY A 51 0.79 -10.86 -4.09
C GLY A 51 -0.52 -10.11 -4.24
N THR A 52 -1.46 -10.69 -4.99
CA THR A 52 -2.75 -10.06 -5.21
C THR A 52 -3.87 -11.09 -5.24
N GLY A 53 -5.00 -10.76 -4.62
CA GLY A 53 -6.13 -11.66 -4.58
C GLY A 53 -7.44 -10.95 -4.32
N GLU A 54 -8.55 -11.66 -4.50
CA GLU A 54 -9.87 -11.09 -4.29
C GLU A 54 -10.47 -11.58 -2.97
N GLY A 55 -9.60 -11.96 -2.04
CA GLY A 55 -10.07 -12.45 -0.76
C GLY A 55 -10.62 -11.34 0.13
N GLY A 56 -10.23 -10.11 -0.17
CA GLY A 56 -10.68 -8.98 0.61
C GLY A 56 -9.62 -8.44 1.54
N LEU A 57 -10.05 -7.91 2.68
CA LEU A 57 -9.12 -7.36 3.67
C LEU A 57 -8.61 -8.46 4.60
N GLU A 58 -9.41 -9.51 4.79
CA GLU A 58 -9.03 -10.60 5.66
C GLU A 58 -7.82 -11.35 5.10
N GLU A 59 -7.72 -11.39 3.78
CA GLU A 59 -6.61 -12.08 3.12
C GLU A 59 -5.40 -11.15 2.98
N MET A 60 -5.67 -9.85 2.91
CA MET A 60 -4.62 -8.86 2.77
C MET A 60 -3.82 -8.73 4.07
N VAL A 61 -4.53 -8.55 5.18
CA VAL A 61 -3.88 -8.41 6.48
C VAL A 61 -3.11 -9.67 6.84
N GLU A 62 -3.58 -10.82 6.35
CA GLU A 62 -2.94 -12.10 6.62
C GLU A 62 -1.58 -12.18 5.93
N GLU A 63 -1.44 -11.44 4.83
CA GLU A 63 -0.19 -11.42 4.08
C GLU A 63 0.83 -10.49 4.71
N LEU A 64 0.34 -9.42 5.32
CA LEU A 64 1.20 -8.44 5.98
C LEU A 64 2.14 -9.12 6.97
N ASN A 65 3.42 -8.74 6.93
CA ASN A 65 4.41 -9.31 7.83
C ASN A 65 4.95 -8.26 8.78
N SER A 66 4.69 -8.45 10.07
CA SER A 66 5.15 -7.52 11.09
C SER A 66 6.67 -7.57 11.24
N GLY A 67 7.35 -6.64 10.57
CA GLY A 67 8.79 -6.59 10.64
C GLY A 67 9.41 -5.96 9.40
N LYS A 68 8.64 -5.91 8.31
CA LYS A 68 9.12 -5.33 7.07
C LYS A 68 8.14 -4.29 6.55
N VAL A 69 8.66 -3.18 6.03
CA VAL A 69 7.83 -2.12 5.49
C VAL A 69 7.20 -2.52 4.16
N MET A 70 5.88 -2.45 4.09
CA MET A 70 5.16 -2.80 2.88
C MET A 70 4.00 -1.84 2.61
N TYR A 71 3.29 -2.05 1.52
CA TYR A 71 2.16 -1.20 1.16
C TYR A 71 0.95 -2.04 0.79
N ALA A 72 -0.22 -1.64 1.28
CA ALA A 72 -1.46 -2.35 1.00
C ALA A 72 -2.44 -1.46 0.23
N PHE A 73 -2.95 -1.98 -0.89
CA PHE A 73 -3.89 -1.23 -1.71
C PHE A 73 -5.19 -2.01 -1.89
N CYS A 74 -6.20 -1.68 -1.09
CA CYS A 74 -7.49 -2.35 -1.15
C CYS A 74 -8.53 -1.44 -1.81
N ARG A 75 -9.67 -2.04 -2.18
CA ARG A 75 -10.75 -1.29 -2.80
C ARG A 75 -12.10 -1.69 -2.22
N VAL A 76 -12.71 -0.77 -1.48
CA VAL A 76 -14.00 -1.02 -0.87
C VAL A 76 -15.01 0.05 -1.25
N LYS A 77 -16.27 -0.16 -0.87
CA LYS A 77 -17.34 0.78 -1.18
C LYS A 77 -17.79 1.52 0.07
N ASP A 78 -18.07 2.82 -0.07
CA ASP A 78 -18.51 3.63 1.05
C ASP A 78 -19.89 3.19 1.54
N PRO A 79 -20.26 3.60 2.76
CA PRO A 79 -21.54 3.26 3.36
C PRO A 79 -22.69 4.07 2.76
N ASN A 80 -22.50 5.37 2.66
CA ASN A 80 -23.51 6.26 2.11
C ASN A 80 -23.34 6.42 0.60
N SER A 81 -22.14 6.80 0.19
CA SER A 81 -21.84 6.99 -1.23
C SER A 81 -22.02 5.69 -2.00
N GLY A 82 -21.64 4.58 -1.37
CA GLY A 82 -21.77 3.29 -2.01
C GLY A 82 -20.93 3.18 -3.28
N LEU A 83 -19.93 4.05 -3.39
CA LEU A 83 -19.06 4.05 -4.57
C LEU A 83 -17.70 3.43 -4.23
N PRO A 84 -17.04 2.87 -5.25
CA PRO A 84 -15.73 2.23 -5.09
C PRO A 84 -14.63 3.24 -4.78
N LYS A 85 -14.11 3.18 -3.57
CA LYS A 85 -13.04 4.09 -3.14
C LYS A 85 -11.74 3.34 -2.93
N PHE A 86 -10.62 3.99 -3.26
CA PHE A 86 -9.31 3.38 -3.10
C PHE A 86 -8.64 3.84 -1.81
N VAL A 87 -8.13 2.90 -1.04
CA VAL A 87 -7.47 3.21 0.23
C VAL A 87 -5.98 2.88 0.16
N LEU A 88 -5.17 3.70 0.81
CA LEU A 88 -3.73 3.50 0.84
C LEU A 88 -3.22 3.33 2.27
N ILE A 89 -2.63 2.17 2.56
CA ILE A 89 -2.11 1.89 3.88
C ILE A 89 -0.59 1.69 3.84
N ASN A 90 0.12 2.40 4.71
CA ASN A 90 1.57 2.30 4.78
C ASN A 90 2.00 1.33 5.87
N TRP A 91 1.89 0.03 5.57
CA TRP A 91 2.28 -1.00 6.53
C TRP A 91 3.69 -0.76 7.06
N THR A 92 3.82 -0.71 8.38
CA THR A 92 5.11 -0.48 9.01
C THR A 92 5.25 -1.32 10.28
N GLY A 93 5.75 -2.54 10.13
CA GLY A 93 5.94 -3.42 11.27
C GLY A 93 6.72 -2.76 12.38
N GLU A 94 6.43 -3.15 13.62
CA GLU A 94 7.11 -2.60 14.77
C GLU A 94 8.55 -3.08 14.84
N GLY A 95 8.80 -4.26 14.29
CA GLY A 95 10.13 -4.83 14.30
C GLY A 95 11.15 -3.92 13.62
N VAL A 96 10.65 -3.03 12.77
CA VAL A 96 11.51 -2.10 12.05
C VAL A 96 11.99 -0.98 12.96
N ASN A 97 13.29 -0.95 13.24
CA ASN A 97 13.88 0.07 14.10
C ASN A 97 13.49 1.46 13.63
N ASP A 98 13.73 2.46 14.47
CA ASP A 98 13.42 3.85 14.14
C ASP A 98 14.33 4.36 13.03
N VAL A 99 15.61 4.01 13.11
CA VAL A 99 16.59 4.44 12.12
C VAL A 99 16.14 4.07 10.70
N ARG A 100 15.35 3.00 10.61
CA ARG A 100 14.84 2.53 9.32
C ARG A 100 13.51 3.19 8.98
N LYS A 101 12.65 3.33 9.99
CA LYS A 101 11.34 3.94 9.79
C LYS A 101 11.47 5.32 9.16
N GLY A 102 12.52 6.04 9.53
CA GLY A 102 12.74 7.37 8.97
C GLY A 102 13.46 7.33 7.64
N ALA A 103 14.12 6.22 7.35
CA ALA A 103 14.84 6.06 6.10
C ALA A 103 13.93 5.52 5.01
N CYS A 104 12.88 4.80 5.41
CA CYS A 104 11.94 4.24 4.46
C CYS A 104 10.87 5.25 4.07
N ALA A 105 10.62 6.21 4.96
CA ALA A 105 9.63 7.24 4.71
C ALA A 105 9.88 7.93 3.37
N SER A 106 11.16 8.16 3.06
CA SER A 106 11.54 8.82 1.81
C SER A 106 10.98 8.06 0.61
N HIS A 107 10.85 6.75 0.75
CA HIS A 107 10.33 5.90 -0.32
C HIS A 107 8.81 6.01 -0.41
N VAL A 108 8.18 6.30 0.72
CA VAL A 108 6.72 6.44 0.77
C VAL A 108 6.25 7.58 -0.11
N SER A 109 6.98 8.69 -0.08
CA SER A 109 6.62 9.86 -0.87
C SER A 109 6.48 9.49 -2.35
N THR A 110 7.27 8.52 -2.79
CA THR A 110 7.24 8.07 -4.17
C THR A 110 6.08 7.11 -4.41
N MET A 111 5.95 6.11 -3.54
CA MET A 111 4.89 5.12 -3.66
C MET A 111 3.52 5.81 -3.66
N ALA A 112 3.37 6.81 -2.80
CA ALA A 112 2.11 7.54 -2.70
C ALA A 112 1.65 8.03 -4.07
N SER A 113 2.58 8.59 -4.84
CA SER A 113 2.26 9.10 -6.17
C SER A 113 1.95 7.96 -7.13
N PHE A 114 2.67 6.86 -6.98
CA PHE A 114 2.47 5.70 -7.84
C PHE A 114 1.05 5.19 -7.73
N LEU A 115 0.60 4.94 -6.50
CA LEU A 115 -0.76 4.44 -6.27
C LEU A 115 -1.72 5.60 -6.02
N LYS A 116 -1.87 6.46 -7.01
CA LYS A 116 -2.76 7.62 -6.90
C LYS A 116 -4.22 7.16 -6.81
N GLY A 117 -5.11 8.11 -6.60
CA GLY A 117 -6.53 7.79 -6.51
C GLY A 117 -6.97 7.51 -5.08
N ALA A 118 -6.01 7.21 -4.22
CA ALA A 118 -6.30 6.92 -2.81
C ALA A 118 -7.16 8.01 -2.20
N HIS A 119 -8.44 7.74 -2.04
CA HIS A 119 -9.37 8.70 -1.46
C HIS A 119 -9.02 8.98 0.00
N VAL A 120 -8.39 8.00 0.64
CA VAL A 120 -8.00 8.14 2.04
C VAL A 120 -6.65 7.47 2.30
N THR A 121 -5.91 8.02 3.26
CA THR A 121 -4.59 7.48 3.62
C THR A 121 -4.53 7.11 5.08
N ILE A 122 -3.84 6.01 5.38
CA ILE A 122 -3.69 5.55 6.76
C ILE A 122 -2.30 4.98 7.01
N ASN A 123 -1.67 5.43 8.10
CA ASN A 123 -0.33 4.97 8.45
C ASN A 123 -0.38 4.06 9.67
N ALA A 124 -0.60 2.77 9.44
CA ALA A 124 -0.66 1.80 10.52
C ALA A 124 0.69 1.13 10.73
N ARG A 125 0.74 0.18 11.66
CA ARG A 125 1.97 -0.55 11.96
C ARG A 125 1.66 -1.99 12.35
N ALA A 126 0.64 -2.18 13.17
CA ALA A 126 0.24 -3.51 13.62
C ALA A 126 -0.94 -4.03 12.82
N GLU A 127 -1.20 -5.33 12.93
CA GLU A 127 -2.30 -5.95 12.22
C GLU A 127 -3.65 -5.46 12.75
N GLU A 128 -3.65 -5.04 14.01
CA GLU A 128 -4.87 -4.55 14.65
C GLU A 128 -5.25 -3.17 14.12
N ASP A 129 -4.24 -2.45 13.60
CA ASP A 129 -4.47 -1.11 13.06
C ASP A 129 -4.67 -1.17 11.55
N VAL A 130 -5.11 -2.31 11.06
CA VAL A 130 -5.34 -2.49 9.63
C VAL A 130 -6.46 -3.49 9.37
N GLU A 131 -7.37 -3.62 10.34
CA GLU A 131 -8.49 -4.55 10.22
C GLU A 131 -9.60 -3.95 9.34
N PRO A 132 -10.50 -4.81 8.86
CA PRO A 132 -11.62 -4.40 8.01
C PRO A 132 -12.36 -3.20 8.58
N GLU A 133 -12.78 -3.30 9.84
CA GLU A 133 -13.50 -2.22 10.50
C GLU A 133 -12.58 -1.04 10.76
N CYS A 134 -11.32 -1.33 11.04
CA CYS A 134 -10.33 -0.29 11.32
C CYS A 134 -10.06 0.54 10.07
N ILE A 135 -10.24 -0.07 8.90
CA ILE A 135 -10.01 0.63 7.64
C ILE A 135 -11.29 1.26 7.11
N MET A 136 -12.37 0.48 7.10
CA MET A 136 -13.66 0.96 6.62
C MET A 136 -14.11 2.17 7.44
N GLU A 137 -13.76 2.19 8.71
CA GLU A 137 -14.13 3.29 9.60
C GLU A 137 -13.62 4.62 9.06
N LYS A 138 -12.54 4.57 8.27
CA LYS A 138 -11.96 5.77 7.69
C LYS A 138 -12.49 6.00 6.28
N VAL A 139 -12.88 4.91 5.61
CA VAL A 139 -13.41 5.01 4.26
C VAL A 139 -14.70 5.84 4.22
N ALA A 140 -15.52 5.68 5.25
CA ALA A 140 -16.78 6.41 5.34
C ALA A 140 -16.54 7.91 5.35
N SER A 141 -15.40 8.32 5.91
CA SER A 141 -15.06 9.73 5.99
C SER A 141 -15.01 10.36 4.60
N GLY A 142 -16.03 11.14 4.27
CA GLY A 142 -16.09 11.78 2.97
C GLY A 142 -15.59 13.22 3.01
N PRO A 143 -16.41 14.11 3.57
CA PRO A 143 -16.07 15.53 3.68
C PRO A 143 -14.98 15.79 4.72
N SER A 144 -14.88 14.89 5.70
CA SER A 144 -13.88 15.02 6.75
C SER A 144 -14.00 16.37 7.45
N SER A 145 -15.20 16.69 7.90
CA SER A 145 -15.46 17.96 8.59
C SER A 145 -14.49 18.14 9.76
N GLY A 146 -14.16 17.03 10.42
CA GLY A 146 -13.25 17.08 11.56
C GLY A 146 -12.13 16.08 11.45
N GLY A 1 26.33 -8.90 -14.20
CA GLY A 1 25.03 -9.04 -14.83
C GLY A 1 23.93 -8.34 -14.05
N SER A 2 24.25 -7.20 -13.46
CA SER A 2 23.28 -6.45 -12.68
C SER A 2 23.59 -4.95 -12.72
N SER A 3 22.80 -4.21 -13.48
CA SER A 3 22.99 -2.77 -13.62
C SER A 3 21.65 -2.04 -13.63
N GLY A 4 21.71 -0.72 -13.63
CA GLY A 4 20.49 0.08 -13.64
C GLY A 4 20.75 1.54 -13.31
N SER A 5 20.47 1.92 -12.07
CA SER A 5 20.67 3.30 -11.63
C SER A 5 21.29 3.34 -10.24
N SER A 6 21.61 4.55 -9.79
CA SER A 6 22.22 4.73 -8.47
C SER A 6 21.46 5.79 -7.67
N GLY A 7 21.03 5.41 -6.47
CA GLY A 7 20.31 6.34 -5.61
C GLY A 7 19.98 5.75 -4.26
N MET A 8 19.16 6.45 -3.49
CA MET A 8 18.78 5.99 -2.16
C MET A 8 17.26 6.12 -1.95
N ALA A 9 16.51 6.08 -3.04
CA ALA A 9 15.06 6.21 -2.98
C ALA A 9 14.38 4.96 -3.54
N ALA A 10 13.07 4.88 -3.37
CA ALA A 10 12.30 3.75 -3.85
C ALA A 10 12.41 3.62 -5.37
N ASN A 11 12.76 2.43 -5.84
CA ASN A 11 12.89 2.18 -7.27
C ASN A 11 11.77 1.29 -7.78
N LEU A 12 10.91 1.85 -8.61
CA LEU A 12 9.78 1.11 -9.17
C LEU A 12 9.95 0.91 -10.68
N SER A 13 11.20 0.92 -11.13
CA SER A 13 11.49 0.76 -12.55
C SER A 13 11.72 -0.72 -12.88
N ARG A 14 12.49 -1.40 -12.04
CA ARG A 14 12.79 -2.81 -12.24
C ARG A 14 11.50 -3.61 -12.42
N ASN A 15 10.59 -3.49 -11.46
CA ASN A 15 9.32 -4.21 -11.51
C ASN A 15 8.18 -3.26 -11.90
N GLY A 16 8.45 -2.38 -12.85
CA GLY A 16 7.44 -1.43 -13.30
C GLY A 16 6.15 -2.12 -13.69
N PRO A 17 6.19 -2.85 -14.82
CA PRO A 17 5.01 -3.57 -15.33
C PRO A 17 4.36 -4.43 -14.26
N ALA A 18 5.18 -5.06 -13.43
CA ALA A 18 4.68 -5.93 -12.36
C ALA A 18 3.83 -5.13 -11.36
N LEU A 19 4.43 -4.13 -10.74
CA LEU A 19 3.74 -3.30 -9.77
C LEU A 19 2.53 -2.63 -10.40
N GLN A 20 2.74 -1.95 -11.53
CA GLN A 20 1.66 -1.27 -12.23
C GLN A 20 0.48 -2.22 -12.47
N GLU A 21 0.78 -3.44 -12.91
CA GLU A 21 -0.25 -4.44 -13.18
C GLU A 21 -1.13 -4.64 -11.95
N ALA A 22 -0.51 -4.94 -10.82
CA ALA A 22 -1.24 -5.16 -9.58
C ALA A 22 -2.03 -3.93 -9.18
N TYR A 23 -1.58 -2.77 -9.64
CA TYR A 23 -2.25 -1.51 -9.33
C TYR A 23 -3.41 -1.26 -10.29
N VAL A 24 -3.31 -1.83 -11.49
CA VAL A 24 -4.35 -1.67 -12.49
C VAL A 24 -5.54 -2.58 -12.22
N ARG A 25 -5.27 -3.72 -11.58
CA ARG A 25 -6.31 -4.68 -11.25
C ARG A 25 -7.13 -4.20 -10.06
N VAL A 26 -6.44 -3.78 -9.01
CA VAL A 26 -7.11 -3.29 -7.80
C VAL A 26 -8.06 -2.14 -8.13
N VAL A 27 -7.76 -1.42 -9.20
CA VAL A 27 -8.59 -0.29 -9.62
C VAL A 27 -9.60 -0.71 -10.68
N THR A 28 -9.31 -1.82 -11.37
CA THR A 28 -10.19 -2.33 -12.40
C THR A 28 -11.07 -3.47 -11.86
N GLU A 29 -12.36 -3.19 -11.72
CA GLU A 29 -13.30 -4.19 -11.22
C GLU A 29 -13.44 -5.35 -12.20
N LYS A 30 -13.07 -5.10 -13.45
CA LYS A 30 -13.15 -6.12 -14.50
C LYS A 30 -12.46 -7.41 -14.05
N SER A 31 -11.22 -7.29 -13.63
CA SER A 31 -10.45 -8.44 -13.18
C SER A 31 -10.67 -8.70 -11.69
N PRO A 32 -10.33 -9.91 -11.24
CA PRO A 32 -10.48 -10.31 -9.84
C PRO A 32 -9.33 -9.82 -8.97
N THR A 33 -9.56 -8.72 -8.27
CA THR A 33 -8.54 -8.14 -7.40
C THR A 33 -9.16 -7.17 -6.39
N ASP A 34 -9.12 -7.56 -5.11
CA ASP A 34 -9.68 -6.73 -4.05
C ASP A 34 -8.56 -5.99 -3.30
N TRP A 35 -7.39 -6.60 -3.26
CA TRP A 35 -6.25 -6.01 -2.57
C TRP A 35 -4.96 -6.25 -3.34
N ALA A 36 -3.85 -5.71 -2.83
CA ALA A 36 -2.56 -5.87 -3.47
C ALA A 36 -1.43 -5.43 -2.55
N LEU A 37 -0.53 -6.35 -2.23
CA LEU A 37 0.60 -6.04 -1.36
C LEU A 37 1.88 -5.83 -2.17
N PHE A 38 2.71 -4.89 -1.71
CA PHE A 38 3.97 -4.60 -2.40
C PHE A 38 5.11 -4.47 -1.39
N THR A 39 6.07 -5.38 -1.50
CA THR A 39 7.22 -5.38 -0.61
C THR A 39 8.53 -5.29 -1.38
N TYR A 40 9.62 -5.02 -0.67
CA TYR A 40 10.93 -4.90 -1.31
C TYR A 40 11.38 -6.25 -1.87
N GLU A 41 12.45 -6.22 -2.66
CA GLU A 41 12.99 -7.44 -3.26
C GLU A 41 13.75 -8.26 -2.23
N GLY A 42 14.94 -7.79 -1.87
CA GLY A 42 15.75 -8.51 -0.89
C GLY A 42 17.11 -7.85 -0.68
N ASN A 43 17.28 -7.19 0.45
CA ASN A 43 18.54 -6.51 0.76
C ASN A 43 18.88 -5.48 -0.30
N SER A 44 17.85 -4.95 -0.96
CA SER A 44 18.04 -3.95 -2.01
C SER A 44 16.78 -3.11 -2.18
N ASN A 45 16.96 -1.84 -2.52
CA ASN A 45 15.84 -0.92 -2.72
C ASN A 45 15.16 -1.19 -4.06
N ASP A 46 13.97 -1.76 -4.00
CA ASP A 46 13.21 -2.06 -5.21
C ASP A 46 11.86 -2.70 -4.87
N ILE A 47 10.83 -1.86 -4.77
CA ILE A 47 9.49 -2.34 -4.44
C ILE A 47 8.94 -3.25 -5.53
N ARG A 48 8.38 -4.38 -5.13
CA ARG A 48 7.82 -5.34 -6.07
C ARG A 48 6.59 -6.02 -5.49
N VAL A 49 5.74 -6.56 -6.37
CA VAL A 49 4.53 -7.25 -5.94
C VAL A 49 4.84 -8.31 -4.89
N ALA A 50 3.93 -8.47 -3.93
CA ALA A 50 4.11 -9.46 -2.87
C ALA A 50 2.94 -10.43 -2.84
N GLY A 51 1.74 -9.94 -3.13
CA GLY A 51 0.56 -10.77 -3.12
C GLY A 51 -0.67 -10.05 -3.61
N THR A 52 -1.57 -10.79 -4.27
CA THR A 52 -2.79 -10.20 -4.80
C THR A 52 -3.93 -11.22 -4.81
N GLY A 53 -5.13 -10.78 -4.46
CA GLY A 53 -6.27 -11.66 -4.44
C GLY A 53 -7.58 -10.93 -4.21
N GLU A 54 -8.69 -11.63 -4.41
CA GLU A 54 -10.01 -11.02 -4.22
C GLU A 54 -10.63 -11.48 -2.91
N GLY A 55 -9.79 -11.83 -1.95
CA GLY A 55 -10.28 -12.28 -0.66
C GLY A 55 -10.80 -11.14 0.19
N GLY A 56 -10.31 -9.94 -0.08
CA GLY A 56 -10.75 -8.78 0.69
C GLY A 56 -9.65 -8.22 1.57
N LEU A 57 -10.05 -7.62 2.69
CA LEU A 57 -9.10 -7.06 3.63
C LEU A 57 -8.52 -8.12 4.56
N GLU A 58 -9.29 -9.19 4.76
CA GLU A 58 -8.86 -10.29 5.61
C GLU A 58 -7.67 -11.03 5.01
N GLU A 59 -7.66 -11.12 3.67
CA GLU A 59 -6.58 -11.80 2.97
C GLU A 59 -5.38 -10.86 2.78
N MET A 60 -5.66 -9.57 2.66
CA MET A 60 -4.62 -8.58 2.47
C MET A 60 -3.64 -8.57 3.64
N VAL A 61 -4.17 -8.38 4.84
CA VAL A 61 -3.35 -8.36 6.05
C VAL A 61 -2.76 -9.74 6.34
N GLU A 62 -3.44 -10.78 5.84
CA GLU A 62 -2.98 -12.15 6.04
C GLU A 62 -1.55 -12.33 5.54
N GLU A 63 -1.15 -11.49 4.58
CA GLU A 63 0.19 -11.56 4.02
C GLU A 63 1.12 -10.57 4.72
N LEU A 64 0.55 -9.50 5.25
CA LEU A 64 1.32 -8.48 5.95
C LEU A 64 2.21 -9.11 7.01
N ASN A 65 3.52 -8.93 6.87
CA ASN A 65 4.48 -9.47 7.82
C ASN A 65 5.04 -8.37 8.72
N SER A 66 4.92 -8.58 10.03
CA SER A 66 5.40 -7.60 11.00
C SER A 66 6.93 -7.60 11.05
N GLY A 67 7.55 -6.67 10.34
CA GLY A 67 8.99 -6.57 10.31
C GLY A 67 9.51 -6.03 9.00
N LYS A 68 8.70 -6.10 7.96
CA LYS A 68 9.07 -5.61 6.64
C LYS A 68 8.10 -4.53 6.15
N VAL A 69 8.65 -3.42 5.69
CA VAL A 69 7.83 -2.32 5.18
C VAL A 69 7.15 -2.69 3.88
N MET A 70 5.82 -2.70 3.88
CA MET A 70 5.05 -3.04 2.69
C MET A 70 3.96 -2.01 2.44
N TYR A 71 3.22 -2.19 1.36
CA TYR A 71 2.13 -1.28 1.01
C TYR A 71 0.85 -2.05 0.67
N ALA A 72 -0.23 -1.70 1.34
CA ALA A 72 -1.51 -2.35 1.11
C ALA A 72 -2.44 -1.45 0.31
N PHE A 73 -3.01 -2.02 -0.76
CA PHE A 73 -3.92 -1.27 -1.62
C PHE A 73 -5.23 -2.04 -1.83
N CYS A 74 -6.26 -1.68 -1.08
CA CYS A 74 -7.55 -2.34 -1.18
C CYS A 74 -8.56 -1.43 -1.88
N ARG A 75 -9.61 -2.04 -2.42
CA ARG A 75 -10.65 -1.29 -3.12
C ARG A 75 -12.04 -1.67 -2.61
N VAL A 76 -12.67 -0.74 -1.90
CA VAL A 76 -14.01 -0.98 -1.35
C VAL A 76 -14.92 0.21 -1.60
N LYS A 77 -16.21 -0.07 -1.81
CA LYS A 77 -17.19 0.99 -2.07
C LYS A 77 -17.57 1.69 -0.76
N ASP A 78 -17.74 3.01 -0.84
CA ASP A 78 -18.10 3.80 0.33
C ASP A 78 -19.55 3.53 0.74
N PRO A 79 -19.89 3.90 1.98
CA PRO A 79 -21.23 3.71 2.51
C PRO A 79 -22.25 4.68 1.93
N ASN A 80 -21.88 5.97 1.91
CA ASN A 80 -22.74 7.00 1.38
C ASN A 80 -22.56 7.15 -0.13
N SER A 81 -21.32 7.38 -0.54
CA SER A 81 -20.99 7.55 -1.95
C SER A 81 -21.48 6.35 -2.76
N GLY A 82 -21.27 5.15 -2.22
CA GLY A 82 -21.69 3.94 -2.91
C GLY A 82 -20.86 3.66 -4.15
N LEU A 83 -19.66 4.24 -4.20
CA LEU A 83 -18.77 4.05 -5.33
C LEU A 83 -17.42 3.52 -4.87
N PRO A 84 -16.72 2.79 -5.76
CA PRO A 84 -15.40 2.22 -5.46
C PRO A 84 -14.43 3.26 -4.92
N LYS A 85 -13.88 2.98 -3.75
CA LYS A 85 -12.93 3.90 -3.11
C LYS A 85 -11.59 3.20 -2.85
N PHE A 86 -10.51 3.86 -3.23
CA PHE A 86 -9.17 3.31 -3.04
C PHE A 86 -8.58 3.76 -1.71
N VAL A 87 -7.87 2.86 -1.04
CA VAL A 87 -7.25 3.17 0.24
C VAL A 87 -5.75 2.85 0.23
N LEU A 88 -4.97 3.67 0.91
CA LEU A 88 -3.53 3.48 0.97
C LEU A 88 -3.06 3.29 2.41
N ILE A 89 -2.33 2.21 2.66
CA ILE A 89 -1.84 1.93 4.00
C ILE A 89 -0.31 1.79 4.00
N ASN A 90 0.34 2.48 4.93
CA ASN A 90 1.79 2.43 5.04
C ASN A 90 2.24 1.43 6.09
N TRP A 91 2.14 0.15 5.75
CA TRP A 91 2.53 -0.92 6.66
C TRP A 91 3.96 -0.71 7.18
N THR A 92 4.12 -0.69 8.50
CA THR A 92 5.42 -0.50 9.11
C THR A 92 5.59 -1.38 10.33
N GLY A 93 6.08 -2.60 10.13
CA GLY A 93 6.28 -3.51 11.23
C GLY A 93 7.10 -2.90 12.35
N GLU A 94 6.76 -3.28 13.59
CA GLU A 94 7.47 -2.76 14.75
C GLU A 94 8.91 -3.29 14.81
N GLY A 95 9.12 -4.46 14.21
CA GLY A 95 10.44 -5.05 14.20
C GLY A 95 11.47 -4.16 13.55
N VAL A 96 11.01 -3.22 12.72
CA VAL A 96 11.90 -2.30 12.03
C VAL A 96 12.39 -1.20 12.97
N ASN A 97 13.72 -1.08 13.08
CA ASN A 97 14.32 -0.08 13.95
C ASN A 97 13.81 1.32 13.60
N ASP A 98 14.23 2.30 14.39
CA ASP A 98 13.82 3.68 14.17
C ASP A 98 14.62 4.31 13.02
N VAL A 99 15.92 4.04 12.99
CA VAL A 99 16.79 4.58 11.96
C VAL A 99 16.29 4.20 10.57
N ARG A 100 15.57 3.08 10.49
CA ARG A 100 15.03 2.61 9.22
C ARG A 100 13.65 3.20 8.96
N LYS A 101 12.85 3.30 10.02
CA LYS A 101 11.51 3.85 9.91
C LYS A 101 11.53 5.22 9.24
N GLY A 102 12.58 6.00 9.52
CA GLY A 102 12.70 7.32 8.94
C GLY A 102 13.32 7.28 7.55
N ALA A 103 14.00 6.19 7.24
CA ALA A 103 14.64 6.04 5.94
C ALA A 103 13.67 5.44 4.91
N CYS A 104 12.69 4.70 5.41
CA CYS A 104 11.70 4.07 4.54
C CYS A 104 10.57 5.05 4.20
N ALA A 105 10.35 6.01 5.09
CA ALA A 105 9.30 7.00 4.89
C ALA A 105 9.55 7.82 3.64
N SER A 106 10.82 8.10 3.35
CA SER A 106 11.19 8.88 2.18
C SER A 106 10.65 8.24 0.91
N HIS A 107 10.47 6.92 0.95
CA HIS A 107 9.95 6.18 -0.20
C HIS A 107 8.45 6.36 -0.33
N VAL A 108 7.78 6.61 0.80
CA VAL A 108 6.34 6.79 0.81
C VAL A 108 5.92 7.94 -0.09
N SER A 109 6.77 8.96 -0.17
CA SER A 109 6.49 10.13 -1.01
C SER A 109 6.38 9.73 -2.48
N THR A 110 7.22 8.78 -2.88
CA THR A 110 7.23 8.31 -4.26
C THR A 110 6.11 7.29 -4.49
N MET A 111 6.00 6.33 -3.60
CA MET A 111 4.98 5.30 -3.71
C MET A 111 3.57 5.92 -3.70
N ALA A 112 3.39 6.94 -2.87
CA ALA A 112 2.11 7.62 -2.77
C ALA A 112 1.61 8.05 -4.14
N SER A 113 2.49 8.63 -4.93
CA SER A 113 2.14 9.10 -6.27
C SER A 113 1.78 7.93 -7.18
N PHE A 114 2.58 6.88 -7.13
CA PHE A 114 2.35 5.69 -7.94
C PHE A 114 0.96 5.13 -7.69
N LEU A 115 0.63 4.89 -6.43
CA LEU A 115 -0.67 4.35 -6.05
C LEU A 115 -1.69 5.48 -5.87
N LYS A 116 -1.85 6.30 -6.90
CA LYS A 116 -2.79 7.41 -6.85
C LYS A 116 -4.23 6.91 -6.69
N GLY A 117 -5.15 7.83 -6.48
CA GLY A 117 -6.55 7.47 -6.33
C GLY A 117 -6.93 7.24 -4.86
N ALA A 118 -5.92 7.03 -4.03
CA ALA A 118 -6.14 6.80 -2.60
C ALA A 118 -7.02 7.90 -2.01
N HIS A 119 -8.29 7.58 -1.78
CA HIS A 119 -9.24 8.53 -1.22
C HIS A 119 -8.93 8.79 0.25
N VAL A 120 -8.31 7.81 0.91
CA VAL A 120 -7.96 7.93 2.31
C VAL A 120 -6.62 7.27 2.61
N THR A 121 -5.78 7.96 3.37
CA THR A 121 -4.46 7.44 3.72
C THR A 121 -4.38 7.14 5.21
N ILE A 122 -3.71 6.04 5.54
CA ILE A 122 -3.55 5.63 6.93
C ILE A 122 -2.16 5.05 7.18
N ASN A 123 -1.54 5.48 8.27
CA ASN A 123 -0.21 5.00 8.63
C ASN A 123 -0.27 4.04 9.82
N ALA A 124 -0.46 2.76 9.54
CA ALA A 124 -0.53 1.75 10.59
C ALA A 124 0.81 1.06 10.78
N ARG A 125 0.86 0.11 11.72
CA ARG A 125 2.09 -0.62 12.00
C ARG A 125 1.78 -2.07 12.39
N ALA A 126 0.75 -2.25 13.20
CA ALA A 126 0.35 -3.58 13.65
C ALA A 126 -0.83 -4.10 12.83
N GLU A 127 -1.09 -5.40 12.93
CA GLU A 127 -2.19 -6.02 12.21
C GLU A 127 -3.54 -5.53 12.73
N GLU A 128 -3.56 -5.11 14.00
CA GLU A 128 -4.78 -4.62 14.62
C GLU A 128 -5.14 -3.24 14.09
N ASP A 129 -4.14 -2.52 13.60
CA ASP A 129 -4.36 -1.17 13.07
C ASP A 129 -4.54 -1.22 11.55
N VAL A 130 -4.99 -2.36 11.05
CA VAL A 130 -5.21 -2.53 9.61
C VAL A 130 -6.32 -3.53 9.35
N GLU A 131 -7.24 -3.66 10.29
CA GLU A 131 -8.36 -4.59 10.16
C GLU A 131 -9.44 -3.99 9.26
N PRO A 132 -10.33 -4.87 8.76
CA PRO A 132 -11.43 -4.46 7.88
C PRO A 132 -12.18 -3.24 8.41
N GLU A 133 -12.66 -3.35 9.64
CA GLU A 133 -13.40 -2.25 10.26
C GLU A 133 -12.50 -1.04 10.48
N CYS A 134 -11.25 -1.30 10.83
CA CYS A 134 -10.28 -0.23 11.07
C CYS A 134 -10.06 0.60 9.81
N ILE A 135 -10.27 -0.03 8.65
CA ILE A 135 -10.10 0.65 7.38
C ILE A 135 -11.42 1.23 6.87
N MET A 136 -12.47 0.42 6.93
CA MET A 136 -13.78 0.84 6.48
C MET A 136 -14.26 2.07 7.26
N GLU A 137 -13.77 2.20 8.49
CA GLU A 137 -14.14 3.33 9.33
C GLU A 137 -13.53 4.62 8.81
N LYS A 138 -12.40 4.50 8.14
CA LYS A 138 -11.71 5.66 7.58
C LYS A 138 -12.11 5.89 6.13
N VAL A 139 -12.51 4.82 5.45
CA VAL A 139 -12.92 4.90 4.06
C VAL A 139 -14.16 5.79 3.90
N ALA A 140 -15.04 5.75 4.89
CA ALA A 140 -16.26 6.55 4.86
C ALA A 140 -15.95 8.02 5.13
N SER A 141 -14.85 8.27 5.82
CA SER A 141 -14.44 9.64 6.15
C SER A 141 -14.30 10.48 4.88
N GLY A 142 -15.21 11.42 4.69
CA GLY A 142 -15.17 12.27 3.52
C GLY A 142 -14.52 13.62 3.81
N PRO A 143 -14.54 14.52 2.81
CA PRO A 143 -13.96 15.85 2.93
C PRO A 143 -14.47 16.59 4.17
N SER A 144 -13.61 16.70 5.18
CA SER A 144 -13.98 17.37 6.41
C SER A 144 -13.76 18.89 6.29
N SER A 145 -14.53 19.65 7.06
CA SER A 145 -14.43 21.10 7.03
C SER A 145 -14.40 21.67 8.44
N GLY A 146 -15.46 21.43 9.20
CA GLY A 146 -15.53 21.93 10.56
C GLY A 146 -16.63 21.26 11.37
N GLY A 1 25.39 13.70 -13.70
CA GLY A 1 24.15 14.29 -13.22
C GLY A 1 24.12 14.39 -11.71
N SER A 2 24.95 13.61 -11.04
CA SER A 2 25.01 13.62 -9.58
C SER A 2 26.43 13.89 -9.10
N SER A 3 26.57 14.85 -8.18
CA SER A 3 27.87 15.21 -7.64
C SER A 3 27.73 15.80 -6.24
N GLY A 4 26.82 15.24 -5.45
CA GLY A 4 26.59 15.72 -4.11
C GLY A 4 25.16 15.59 -3.67
N SER A 5 24.92 15.67 -2.37
CA SER A 5 23.58 15.55 -1.81
C SER A 5 22.91 14.27 -2.31
N SER A 6 23.16 13.17 -1.60
CA SER A 6 22.58 11.88 -1.97
C SER A 6 22.10 11.14 -0.73
N GLY A 7 21.03 10.37 -0.89
CA GLY A 7 20.49 9.61 0.24
C GLY A 7 19.93 8.27 -0.20
N MET A 8 18.62 8.22 -0.42
CA MET A 8 17.96 6.98 -0.83
C MET A 8 16.51 7.23 -1.21
N ALA A 9 16.09 6.67 -2.34
CA ALA A 9 14.73 6.84 -2.82
C ALA A 9 14.25 5.60 -3.56
N ALA A 10 12.94 5.41 -3.64
CA ALA A 10 12.35 4.27 -4.32
C ALA A 10 12.71 4.29 -5.81
N ASN A 11 12.68 3.11 -6.43
CA ASN A 11 13.00 2.98 -7.84
C ASN A 11 11.77 2.60 -8.65
N LEU A 12 11.22 1.42 -8.35
CA LEU A 12 10.04 0.93 -9.06
C LEU A 12 10.29 0.86 -10.56
N SER A 13 11.55 0.69 -10.93
CA SER A 13 11.92 0.60 -12.34
C SER A 13 12.04 -0.85 -12.78
N ARG A 14 12.79 -1.64 -12.01
CA ARG A 14 12.98 -3.05 -12.33
C ARG A 14 11.64 -3.75 -12.51
N ASN A 15 10.76 -3.60 -11.53
CA ASN A 15 9.44 -4.22 -11.58
C ASN A 15 8.37 -3.20 -11.96
N GLY A 16 8.69 -2.37 -12.94
CA GLY A 16 7.75 -1.35 -13.38
C GLY A 16 6.40 -1.93 -13.73
N PRO A 17 6.32 -2.62 -14.89
CA PRO A 17 5.09 -3.24 -15.37
C PRO A 17 4.45 -4.13 -14.31
N ALA A 18 5.28 -4.85 -13.57
CA ALA A 18 4.80 -5.75 -12.52
C ALA A 18 4.00 -4.99 -11.46
N LEU A 19 4.64 -4.00 -10.84
CA LEU A 19 3.99 -3.19 -9.82
C LEU A 19 2.72 -2.55 -10.36
N GLN A 20 2.85 -1.84 -11.48
CA GLN A 20 1.71 -1.18 -12.10
C GLN A 20 0.57 -2.17 -12.35
N GLU A 21 0.93 -3.37 -12.79
CA GLU A 21 -0.06 -4.41 -13.07
C GLU A 21 -0.96 -4.64 -11.86
N ALA A 22 -0.34 -4.89 -10.71
CA ALA A 22 -1.08 -5.14 -9.48
C ALA A 22 -1.91 -3.92 -9.09
N TYR A 23 -1.48 -2.75 -9.54
CA TYR A 23 -2.19 -1.51 -9.24
C TYR A 23 -3.35 -1.30 -10.19
N VAL A 24 -3.23 -1.87 -11.39
CA VAL A 24 -4.28 -1.74 -12.39
C VAL A 24 -5.44 -2.68 -12.11
N ARG A 25 -5.14 -3.82 -11.49
CA ARG A 25 -6.16 -4.81 -11.16
C ARG A 25 -7.00 -4.34 -9.96
N VAL A 26 -6.32 -3.90 -8.91
CA VAL A 26 -7.00 -3.42 -7.71
C VAL A 26 -7.97 -2.30 -8.04
N VAL A 27 -7.66 -1.55 -9.09
CA VAL A 27 -8.52 -0.43 -9.51
C VAL A 27 -9.53 -0.89 -10.55
N THR A 28 -9.22 -1.97 -11.25
CA THR A 28 -10.11 -2.51 -12.27
C THR A 28 -10.95 -3.66 -11.73
N GLU A 29 -12.26 -3.42 -11.62
CA GLU A 29 -13.18 -4.43 -11.11
C GLU A 29 -13.30 -5.60 -12.08
N LYS A 30 -12.92 -5.35 -13.33
CA LYS A 30 -13.00 -6.38 -14.37
C LYS A 30 -12.28 -7.65 -13.92
N SER A 31 -11.03 -7.51 -13.51
CA SER A 31 -10.24 -8.65 -13.06
C SER A 31 -10.45 -8.90 -11.57
N PRO A 32 -10.09 -10.11 -11.12
CA PRO A 32 -10.23 -10.51 -9.71
C PRO A 32 -9.09 -9.99 -8.84
N THR A 33 -9.34 -8.88 -8.15
CA THR A 33 -8.32 -8.29 -7.29
C THR A 33 -8.95 -7.33 -6.28
N ASP A 34 -8.86 -7.69 -5.01
CA ASP A 34 -9.43 -6.86 -3.94
C ASP A 34 -8.33 -6.09 -3.20
N TRP A 35 -7.16 -6.72 -3.10
CA TRP A 35 -6.03 -6.10 -2.41
C TRP A 35 -4.74 -6.30 -3.20
N ALA A 36 -3.64 -5.74 -2.69
CA ALA A 36 -2.35 -5.87 -3.36
C ALA A 36 -1.22 -5.37 -2.45
N LEU A 37 -0.30 -6.28 -2.12
CA LEU A 37 0.82 -5.93 -1.27
C LEU A 37 2.09 -5.70 -2.09
N PHE A 38 2.88 -4.71 -1.68
CA PHE A 38 4.11 -4.39 -2.39
C PHE A 38 5.27 -4.22 -1.40
N THR A 39 6.27 -5.09 -1.53
CA THR A 39 7.44 -5.03 -0.65
C THR A 39 8.73 -4.98 -1.45
N TYR A 40 9.83 -4.67 -0.77
CA TYR A 40 11.13 -4.57 -1.43
C TYR A 40 11.61 -5.96 -1.87
N GLU A 41 12.67 -5.98 -2.68
CA GLU A 41 13.23 -7.23 -3.17
C GLU A 41 14.11 -7.88 -2.11
N GLY A 42 15.03 -7.10 -1.56
CA GLY A 42 15.93 -7.63 -0.53
C GLY A 42 16.42 -6.56 0.40
N ASN A 43 17.67 -6.13 0.21
CA ASN A 43 18.26 -5.09 1.05
C ASN A 43 18.61 -3.85 0.23
N SER A 44 17.85 -3.62 -0.84
CA SER A 44 18.07 -2.47 -1.70
C SER A 44 16.75 -1.79 -2.05
N ASN A 45 16.84 -0.61 -2.67
CA ASN A 45 15.66 0.14 -3.06
C ASN A 45 15.08 -0.38 -4.37
N ASP A 46 13.94 -1.05 -4.29
CA ASP A 46 13.28 -1.60 -5.46
C ASP A 46 11.98 -2.29 -5.09
N ILE A 47 10.92 -1.51 -4.95
CA ILE A 47 9.61 -2.05 -4.59
C ILE A 47 9.11 -3.03 -5.64
N ARG A 48 8.57 -4.15 -5.19
CA ARG A 48 8.05 -5.17 -6.10
C ARG A 48 6.84 -5.87 -5.49
N VAL A 49 5.99 -6.43 -6.36
CA VAL A 49 4.79 -7.12 -5.91
C VAL A 49 5.13 -8.17 -4.85
N ALA A 50 4.23 -8.34 -3.89
CA ALA A 50 4.44 -9.32 -2.82
C ALA A 50 3.27 -10.31 -2.76
N GLY A 51 2.08 -9.82 -3.03
CA GLY A 51 0.90 -10.67 -3.00
C GLY A 51 -0.34 -9.98 -3.51
N THR A 52 -1.23 -10.72 -4.15
CA THR A 52 -2.47 -10.18 -4.69
C THR A 52 -3.57 -11.22 -4.70
N GLY A 53 -4.78 -10.80 -4.35
CA GLY A 53 -5.91 -11.71 -4.33
C GLY A 53 -7.23 -10.99 -4.10
N GLU A 54 -8.33 -11.72 -4.28
CA GLU A 54 -9.66 -11.15 -4.09
C GLU A 54 -10.25 -11.59 -2.75
N GLY A 55 -9.38 -11.91 -1.80
CA GLY A 55 -9.83 -12.35 -0.49
C GLY A 55 -10.41 -11.21 0.33
N GLY A 56 -10.06 -9.98 -0.04
CA GLY A 56 -10.57 -8.83 0.68
C GLY A 56 -9.54 -8.24 1.63
N LEU A 57 -9.99 -7.76 2.79
CA LEU A 57 -9.11 -7.18 3.78
C LEU A 57 -8.60 -8.24 4.75
N GLU A 58 -9.36 -9.32 4.91
CA GLU A 58 -8.99 -10.40 5.79
C GLU A 58 -7.78 -11.16 5.25
N GLU A 59 -7.61 -11.13 3.94
CA GLU A 59 -6.51 -11.81 3.29
C GLU A 59 -5.32 -10.87 3.11
N MET A 60 -5.60 -9.58 2.95
CA MET A 60 -4.56 -8.58 2.77
C MET A 60 -3.71 -8.47 4.02
N VAL A 61 -4.35 -8.29 5.17
CA VAL A 61 -3.63 -8.17 6.43
C VAL A 61 -2.90 -9.45 6.78
N GLU A 62 -3.43 -10.58 6.31
CA GLU A 62 -2.83 -11.88 6.57
C GLU A 62 -1.42 -11.94 5.99
N GLU A 63 -1.18 -11.17 4.93
CA GLU A 63 0.12 -11.15 4.27
C GLU A 63 1.09 -10.23 5.02
N LEU A 64 0.55 -9.18 5.62
CA LEU A 64 1.36 -8.23 6.37
C LEU A 64 2.24 -8.93 7.39
N ASN A 65 3.54 -8.72 7.29
CA ASN A 65 4.49 -9.34 8.20
C ASN A 65 5.14 -8.29 9.12
N SER A 66 4.91 -8.42 10.41
CA SER A 66 5.46 -7.48 11.39
C SER A 66 6.98 -7.57 11.42
N GLY A 67 7.64 -6.62 10.74
CA GLY A 67 9.09 -6.61 10.71
C GLY A 67 9.63 -5.95 9.46
N LYS A 68 8.78 -5.83 8.44
CA LYS A 68 9.18 -5.22 7.17
C LYS A 68 8.13 -4.22 6.71
N VAL A 69 8.60 -3.11 6.14
CA VAL A 69 7.71 -2.06 5.65
C VAL A 69 7.10 -2.46 4.31
N MET A 70 5.77 -2.43 4.26
CA MET A 70 5.05 -2.78 3.03
C MET A 70 3.91 -1.82 2.77
N TYR A 71 3.25 -1.97 1.63
CA TYR A 71 2.14 -1.10 1.25
C TYR A 71 0.92 -1.92 0.86
N ALA A 72 -0.22 -1.61 1.48
CA ALA A 72 -1.47 -2.31 1.19
C ALA A 72 -2.42 -1.43 0.39
N PHE A 73 -2.96 -1.99 -0.69
CA PHE A 73 -3.89 -1.26 -1.54
C PHE A 73 -5.16 -2.06 -1.76
N CYS A 74 -6.22 -1.71 -1.03
CA CYS A 74 -7.50 -2.40 -1.14
C CYS A 74 -8.53 -1.52 -1.83
N ARG A 75 -9.53 -2.15 -2.44
CA ARG A 75 -10.58 -1.42 -3.14
C ARG A 75 -11.96 -1.85 -2.66
N VAL A 76 -12.64 -0.97 -1.94
CA VAL A 76 -13.96 -1.27 -1.41
C VAL A 76 -14.97 -0.21 -1.85
N LYS A 77 -16.23 -0.41 -1.47
CA LYS A 77 -17.30 0.53 -1.81
C LYS A 77 -17.79 1.27 -0.57
N ASP A 78 -18.06 2.56 -0.74
CA ASP A 78 -18.54 3.39 0.36
C ASP A 78 -19.96 2.99 0.76
N PRO A 79 -20.38 3.41 1.97
CA PRO A 79 -21.72 3.10 2.48
C PRO A 79 -22.79 3.98 1.86
N ASN A 80 -22.54 5.28 1.81
CA ASN A 80 -23.49 6.22 1.22
C ASN A 80 -23.24 6.39 -0.28
N SER A 81 -22.00 6.74 -0.63
CA SER A 81 -21.63 6.94 -2.02
C SER A 81 -21.91 5.69 -2.84
N GLY A 82 -21.55 4.53 -2.30
CA GLY A 82 -21.77 3.28 -2.99
C GLY A 82 -20.85 3.11 -4.19
N LEU A 83 -19.75 3.84 -4.19
CA LEU A 83 -18.78 3.76 -5.28
C LEU A 83 -17.47 3.15 -4.81
N PRO A 84 -16.73 2.53 -5.75
CA PRO A 84 -15.45 1.90 -5.45
C PRO A 84 -14.35 2.91 -5.20
N LYS A 85 -13.93 3.04 -3.95
CA LYS A 85 -12.87 3.97 -3.57
C LYS A 85 -11.53 3.26 -3.44
N PHE A 86 -10.48 4.04 -3.20
CA PHE A 86 -9.14 3.48 -3.06
C PHE A 86 -8.51 3.90 -1.74
N VAL A 87 -8.07 2.92 -0.96
CA VAL A 87 -7.46 3.18 0.34
C VAL A 87 -5.96 2.87 0.32
N LEU A 88 -5.19 3.69 0.99
CA LEU A 88 -3.74 3.50 1.04
C LEU A 88 -3.26 3.33 2.48
N ILE A 89 -2.70 2.16 2.78
CA ILE A 89 -2.20 1.87 4.12
C ILE A 89 -0.69 1.68 4.11
N ASN A 90 0.00 2.39 5.01
CA ASN A 90 1.44 2.30 5.11
C ASN A 90 1.85 1.31 6.21
N TRP A 91 1.82 0.03 5.87
CA TRP A 91 2.19 -1.02 6.82
C TRP A 91 3.55 -0.73 7.44
N THR A 92 3.60 -0.73 8.77
CA THR A 92 4.85 -0.48 9.48
C THR A 92 5.00 -1.41 10.68
N GLY A 93 5.46 -2.63 10.42
CA GLY A 93 5.64 -3.60 11.48
C GLY A 93 6.51 -3.06 12.61
N GLU A 94 6.64 -3.85 13.67
CA GLU A 94 7.45 -3.44 14.82
C GLU A 94 8.86 -4.02 14.73
N GLY A 95 8.96 -5.22 14.18
CA GLY A 95 10.26 -5.87 14.04
C GLY A 95 11.24 -5.02 13.25
N VAL A 96 10.72 -4.11 12.43
CA VAL A 96 11.56 -3.24 11.62
C VAL A 96 12.22 -2.17 12.48
N ASN A 97 13.55 -2.13 12.43
CA ASN A 97 14.30 -1.14 13.20
C ASN A 97 13.87 0.28 12.86
N ASP A 98 14.33 1.25 13.65
CA ASP A 98 13.98 2.65 13.43
C ASP A 98 14.82 3.23 12.28
N VAL A 99 16.02 2.69 12.10
CA VAL A 99 16.90 3.16 11.04
C VAL A 99 16.28 2.96 9.67
N ARG A 100 15.38 1.99 9.57
CA ARG A 100 14.71 1.69 8.30
C ARG A 100 13.44 2.53 8.15
N LYS A 101 12.67 2.62 9.23
CA LYS A 101 11.42 3.38 9.22
C LYS A 101 11.68 4.82 8.80
N GLY A 102 12.87 5.32 9.11
CA GLY A 102 13.22 6.68 8.75
C GLY A 102 13.78 6.80 7.34
N ALA A 103 14.23 5.68 6.80
CA ALA A 103 14.80 5.65 5.46
C ALA A 103 13.71 5.39 4.42
N CYS A 104 12.64 4.73 4.85
CA CYS A 104 11.53 4.41 3.95
C CYS A 104 10.60 5.62 3.78
N ALA A 105 10.60 6.50 4.78
CA ALA A 105 9.76 7.69 4.74
C ALA A 105 9.98 8.47 3.45
N SER A 106 11.24 8.60 3.05
CA SER A 106 11.58 9.33 1.83
C SER A 106 11.01 8.64 0.60
N HIS A 107 10.83 7.32 0.70
CA HIS A 107 10.30 6.54 -0.40
C HIS A 107 8.78 6.69 -0.49
N VAL A 108 8.13 6.84 0.66
CA VAL A 108 6.68 7.00 0.72
C VAL A 108 6.22 8.11 -0.21
N SER A 109 7.03 9.16 -0.32
CA SER A 109 6.70 10.30 -1.17
C SER A 109 6.46 9.83 -2.61
N THR A 110 7.29 8.91 -3.08
CA THR A 110 7.17 8.39 -4.44
C THR A 110 6.08 7.34 -4.52
N MET A 111 6.03 6.45 -3.54
CA MET A 111 5.03 5.38 -3.50
C MET A 111 3.62 5.97 -3.51
N ALA A 112 3.39 6.97 -2.67
CA ALA A 112 2.08 7.61 -2.59
C ALA A 112 1.60 8.04 -3.97
N SER A 113 2.50 8.63 -4.76
CA SER A 113 2.15 9.09 -6.10
C SER A 113 1.82 7.92 -7.01
N PHE A 114 2.63 6.87 -6.94
CA PHE A 114 2.41 5.68 -7.75
C PHE A 114 1.00 5.13 -7.56
N LEU A 115 0.63 4.93 -6.30
CA LEU A 115 -0.70 4.40 -5.97
C LEU A 115 -1.70 5.53 -5.81
N LYS A 116 -1.86 6.33 -6.86
CA LYS A 116 -2.79 7.45 -6.85
C LYS A 116 -4.22 6.95 -6.65
N GLY A 117 -5.15 7.90 -6.46
CA GLY A 117 -6.54 7.54 -6.26
C GLY A 117 -6.89 7.37 -4.79
N ALA A 118 -5.87 7.18 -3.96
CA ALA A 118 -6.08 7.01 -2.53
C ALA A 118 -6.95 8.13 -1.96
N HIS A 119 -8.21 7.81 -1.71
CA HIS A 119 -9.14 8.80 -1.16
C HIS A 119 -8.87 9.05 0.32
N VAL A 120 -8.28 8.05 0.99
CA VAL A 120 -7.96 8.16 2.39
C VAL A 120 -6.65 7.44 2.73
N THR A 121 -5.79 8.12 3.48
CA THR A 121 -4.51 7.54 3.86
C THR A 121 -4.50 7.15 5.34
N ILE A 122 -3.94 5.98 5.63
CA ILE A 122 -3.87 5.49 7.01
C ILE A 122 -2.48 4.93 7.32
N ASN A 123 -1.91 5.37 8.43
CA ASN A 123 -0.59 4.91 8.85
C ASN A 123 -0.69 3.97 10.04
N ALA A 124 -0.82 2.68 9.77
CA ALA A 124 -0.93 1.68 10.83
C ALA A 124 0.43 1.03 11.10
N ARG A 125 0.43 0.03 11.98
CA ARG A 125 1.65 -0.69 12.32
C ARG A 125 1.36 -2.13 12.69
N ALA A 126 0.29 -2.34 13.45
CA ALA A 126 -0.10 -3.68 13.87
C ALA A 126 -1.26 -4.20 13.02
N GLU A 127 -1.60 -5.47 13.21
CA GLU A 127 -2.69 -6.09 12.46
C GLU A 127 -4.04 -5.57 12.95
N GLU A 128 -4.07 -5.14 14.21
CA GLU A 128 -5.31 -4.63 14.80
C GLU A 128 -5.64 -3.24 14.26
N ASP A 129 -4.61 -2.54 13.78
CA ASP A 129 -4.80 -1.20 13.22
C ASP A 129 -4.95 -1.26 11.70
N VAL A 130 -5.40 -2.40 11.20
CA VAL A 130 -5.59 -2.59 9.76
C VAL A 130 -6.71 -3.57 9.48
N GLU A 131 -7.66 -3.68 10.41
CA GLU A 131 -8.79 -4.58 10.27
C GLU A 131 -9.83 -4.01 9.31
N PRO A 132 -10.72 -4.87 8.80
CA PRO A 132 -11.78 -4.47 7.87
C PRO A 132 -12.53 -3.23 8.35
N GLU A 133 -13.04 -3.29 9.57
CA GLU A 133 -13.78 -2.18 10.15
C GLU A 133 -12.87 -0.97 10.36
N CYS A 134 -11.66 -1.23 10.85
CA CYS A 134 -10.69 -0.18 11.10
C CYS A 134 -10.41 0.63 9.83
N ILE A 135 -10.60 -0.01 8.68
CA ILE A 135 -10.37 0.64 7.40
C ILE A 135 -11.66 1.21 6.84
N MET A 136 -12.74 0.44 6.94
CA MET A 136 -14.04 0.87 6.44
C MET A 136 -14.52 2.12 7.18
N GLU A 137 -14.22 2.18 8.47
CA GLU A 137 -14.63 3.31 9.29
C GLU A 137 -14.06 4.62 8.74
N LYS A 138 -12.95 4.51 8.02
CA LYS A 138 -12.31 5.69 7.42
C LYS A 138 -12.77 5.89 5.99
N VAL A 139 -13.07 4.78 5.30
CA VAL A 139 -13.52 4.84 3.92
C VAL A 139 -14.80 5.66 3.80
N ALA A 140 -15.66 5.58 4.80
CA ALA A 140 -16.91 6.32 4.80
C ALA A 140 -16.68 7.79 5.14
N SER A 141 -15.78 8.04 6.07
CA SER A 141 -15.47 9.40 6.48
C SER A 141 -15.00 10.24 5.29
N GLY A 142 -15.83 11.19 4.86
CA GLY A 142 -15.49 12.03 3.74
C GLY A 142 -14.71 13.25 4.16
N PRO A 143 -14.60 14.24 3.25
CA PRO A 143 -13.87 15.49 3.50
C PRO A 143 -14.60 16.38 4.50
N SER A 144 -14.29 16.23 5.78
CA SER A 144 -14.92 17.03 6.82
C SER A 144 -14.28 18.42 6.90
N SER A 145 -12.96 18.45 7.05
CA SER A 145 -12.23 19.71 7.15
C SER A 145 -10.73 19.49 7.00
N GLY A 146 -10.22 18.50 7.73
CA GLY A 146 -8.80 18.19 7.66
C GLY A 146 -7.97 19.14 8.50
N GLY A 1 29.24 5.19 -13.78
CA GLY A 1 29.94 3.92 -13.83
C GLY A 1 29.19 2.81 -13.11
N SER A 2 29.30 2.79 -11.79
CA SER A 2 28.63 1.79 -10.98
C SER A 2 27.52 2.40 -10.13
N SER A 3 27.82 3.55 -9.53
CA SER A 3 26.85 4.25 -8.69
C SER A 3 26.47 3.40 -7.48
N GLY A 4 25.55 3.91 -6.68
CA GLY A 4 25.12 3.19 -5.49
C GLY A 4 25.06 4.07 -4.26
N SER A 5 24.04 3.88 -3.44
CA SER A 5 23.86 4.67 -2.23
C SER A 5 23.69 6.15 -2.56
N SER A 6 23.72 6.99 -1.54
CA SER A 6 23.57 8.42 -1.71
C SER A 6 22.24 8.75 -2.40
N GLY A 7 21.26 7.87 -2.21
CA GLY A 7 19.95 8.07 -2.81
C GLY A 7 18.89 7.21 -2.17
N MET A 8 18.01 7.83 -1.38
CA MET A 8 16.94 7.11 -0.72
C MET A 8 15.60 7.35 -1.42
N ALA A 9 15.23 6.43 -2.31
CA ALA A 9 13.98 6.55 -3.04
C ALA A 9 13.66 5.24 -3.78
N ALA A 10 12.38 4.87 -3.76
CA ALA A 10 11.94 3.65 -4.42
C ALA A 10 12.29 3.66 -5.91
N ASN A 11 12.50 2.49 -6.49
CA ASN A 11 12.84 2.37 -7.90
C ASN A 11 11.60 2.08 -8.73
N LEU A 12 11.04 0.89 -8.55
CA LEU A 12 9.84 0.48 -9.28
C LEU A 12 10.10 0.51 -10.78
N SER A 13 11.36 0.36 -11.17
CA SER A 13 11.74 0.37 -12.57
C SER A 13 11.84 -1.05 -13.12
N ARG A 14 12.73 -1.84 -12.55
CA ARG A 14 12.92 -3.22 -12.97
C ARG A 14 11.60 -3.97 -13.00
N ASN A 15 10.74 -3.70 -12.02
CA ASN A 15 9.44 -4.35 -11.93
C ASN A 15 8.32 -3.36 -12.18
N GLY A 16 8.63 -2.30 -12.92
CA GLY A 16 7.63 -1.28 -13.22
C GLY A 16 6.35 -1.87 -13.79
N PRO A 17 6.44 -2.43 -15.01
CA PRO A 17 5.29 -3.04 -15.68
C PRO A 17 4.54 -4.02 -14.78
N ALA A 18 5.28 -4.70 -13.92
CA ALA A 18 4.68 -5.67 -13.00
C ALA A 18 3.85 -4.96 -11.94
N LEU A 19 4.48 -4.09 -11.17
CA LEU A 19 3.80 -3.35 -10.12
C LEU A 19 2.54 -2.67 -10.66
N GLN A 20 2.68 -2.01 -11.81
CA GLN A 20 1.56 -1.33 -12.44
C GLN A 20 0.38 -2.27 -12.63
N GLU A 21 0.66 -3.47 -13.14
CA GLU A 21 -0.38 -4.45 -13.38
C GLU A 21 -1.20 -4.70 -12.11
N ALA A 22 -0.50 -5.03 -11.02
CA ALA A 22 -1.15 -5.29 -9.74
C ALA A 22 -1.96 -4.08 -9.29
N TYR A 23 -1.58 -2.91 -9.76
CA TYR A 23 -2.26 -1.67 -9.39
C TYR A 23 -3.46 -1.43 -10.30
N VAL A 24 -3.39 -1.94 -11.51
CA VAL A 24 -4.47 -1.78 -12.48
C VAL A 24 -5.64 -2.70 -12.15
N ARG A 25 -5.33 -3.87 -11.59
CA ARG A 25 -6.35 -4.84 -11.22
C ARG A 25 -7.14 -4.37 -10.01
N VAL A 26 -6.43 -3.90 -9.00
CA VAL A 26 -7.06 -3.41 -7.77
C VAL A 26 -8.04 -2.28 -8.07
N VAL A 27 -7.75 -1.53 -9.13
CA VAL A 27 -8.61 -0.41 -9.53
C VAL A 27 -9.63 -0.85 -10.57
N THR A 28 -9.33 -1.94 -11.26
CA THR A 28 -10.22 -2.46 -12.29
C THR A 28 -11.07 -3.61 -11.75
N GLU A 29 -12.39 -3.40 -11.70
CA GLU A 29 -13.30 -4.42 -11.21
C GLU A 29 -13.40 -5.58 -12.19
N LYS A 30 -13.01 -5.33 -13.44
CA LYS A 30 -13.05 -6.36 -14.47
C LYS A 30 -12.35 -7.63 -14.01
N SER A 31 -11.09 -7.49 -13.59
CA SER A 31 -10.31 -8.62 -13.11
C SER A 31 -10.55 -8.87 -11.62
N PRO A 32 -10.19 -10.08 -11.17
CA PRO A 32 -10.36 -10.47 -9.76
C PRO A 32 -9.22 -9.96 -8.88
N THR A 33 -9.47 -8.85 -8.19
CA THR A 33 -8.47 -8.26 -7.31
C THR A 33 -9.11 -7.30 -6.32
N ASP A 34 -8.86 -7.53 -5.04
CA ASP A 34 -9.42 -6.69 -3.98
C ASP A 34 -8.31 -5.98 -3.21
N TRP A 35 -7.13 -6.58 -3.20
CA TRP A 35 -5.98 -6.00 -2.50
C TRP A 35 -4.71 -6.19 -3.31
N ALA A 36 -3.60 -5.67 -2.78
CA ALA A 36 -2.31 -5.79 -3.45
C ALA A 36 -1.18 -5.31 -2.55
N LEU A 37 -0.25 -6.22 -2.24
CA LEU A 37 0.89 -5.90 -1.39
C LEU A 37 2.16 -5.74 -2.21
N PHE A 38 3.00 -4.79 -1.81
CA PHE A 38 4.25 -4.53 -2.50
C PHE A 38 5.39 -4.28 -1.52
N THR A 39 6.37 -5.18 -1.52
CA THR A 39 7.51 -5.07 -0.62
C THR A 39 8.82 -5.19 -1.38
N TYR A 40 9.93 -4.86 -0.71
CA TYR A 40 11.25 -4.92 -1.32
C TYR A 40 11.63 -6.37 -1.64
N GLU A 41 12.71 -6.54 -2.41
CA GLU A 41 13.18 -7.86 -2.78
C GLU A 41 14.04 -8.46 -1.67
N GLY A 42 15.20 -7.85 -1.42
CA GLY A 42 16.09 -8.34 -0.40
C GLY A 42 16.75 -7.22 0.38
N ASN A 43 17.94 -6.82 -0.06
CA ASN A 43 18.68 -5.75 0.60
C ASN A 43 19.02 -4.63 -0.38
N SER A 44 18.02 -4.18 -1.13
CA SER A 44 18.20 -3.12 -2.11
C SER A 44 16.89 -2.41 -2.41
N ASN A 45 16.99 -1.16 -2.85
CA ASN A 45 15.80 -0.37 -3.18
C ASN A 45 15.16 -0.86 -4.47
N ASP A 46 14.01 -1.50 -4.35
CA ASP A 46 13.30 -2.03 -5.51
C ASP A 46 11.99 -2.71 -5.09
N ILE A 47 10.96 -1.91 -4.88
CA ILE A 47 9.65 -2.44 -4.48
C ILE A 47 9.09 -3.38 -5.53
N ARG A 48 8.62 -4.53 -5.10
CA ARG A 48 8.06 -5.52 -6.00
C ARG A 48 6.82 -6.18 -5.39
N VAL A 49 5.92 -6.66 -6.25
CA VAL A 49 4.70 -7.30 -5.80
C VAL A 49 5.00 -8.41 -4.78
N ALA A 50 4.16 -8.51 -3.77
CA ALA A 50 4.33 -9.52 -2.73
C ALA A 50 3.13 -10.45 -2.67
N GLY A 51 1.96 -9.93 -2.99
CA GLY A 51 0.75 -10.73 -2.97
C GLY A 51 -0.45 -9.99 -3.54
N THR A 52 -1.33 -10.73 -4.22
CA THR A 52 -2.52 -10.14 -4.82
C THR A 52 -3.65 -11.16 -4.90
N GLY A 53 -4.87 -10.71 -4.60
CA GLY A 53 -6.02 -11.57 -4.65
C GLY A 53 -7.32 -10.86 -4.35
N GLU A 54 -8.43 -11.57 -4.47
CA GLU A 54 -9.75 -10.98 -4.21
C GLU A 54 -10.27 -11.40 -2.85
N GLY A 55 -9.36 -11.72 -1.94
CA GLY A 55 -9.75 -12.14 -0.61
C GLY A 55 -10.34 -11.00 0.21
N GLY A 56 -10.06 -9.78 -0.21
CA GLY A 56 -10.57 -8.62 0.50
C GLY A 56 -9.57 -8.05 1.48
N LEU A 57 -10.06 -7.59 2.62
CA LEU A 57 -9.19 -7.01 3.65
C LEU A 57 -8.71 -8.08 4.62
N GLU A 58 -9.50 -9.14 4.76
CA GLU A 58 -9.15 -10.24 5.66
C GLU A 58 -7.92 -10.98 5.15
N GLU A 59 -7.79 -11.08 3.83
CA GLU A 59 -6.66 -11.77 3.22
C GLU A 59 -5.47 -10.83 3.05
N MET A 60 -5.76 -9.55 2.87
CA MET A 60 -4.72 -8.55 2.69
C MET A 60 -3.84 -8.47 3.93
N VAL A 61 -4.46 -8.46 5.11
CA VAL A 61 -3.74 -8.38 6.37
C VAL A 61 -3.02 -9.69 6.66
N GLU A 62 -3.59 -10.80 6.20
CA GLU A 62 -3.00 -12.11 6.41
C GLU A 62 -1.61 -12.20 5.80
N GLU A 63 -1.38 -11.39 4.77
CA GLU A 63 -0.09 -11.37 4.09
C GLU A 63 0.88 -10.41 4.78
N LEU A 64 0.34 -9.36 5.38
CA LEU A 64 1.15 -8.37 6.08
C LEU A 64 2.08 -9.04 7.07
N ASN A 65 3.38 -8.86 6.88
CA ASN A 65 4.39 -9.44 7.76
C ASN A 65 4.91 -8.40 8.75
N SER A 66 4.68 -8.65 10.04
CA SER A 66 5.13 -7.74 11.08
C SER A 66 6.65 -7.77 11.22
N GLY A 67 7.32 -6.81 10.60
CA GLY A 67 8.76 -6.74 10.66
C GLY A 67 9.37 -6.10 9.43
N LYS A 68 8.61 -6.06 8.35
CA LYS A 68 9.07 -5.47 7.09
C LYS A 68 8.07 -4.44 6.57
N VAL A 69 8.58 -3.32 6.05
CA VAL A 69 7.73 -2.27 5.52
C VAL A 69 7.10 -2.70 4.19
N MET A 70 5.78 -2.55 4.11
CA MET A 70 5.05 -2.92 2.90
C MET A 70 3.91 -1.95 2.63
N TYR A 71 3.36 -1.99 1.42
CA TYR A 71 2.27 -1.12 1.04
C TYR A 71 1.03 -1.92 0.64
N ALA A 72 -0.07 -1.69 1.34
CA ALA A 72 -1.31 -2.40 1.05
C ALA A 72 -2.30 -1.49 0.31
N PHE A 73 -2.82 -1.99 -0.80
CA PHE A 73 -3.78 -1.23 -1.60
C PHE A 73 -5.07 -2.01 -1.81
N CYS A 74 -6.09 -1.69 -1.03
CA CYS A 74 -7.37 -2.36 -1.12
C CYS A 74 -8.40 -1.48 -1.84
N ARG A 75 -9.47 -2.11 -2.30
CA ARG A 75 -10.53 -1.39 -3.01
C ARG A 75 -11.90 -1.81 -2.53
N VAL A 76 -12.61 -0.89 -1.88
CA VAL A 76 -13.95 -1.18 -1.35
C VAL A 76 -14.93 -0.07 -1.74
N LYS A 77 -16.20 -0.31 -1.47
CA LYS A 77 -17.25 0.66 -1.78
C LYS A 77 -17.73 1.36 -0.51
N ASP A 78 -17.88 2.68 -0.59
CA ASP A 78 -18.33 3.47 0.55
C ASP A 78 -19.65 2.93 1.08
N PRO A 79 -20.00 3.32 2.32
CA PRO A 79 -21.24 2.89 2.97
C PRO A 79 -22.47 3.59 2.39
N ASN A 80 -22.39 4.91 2.27
CA ASN A 80 -23.50 5.69 1.72
C ASN A 80 -23.26 6.03 0.26
N SER A 81 -22.07 6.53 -0.04
CA SER A 81 -21.71 6.90 -1.41
C SER A 81 -21.97 5.74 -2.37
N GLY A 82 -21.64 4.53 -1.93
CA GLY A 82 -21.85 3.36 -2.76
C GLY A 82 -20.93 3.33 -3.96
N LEU A 83 -19.83 4.07 -3.88
CA LEU A 83 -18.86 4.14 -4.96
C LEU A 83 -17.54 3.51 -4.56
N PRO A 84 -16.79 3.01 -5.55
CA PRO A 84 -15.49 2.36 -5.32
C PRO A 84 -14.42 3.37 -4.93
N LYS A 85 -13.94 3.28 -3.69
CA LYS A 85 -12.91 4.17 -3.20
C LYS A 85 -11.59 3.44 -3.01
N PHE A 86 -10.48 4.15 -3.21
CA PHE A 86 -9.16 3.56 -3.06
C PHE A 86 -8.53 3.95 -1.73
N VAL A 87 -7.98 2.96 -1.02
CA VAL A 87 -7.36 3.20 0.27
C VAL A 87 -5.88 2.85 0.24
N LEU A 88 -5.07 3.67 0.92
CA LEU A 88 -3.63 3.46 0.95
C LEU A 88 -3.15 3.25 2.39
N ILE A 89 -2.56 2.09 2.66
CA ILE A 89 -2.05 1.78 3.98
C ILE A 89 -0.55 1.58 3.97
N ASN A 90 0.15 2.27 4.87
CA ASN A 90 1.60 2.16 4.97
C ASN A 90 2.00 1.16 6.05
N TRP A 91 1.88 -0.12 5.75
CA TRP A 91 2.23 -1.17 6.70
C TRP A 91 3.66 -0.98 7.20
N THR A 92 3.78 -0.68 8.49
CA THR A 92 5.09 -0.48 9.11
C THR A 92 5.26 -1.36 10.34
N GLY A 93 5.75 -2.58 10.13
CA GLY A 93 5.96 -3.50 11.22
C GLY A 93 6.77 -2.88 12.35
N GLU A 94 6.47 -3.29 13.58
CA GLU A 94 7.18 -2.77 14.74
C GLU A 94 8.61 -3.30 14.79
N GLY A 95 8.81 -4.49 14.23
CA GLY A 95 10.13 -5.08 14.22
C GLY A 95 11.16 -4.20 13.53
N VAL A 96 10.69 -3.28 12.70
CA VAL A 96 11.58 -2.38 11.98
C VAL A 96 12.13 -1.30 12.90
N ASN A 97 13.45 -1.22 12.99
CA ASN A 97 14.10 -0.21 13.84
C ASN A 97 13.63 1.18 13.49
N ASP A 98 14.09 2.16 14.26
CA ASP A 98 13.71 3.57 14.03
C ASP A 98 14.52 4.16 12.88
N VAL A 99 15.81 3.82 12.83
CA VAL A 99 16.69 4.33 11.78
C VAL A 99 16.15 3.98 10.40
N ARG A 100 15.41 2.87 10.31
CA ARG A 100 14.84 2.44 9.04
C ARG A 100 13.50 3.12 8.79
N LYS A 101 12.69 3.23 9.83
CA LYS A 101 11.38 3.86 9.72
C LYS A 101 11.49 5.25 9.08
N GLY A 102 12.58 5.94 9.40
CA GLY A 102 12.79 7.28 8.85
C GLY A 102 13.42 7.23 7.47
N ALA A 103 14.05 6.11 7.14
CA ALA A 103 14.69 5.95 5.84
C ALA A 103 13.70 5.44 4.80
N CYS A 104 12.66 4.75 5.26
CA CYS A 104 11.64 4.20 4.36
C CYS A 104 10.58 5.25 4.06
N ALA A 105 10.40 6.20 4.97
CA ALA A 105 9.42 7.25 4.78
C ALA A 105 9.70 8.06 3.51
N SER A 106 10.96 8.15 3.14
CA SER A 106 11.37 8.89 1.94
C SER A 106 10.74 8.28 0.70
N HIS A 107 10.54 6.96 0.72
CA HIS A 107 9.95 6.26 -0.41
C HIS A 107 8.44 6.49 -0.46
N VAL A 108 7.84 6.74 0.70
CA VAL A 108 6.41 6.97 0.78
C VAL A 108 5.98 8.07 -0.19
N SER A 109 6.84 9.06 -0.38
CA SER A 109 6.54 10.17 -1.28
C SER A 109 6.40 9.68 -2.71
N THR A 110 7.27 8.74 -3.10
CA THR A 110 7.23 8.19 -4.45
C THR A 110 6.12 7.16 -4.60
N MET A 111 6.03 6.25 -3.63
CA MET A 111 5.01 5.22 -3.66
C MET A 111 3.61 5.83 -3.69
N ALA A 112 3.39 6.83 -2.85
CA ALA A 112 2.10 7.51 -2.79
C ALA A 112 1.65 7.96 -4.17
N SER A 113 2.59 8.47 -4.95
CA SER A 113 2.29 8.96 -6.30
C SER A 113 1.94 7.79 -7.22
N PHE A 114 2.69 6.70 -7.09
CA PHE A 114 2.47 5.52 -7.92
C PHE A 114 1.04 5.01 -7.75
N LEU A 115 0.62 4.82 -6.50
CA LEU A 115 -0.71 4.33 -6.21
C LEU A 115 -1.68 5.48 -5.96
N LYS A 116 -1.94 6.26 -7.01
CA LYS A 116 -2.85 7.40 -6.91
C LYS A 116 -4.28 6.94 -6.68
N GLY A 117 -5.18 7.90 -6.47
CA GLY A 117 -6.58 7.56 -6.23
C GLY A 117 -6.89 7.38 -4.77
N ALA A 118 -5.86 7.17 -3.95
CA ALA A 118 -6.04 6.99 -2.52
C ALA A 118 -6.87 8.12 -1.92
N HIS A 119 -8.13 7.82 -1.64
CA HIS A 119 -9.03 8.81 -1.06
C HIS A 119 -8.70 9.07 0.40
N VAL A 120 -8.10 8.08 1.05
CA VAL A 120 -7.71 8.20 2.44
C VAL A 120 -6.41 7.46 2.73
N THR A 121 -5.53 8.09 3.50
CA THR A 121 -4.24 7.49 3.85
C THR A 121 -4.19 7.12 5.33
N ILE A 122 -3.67 5.93 5.61
CA ILE A 122 -3.56 5.45 6.98
C ILE A 122 -2.18 4.87 7.25
N ASN A 123 -1.59 5.28 8.37
CA ASN A 123 -0.26 4.81 8.75
C ASN A 123 -0.34 3.87 9.95
N ALA A 124 -0.59 2.59 9.67
CA ALA A 124 -0.70 1.59 10.73
C ALA A 124 0.65 0.92 10.96
N ARG A 125 0.65 -0.11 11.81
CA ARG A 125 1.87 -0.85 12.12
C ARG A 125 1.55 -2.29 12.49
N ALA A 126 0.50 -2.49 13.28
CA ALA A 126 0.09 -3.82 13.70
C ALA A 126 -1.10 -4.31 12.88
N GLU A 127 -1.37 -5.61 12.96
CA GLU A 127 -2.48 -6.21 12.23
C GLU A 127 -3.81 -5.70 12.77
N GLU A 128 -3.82 -5.29 14.03
CA GLU A 128 -5.03 -4.78 14.66
C GLU A 128 -5.37 -3.39 14.15
N ASP A 129 -4.35 -2.68 13.67
CA ASP A 129 -4.54 -1.33 13.15
C ASP A 129 -4.73 -1.35 11.63
N VAL A 130 -5.19 -2.48 11.11
CA VAL A 130 -5.40 -2.63 9.68
C VAL A 130 -6.54 -3.61 9.39
N GLU A 131 -7.45 -3.74 10.35
CA GLU A 131 -8.59 -4.64 10.20
C GLU A 131 -9.65 -4.04 9.29
N PRO A 132 -10.56 -4.89 8.79
CA PRO A 132 -11.63 -4.46 7.89
C PRO A 132 -12.38 -3.24 8.42
N GLU A 133 -12.85 -3.33 9.66
CA GLU A 133 -13.59 -2.23 10.28
C GLU A 133 -12.67 -1.04 10.50
N CYS A 134 -11.44 -1.31 10.93
CA CYS A 134 -10.47 -0.25 11.18
C CYS A 134 -10.22 0.57 9.92
N ILE A 135 -10.44 -0.04 8.77
CA ILE A 135 -10.24 0.64 7.50
C ILE A 135 -11.55 1.22 6.98
N MET A 136 -12.62 0.46 7.09
CA MET A 136 -13.94 0.90 6.64
C MET A 136 -14.41 2.10 7.45
N GLU A 137 -13.93 2.21 8.68
CA GLU A 137 -14.30 3.31 9.55
C GLU A 137 -13.78 4.64 9.01
N LYS A 138 -12.69 4.58 8.26
CA LYS A 138 -12.09 5.78 7.68
C LYS A 138 -12.60 6.01 6.26
N VAL A 139 -12.99 4.93 5.59
CA VAL A 139 -13.50 5.01 4.23
C VAL A 139 -14.77 5.85 4.17
N ALA A 140 -15.58 5.77 5.22
CA ALA A 140 -16.82 6.52 5.29
C ALA A 140 -16.56 8.01 5.45
N SER A 141 -15.47 8.35 6.14
CA SER A 141 -15.10 9.73 6.36
C SER A 141 -14.84 10.46 5.05
N GLY A 142 -15.80 11.27 4.62
CA GLY A 142 -15.66 12.00 3.39
C GLY A 142 -15.36 13.47 3.60
N PRO A 143 -15.03 14.19 2.51
CA PRO A 143 -14.72 15.62 2.57
C PRO A 143 -15.94 16.48 2.85
N SER A 144 -15.74 17.79 2.89
CA SER A 144 -16.83 18.73 3.15
C SER A 144 -16.81 19.87 2.15
N SER A 145 -15.63 20.46 1.94
CA SER A 145 -15.47 21.57 1.02
C SER A 145 -15.90 21.17 -0.40
N GLY A 146 -15.49 19.98 -0.82
CA GLY A 146 -15.84 19.50 -2.15
C GLY A 146 -17.15 18.74 -2.15
N GLY A 1 26.95 -4.68 -15.32
CA GLY A 1 27.94 -4.66 -14.26
C GLY A 1 27.44 -5.30 -12.98
N SER A 2 26.58 -4.58 -12.26
CA SER A 2 26.04 -5.07 -11.00
C SER A 2 27.15 -5.44 -10.03
N SER A 3 27.74 -4.43 -9.41
CA SER A 3 28.83 -4.65 -8.46
C SER A 3 28.73 -3.68 -7.29
N GLY A 4 28.88 -2.39 -7.58
CA GLY A 4 28.79 -1.38 -6.54
C GLY A 4 27.46 -0.66 -6.54
N SER A 5 27.46 0.57 -7.06
CA SER A 5 26.24 1.37 -7.11
C SER A 5 25.67 1.58 -5.71
N SER A 6 24.53 2.26 -5.64
CA SER A 6 23.87 2.54 -4.37
C SER A 6 22.39 2.79 -4.56
N GLY A 7 22.05 3.55 -5.60
CA GLY A 7 20.66 3.86 -5.88
C GLY A 7 20.12 4.96 -4.98
N MET A 8 18.93 5.45 -5.30
CA MET A 8 18.30 6.50 -4.52
C MET A 8 16.78 6.42 -4.62
N ALA A 9 16.12 6.34 -3.46
CA ALA A 9 14.67 6.27 -3.42
C ALA A 9 14.16 5.02 -4.14
N ALA A 10 12.86 4.81 -4.09
CA ALA A 10 12.25 3.65 -4.75
C ALA A 10 12.54 3.65 -6.24
N ASN A 11 12.70 2.46 -6.80
CA ASN A 11 12.97 2.33 -8.23
C ASN A 11 11.72 1.95 -9.00
N LEU A 12 11.22 0.74 -8.77
CA LEU A 12 10.02 0.26 -9.44
C LEU A 12 10.22 0.24 -10.96
N SER A 13 11.47 0.10 -11.39
CA SER A 13 11.79 0.06 -12.81
C SER A 13 11.89 -1.38 -13.31
N ARG A 14 12.63 -2.21 -12.57
CA ARG A 14 12.80 -3.61 -12.94
C ARG A 14 11.45 -4.28 -13.17
N ASN A 15 10.54 -4.09 -12.22
CA ASN A 15 9.21 -4.68 -12.31
C ASN A 15 8.15 -3.61 -12.58
N GLY A 16 8.44 -2.75 -13.56
CA GLY A 16 7.51 -1.69 -13.90
C GLY A 16 6.10 -2.21 -14.17
N PRO A 17 5.94 -2.93 -15.29
CA PRO A 17 4.65 -3.50 -15.68
C PRO A 17 4.01 -4.31 -14.56
N ALA A 18 4.80 -5.20 -13.96
CA ALA A 18 4.31 -6.04 -12.87
C ALA A 18 3.73 -5.20 -11.74
N LEU A 19 4.46 -4.15 -11.35
CA LEU A 19 4.02 -3.27 -10.28
C LEU A 19 2.74 -2.54 -10.68
N GLN A 20 2.73 -2.01 -11.91
CA GLN A 20 1.57 -1.28 -12.41
C GLN A 20 0.35 -2.19 -12.49
N GLU A 21 0.59 -3.49 -12.70
CA GLU A 21 -0.49 -4.46 -12.80
C GLU A 21 -1.24 -4.58 -11.48
N ALA A 22 -0.48 -4.77 -10.40
CA ALA A 22 -1.07 -4.90 -9.07
C ALA A 22 -1.88 -3.67 -8.70
N TYR A 23 -1.60 -2.56 -9.37
CA TYR A 23 -2.31 -1.31 -9.11
C TYR A 23 -3.53 -1.18 -10.01
N VAL A 24 -3.31 -1.32 -11.31
CA VAL A 24 -4.39 -1.22 -12.29
C VAL A 24 -5.41 -2.33 -12.10
N ARG A 25 -4.98 -3.41 -11.46
CA ARG A 25 -5.86 -4.55 -11.21
C ARG A 25 -6.86 -4.23 -10.11
N VAL A 26 -6.37 -3.72 -8.99
CA VAL A 26 -7.22 -3.37 -7.87
C VAL A 26 -8.31 -2.40 -8.28
N VAL A 27 -7.93 -1.40 -9.07
CA VAL A 27 -8.89 -0.40 -9.55
C VAL A 27 -9.86 -1.00 -10.56
N THR A 28 -9.44 -2.07 -11.21
CA THR A 28 -10.27 -2.75 -12.20
C THR A 28 -11.12 -3.85 -11.55
N GLU A 29 -12.43 -3.74 -11.71
CA GLU A 29 -13.35 -4.73 -11.14
C GLU A 29 -13.48 -5.94 -12.06
N LYS A 30 -13.18 -5.75 -13.34
CA LYS A 30 -13.27 -6.82 -14.32
C LYS A 30 -12.49 -8.05 -13.85
N SER A 31 -11.21 -7.86 -13.56
CA SER A 31 -10.36 -8.95 -13.10
C SER A 31 -10.48 -9.14 -11.60
N PRO A 32 -10.05 -10.31 -11.11
CA PRO A 32 -10.11 -10.65 -9.69
C PRO A 32 -8.96 -10.02 -8.90
N THR A 33 -9.24 -8.89 -8.24
CA THR A 33 -8.23 -8.19 -7.46
C THR A 33 -8.89 -7.23 -6.46
N ASP A 34 -8.96 -7.65 -5.20
CA ASP A 34 -9.55 -6.83 -4.16
C ASP A 34 -8.48 -6.08 -3.38
N TRP A 35 -7.27 -6.64 -3.36
CA TRP A 35 -6.15 -6.02 -2.65
C TRP A 35 -4.86 -6.17 -3.44
N ALA A 36 -3.79 -5.60 -2.91
CA ALA A 36 -2.48 -5.68 -3.56
C ALA A 36 -1.37 -5.20 -2.63
N LEU A 37 -0.44 -6.09 -2.33
CA LEU A 37 0.68 -5.74 -1.45
C LEU A 37 1.94 -5.47 -2.25
N PHE A 38 2.83 -4.65 -1.69
CA PHE A 38 4.08 -4.31 -2.35
C PHE A 38 5.23 -4.24 -1.35
N THR A 39 6.26 -5.05 -1.58
CA THR A 39 7.42 -5.08 -0.70
C THR A 39 8.71 -5.06 -1.50
N TYR A 40 9.82 -4.80 -0.81
CA TYR A 40 11.12 -4.76 -1.44
C TYR A 40 11.55 -6.14 -1.93
N GLU A 41 12.61 -6.17 -2.74
CA GLU A 41 13.12 -7.43 -3.27
C GLU A 41 14.14 -8.05 -2.33
N GLY A 42 15.24 -7.31 -2.11
CA GLY A 42 16.29 -7.81 -1.23
C GLY A 42 16.71 -6.77 -0.22
N ASN A 43 17.98 -6.38 -0.25
CA ASN A 43 18.52 -5.39 0.67
C ASN A 43 18.87 -4.10 -0.05
N SER A 44 18.11 -3.79 -1.11
CA SER A 44 18.34 -2.58 -1.88
C SER A 44 17.02 -1.94 -2.28
N ASN A 45 17.10 -0.72 -2.81
CA ASN A 45 15.92 0.01 -3.25
C ASN A 45 15.35 -0.57 -4.53
N ASP A 46 14.22 -1.25 -4.42
CA ASP A 46 13.56 -1.85 -5.58
C ASP A 46 12.25 -2.53 -5.18
N ILE A 47 11.19 -1.73 -5.07
CA ILE A 47 9.88 -2.24 -4.70
C ILE A 47 9.37 -3.24 -5.74
N ARG A 48 8.67 -4.26 -5.27
CA ARG A 48 8.12 -5.28 -6.16
C ARG A 48 6.87 -5.91 -5.55
N VAL A 49 6.04 -6.51 -6.40
CA VAL A 49 4.81 -7.15 -5.95
C VAL A 49 5.09 -8.14 -4.82
N ALA A 50 4.16 -8.22 -3.87
CA ALA A 50 4.31 -9.13 -2.74
C ALA A 50 3.15 -10.11 -2.66
N GLY A 51 1.96 -9.64 -3.06
CA GLY A 51 0.79 -10.50 -3.03
C GLY A 51 -0.43 -9.82 -3.61
N THR A 52 -1.27 -10.60 -4.30
CA THR A 52 -2.47 -10.06 -4.92
C THR A 52 -3.57 -11.13 -4.99
N GLY A 53 -4.80 -10.72 -4.71
CA GLY A 53 -5.92 -11.65 -4.75
C GLY A 53 -7.25 -10.97 -4.47
N GLU A 54 -8.33 -11.73 -4.60
CA GLU A 54 -9.67 -11.19 -4.36
C GLU A 54 -10.21 -11.67 -3.02
N GLY A 55 -9.31 -11.98 -2.10
CA GLY A 55 -9.71 -12.45 -0.78
C GLY A 55 -10.30 -11.34 0.07
N GLY A 56 -10.00 -10.09 -0.30
CA GLY A 56 -10.51 -8.95 0.45
C GLY A 56 -9.48 -8.38 1.40
N LEU A 57 -9.93 -7.95 2.58
CA LEU A 57 -9.05 -7.38 3.58
C LEU A 57 -8.53 -8.44 4.53
N GLU A 58 -9.31 -9.51 4.69
CA GLU A 58 -8.93 -10.61 5.57
C GLU A 58 -7.65 -11.28 5.08
N GLU A 59 -7.45 -11.26 3.77
CA GLU A 59 -6.25 -11.88 3.17
C GLU A 59 -5.10 -10.89 3.13
N MET A 60 -5.41 -9.64 2.78
CA MET A 60 -4.39 -8.59 2.70
C MET A 60 -3.62 -8.49 4.01
N VAL A 61 -4.34 -8.40 5.12
CA VAL A 61 -3.72 -8.31 6.43
C VAL A 61 -2.95 -9.57 6.78
N GLU A 62 -3.36 -10.69 6.20
CA GLU A 62 -2.71 -11.96 6.45
C GLU A 62 -1.32 -12.01 5.79
N GLU A 63 -1.16 -11.22 4.73
CA GLU A 63 0.11 -11.17 4.02
C GLU A 63 1.08 -10.21 4.70
N LEU A 64 0.54 -9.14 5.29
CA LEU A 64 1.35 -8.14 5.97
C LEU A 64 2.27 -8.80 6.99
N ASN A 65 3.58 -8.65 6.80
CA ASN A 65 4.56 -9.22 7.70
C ASN A 65 5.10 -8.17 8.67
N SER A 66 4.87 -8.38 9.96
CA SER A 66 5.34 -7.45 10.98
C SER A 66 6.86 -7.47 11.09
N GLY A 67 7.52 -6.54 10.42
CA GLY A 67 8.96 -6.47 10.45
C GLY A 67 9.54 -5.81 9.21
N LYS A 68 8.75 -5.77 8.14
CA LYS A 68 9.20 -5.17 6.89
C LYS A 68 8.16 -4.19 6.37
N VAL A 69 8.63 -3.03 5.91
CA VAL A 69 7.75 -1.99 5.38
C VAL A 69 7.12 -2.43 4.06
N MET A 70 5.80 -2.30 3.98
CA MET A 70 5.07 -2.68 2.77
C MET A 70 3.92 -1.71 2.50
N TYR A 71 3.28 -1.88 1.35
CA TYR A 71 2.17 -1.02 0.97
C TYR A 71 0.96 -1.84 0.55
N ALA A 72 -0.19 -1.54 1.14
CA ALA A 72 -1.43 -2.24 0.82
C ALA A 72 -2.37 -1.36 0.01
N PHE A 73 -3.10 -1.98 -0.92
CA PHE A 73 -4.05 -1.26 -1.76
C PHE A 73 -5.33 -2.07 -1.97
N CYS A 74 -6.33 -1.81 -1.14
CA CYS A 74 -7.59 -2.52 -1.23
C CYS A 74 -8.63 -1.67 -1.96
N ARG A 75 -9.77 -2.29 -2.27
CA ARG A 75 -10.84 -1.59 -2.98
C ARG A 75 -12.21 -1.94 -2.38
N VAL A 76 -12.82 -0.97 -1.71
CA VAL A 76 -14.12 -1.18 -1.09
C VAL A 76 -15.12 -0.10 -1.53
N LYS A 77 -16.40 -0.34 -1.26
CA LYS A 77 -17.44 0.60 -1.63
C LYS A 77 -17.99 1.31 -0.40
N ASP A 78 -18.16 2.62 -0.50
CA ASP A 78 -18.68 3.42 0.60
C ASP A 78 -20.00 2.85 1.11
N PRO A 79 -20.40 3.26 2.32
CA PRO A 79 -21.65 2.80 2.94
C PRO A 79 -22.87 3.45 2.31
N ASN A 80 -22.83 4.77 2.17
CA ASN A 80 -23.94 5.51 1.58
C ASN A 80 -23.66 5.84 0.12
N SER A 81 -22.47 6.38 -0.15
CA SER A 81 -22.08 6.75 -1.50
C SER A 81 -22.16 5.53 -2.44
N GLY A 82 -21.86 4.36 -1.90
CA GLY A 82 -21.91 3.15 -2.70
C GLY A 82 -20.96 3.21 -3.89
N LEU A 83 -19.95 4.07 -3.80
CA LEU A 83 -18.98 4.21 -4.87
C LEU A 83 -17.66 3.54 -4.50
N PRO A 84 -16.91 3.12 -5.52
CA PRO A 84 -15.61 2.46 -5.34
C PRO A 84 -14.54 3.42 -4.81
N LYS A 85 -14.14 3.22 -3.57
CA LYS A 85 -13.13 4.07 -2.94
C LYS A 85 -11.86 3.28 -2.67
N PHE A 86 -10.73 3.82 -3.11
CA PHE A 86 -9.44 3.16 -2.91
C PHE A 86 -8.79 3.63 -1.61
N VAL A 87 -8.33 2.68 -0.80
CA VAL A 87 -7.68 3.00 0.46
C VAL A 87 -6.18 2.74 0.39
N LEU A 88 -5.41 3.60 1.07
CA LEU A 88 -3.95 3.45 1.08
C LEU A 88 -3.44 3.28 2.51
N ILE A 89 -2.71 2.19 2.73
CA ILE A 89 -2.16 1.90 4.05
C ILE A 89 -0.64 1.78 3.99
N ASN A 90 0.05 2.50 4.88
CA ASN A 90 1.50 2.47 4.92
C ASN A 90 1.99 1.49 5.99
N TRP A 91 1.92 0.20 5.67
CA TRP A 91 2.36 -0.83 6.60
C TRP A 91 3.77 -0.55 7.10
N THR A 92 3.92 -0.52 8.43
CA THR A 92 5.21 -0.26 9.04
C THR A 92 5.46 -1.19 10.23
N GLY A 93 6.09 -2.33 9.95
CA GLY A 93 6.38 -3.28 11.02
C GLY A 93 7.09 -2.65 12.19
N GLU A 94 6.63 -2.97 13.40
CA GLU A 94 7.23 -2.43 14.61
C GLU A 94 8.65 -2.95 14.80
N GLY A 95 8.90 -4.16 14.32
CA GLY A 95 10.22 -4.75 14.44
C GLY A 95 11.29 -3.92 13.77
N VAL A 96 10.88 -3.05 12.86
CA VAL A 96 11.83 -2.19 12.15
C VAL A 96 12.37 -1.10 13.07
N ASN A 97 13.70 -1.05 13.18
CA ASN A 97 14.36 -0.07 14.02
C ASN A 97 13.94 1.35 13.64
N ASP A 98 14.40 2.33 14.41
CA ASP A 98 14.07 3.73 14.14
C ASP A 98 14.89 4.26 12.97
N VAL A 99 16.17 3.94 12.95
CA VAL A 99 17.06 4.38 11.88
C VAL A 99 16.55 3.92 10.52
N ARG A 100 15.80 2.83 10.52
CA ARG A 100 15.25 2.29 9.28
C ARG A 100 13.86 2.87 8.99
N LYS A 101 13.05 2.98 10.03
CA LYS A 101 11.70 3.52 9.90
C LYS A 101 11.73 4.87 9.19
N GLY A 102 12.67 5.72 9.57
CA GLY A 102 12.79 7.03 8.96
C GLY A 102 13.33 6.97 7.55
N ALA A 103 14.16 5.95 7.28
CA ALA A 103 14.74 5.79 5.95
C ALA A 103 13.70 5.35 4.94
N CYS A 104 12.75 4.52 5.38
CA CYS A 104 11.69 4.05 4.51
C CYS A 104 10.69 5.15 4.20
N ALA A 105 10.54 6.08 5.13
CA ALA A 105 9.61 7.19 4.97
C ALA A 105 9.92 7.96 3.69
N SER A 106 11.20 8.09 3.38
CA SER A 106 11.63 8.83 2.19
C SER A 106 11.08 8.16 0.92
N HIS A 107 10.90 6.85 0.98
CA HIS A 107 10.39 6.10 -0.15
C HIS A 107 8.87 6.27 -0.29
N VAL A 108 8.21 6.50 0.85
CA VAL A 108 6.76 6.69 0.86
C VAL A 108 6.34 7.77 -0.11
N SER A 109 7.18 8.81 -0.23
CA SER A 109 6.88 9.92 -1.12
C SER A 109 6.78 9.44 -2.57
N THR A 110 7.53 8.40 -2.90
CA THR A 110 7.53 7.84 -4.25
C THR A 110 6.38 6.86 -4.43
N MET A 111 6.26 5.91 -3.50
CA MET A 111 5.21 4.90 -3.56
C MET A 111 3.84 5.56 -3.54
N ALA A 112 3.66 6.52 -2.63
CA ALA A 112 2.40 7.23 -2.50
C ALA A 112 1.92 7.76 -3.85
N SER A 113 2.85 8.35 -4.60
CA SER A 113 2.53 8.91 -5.90
C SER A 113 2.14 7.82 -6.89
N PHE A 114 2.81 6.68 -6.78
CA PHE A 114 2.54 5.55 -7.67
C PHE A 114 1.12 5.03 -7.47
N LEU A 115 0.74 4.80 -6.21
CA LEU A 115 -0.59 4.30 -5.89
C LEU A 115 -1.59 5.45 -5.80
N LYS A 116 -1.70 6.22 -6.88
CA LYS A 116 -2.62 7.34 -6.94
C LYS A 116 -4.07 6.87 -6.90
N GLY A 117 -4.99 7.81 -6.75
CA GLY A 117 -6.40 7.47 -6.70
C GLY A 117 -6.89 7.23 -5.28
N ALA A 118 -5.96 6.96 -4.38
CA ALA A 118 -6.31 6.71 -2.98
C ALA A 118 -7.19 7.82 -2.42
N HIS A 119 -8.42 7.48 -2.09
CA HIS A 119 -9.38 8.44 -1.55
C HIS A 119 -9.03 8.79 -0.11
N VAL A 120 -8.37 7.86 0.58
CA VAL A 120 -7.98 8.06 1.97
C VAL A 120 -6.68 7.34 2.29
N THR A 121 -5.85 7.96 3.13
CA THR A 121 -4.58 7.37 3.52
C THR A 121 -4.54 7.09 5.01
N ILE A 122 -3.86 6.00 5.39
CA ILE A 122 -3.75 5.62 6.79
C ILE A 122 -2.35 5.08 7.10
N ASN A 123 -1.78 5.55 8.20
CA ASN A 123 -0.45 5.11 8.62
C ASN A 123 -0.53 4.14 9.79
N ALA A 124 -0.59 2.85 9.49
CA ALA A 124 -0.66 1.83 10.52
C ALA A 124 0.67 1.11 10.68
N ARG A 125 0.74 0.20 11.64
CA ARG A 125 1.95 -0.56 11.91
C ARG A 125 1.63 -1.99 12.32
N ALA A 126 0.63 -2.15 13.17
CA ALA A 126 0.22 -3.46 13.64
C ALA A 126 -0.96 -3.99 12.83
N GLU A 127 -1.24 -5.28 12.97
CA GLU A 127 -2.34 -5.91 12.25
C GLU A 127 -3.68 -5.41 12.77
N GLU A 128 -3.70 -4.98 14.03
CA GLU A 128 -4.93 -4.49 14.64
C GLU A 128 -5.29 -3.11 14.10
N ASP A 129 -4.28 -2.39 13.59
CA ASP A 129 -4.50 -1.06 13.04
C ASP A 129 -4.68 -1.12 11.53
N VAL A 130 -5.13 -2.27 11.04
CA VAL A 130 -5.34 -2.46 9.60
C VAL A 130 -6.46 -3.47 9.35
N GLU A 131 -7.38 -3.58 10.30
CA GLU A 131 -8.50 -4.51 10.17
C GLU A 131 -9.58 -3.93 9.26
N PRO A 132 -10.47 -4.80 8.77
CA PRO A 132 -11.56 -4.41 7.89
C PRO A 132 -12.32 -3.19 8.40
N GLU A 133 -12.79 -3.27 9.64
CA GLU A 133 -13.52 -2.17 10.25
C GLU A 133 -12.62 -0.96 10.46
N CYS A 134 -11.35 -1.21 10.73
CA CYS A 134 -10.38 -0.15 10.95
C CYS A 134 -10.20 0.70 9.69
N ILE A 135 -10.46 0.10 8.54
CA ILE A 135 -10.34 0.79 7.26
C ILE A 135 -11.69 1.30 6.77
N MET A 136 -12.72 0.47 6.93
CA MET A 136 -14.07 0.84 6.50
C MET A 136 -14.59 2.01 7.32
N GLU A 137 -14.08 2.15 8.54
CA GLU A 137 -14.49 3.23 9.43
C GLU A 137 -14.05 4.58 8.89
N LYS A 138 -12.98 4.58 8.11
CA LYS A 138 -12.45 5.81 7.51
C LYS A 138 -13.00 6.01 6.11
N VAL A 139 -13.34 4.92 5.45
CA VAL A 139 -13.88 4.99 4.09
C VAL A 139 -15.19 5.76 4.06
N ALA A 140 -15.98 5.62 5.11
CA ALA A 140 -17.26 6.31 5.21
C ALA A 140 -17.07 7.81 5.34
N SER A 141 -15.94 8.22 5.92
CA SER A 141 -15.63 9.63 6.11
C SER A 141 -15.07 10.24 4.82
N GLY A 142 -15.90 11.01 4.13
CA GLY A 142 -15.47 11.64 2.89
C GLY A 142 -15.37 13.15 3.01
N PRO A 143 -14.86 13.80 1.95
CA PRO A 143 -14.70 15.26 1.93
C PRO A 143 -15.96 15.99 2.36
N SER A 144 -15.81 16.95 3.26
CA SER A 144 -16.94 17.73 3.76
C SER A 144 -16.51 19.14 4.12
N SER A 145 -17.13 20.12 3.48
CA SER A 145 -16.82 21.53 3.73
C SER A 145 -18.00 22.42 3.39
N GLY A 146 -18.37 23.29 4.33
CA GLY A 146 -19.48 24.19 4.11
C GLY A 146 -19.51 25.33 5.11
N GLY A 1 28.95 8.92 -17.19
CA GLY A 1 27.91 8.44 -16.30
C GLY A 1 27.94 6.94 -16.12
N SER A 2 27.80 6.49 -14.87
CA SER A 2 27.82 5.06 -14.58
C SER A 2 26.56 4.65 -13.80
N SER A 3 26.38 3.35 -13.62
CA SER A 3 25.23 2.83 -12.90
C SER A 3 25.42 2.97 -11.39
N GLY A 4 24.34 3.31 -10.69
CA GLY A 4 24.40 3.48 -9.25
C GLY A 4 24.73 4.90 -8.85
N SER A 5 25.16 5.07 -7.60
CA SER A 5 25.50 6.40 -7.10
C SER A 5 24.28 7.31 -7.07
N SER A 6 23.11 6.70 -6.86
CA SER A 6 21.86 7.45 -6.83
C SER A 6 21.44 7.73 -5.39
N GLY A 7 20.47 8.63 -5.23
CA GLY A 7 20.00 8.98 -3.90
C GLY A 7 19.20 7.86 -3.26
N MET A 8 18.60 8.15 -2.11
CA MET A 8 17.79 7.15 -1.40
C MET A 8 16.32 7.30 -1.74
N ALA A 9 15.91 6.68 -2.85
CA ALA A 9 14.52 6.74 -3.29
C ALA A 9 14.04 5.38 -3.80
N ALA A 10 12.76 5.09 -3.58
CA ALA A 10 12.19 3.82 -4.01
C ALA A 10 12.23 3.69 -5.53
N ASN A 11 12.68 2.53 -6.01
CA ASN A 11 12.77 2.28 -7.45
C ASN A 11 11.63 1.38 -7.91
N LEU A 12 11.03 1.76 -9.03
CA LEU A 12 9.91 0.98 -9.59
C LEU A 12 10.06 0.82 -11.10
N SER A 13 11.31 0.72 -11.56
CA SER A 13 11.59 0.56 -12.98
C SER A 13 11.75 -0.91 -13.35
N ARG A 14 12.53 -1.63 -12.55
CA ARG A 14 12.76 -3.05 -12.79
C ARG A 14 11.45 -3.80 -12.96
N ASN A 15 10.55 -3.67 -11.99
CA ASN A 15 9.26 -4.33 -12.03
C ASN A 15 8.15 -3.34 -12.35
N GLY A 16 8.38 -2.51 -13.37
CA GLY A 16 7.39 -1.53 -13.76
C GLY A 16 6.03 -2.15 -14.05
N PRO A 17 5.94 -2.91 -15.16
CA PRO A 17 4.70 -3.57 -15.57
C PRO A 17 4.09 -4.40 -14.44
N ALA A 18 4.94 -5.15 -13.75
CA ALA A 18 4.50 -6.00 -12.65
C ALA A 18 3.85 -5.17 -11.55
N LEU A 19 4.54 -4.11 -11.13
CA LEU A 19 4.03 -3.24 -10.08
C LEU A 19 2.75 -2.53 -10.53
N GLN A 20 2.77 -1.98 -11.74
CA GLN A 20 1.61 -1.29 -12.28
C GLN A 20 0.41 -2.23 -12.38
N GLU A 21 0.69 -3.52 -12.56
CA GLU A 21 -0.37 -4.51 -12.68
C GLU A 21 -1.12 -4.67 -11.35
N ALA A 22 -0.37 -4.84 -10.27
CA ALA A 22 -0.96 -5.00 -8.95
C ALA A 22 -1.81 -3.78 -8.58
N TYR A 23 -1.53 -2.66 -9.23
CA TYR A 23 -2.26 -1.43 -8.97
C TYR A 23 -3.47 -1.31 -9.88
N VAL A 24 -3.24 -1.43 -11.18
CA VAL A 24 -4.31 -1.33 -12.17
C VAL A 24 -5.32 -2.47 -12.00
N ARG A 25 -4.88 -3.55 -11.35
CA ARG A 25 -5.73 -4.70 -11.13
C ARG A 25 -6.78 -4.40 -10.05
N VAL A 26 -6.31 -3.86 -8.93
CA VAL A 26 -7.20 -3.53 -7.81
C VAL A 26 -8.31 -2.58 -8.27
N VAL A 27 -7.94 -1.58 -9.05
CA VAL A 27 -8.90 -0.60 -9.55
C VAL A 27 -9.84 -1.23 -10.58
N THR A 28 -9.38 -2.30 -11.22
CA THR A 28 -10.17 -3.00 -12.23
C THR A 28 -11.00 -4.10 -11.59
N GLU A 29 -12.32 -3.91 -11.60
CA GLU A 29 -13.23 -4.90 -11.02
C GLU A 29 -13.35 -6.12 -11.93
N LYS A 30 -13.04 -5.93 -13.21
CA LYS A 30 -13.12 -7.01 -14.18
C LYS A 30 -12.34 -8.24 -13.70
N SER A 31 -11.07 -8.03 -13.37
CA SER A 31 -10.22 -9.12 -12.89
C SER A 31 -10.35 -9.28 -11.37
N PRO A 32 -9.92 -10.44 -10.86
CA PRO A 32 -9.96 -10.75 -9.43
C PRO A 32 -8.83 -10.10 -8.66
N THR A 33 -9.10 -8.97 -8.03
CA THR A 33 -8.10 -8.24 -7.26
C THR A 33 -8.75 -7.27 -6.29
N ASP A 34 -8.86 -7.68 -5.03
CA ASP A 34 -9.46 -6.84 -4.00
C ASP A 34 -8.38 -6.07 -3.24
N TRP A 35 -7.18 -6.61 -3.21
CA TRP A 35 -6.07 -5.96 -2.52
C TRP A 35 -4.77 -6.12 -3.31
N ALA A 36 -3.70 -5.54 -2.79
CA ALA A 36 -2.39 -5.61 -3.44
C ALA A 36 -1.28 -5.15 -2.51
N LEU A 37 -0.36 -6.06 -2.21
CA LEU A 37 0.77 -5.75 -1.33
C LEU A 37 2.03 -5.47 -2.13
N PHE A 38 2.88 -4.58 -1.62
CA PHE A 38 4.12 -4.25 -2.28
C PHE A 38 5.28 -4.16 -1.27
N THR A 39 6.30 -4.97 -1.50
CA THR A 39 7.45 -4.99 -0.62
C THR A 39 8.76 -4.95 -1.41
N TYR A 40 9.86 -4.69 -0.72
CA TYR A 40 11.17 -4.62 -1.36
C TYR A 40 11.60 -6.00 -1.86
N GLU A 41 12.67 -6.02 -2.66
CA GLU A 41 13.18 -7.27 -3.21
C GLU A 41 14.14 -7.94 -2.23
N GLY A 42 15.17 -7.20 -1.80
CA GLY A 42 16.14 -7.74 -0.87
C GLY A 42 16.76 -6.67 0.00
N ASN A 43 18.09 -6.61 0.01
CA ASN A 43 18.80 -5.62 0.80
C ASN A 43 19.16 -4.39 -0.04
N SER A 44 18.24 -3.97 -0.88
CA SER A 44 18.47 -2.81 -1.75
C SER A 44 17.17 -2.07 -2.03
N ASN A 45 17.28 -0.87 -2.56
CA ASN A 45 16.11 -0.05 -2.88
C ASN A 45 15.47 -0.51 -4.18
N ASP A 46 14.30 -1.15 -4.06
CA ASP A 46 13.57 -1.64 -5.22
C ASP A 46 12.27 -2.30 -4.81
N ILE A 47 11.17 -1.57 -4.94
CA ILE A 47 9.85 -2.08 -4.59
C ILE A 47 9.34 -3.07 -5.63
N ARG A 48 8.67 -4.11 -5.17
CA ARG A 48 8.13 -5.13 -6.07
C ARG A 48 6.89 -5.80 -5.46
N VAL A 49 6.08 -6.40 -6.31
CA VAL A 49 4.86 -7.07 -5.85
C VAL A 49 5.17 -8.05 -4.73
N ALA A 50 4.25 -8.17 -3.78
CA ALA A 50 4.42 -9.08 -2.65
C ALA A 50 3.27 -10.06 -2.56
N GLY A 51 2.07 -9.61 -2.92
CA GLY A 51 0.90 -10.46 -2.86
C GLY A 51 -0.33 -9.81 -3.45
N THR A 52 -1.16 -10.60 -4.11
CA THR A 52 -2.39 -10.09 -4.73
C THR A 52 -3.48 -11.15 -4.77
N GLY A 53 -4.71 -10.74 -4.48
CA GLY A 53 -5.82 -11.67 -4.48
C GLY A 53 -7.15 -10.99 -4.21
N GLU A 54 -8.23 -11.75 -4.33
CA GLU A 54 -9.57 -11.21 -4.10
C GLU A 54 -10.11 -11.65 -2.75
N GLY A 55 -9.20 -11.94 -1.82
CA GLY A 55 -9.62 -12.38 -0.50
C GLY A 55 -10.24 -11.27 0.31
N GLY A 56 -9.92 -10.03 -0.04
CA GLY A 56 -10.47 -8.89 0.66
C GLY A 56 -9.47 -8.28 1.63
N LEU A 57 -9.96 -7.79 2.77
CA LEU A 57 -9.11 -7.17 3.77
C LEU A 57 -8.57 -8.22 4.74
N GLU A 58 -9.29 -9.32 4.89
CA GLU A 58 -8.89 -10.39 5.77
C GLU A 58 -7.65 -11.11 5.24
N GLU A 59 -7.54 -11.17 3.92
CA GLU A 59 -6.40 -11.82 3.28
C GLU A 59 -5.28 -10.82 3.02
N MET A 60 -5.65 -9.56 2.88
CA MET A 60 -4.67 -8.51 2.62
C MET A 60 -3.74 -8.31 3.83
N VAL A 61 -4.32 -8.34 5.02
CA VAL A 61 -3.55 -8.18 6.25
C VAL A 61 -2.81 -9.46 6.61
N GLU A 62 -3.34 -10.60 6.15
CA GLU A 62 -2.72 -11.89 6.42
C GLU A 62 -1.31 -11.96 5.82
N GLU A 63 -1.09 -11.18 4.77
CA GLU A 63 0.21 -11.16 4.10
C GLU A 63 1.19 -10.25 4.85
N LEU A 64 0.65 -9.20 5.47
CA LEU A 64 1.48 -8.26 6.22
C LEU A 64 2.37 -8.99 7.22
N ASN A 65 3.67 -8.77 7.10
CA ASN A 65 4.64 -9.41 7.99
C ASN A 65 5.26 -8.38 8.94
N SER A 66 4.93 -8.50 10.22
CA SER A 66 5.44 -7.58 11.22
C SER A 66 6.96 -7.65 11.28
N GLY A 67 7.62 -6.68 10.65
CA GLY A 67 9.07 -6.65 10.64
C GLY A 67 9.63 -5.93 9.42
N LYS A 68 8.81 -5.81 8.39
CA LYS A 68 9.22 -5.15 7.15
C LYS A 68 8.17 -4.15 6.69
N VAL A 69 8.62 -3.08 6.03
CA VAL A 69 7.71 -2.05 5.53
C VAL A 69 7.08 -2.48 4.21
N MET A 70 5.75 -2.37 4.14
CA MET A 70 5.02 -2.74 2.94
C MET A 70 3.87 -1.78 2.69
N TYR A 71 3.27 -1.88 1.51
CA TYR A 71 2.15 -1.01 1.13
C TYR A 71 0.96 -1.83 0.68
N ALA A 72 -0.21 -1.56 1.26
CA ALA A 72 -1.43 -2.27 0.90
C ALA A 72 -2.37 -1.37 0.10
N PHE A 73 -3.02 -1.96 -0.89
CA PHE A 73 -3.96 -1.21 -1.73
C PHE A 73 -5.25 -2.00 -1.94
N CYS A 74 -6.25 -1.73 -1.11
CA CYS A 74 -7.53 -2.41 -1.20
C CYS A 74 -8.54 -1.57 -1.96
N ARG A 75 -9.71 -2.15 -2.25
CA ARG A 75 -10.76 -1.45 -2.97
C ARG A 75 -12.13 -1.85 -2.45
N VAL A 76 -12.80 -0.91 -1.78
CA VAL A 76 -14.13 -1.17 -1.23
C VAL A 76 -15.11 -0.09 -1.67
N LYS A 77 -16.37 -0.24 -1.26
CA LYS A 77 -17.41 0.71 -1.60
C LYS A 77 -17.88 1.48 -0.37
N ASP A 78 -18.13 2.77 -0.54
CA ASP A 78 -18.58 3.62 0.56
C ASP A 78 -20.00 3.25 0.99
N PRO A 79 -20.38 3.69 2.20
CA PRO A 79 -21.72 3.42 2.74
C PRO A 79 -22.80 4.27 2.09
N ASN A 80 -22.54 5.56 1.98
CA ASN A 80 -23.50 6.49 1.38
C ASN A 80 -23.27 6.60 -0.12
N SER A 81 -22.03 6.92 -0.51
CA SER A 81 -21.69 7.07 -1.91
C SER A 81 -21.91 5.76 -2.66
N GLY A 82 -21.62 4.64 -2.00
CA GLY A 82 -21.79 3.34 -2.61
C GLY A 82 -20.94 3.17 -3.85
N LEU A 83 -19.88 3.99 -3.96
CA LEU A 83 -18.99 3.92 -5.12
C LEU A 83 -17.66 3.27 -4.73
N PRO A 84 -16.99 2.66 -5.71
CA PRO A 84 -15.70 1.99 -5.50
C PRO A 84 -14.58 2.99 -5.21
N LYS A 85 -14.14 3.01 -3.95
CA LYS A 85 -13.06 3.91 -3.54
C LYS A 85 -11.77 3.15 -3.30
N PHE A 86 -10.66 3.89 -3.21
CA PHE A 86 -9.36 3.28 -2.98
C PHE A 86 -8.76 3.74 -1.65
N VAL A 87 -8.10 2.82 -0.96
CA VAL A 87 -7.48 3.13 0.33
C VAL A 87 -5.99 2.83 0.31
N LEU A 88 -5.22 3.66 1.01
CA LEU A 88 -3.77 3.47 1.07
C LEU A 88 -3.31 3.28 2.51
N ILE A 89 -2.69 2.14 2.78
CA ILE A 89 -2.19 1.82 4.12
C ILE A 89 -0.67 1.66 4.12
N ASN A 90 -0.02 2.36 5.03
CA ASN A 90 1.45 2.29 5.14
C ASN A 90 1.86 1.29 6.22
N TRP A 91 1.82 0.01 5.88
CA TRP A 91 2.20 -1.04 6.82
C TRP A 91 3.57 -0.76 7.43
N THR A 92 3.63 -0.76 8.76
CA THR A 92 4.88 -0.50 9.47
C THR A 92 5.04 -1.45 10.66
N GLY A 93 5.47 -2.68 10.38
CA GLY A 93 5.66 -3.65 11.44
C GLY A 93 6.53 -3.13 12.56
N GLU A 94 6.62 -3.90 13.64
CA GLU A 94 7.42 -3.50 14.80
C GLU A 94 8.84 -4.01 14.68
N GLY A 95 8.99 -5.22 14.11
CA GLY A 95 10.30 -5.81 13.95
C GLY A 95 11.27 -4.87 13.25
N VAL A 96 10.78 -4.16 12.24
CA VAL A 96 11.61 -3.23 11.49
C VAL A 96 12.24 -2.19 12.41
N ASN A 97 13.56 -2.09 12.38
CA ASN A 97 14.28 -1.13 13.21
C ASN A 97 13.85 0.30 12.88
N ASP A 98 14.26 1.24 13.73
CA ASP A 98 13.91 2.64 13.53
C ASP A 98 14.77 3.26 12.43
N VAL A 99 15.99 2.76 12.29
CA VAL A 99 16.90 3.26 11.26
C VAL A 99 16.31 3.08 9.87
N ARG A 100 15.42 2.10 9.73
CA ARG A 100 14.78 1.83 8.44
C ARG A 100 13.51 2.65 8.29
N LYS A 101 12.72 2.72 9.35
CA LYS A 101 11.47 3.47 9.34
C LYS A 101 11.71 4.92 8.95
N GLY A 102 12.89 5.43 9.27
CA GLY A 102 13.23 6.81 8.96
C GLY A 102 13.80 6.95 7.56
N ALA A 103 14.29 5.85 7.01
CA ALA A 103 14.87 5.85 5.66
C ALA A 103 13.80 5.60 4.61
N CYS A 104 12.73 4.91 5.00
CA CYS A 104 11.64 4.60 4.08
C CYS A 104 10.70 5.79 3.92
N ALA A 105 10.67 6.66 4.94
CA ALA A 105 9.81 7.84 4.90
C ALA A 105 10.04 8.64 3.61
N SER A 106 11.30 8.76 3.22
CA SER A 106 11.65 9.50 2.01
C SER A 106 11.16 8.78 0.76
N HIS A 107 11.07 7.45 0.85
CA HIS A 107 10.62 6.64 -0.27
C HIS A 107 9.09 6.70 -0.40
N VAL A 108 8.41 6.81 0.73
CA VAL A 108 6.95 6.89 0.74
C VAL A 108 6.44 7.96 -0.22
N SER A 109 7.21 9.04 -0.34
CA SER A 109 6.84 10.14 -1.22
C SER A 109 6.66 9.65 -2.66
N THR A 110 7.48 8.70 -3.07
CA THR A 110 7.41 8.15 -4.41
C THR A 110 6.29 7.11 -4.52
N MET A 111 6.23 6.22 -3.54
CA MET A 111 5.21 5.18 -3.52
C MET A 111 3.82 5.78 -3.52
N ALA A 112 3.60 6.78 -2.66
CA ALA A 112 2.31 7.44 -2.55
C ALA A 112 1.82 7.92 -3.92
N SER A 113 2.74 8.49 -4.70
CA SER A 113 2.41 8.99 -6.03
C SER A 113 2.00 7.84 -6.95
N PHE A 114 2.78 6.77 -6.93
CA PHE A 114 2.50 5.61 -7.76
C PHE A 114 1.09 5.08 -7.52
N LEU A 115 0.79 4.77 -6.26
CA LEU A 115 -0.53 4.26 -5.89
C LEU A 115 -1.55 5.40 -5.78
N LYS A 116 -1.73 6.12 -6.88
CA LYS A 116 -2.68 7.23 -6.92
C LYS A 116 -4.11 6.74 -6.79
N GLY A 117 -5.05 7.66 -6.65
CA GLY A 117 -6.44 7.30 -6.53
C GLY A 117 -6.88 7.13 -5.08
N ALA A 118 -5.90 6.92 -4.20
CA ALA A 118 -6.18 6.74 -2.78
C ALA A 118 -7.06 7.86 -2.24
N HIS A 119 -8.29 7.50 -1.85
CA HIS A 119 -9.23 8.49 -1.32
C HIS A 119 -8.93 8.80 0.14
N VAL A 120 -8.31 7.85 0.84
CA VAL A 120 -7.97 8.02 2.24
C VAL A 120 -6.68 7.29 2.59
N THR A 121 -5.82 7.95 3.36
CA THR A 121 -4.55 7.35 3.76
C THR A 121 -4.56 6.99 5.24
N ILE A 122 -3.89 5.89 5.58
CA ILE A 122 -3.82 5.43 6.96
C ILE A 122 -2.45 4.86 7.28
N ASN A 123 -1.86 5.30 8.39
CA ASN A 123 -0.55 4.82 8.81
C ASN A 123 -0.65 3.92 10.03
N ALA A 124 -0.83 2.62 9.78
CA ALA A 124 -0.95 1.66 10.86
C ALA A 124 0.41 1.04 11.18
N ARG A 125 0.39 0.00 12.02
CA ARG A 125 1.62 -0.68 12.42
C ARG A 125 1.34 -2.15 12.74
N ALA A 126 0.24 -2.39 13.45
CA ALA A 126 -0.12 -3.76 13.82
C ALA A 126 -1.28 -4.26 12.97
N GLU A 127 -1.63 -5.53 13.13
CA GLU A 127 -2.72 -6.14 12.38
C GLU A 127 -4.06 -5.63 12.87
N GLU A 128 -4.11 -5.21 14.13
CA GLU A 128 -5.35 -4.70 14.71
C GLU A 128 -5.68 -3.31 14.18
N ASP A 129 -4.65 -2.61 13.71
CA ASP A 129 -4.83 -1.27 13.17
C ASP A 129 -4.97 -1.30 11.65
N VAL A 130 -5.41 -2.44 11.13
CA VAL A 130 -5.59 -2.61 9.69
C VAL A 130 -6.72 -3.59 9.39
N GLU A 131 -7.65 -3.72 10.32
CA GLU A 131 -8.78 -4.63 10.16
C GLU A 131 -9.83 -4.03 9.21
N PRO A 132 -10.71 -4.89 8.69
CA PRO A 132 -11.78 -4.47 7.78
C PRO A 132 -12.53 -3.24 8.28
N GLU A 133 -13.05 -3.33 9.50
CA GLU A 133 -13.79 -2.23 10.10
C GLU A 133 -12.89 -1.02 10.33
N CYS A 134 -11.66 -1.29 10.77
CA CYS A 134 -10.69 -0.24 11.04
C CYS A 134 -10.43 0.60 9.79
N ILE A 135 -10.63 -0.02 8.63
CA ILE A 135 -10.42 0.66 7.36
C ILE A 135 -11.72 1.24 6.82
N MET A 136 -12.79 0.45 6.88
CA MET A 136 -14.09 0.88 6.40
C MET A 136 -14.58 2.10 7.18
N GLU A 137 -14.15 2.20 8.44
CA GLU A 137 -14.55 3.32 9.29
C GLU A 137 -13.98 4.63 8.76
N LYS A 138 -12.85 4.54 8.05
CA LYS A 138 -12.21 5.72 7.49
C LYS A 138 -12.66 5.95 6.04
N VAL A 139 -13.05 4.87 5.38
CA VAL A 139 -13.51 4.94 3.99
C VAL A 139 -14.76 5.80 3.87
N ALA A 140 -15.66 5.67 4.84
CA ALA A 140 -16.90 6.43 4.85
C ALA A 140 -16.63 7.92 4.82
N SER A 141 -15.59 8.35 5.53
CA SER A 141 -15.23 9.76 5.60
C SER A 141 -14.95 10.30 4.20
N GLY A 142 -15.93 11.01 3.64
CA GLY A 142 -15.77 11.59 2.32
C GLY A 142 -15.66 13.10 2.34
N PRO A 143 -15.49 13.70 1.15
CA PRO A 143 -15.36 15.15 1.02
C PRO A 143 -16.68 15.87 1.25
N SER A 144 -17.05 16.04 2.51
CA SER A 144 -18.30 16.70 2.86
C SER A 144 -18.10 18.21 2.94
N SER A 145 -19.02 18.96 2.32
CA SER A 145 -18.96 20.41 2.31
C SER A 145 -19.92 21.01 3.32
N GLY A 146 -21.21 20.80 3.10
CA GLY A 146 -22.22 21.33 3.99
C GLY A 146 -23.55 20.61 3.86
N GLY A 1 9.85 17.10 -17.95
CA GLY A 1 11.25 16.93 -18.31
C GLY A 1 12.07 16.36 -17.16
N SER A 2 13.32 16.80 -17.06
CA SER A 2 14.22 16.33 -16.01
C SER A 2 14.88 17.50 -15.29
N SER A 3 15.24 17.28 -14.03
CA SER A 3 15.88 18.32 -13.23
C SER A 3 16.53 17.72 -11.98
N GLY A 4 15.70 17.29 -11.04
CA GLY A 4 16.21 16.70 -9.81
C GLY A 4 16.56 15.23 -9.98
N SER A 5 15.93 14.39 -9.16
CA SER A 5 16.18 12.95 -9.23
C SER A 5 17.66 12.65 -9.05
N SER A 6 18.13 12.74 -7.81
CA SER A 6 19.54 12.48 -7.51
C SER A 6 19.70 12.00 -6.07
N GLY A 7 20.02 10.72 -5.91
CA GLY A 7 20.20 10.14 -4.59
C GLY A 7 19.64 8.74 -4.49
N MET A 8 19.29 8.34 -3.27
CA MET A 8 18.73 7.02 -3.03
C MET A 8 17.23 7.10 -2.76
N ALA A 9 16.46 6.34 -3.53
CA ALA A 9 15.01 6.32 -3.37
C ALA A 9 14.40 5.05 -3.95
N ALA A 10 13.13 4.82 -3.68
CA ALA A 10 12.43 3.64 -4.19
C ALA A 10 12.57 3.52 -5.70
N ASN A 11 12.84 2.31 -6.17
CA ASN A 11 13.00 2.06 -7.60
C ASN A 11 11.90 1.13 -8.11
N LEU A 12 11.08 1.65 -9.01
CA LEU A 12 9.99 0.87 -9.59
C LEU A 12 10.22 0.64 -11.08
N SER A 13 11.48 0.62 -11.48
CA SER A 13 11.84 0.41 -12.88
C SER A 13 11.96 -1.08 -13.19
N ARG A 14 12.68 -1.80 -12.32
CA ARG A 14 12.88 -3.23 -12.50
C ARG A 14 11.54 -3.96 -12.66
N ASN A 15 10.64 -3.73 -11.71
CA ASN A 15 9.33 -4.37 -11.73
C ASN A 15 8.24 -3.35 -12.08
N GLY A 16 8.55 -2.46 -13.03
CA GLY A 16 7.59 -1.46 -13.43
C GLY A 16 6.24 -2.04 -13.80
N PRO A 17 6.18 -2.70 -14.97
CA PRO A 17 4.95 -3.32 -15.46
C PRO A 17 4.27 -4.18 -14.40
N ALA A 18 5.07 -4.96 -13.68
CA ALA A 18 4.55 -5.83 -12.63
C ALA A 18 3.76 -5.03 -11.60
N LEU A 19 4.44 -4.10 -10.93
CA LEU A 19 3.79 -3.27 -9.92
C LEU A 19 2.55 -2.60 -10.47
N GLN A 20 2.71 -1.87 -11.57
CA GLN A 20 1.60 -1.18 -12.21
C GLN A 20 0.43 -2.13 -12.46
N GLU A 21 0.75 -3.33 -12.93
CA GLU A 21 -0.26 -4.33 -13.21
C GLU A 21 -1.14 -4.59 -11.98
N ALA A 22 -0.49 -4.91 -10.87
CA ALA A 22 -1.19 -5.18 -9.62
C ALA A 22 -2.03 -3.97 -9.19
N TYR A 23 -1.64 -2.79 -9.64
CA TYR A 23 -2.35 -1.56 -9.31
C TYR A 23 -3.50 -1.33 -10.28
N VAL A 24 -3.37 -1.86 -11.49
CA VAL A 24 -4.40 -1.71 -12.51
C VAL A 24 -5.58 -2.64 -12.25
N ARG A 25 -5.30 -3.79 -11.64
CA ARG A 25 -6.33 -4.76 -11.33
C ARG A 25 -7.17 -4.31 -10.14
N VAL A 26 -6.49 -3.88 -9.08
CA VAL A 26 -7.17 -3.42 -7.87
C VAL A 26 -8.11 -2.27 -8.18
N VAL A 27 -7.79 -1.51 -9.23
CA VAL A 27 -8.62 -0.38 -9.63
C VAL A 27 -9.63 -0.79 -10.70
N THR A 28 -9.34 -1.88 -11.40
CA THR A 28 -10.23 -2.37 -12.44
C THR A 28 -11.07 -3.54 -11.94
N GLU A 29 -12.33 -3.27 -11.63
CA GLU A 29 -13.25 -4.29 -11.14
C GLU A 29 -13.38 -5.42 -12.15
N LYS A 30 -13.07 -5.13 -13.41
CA LYS A 30 -13.16 -6.12 -14.48
C LYS A 30 -12.42 -7.39 -14.09
N SER A 31 -11.16 -7.24 -13.70
CA SER A 31 -10.34 -8.38 -13.31
C SER A 31 -10.58 -8.76 -11.85
N PRO A 32 -10.18 -9.99 -11.49
CA PRO A 32 -10.35 -10.49 -10.11
C PRO A 32 -9.25 -10.01 -9.18
N THR A 33 -9.55 -8.97 -8.41
CA THR A 33 -8.58 -8.40 -7.47
C THR A 33 -9.29 -7.55 -6.42
N ASP A 34 -8.79 -7.62 -5.18
CA ASP A 34 -9.37 -6.87 -4.08
C ASP A 34 -8.30 -6.04 -3.38
N TRP A 35 -7.15 -6.66 -3.12
CA TRP A 35 -6.05 -5.98 -2.45
C TRP A 35 -4.76 -6.12 -3.26
N ALA A 36 -3.67 -5.56 -2.72
CA ALA A 36 -2.38 -5.62 -3.38
C ALA A 36 -1.26 -5.24 -2.43
N LEU A 37 -0.32 -6.16 -2.22
CA LEU A 37 0.81 -5.92 -1.33
C LEU A 37 2.06 -5.58 -2.13
N PHE A 38 2.91 -4.72 -1.54
CA PHE A 38 4.15 -4.32 -2.19
C PHE A 38 5.29 -4.22 -1.19
N THR A 39 6.39 -4.90 -1.49
CA THR A 39 7.55 -4.89 -0.61
C THR A 39 8.85 -4.88 -1.41
N TYR A 40 9.96 -4.65 -0.73
CA TYR A 40 11.27 -4.60 -1.38
C TYR A 40 11.66 -5.97 -1.92
N GLU A 41 12.71 -6.01 -2.72
CA GLU A 41 13.20 -7.25 -3.30
C GLU A 41 14.14 -7.97 -2.34
N GLY A 42 15.18 -7.28 -1.92
CA GLY A 42 16.15 -7.86 -1.00
C GLY A 42 16.83 -6.82 -0.14
N ASN A 43 18.09 -6.54 -0.45
CA ASN A 43 18.86 -5.56 0.31
C ASN A 43 19.26 -4.37 -0.57
N SER A 44 18.31 -3.90 -1.37
CA SER A 44 18.55 -2.78 -2.27
C SER A 44 17.25 -2.06 -2.61
N ASN A 45 17.36 -0.94 -3.32
CA ASN A 45 16.19 -0.17 -3.71
C ASN A 45 15.50 -0.79 -4.92
N ASP A 46 14.34 -1.38 -4.70
CA ASP A 46 13.57 -2.01 -5.77
C ASP A 46 12.24 -2.55 -5.24
N ILE A 47 11.24 -1.68 -5.16
CA ILE A 47 9.93 -2.06 -4.68
C ILE A 47 9.22 -2.97 -5.68
N ARG A 48 8.84 -4.16 -5.23
CA ARG A 48 8.14 -5.12 -6.09
C ARG A 48 6.86 -5.61 -5.43
N VAL A 49 5.91 -6.03 -6.27
CA VAL A 49 4.62 -6.52 -5.77
C VAL A 49 4.79 -7.83 -5.02
N ALA A 50 4.35 -7.85 -3.77
CA ALA A 50 4.44 -9.05 -2.94
C ALA A 50 3.41 -10.09 -3.37
N GLY A 51 2.19 -9.65 -3.65
CA GLY A 51 1.15 -10.56 -4.07
C GLY A 51 -0.21 -9.90 -4.08
N THR A 52 -1.19 -10.59 -4.67
CA THR A 52 -2.55 -10.08 -4.75
C THR A 52 -3.57 -11.08 -4.23
N GLY A 53 -4.84 -10.74 -4.33
CA GLY A 53 -5.89 -11.63 -3.87
C GLY A 53 -7.28 -11.05 -4.07
N GLU A 54 -8.30 -11.89 -3.93
CA GLU A 54 -9.68 -11.45 -4.10
C GLU A 54 -10.53 -11.89 -2.92
N GLY A 55 -9.92 -11.98 -1.75
CA GLY A 55 -10.64 -12.39 -0.56
C GLY A 55 -11.07 -11.21 0.30
N GLY A 56 -10.40 -10.08 0.11
CA GLY A 56 -10.73 -8.89 0.88
C GLY A 56 -9.66 -8.53 1.88
N LEU A 57 -9.98 -7.62 2.79
CA LEU A 57 -9.04 -7.20 3.82
C LEU A 57 -8.65 -8.37 4.72
N GLU A 58 -9.60 -9.25 4.98
CA GLU A 58 -9.36 -10.41 5.82
C GLU A 58 -8.22 -11.26 5.27
N GLU A 59 -8.12 -11.33 3.95
CA GLU A 59 -7.07 -12.10 3.29
C GLU A 59 -5.83 -11.25 3.08
N MET A 60 -6.02 -9.94 2.98
CA MET A 60 -4.90 -9.02 2.77
C MET A 60 -3.98 -9.01 3.99
N VAL A 61 -4.56 -8.77 5.16
CA VAL A 61 -3.78 -8.73 6.40
C VAL A 61 -3.03 -10.04 6.62
N GLU A 62 -3.64 -11.14 6.19
CA GLU A 62 -3.03 -12.46 6.35
C GLU A 62 -1.65 -12.50 5.71
N GLU A 63 -1.43 -11.64 4.72
CA GLU A 63 -0.15 -11.57 4.02
C GLU A 63 0.79 -10.60 4.73
N LEU A 64 0.23 -9.56 5.32
CA LEU A 64 1.02 -8.55 6.02
C LEU A 64 1.95 -9.20 7.03
N ASN A 65 3.24 -8.90 6.90
CA ASN A 65 4.25 -9.46 7.80
C ASN A 65 4.78 -8.39 8.75
N SER A 66 4.62 -8.63 10.05
CA SER A 66 5.08 -7.68 11.06
C SER A 66 6.59 -7.72 11.19
N GLY A 67 7.26 -6.79 10.50
CA GLY A 67 8.71 -6.73 10.56
C GLY A 67 9.30 -6.10 9.31
N LYS A 68 8.53 -6.08 8.23
CA LYS A 68 8.99 -5.50 6.98
C LYS A 68 7.99 -4.48 6.46
N VAL A 69 8.51 -3.34 5.98
CA VAL A 69 7.66 -2.28 5.46
C VAL A 69 7.03 -2.68 4.13
N MET A 70 5.72 -2.51 4.02
CA MET A 70 5.00 -2.86 2.80
C MET A 70 3.86 -1.88 2.54
N TYR A 71 3.18 -2.05 1.41
CA TYR A 71 2.07 -1.17 1.05
C TYR A 71 0.86 -2.00 0.62
N ALA A 72 -0.27 -1.74 1.28
CA ALA A 72 -1.51 -2.45 0.97
C ALA A 72 -2.49 -1.54 0.23
N PHE A 73 -2.93 -1.99 -0.95
CA PHE A 73 -3.87 -1.23 -1.75
C PHE A 73 -5.16 -2.00 -1.97
N CYS A 74 -6.19 -1.68 -1.20
CA CYS A 74 -7.48 -2.36 -1.31
C CYS A 74 -8.50 -1.46 -2.00
N ARG A 75 -9.62 -2.04 -2.39
CA ARG A 75 -10.68 -1.30 -3.08
C ARG A 75 -12.06 -1.73 -2.58
N VAL A 76 -12.74 -0.84 -1.87
CA VAL A 76 -14.06 -1.12 -1.34
C VAL A 76 -15.06 -0.04 -1.73
N LYS A 77 -16.34 -0.33 -1.57
CA LYS A 77 -17.39 0.62 -1.91
C LYS A 77 -17.87 1.37 -0.65
N ASP A 78 -18.02 2.67 -0.78
CA ASP A 78 -18.47 3.49 0.35
C ASP A 78 -19.82 3.02 0.87
N PRO A 79 -20.15 3.44 2.09
CA PRO A 79 -21.43 3.07 2.74
C PRO A 79 -22.62 3.79 2.14
N ASN A 80 -22.49 5.11 1.98
CA ASN A 80 -23.56 5.92 1.41
C ASN A 80 -23.30 6.23 -0.05
N SER A 81 -22.07 6.65 -0.36
CA SER A 81 -21.69 6.98 -1.72
C SER A 81 -22.00 5.82 -2.67
N GLY A 82 -21.79 4.61 -2.19
CA GLY A 82 -22.05 3.43 -3.00
C GLY A 82 -21.13 3.34 -4.20
N LEU A 83 -20.01 4.04 -4.13
CA LEU A 83 -19.02 4.03 -5.22
C LEU A 83 -17.72 3.39 -4.78
N PRO A 84 -16.98 2.82 -5.75
CA PRO A 84 -15.70 2.16 -5.49
C PRO A 84 -14.60 3.15 -5.14
N LYS A 85 -14.16 3.14 -3.88
CA LYS A 85 -13.11 4.03 -3.42
C LYS A 85 -11.80 3.28 -3.25
N PHE A 86 -10.69 3.99 -3.35
CA PHE A 86 -9.36 3.40 -3.20
C PHE A 86 -8.78 3.72 -1.83
N VAL A 87 -8.29 2.70 -1.14
CA VAL A 87 -7.69 2.88 0.18
C VAL A 87 -6.21 2.53 0.16
N LEU A 88 -5.40 3.36 0.83
CA LEU A 88 -3.97 3.14 0.90
C LEU A 88 -3.51 2.98 2.34
N ILE A 89 -2.66 1.98 2.58
CA ILE A 89 -2.14 1.72 3.92
C ILE A 89 -0.63 1.63 3.91
N ASN A 90 0.02 2.35 4.82
CA ASN A 90 1.47 2.34 4.91
C ASN A 90 1.95 1.35 5.98
N TRP A 91 1.85 0.06 5.67
CA TRP A 91 2.27 -0.99 6.59
C TRP A 91 3.68 -0.73 7.10
N THR A 92 3.84 -0.72 8.42
CA THR A 92 5.14 -0.49 9.02
C THR A 92 5.33 -1.36 10.27
N GLY A 93 5.79 -2.59 10.05
CA GLY A 93 6.00 -3.51 11.17
C GLY A 93 6.86 -2.90 12.26
N GLU A 94 6.59 -3.28 13.50
CA GLU A 94 7.34 -2.76 14.64
C GLU A 94 8.77 -3.29 14.63
N GLY A 95 8.95 -4.49 14.09
CA GLY A 95 10.26 -5.10 14.03
C GLY A 95 11.26 -4.24 13.27
N VAL A 96 10.75 -3.33 12.44
CA VAL A 96 11.60 -2.45 11.66
C VAL A 96 12.28 -1.41 12.54
N ASN A 97 13.60 -1.49 12.65
CA ASN A 97 14.37 -0.56 13.46
C ASN A 97 14.03 0.89 13.11
N ASP A 98 14.01 1.75 14.11
CA ASP A 98 13.69 3.16 13.90
C ASP A 98 14.57 3.76 12.80
N VAL A 99 15.84 3.35 12.78
CA VAL A 99 16.78 3.84 11.78
C VAL A 99 16.24 3.62 10.37
N ARG A 100 15.39 2.61 10.21
CA ARG A 100 14.80 2.29 8.91
C ARG A 100 13.52 3.09 8.68
N LYS A 101 12.76 3.27 9.75
CA LYS A 101 11.50 4.01 9.67
C LYS A 101 11.71 5.38 9.04
N GLY A 102 12.78 6.06 9.45
CA GLY A 102 13.08 7.37 8.91
C GLY A 102 13.55 7.32 7.47
N ALA A 103 14.14 6.19 7.09
CA ALA A 103 14.64 6.01 5.72
C ALA A 103 13.50 5.67 4.77
N CYS A 104 12.55 4.88 5.25
CA CYS A 104 11.40 4.47 4.43
C CYS A 104 10.55 5.69 4.07
N ALA A 105 10.55 6.69 4.93
CA ALA A 105 9.78 7.90 4.69
C ALA A 105 10.08 8.49 3.32
N SER A 106 11.37 8.56 2.99
CA SER A 106 11.79 9.11 1.70
C SER A 106 11.25 8.27 0.55
N HIS A 107 11.05 6.98 0.81
CA HIS A 107 10.54 6.06 -0.21
C HIS A 107 9.02 6.16 -0.30
N VAL A 108 8.37 6.38 0.83
CA VAL A 108 6.92 6.50 0.88
C VAL A 108 6.42 7.61 -0.04
N SER A 109 7.19 8.69 -0.12
CA SER A 109 6.83 9.82 -0.97
C SER A 109 6.64 9.38 -2.41
N THR A 110 7.40 8.38 -2.83
CA THR A 110 7.32 7.86 -4.19
C THR A 110 6.18 6.86 -4.33
N MET A 111 6.16 5.86 -3.46
CA MET A 111 5.12 4.84 -3.48
C MET A 111 3.74 5.48 -3.40
N ALA A 112 3.59 6.45 -2.49
CA ALA A 112 2.31 7.14 -2.31
C ALA A 112 1.79 7.68 -3.63
N SER A 113 2.69 8.28 -4.41
CA SER A 113 2.31 8.85 -5.70
C SER A 113 1.96 7.75 -6.71
N PHE A 114 2.63 6.60 -6.58
CA PHE A 114 2.38 5.47 -7.47
C PHE A 114 0.96 4.95 -7.30
N LEU A 115 0.57 4.69 -6.06
CA LEU A 115 -0.76 4.18 -5.75
C LEU A 115 -1.75 5.33 -5.59
N LYS A 116 -1.84 6.18 -6.60
CA LYS A 116 -2.76 7.31 -6.57
C LYS A 116 -4.21 6.85 -6.42
N GLY A 117 -5.11 7.79 -6.21
CA GLY A 117 -6.52 7.46 -6.06
C GLY A 117 -6.90 7.23 -4.60
N ALA A 118 -5.91 6.98 -3.76
CA ALA A 118 -6.16 6.75 -2.35
C ALA A 118 -6.99 7.87 -1.73
N HIS A 119 -8.27 7.59 -1.53
CA HIS A 119 -9.19 8.57 -0.96
C HIS A 119 -8.84 8.86 0.50
N VAL A 120 -8.21 7.88 1.15
CA VAL A 120 -7.82 8.03 2.55
C VAL A 120 -6.51 7.29 2.84
N THR A 121 -5.46 8.05 3.16
CA THR A 121 -4.16 7.47 3.44
C THR A 121 -3.98 7.25 4.95
N ILE A 122 -3.74 6.00 5.32
CA ILE A 122 -3.55 5.64 6.73
C ILE A 122 -2.18 5.04 6.96
N ASN A 123 -1.48 5.52 7.98
CA ASN A 123 -0.16 5.02 8.31
C ASN A 123 -0.19 4.15 9.55
N ALA A 124 -0.48 2.86 9.35
CA ALA A 124 -0.55 1.91 10.47
C ALA A 124 0.78 1.19 10.65
N ARG A 125 0.83 0.31 11.65
CA ARG A 125 2.05 -0.44 11.94
C ARG A 125 1.72 -1.86 12.40
N ALA A 126 0.70 -1.98 13.25
CA ALA A 126 0.28 -3.27 13.77
C ALA A 126 -0.89 -3.82 12.96
N GLU A 127 -1.14 -5.13 13.11
CA GLU A 127 -2.23 -5.78 12.40
C GLU A 127 -3.59 -5.28 12.90
N GLU A 128 -3.62 -4.81 14.14
CA GLU A 128 -4.85 -4.31 14.74
C GLU A 128 -5.21 -2.95 14.17
N ASP A 129 -4.22 -2.24 13.66
CA ASP A 129 -4.43 -0.92 13.07
C ASP A 129 -4.60 -1.02 11.56
N VAL A 130 -5.03 -2.18 11.09
CA VAL A 130 -5.24 -2.40 9.66
C VAL A 130 -6.34 -3.42 9.42
N GLU A 131 -7.27 -3.52 10.36
CA GLU A 131 -8.38 -4.45 10.25
C GLU A 131 -9.46 -3.90 9.32
N PRO A 132 -10.35 -4.79 8.85
CA PRO A 132 -11.44 -4.41 7.94
C PRO A 132 -12.21 -3.19 8.45
N GLU A 133 -12.69 -3.26 9.68
CA GLU A 133 -13.43 -2.15 10.27
C GLU A 133 -12.53 -0.94 10.50
N CYS A 134 -11.25 -1.20 10.73
CA CYS A 134 -10.29 -0.13 10.96
C CYS A 134 -10.11 0.72 9.71
N ILE A 135 -10.36 0.12 8.56
CA ILE A 135 -10.22 0.82 7.28
C ILE A 135 -11.58 1.34 6.80
N MET A 136 -12.60 0.50 6.91
CA MET A 136 -13.94 0.87 6.48
C MET A 136 -14.47 2.05 7.31
N GLU A 137 -13.95 2.18 8.53
CA GLU A 137 -14.37 3.27 9.41
C GLU A 137 -13.91 4.62 8.87
N LYS A 138 -12.83 4.60 8.11
CA LYS A 138 -12.28 5.82 7.54
C LYS A 138 -12.80 6.04 6.12
N VAL A 139 -13.15 4.95 5.45
CA VAL A 139 -13.66 5.03 4.08
C VAL A 139 -14.97 5.82 4.04
N ALA A 140 -15.76 5.71 5.10
CA ALA A 140 -17.03 6.43 5.18
C ALA A 140 -16.81 7.93 5.26
N SER A 141 -15.84 8.34 6.07
CA SER A 141 -15.53 9.75 6.25
C SER A 141 -14.85 10.32 5.01
N GLY A 142 -15.63 11.00 4.18
CA GLY A 142 -15.09 11.59 2.96
C GLY A 142 -14.32 12.87 3.23
N PRO A 143 -13.74 13.45 2.17
CA PRO A 143 -12.97 14.69 2.26
C PRO A 143 -13.86 15.91 2.52
N SER A 144 -14.28 16.08 3.76
CA SER A 144 -15.13 17.21 4.14
C SER A 144 -14.83 17.66 5.56
N SER A 145 -13.72 18.36 5.73
CA SER A 145 -13.31 18.86 7.03
C SER A 145 -14.04 20.15 7.38
N GLY A 146 -14.39 20.31 8.66
CA GLY A 146 -15.10 21.49 9.09
C GLY A 146 -14.27 22.75 8.93
N GLY A 1 37.63 10.27 -4.74
CA GLY A 1 36.58 9.65 -3.96
C GLY A 1 35.33 9.37 -4.76
N SER A 2 34.22 10.00 -4.35
CA SER A 2 32.95 9.82 -5.03
C SER A 2 31.89 10.75 -4.46
N SER A 3 31.18 11.46 -5.34
CA SER A 3 30.13 12.37 -4.92
C SER A 3 28.79 11.67 -4.80
N GLY A 4 28.05 11.96 -3.74
CA GLY A 4 26.75 11.34 -3.54
C GLY A 4 26.79 10.27 -2.47
N SER A 5 25.76 10.23 -1.62
CA SER A 5 25.68 9.25 -0.55
C SER A 5 24.26 9.17 0.01
N SER A 6 23.72 10.32 0.40
CA SER A 6 22.37 10.39 0.95
C SER A 6 21.35 10.70 -0.14
N GLY A 7 20.39 9.80 -0.31
CA GLY A 7 19.37 9.99 -1.32
C GLY A 7 18.60 8.72 -1.62
N MET A 8 17.85 8.23 -0.63
CA MET A 8 17.06 7.02 -0.79
C MET A 8 15.78 7.30 -1.57
N ALA A 9 15.49 6.45 -2.54
CA ALA A 9 14.28 6.61 -3.36
C ALA A 9 13.91 5.30 -4.05
N ALA A 10 12.62 5.02 -4.12
CA ALA A 10 12.13 3.80 -4.76
C ALA A 10 12.44 3.80 -6.24
N ASN A 11 12.59 2.61 -6.82
CA ASN A 11 12.89 2.47 -8.23
C ASN A 11 11.64 2.09 -9.02
N LEU A 12 11.15 0.88 -8.79
CA LEU A 12 9.95 0.39 -9.47
C LEU A 12 10.16 0.38 -10.98
N SER A 13 11.41 0.24 -11.40
CA SER A 13 11.74 0.21 -12.81
C SER A 13 11.85 -1.23 -13.32
N ARG A 14 12.59 -2.04 -12.58
CA ARG A 14 12.78 -3.45 -12.94
C ARG A 14 11.43 -4.13 -13.19
N ASN A 15 10.53 -4.02 -12.23
CA ASN A 15 9.21 -4.62 -12.33
C ASN A 15 8.15 -3.56 -12.62
N GLY A 16 8.43 -2.68 -13.56
CA GLY A 16 7.49 -1.63 -13.90
C GLY A 16 6.11 -2.17 -14.22
N PRO A 17 5.99 -2.90 -15.34
CA PRO A 17 4.72 -3.48 -15.78
C PRO A 17 4.06 -4.30 -14.68
N ALA A 18 4.84 -5.16 -14.03
CA ALA A 18 4.32 -6.00 -12.96
C ALA A 18 3.72 -5.16 -11.84
N LEU A 19 4.47 -4.17 -11.38
CA LEU A 19 4.02 -3.28 -10.32
C LEU A 19 2.74 -2.55 -10.72
N GLN A 20 2.73 -2.00 -11.93
CA GLN A 20 1.58 -1.28 -12.43
C GLN A 20 0.37 -2.22 -12.58
N GLU A 21 0.65 -3.49 -12.81
CA GLU A 21 -0.42 -4.48 -12.96
C GLU A 21 -1.15 -4.71 -11.65
N ALA A 22 -0.38 -4.88 -10.57
CA ALA A 22 -0.95 -5.11 -9.25
C ALA A 22 -1.77 -3.91 -8.80
N TYR A 23 -1.54 -2.77 -9.43
CA TYR A 23 -2.26 -1.54 -9.09
C TYR A 23 -3.49 -1.37 -9.99
N VAL A 24 -3.26 -1.39 -11.30
CA VAL A 24 -4.34 -1.24 -12.27
C VAL A 24 -5.41 -2.31 -12.07
N ARG A 25 -5.02 -3.42 -11.45
CA ARG A 25 -5.95 -4.51 -11.19
C ARG A 25 -6.93 -4.16 -10.08
N VAL A 26 -6.39 -3.70 -8.95
CA VAL A 26 -7.21 -3.32 -7.81
C VAL A 26 -8.28 -2.30 -8.22
N VAL A 27 -7.90 -1.38 -9.11
CA VAL A 27 -8.83 -0.36 -9.57
C VAL A 27 -9.76 -0.90 -10.65
N THR A 28 -9.32 -1.96 -11.32
CA THR A 28 -10.13 -2.58 -12.37
C THR A 28 -10.92 -3.76 -11.83
N GLU A 29 -12.23 -3.59 -11.73
CA GLU A 29 -13.10 -4.64 -11.22
C GLU A 29 -13.21 -5.79 -12.22
N LYS A 30 -12.87 -5.51 -13.47
CA LYS A 30 -12.92 -6.52 -14.52
C LYS A 30 -12.16 -7.78 -14.11
N SER A 31 -10.98 -7.58 -13.51
CA SER A 31 -10.16 -8.70 -13.07
C SER A 31 -10.33 -8.93 -11.57
N PRO A 32 -9.93 -10.13 -11.12
CA PRO A 32 -10.02 -10.52 -9.70
C PRO A 32 -8.90 -9.94 -8.87
N THR A 33 -9.18 -8.83 -8.18
CA THR A 33 -8.19 -8.18 -7.34
C THR A 33 -8.86 -7.24 -6.33
N ASP A 34 -8.84 -7.64 -5.06
CA ASP A 34 -9.44 -6.84 -4.01
C ASP A 34 -8.37 -6.08 -3.22
N TRP A 35 -7.16 -6.62 -3.22
CA TRP A 35 -6.05 -6.00 -2.50
C TRP A 35 -4.76 -6.11 -3.31
N ALA A 36 -3.67 -5.56 -2.76
CA ALA A 36 -2.38 -5.60 -3.43
C ALA A 36 -1.26 -5.22 -2.47
N LEU A 37 -0.31 -6.14 -2.27
CA LEU A 37 0.81 -5.89 -1.38
C LEU A 37 2.10 -5.69 -2.17
N PHE A 38 2.84 -4.65 -1.81
CA PHE A 38 4.10 -4.34 -2.49
C PHE A 38 5.25 -4.25 -1.49
N THR A 39 6.25 -5.11 -1.66
CA THR A 39 7.41 -5.12 -0.78
C THR A 39 8.71 -5.08 -1.57
N TYR A 40 9.81 -4.82 -0.87
CA TYR A 40 11.12 -4.75 -1.50
C TYR A 40 11.55 -6.12 -2.02
N GLU A 41 12.60 -6.15 -2.83
CA GLU A 41 13.12 -7.39 -3.38
C GLU A 41 14.12 -8.04 -2.43
N GLY A 42 15.22 -7.33 -2.16
CA GLY A 42 16.24 -7.85 -1.27
C GLY A 42 16.68 -6.82 -0.25
N ASN A 43 17.93 -6.38 -0.36
CA ASN A 43 18.49 -5.40 0.56
C ASN A 43 18.83 -4.10 -0.16
N SER A 44 17.99 -3.73 -1.11
CA SER A 44 18.20 -2.51 -1.89
C SER A 44 16.88 -1.87 -2.28
N ASN A 45 16.94 -0.63 -2.76
CA ASN A 45 15.74 0.09 -3.18
C ASN A 45 15.20 -0.47 -4.48
N ASP A 46 14.07 -1.17 -4.39
CA ASP A 46 13.43 -1.75 -5.56
C ASP A 46 12.13 -2.44 -5.20
N ILE A 47 11.06 -1.64 -5.08
CA ILE A 47 9.75 -2.17 -4.73
C ILE A 47 9.25 -3.17 -5.78
N ARG A 48 8.64 -4.24 -5.33
CA ARG A 48 8.12 -5.27 -6.22
C ARG A 48 6.88 -5.93 -5.63
N VAL A 49 6.03 -6.46 -6.50
CA VAL A 49 4.81 -7.13 -6.07
C VAL A 49 5.10 -8.19 -5.01
N ALA A 50 4.19 -8.34 -4.05
CA ALA A 50 4.36 -9.31 -2.99
C ALA A 50 3.20 -10.30 -2.96
N GLY A 51 2.01 -9.81 -3.30
CA GLY A 51 0.83 -10.67 -3.31
C GLY A 51 -0.40 -9.96 -3.83
N THR A 52 -1.29 -10.70 -4.48
CA THR A 52 -2.51 -10.13 -5.03
C THR A 52 -3.64 -11.16 -5.05
N GLY A 53 -4.84 -10.72 -4.71
CA GLY A 53 -5.98 -11.61 -4.70
C GLY A 53 -7.28 -10.90 -4.39
N GLU A 54 -8.40 -11.60 -4.56
CA GLU A 54 -9.70 -11.02 -4.29
C GLU A 54 -10.27 -11.52 -2.96
N GLY A 55 -9.37 -11.89 -2.06
CA GLY A 55 -9.79 -12.38 -0.75
C GLY A 55 -10.41 -11.30 0.11
N GLY A 56 -10.00 -10.04 -0.15
CA GLY A 56 -10.52 -8.94 0.62
C GLY A 56 -9.52 -8.40 1.62
N LEU A 57 -10.01 -7.87 2.73
CA LEU A 57 -9.15 -7.31 3.76
C LEU A 57 -8.64 -8.41 4.70
N GLU A 58 -9.42 -9.48 4.84
CA GLU A 58 -9.05 -10.60 5.69
C GLU A 58 -7.80 -11.30 5.16
N GLU A 59 -7.65 -11.30 3.83
CA GLU A 59 -6.51 -11.94 3.20
C GLU A 59 -5.32 -10.98 3.14
N MET A 60 -5.60 -9.72 2.86
CA MET A 60 -4.55 -8.70 2.77
C MET A 60 -3.76 -8.62 4.06
N VAL A 61 -4.48 -8.55 5.19
CA VAL A 61 -3.84 -8.47 6.50
C VAL A 61 -3.09 -9.75 6.82
N GLU A 62 -3.54 -10.86 6.26
CA GLU A 62 -2.90 -12.16 6.48
C GLU A 62 -1.53 -12.20 5.81
N GLU A 63 -1.38 -11.46 4.72
CA GLU A 63 -0.13 -11.43 3.98
C GLU A 63 0.87 -10.48 4.65
N LEU A 64 0.35 -9.43 5.26
CA LEU A 64 1.18 -8.45 5.93
C LEU A 64 2.14 -9.12 6.92
N ASN A 65 3.43 -8.84 6.75
CA ASN A 65 4.45 -9.43 7.62
C ASN A 65 5.01 -8.38 8.58
N SER A 66 4.68 -8.53 9.87
CA SER A 66 5.15 -7.59 10.88
C SER A 66 6.67 -7.65 11.00
N GLY A 67 7.34 -6.71 10.34
CA GLY A 67 8.80 -6.67 10.38
C GLY A 67 9.40 -6.02 9.15
N LYS A 68 8.62 -5.96 8.07
CA LYS A 68 9.08 -5.35 6.84
C LYS A 68 8.07 -4.33 6.32
N VAL A 69 8.57 -3.18 5.89
CA VAL A 69 7.71 -2.13 5.37
C VAL A 69 7.08 -2.54 4.04
N MET A 70 5.76 -2.44 3.96
CA MET A 70 5.03 -2.80 2.75
C MET A 70 3.89 -1.81 2.49
N TYR A 71 3.20 -2.00 1.37
CA TYR A 71 2.09 -1.13 1.01
C TYR A 71 0.88 -1.95 0.58
N ALA A 72 -0.25 -1.72 1.25
CA ALA A 72 -1.48 -2.43 0.95
C ALA A 72 -2.47 -1.54 0.21
N PHE A 73 -2.97 -2.04 -0.92
CA PHE A 73 -3.92 -1.28 -1.72
C PHE A 73 -5.22 -2.07 -1.92
N CYS A 74 -6.20 -1.80 -1.05
CA CYS A 74 -7.49 -2.48 -1.12
C CYS A 74 -8.51 -1.63 -1.87
N ARG A 75 -9.68 -2.22 -2.13
CA ARG A 75 -10.74 -1.51 -2.84
C ARG A 75 -12.11 -1.91 -2.31
N VAL A 76 -12.77 -0.98 -1.62
CA VAL A 76 -14.08 -1.24 -1.06
C VAL A 76 -15.08 -0.16 -1.48
N LYS A 77 -16.32 -0.32 -1.05
CA LYS A 77 -17.38 0.63 -1.39
C LYS A 77 -17.84 1.39 -0.15
N ASP A 78 -18.10 2.69 -0.31
CA ASP A 78 -18.54 3.53 0.79
C ASP A 78 -19.94 3.14 1.24
N PRO A 79 -20.31 3.57 2.45
CA PRO A 79 -21.64 3.27 3.02
C PRO A 79 -22.74 4.11 2.39
N ASN A 80 -22.51 5.42 2.28
CA ASN A 80 -23.48 6.32 1.69
C ASN A 80 -23.28 6.44 0.18
N SER A 81 -22.06 6.79 -0.21
CA SER A 81 -21.73 6.94 -1.63
C SER A 81 -21.94 5.62 -2.37
N GLY A 82 -21.62 4.51 -1.72
CA GLY A 82 -21.78 3.21 -2.33
C GLY A 82 -20.93 3.05 -3.59
N LEU A 83 -19.90 3.89 -3.71
CA LEU A 83 -19.01 3.84 -4.87
C LEU A 83 -17.67 3.21 -4.49
N PRO A 84 -17.01 2.60 -5.49
CA PRO A 84 -15.71 1.96 -5.30
C PRO A 84 -14.59 2.95 -5.02
N LYS A 85 -14.11 2.95 -3.78
CA LYS A 85 -13.03 3.86 -3.39
C LYS A 85 -11.70 3.13 -3.28
N PHE A 86 -10.64 3.86 -3.00
CA PHE A 86 -9.31 3.28 -2.87
C PHE A 86 -8.65 3.71 -1.58
N VAL A 87 -8.13 2.75 -0.83
CA VAL A 87 -7.47 3.03 0.44
C VAL A 87 -6.00 2.64 0.40
N LEU A 88 -5.13 3.55 0.80
CA LEU A 88 -3.69 3.30 0.80
C LEU A 88 -3.16 3.20 2.23
N ILE A 89 -2.80 1.99 2.64
CA ILE A 89 -2.27 1.77 3.98
C ILE A 89 -0.75 1.64 3.96
N ASN A 90 -0.09 2.40 4.83
CA ASN A 90 1.37 2.37 4.90
C ASN A 90 1.84 1.38 5.96
N TRP A 91 1.79 0.09 5.61
CA TRP A 91 2.21 -0.96 6.53
C TRP A 91 3.60 -0.68 7.08
N THR A 92 3.73 -0.69 8.41
CA THR A 92 5.01 -0.44 9.05
C THR A 92 5.20 -1.35 10.25
N GLY A 93 5.74 -2.55 9.99
CA GLY A 93 5.97 -3.50 11.07
C GLY A 93 6.76 -2.91 12.21
N GLU A 94 6.39 -3.27 13.43
CA GLU A 94 7.06 -2.76 14.62
C GLU A 94 8.51 -3.24 14.68
N GLY A 95 8.73 -4.47 14.22
CA GLY A 95 10.07 -5.02 14.23
C GLY A 95 11.08 -4.12 13.53
N VAL A 96 10.61 -3.31 12.59
CA VAL A 96 11.46 -2.40 11.86
C VAL A 96 12.03 -1.33 12.78
N ASN A 97 13.35 -1.36 12.98
CA ASN A 97 14.02 -0.39 13.84
C ASN A 97 13.66 1.03 13.44
N ASP A 98 13.54 1.91 14.43
CA ASP A 98 13.20 3.30 14.18
C ASP A 98 14.12 3.91 13.13
N VAL A 99 15.41 3.57 13.21
CA VAL A 99 16.39 4.08 12.27
C VAL A 99 15.96 3.82 10.83
N ARG A 100 15.18 2.76 10.63
CA ARG A 100 14.71 2.40 9.30
C ARG A 100 13.41 3.15 8.97
N LYS A 101 12.56 3.31 9.97
CA LYS A 101 11.29 4.01 9.78
C LYS A 101 11.51 5.37 9.13
N GLY A 102 12.60 6.04 9.51
CA GLY A 102 12.90 7.34 8.95
C GLY A 102 13.57 7.24 7.59
N ALA A 103 14.14 6.08 7.29
CA ALA A 103 14.82 5.87 6.02
C ALA A 103 13.84 5.41 4.94
N CYS A 104 12.78 4.73 5.37
CA CYS A 104 11.76 4.22 4.45
C CYS A 104 10.77 5.32 4.09
N ALA A 105 10.62 6.30 4.98
CA ALA A 105 9.70 7.40 4.76
C ALA A 105 10.00 8.11 3.44
N SER A 106 11.28 8.29 3.15
CA SER A 106 11.71 8.96 1.93
C SER A 106 11.11 8.28 0.70
N HIS A 107 10.91 6.97 0.79
CA HIS A 107 10.33 6.21 -0.31
C HIS A 107 8.82 6.42 -0.39
N VAL A 108 8.20 6.68 0.75
CA VAL A 108 6.76 6.91 0.81
C VAL A 108 6.34 7.99 -0.17
N SER A 109 7.20 8.99 -0.35
CA SER A 109 6.92 10.10 -1.26
C SER A 109 6.78 9.60 -2.69
N THR A 110 7.60 8.61 -3.05
CA THR A 110 7.57 8.05 -4.39
C THR A 110 6.43 7.06 -4.55
N MET A 111 6.29 6.17 -3.58
CA MET A 111 5.22 5.16 -3.61
C MET A 111 3.85 5.83 -3.59
N ALA A 112 3.68 6.80 -2.70
CA ALA A 112 2.41 7.51 -2.58
C ALA A 112 1.96 8.04 -3.93
N SER A 113 2.90 8.58 -4.71
CA SER A 113 2.59 9.13 -6.02
C SER A 113 2.17 8.02 -6.98
N PHE A 114 2.81 6.87 -6.87
CA PHE A 114 2.52 5.73 -7.73
C PHE A 114 1.10 5.23 -7.49
N LEU A 115 0.83 4.82 -6.26
CA LEU A 115 -0.49 4.31 -5.89
C LEU A 115 -1.48 5.46 -5.68
N LYS A 116 -1.73 6.21 -6.75
CA LYS A 116 -2.67 7.33 -6.68
C LYS A 116 -4.10 6.85 -6.56
N GLY A 117 -5.02 7.79 -6.35
CA GLY A 117 -6.43 7.42 -6.21
C GLY A 117 -6.82 7.20 -4.77
N ALA A 118 -5.84 6.94 -3.92
CA ALA A 118 -6.09 6.69 -2.50
C ALA A 118 -6.92 7.83 -1.89
N HIS A 119 -8.20 7.59 -1.71
CA HIS A 119 -9.09 8.59 -1.12
C HIS A 119 -8.73 8.85 0.34
N VAL A 120 -8.15 7.86 0.99
CA VAL A 120 -7.75 7.98 2.39
C VAL A 120 -6.47 7.22 2.66
N THR A 121 -5.41 7.94 3.00
CA THR A 121 -4.11 7.33 3.29
C THR A 121 -3.94 7.11 4.79
N ILE A 122 -3.93 5.85 5.20
CA ILE A 122 -3.76 5.51 6.60
C ILE A 122 -2.36 4.98 6.88
N ASN A 123 -1.77 5.44 7.98
CA ASN A 123 -0.43 5.01 8.36
C ASN A 123 -0.46 4.12 9.59
N ALA A 124 -0.65 2.82 9.38
CA ALA A 124 -0.70 1.86 10.48
C ALA A 124 0.65 1.18 10.69
N ARG A 125 0.70 0.25 11.63
CA ARG A 125 1.94 -0.46 11.93
C ARG A 125 1.64 -1.90 12.33
N ALA A 126 0.61 -2.09 13.16
CA ALA A 126 0.22 -3.42 13.61
C ALA A 126 -0.97 -3.95 12.82
N GLU A 127 -1.25 -5.23 12.98
CA GLU A 127 -2.36 -5.87 12.27
C GLU A 127 -3.70 -5.37 12.81
N GLU A 128 -3.70 -4.92 14.07
CA GLU A 128 -4.92 -4.42 14.70
C GLU A 128 -5.28 -3.04 14.15
N ASP A 129 -4.29 -2.33 13.62
CA ASP A 129 -4.51 -1.01 13.07
C ASP A 129 -4.71 -1.08 11.56
N VAL A 130 -5.17 -2.23 11.08
CA VAL A 130 -5.40 -2.43 9.66
C VAL A 130 -6.53 -3.43 9.42
N GLU A 131 -7.43 -3.54 10.39
CA GLU A 131 -8.55 -4.46 10.28
C GLU A 131 -9.64 -3.90 9.37
N PRO A 132 -10.54 -4.78 8.91
CA PRO A 132 -11.64 -4.39 8.03
C PRO A 132 -12.38 -3.16 8.53
N GLU A 133 -12.84 -3.23 9.78
CA GLU A 133 -13.57 -2.13 10.39
C GLU A 133 -12.67 -0.90 10.57
N CYS A 134 -11.42 -1.16 10.96
CA CYS A 134 -10.46 -0.09 11.17
C CYS A 134 -10.24 0.71 9.89
N ILE A 135 -10.45 0.06 8.75
CA ILE A 135 -10.28 0.70 7.45
C ILE A 135 -11.60 1.28 6.94
N MET A 136 -12.65 0.49 7.05
CA MET A 136 -13.98 0.91 6.59
C MET A 136 -14.44 2.15 7.37
N GLU A 137 -13.99 2.26 8.61
CA GLU A 137 -14.37 3.40 9.45
C GLU A 137 -13.80 4.70 8.89
N LYS A 138 -12.69 4.60 8.16
CA LYS A 138 -12.06 5.76 7.56
C LYS A 138 -12.53 5.97 6.12
N VAL A 139 -12.94 4.87 5.48
CA VAL A 139 -13.41 4.94 4.10
C VAL A 139 -14.66 5.80 3.99
N ALA A 140 -15.54 5.69 4.98
CA ALA A 140 -16.78 6.46 5.00
C ALA A 140 -16.48 7.96 5.03
N SER A 141 -15.39 8.33 5.69
CA SER A 141 -15.01 9.73 5.80
C SER A 141 -14.86 10.37 4.41
N GLY A 142 -15.79 11.26 4.08
CA GLY A 142 -15.75 11.92 2.79
C GLY A 142 -15.32 13.37 2.89
N PRO A 143 -15.27 14.06 1.75
CA PRO A 143 -14.87 15.47 1.69
C PRO A 143 -15.91 16.40 2.31
N SER A 144 -15.50 17.63 2.59
CA SER A 144 -16.40 18.62 3.19
C SER A 144 -17.59 18.90 2.27
N SER A 145 -18.70 19.33 2.86
CA SER A 145 -19.90 19.63 2.09
C SER A 145 -20.62 20.85 2.67
N GLY A 146 -21.30 21.59 1.80
CA GLY A 146 -22.03 22.77 2.24
C GLY A 146 -23.20 23.10 1.34
N GLY A 1 31.62 7.27 -16.56
CA GLY A 1 30.98 6.30 -15.70
C GLY A 1 31.20 6.59 -14.23
N SER A 2 30.74 7.75 -13.78
CA SER A 2 30.90 8.15 -12.39
C SER A 2 30.01 7.30 -11.48
N SER A 3 28.73 7.24 -11.80
CA SER A 3 27.78 6.47 -11.01
C SER A 3 27.69 7.00 -9.59
N GLY A 4 26.88 6.34 -8.77
CA GLY A 4 26.73 6.76 -7.38
C GLY A 4 25.81 7.96 -7.24
N SER A 5 24.61 7.73 -6.72
CA SER A 5 23.63 8.80 -6.54
C SER A 5 23.23 8.92 -5.07
N SER A 6 23.77 9.92 -4.40
CA SER A 6 23.47 10.15 -2.98
C SER A 6 21.98 10.40 -2.79
N GLY A 7 21.28 9.42 -2.24
CA GLY A 7 19.85 9.55 -2.00
C GLY A 7 19.12 8.22 -2.06
N MET A 8 18.36 7.92 -1.02
CA MET A 8 17.61 6.67 -0.97
C MET A 8 16.15 6.90 -1.32
N ALA A 9 15.71 6.31 -2.43
CA ALA A 9 14.32 6.45 -2.89
C ALA A 9 13.78 5.13 -3.40
N ALA A 10 12.47 4.94 -3.27
CA ALA A 10 11.82 3.72 -3.73
C ALA A 10 11.84 3.63 -5.25
N ASN A 11 12.47 2.57 -5.77
CA ASN A 11 12.57 2.37 -7.20
C ASN A 11 11.44 1.46 -7.69
N LEU A 12 10.57 2.02 -8.53
CA LEU A 12 9.45 1.25 -9.07
C LEU A 12 9.59 1.09 -10.58
N SER A 13 10.82 1.14 -11.07
CA SER A 13 11.09 0.99 -12.50
C SER A 13 11.38 -0.46 -12.85
N ARG A 14 12.20 -1.11 -12.04
CA ARG A 14 12.57 -2.50 -12.26
C ARG A 14 11.32 -3.38 -12.39
N ASN A 15 10.42 -3.26 -11.41
CA ASN A 15 9.20 -4.04 -11.40
C ASN A 15 8.01 -3.18 -11.82
N GLY A 16 8.24 -2.28 -12.76
CA GLY A 16 7.18 -1.40 -13.24
C GLY A 16 5.94 -2.18 -13.66
N PRO A 17 6.06 -2.95 -14.75
CA PRO A 17 4.96 -3.75 -15.28
C PRO A 17 4.31 -4.62 -14.21
N ALA A 18 5.11 -5.10 -13.27
CA ALA A 18 4.61 -5.93 -12.20
C ALA A 18 3.71 -5.14 -11.24
N LEU A 19 4.28 -4.11 -10.64
CA LEU A 19 3.54 -3.27 -9.71
C LEU A 19 2.34 -2.64 -10.39
N GLN A 20 2.59 -1.99 -11.52
CA GLN A 20 1.52 -1.33 -12.29
C GLN A 20 0.37 -2.29 -12.55
N GLU A 21 0.71 -3.52 -12.96
CA GLU A 21 -0.30 -4.53 -13.24
C GLU A 21 -1.23 -4.72 -12.05
N ALA A 22 -0.64 -4.99 -10.89
CA ALA A 22 -1.41 -5.21 -9.67
C ALA A 22 -2.19 -3.95 -9.29
N TYR A 23 -1.68 -2.80 -9.73
CA TYR A 23 -2.33 -1.52 -9.42
C TYR A 23 -3.49 -1.25 -10.38
N VAL A 24 -3.42 -1.85 -11.57
CA VAL A 24 -4.47 -1.68 -12.57
C VAL A 24 -5.65 -2.60 -12.29
N ARG A 25 -5.36 -3.78 -11.76
CA ARG A 25 -6.40 -4.75 -11.44
C ARG A 25 -7.22 -4.30 -10.24
N VAL A 26 -6.54 -3.88 -9.18
CA VAL A 26 -7.20 -3.41 -7.97
C VAL A 26 -8.15 -2.26 -8.26
N VAL A 27 -7.80 -1.47 -9.28
CA VAL A 27 -8.62 -0.32 -9.66
C VAL A 27 -9.62 -0.71 -10.74
N THR A 28 -9.32 -1.79 -11.47
CA THR A 28 -10.20 -2.26 -12.52
C THR A 28 -11.07 -3.42 -12.03
N GLU A 29 -12.35 -3.13 -11.77
CA GLU A 29 -13.28 -4.15 -11.31
C GLU A 29 -13.43 -5.27 -12.33
N LYS A 30 -13.07 -4.97 -13.58
CA LYS A 30 -13.16 -5.95 -14.65
C LYS A 30 -12.46 -7.25 -14.27
N SER A 31 -11.22 -7.14 -13.83
CA SER A 31 -10.44 -8.31 -13.43
C SER A 31 -10.69 -8.66 -11.97
N PRO A 32 -10.34 -9.89 -11.58
CA PRO A 32 -10.52 -10.37 -10.21
C PRO A 32 -9.41 -9.92 -9.28
N THR A 33 -9.66 -8.85 -8.52
CA THR A 33 -8.68 -8.31 -7.60
C THR A 33 -9.34 -7.43 -6.55
N ASP A 34 -8.93 -7.60 -5.29
CA ASP A 34 -9.49 -6.81 -4.20
C ASP A 34 -8.39 -6.02 -3.49
N TRP A 35 -7.26 -6.67 -3.27
CA TRP A 35 -6.13 -6.03 -2.60
C TRP A 35 -4.84 -6.20 -3.41
N ALA A 36 -3.75 -5.67 -2.88
CA ALA A 36 -2.46 -5.76 -3.55
C ALA A 36 -1.32 -5.41 -2.61
N LEU A 37 -0.41 -6.35 -2.40
CA LEU A 37 0.72 -6.14 -1.50
C LEU A 37 1.99 -5.84 -2.30
N PHE A 38 2.85 -4.98 -1.76
CA PHE A 38 4.08 -4.61 -2.42
C PHE A 38 5.24 -4.53 -1.42
N THR A 39 6.23 -5.39 -1.59
CA THR A 39 7.38 -5.41 -0.70
C THR A 39 8.69 -5.27 -1.48
N TYR A 40 9.78 -5.05 -0.77
CA TYR A 40 11.09 -4.89 -1.39
C TYR A 40 11.55 -6.19 -2.03
N GLU A 41 12.40 -6.09 -3.04
CA GLU A 41 12.91 -7.26 -3.75
C GLU A 41 13.87 -8.04 -2.86
N GLY A 42 14.94 -7.37 -2.42
CA GLY A 42 15.92 -8.02 -1.58
C GLY A 42 16.50 -7.08 -0.53
N ASN A 43 17.82 -6.96 -0.50
CA ASN A 43 18.48 -6.09 0.46
C ASN A 43 18.84 -4.75 -0.17
N SER A 44 17.96 -4.25 -1.04
CA SER A 44 18.18 -2.99 -1.72
C SER A 44 16.86 -2.23 -1.91
N ASN A 45 16.97 -0.96 -2.27
CA ASN A 45 15.78 -0.13 -2.49
C ASN A 45 15.13 -0.46 -3.81
N ASP A 46 13.96 -1.11 -3.74
CA ASP A 46 13.22 -1.49 -4.94
C ASP A 46 11.92 -2.20 -4.58
N ILE A 47 10.81 -1.47 -4.65
CA ILE A 47 9.51 -2.03 -4.33
C ILE A 47 8.99 -2.90 -5.47
N ARG A 48 8.43 -4.05 -5.12
CA ARG A 48 7.89 -4.97 -6.11
C ARG A 48 6.67 -5.71 -5.57
N VAL A 49 5.87 -6.28 -6.47
CA VAL A 49 4.68 -7.01 -6.08
C VAL A 49 5.00 -8.06 -5.02
N ALA A 50 4.07 -8.26 -4.09
CA ALA A 50 4.25 -9.24 -3.03
C ALA A 50 3.15 -10.30 -3.07
N GLY A 51 1.94 -9.88 -3.43
CA GLY A 51 0.83 -10.81 -3.49
C GLY A 51 -0.48 -10.12 -3.80
N THR A 52 -1.37 -10.82 -4.50
CA THR A 52 -2.67 -10.27 -4.87
C THR A 52 -3.79 -11.28 -4.62
N GLY A 53 -4.93 -10.78 -4.19
CA GLY A 53 -6.07 -11.65 -3.93
C GLY A 53 -7.40 -10.96 -4.15
N GLU A 54 -8.48 -11.71 -4.02
CA GLU A 54 -9.82 -11.16 -4.21
C GLU A 54 -10.72 -11.51 -3.02
N GLY A 55 -10.12 -11.70 -1.85
CA GLY A 55 -10.88 -12.03 -0.67
C GLY A 55 -11.24 -10.80 0.15
N GLY A 56 -10.45 -9.74 0.01
CA GLY A 56 -10.71 -8.52 0.75
C GLY A 56 -9.66 -8.23 1.79
N LEU A 57 -9.95 -7.27 2.68
CA LEU A 57 -9.01 -6.90 3.74
C LEU A 57 -8.62 -8.12 4.57
N GLU A 58 -9.62 -8.95 4.90
CA GLU A 58 -9.38 -10.14 5.70
C GLU A 58 -8.29 -11.01 5.06
N GLU A 59 -8.17 -10.92 3.75
CA GLU A 59 -7.18 -11.70 3.02
C GLU A 59 -5.92 -10.87 2.75
N MET A 60 -6.09 -9.56 2.70
CA MET A 60 -4.98 -8.65 2.45
C MET A 60 -4.04 -8.60 3.66
N VAL A 61 -4.60 -8.34 4.83
CA VAL A 61 -3.81 -8.26 6.05
C VAL A 61 -3.05 -9.56 6.29
N GLU A 62 -3.57 -10.65 5.74
CA GLU A 62 -2.92 -11.96 5.89
C GLU A 62 -1.51 -11.93 5.33
N GLU A 63 -1.28 -11.04 4.36
CA GLU A 63 0.03 -10.93 3.73
C GLU A 63 0.94 -10.01 4.53
N LEU A 64 0.35 -8.99 5.15
CA LEU A 64 1.11 -8.04 5.96
C LEU A 64 1.97 -8.76 7.00
N ASN A 65 3.28 -8.77 6.78
CA ASN A 65 4.21 -9.42 7.70
C ASN A 65 4.81 -8.42 8.67
N SER A 66 4.56 -8.61 9.96
CA SER A 66 5.09 -7.73 10.99
C SER A 66 6.60 -7.83 11.09
N GLY A 67 7.30 -6.93 10.42
CA GLY A 67 8.75 -6.93 10.45
C GLY A 67 9.36 -6.30 9.21
N LYS A 68 8.56 -6.20 8.15
CA LYS A 68 9.03 -5.61 6.90
C LYS A 68 8.02 -4.58 6.38
N VAL A 69 8.54 -3.43 5.93
CA VAL A 69 7.70 -2.37 5.41
C VAL A 69 7.09 -2.76 4.07
N MET A 70 5.76 -2.82 4.03
CA MET A 70 5.06 -3.17 2.79
C MET A 70 3.98 -2.15 2.46
N TYR A 71 3.28 -2.36 1.37
CA TYR A 71 2.21 -1.46 0.95
C TYR A 71 0.95 -2.23 0.58
N ALA A 72 -0.16 -1.87 1.21
CA ALA A 72 -1.44 -2.52 0.94
C ALA A 72 -2.37 -1.62 0.14
N PHE A 73 -2.92 -2.15 -0.94
CA PHE A 73 -3.83 -1.38 -1.79
C PHE A 73 -5.14 -2.13 -2.00
N CYS A 74 -6.13 -1.81 -1.17
CA CYS A 74 -7.44 -2.45 -1.26
C CYS A 74 -8.44 -1.56 -1.97
N ARG A 75 -9.58 -2.12 -2.33
CA ARG A 75 -10.62 -1.37 -3.03
C ARG A 75 -12.00 -1.71 -2.47
N VAL A 76 -12.60 -0.74 -1.77
CA VAL A 76 -13.92 -0.94 -1.18
C VAL A 76 -14.82 0.26 -1.45
N LYS A 77 -16.11 0.01 -1.65
CA LYS A 77 -17.08 1.06 -1.91
C LYS A 77 -17.42 1.80 -0.62
N ASP A 78 -17.53 3.12 -0.72
CA ASP A 78 -17.86 3.95 0.44
C ASP A 78 -19.29 3.71 0.89
N PRO A 79 -19.60 4.12 2.12
CA PRO A 79 -20.94 3.96 2.70
C PRO A 79 -21.95 4.93 2.11
N ASN A 80 -21.53 6.18 1.93
CA ASN A 80 -22.40 7.20 1.37
C ASN A 80 -22.17 7.35 -0.13
N SER A 81 -20.92 7.54 -0.52
CA SER A 81 -20.56 7.70 -1.92
C SER A 81 -21.10 6.52 -2.75
N GLY A 82 -20.96 5.32 -2.22
CA GLY A 82 -21.43 4.13 -2.91
C GLY A 82 -20.59 3.82 -4.14
N LEU A 83 -19.39 4.37 -4.19
CA LEU A 83 -18.49 4.14 -5.32
C LEU A 83 -17.15 3.56 -4.85
N PRO A 84 -16.48 2.81 -5.73
CA PRO A 84 -15.19 2.21 -5.43
C PRO A 84 -14.18 3.20 -4.88
N LYS A 85 -13.82 3.04 -3.62
CA LYS A 85 -12.86 3.92 -2.96
C LYS A 85 -11.54 3.21 -2.70
N PHE A 86 -10.45 3.81 -3.16
CA PHE A 86 -9.12 3.23 -2.97
C PHE A 86 -8.50 3.69 -1.65
N VAL A 87 -7.85 2.77 -0.96
CA VAL A 87 -7.22 3.08 0.31
C VAL A 87 -5.72 2.74 0.28
N LEU A 88 -4.92 3.60 0.88
CA LEU A 88 -3.47 3.40 0.93
C LEU A 88 -2.99 3.24 2.36
N ILE A 89 -2.44 2.07 2.67
CA ILE A 89 -1.93 1.80 4.00
C ILE A 89 -0.43 1.61 3.99
N ASN A 90 0.27 2.32 4.88
CA ASN A 90 1.71 2.23 4.97
C ASN A 90 2.14 1.22 6.03
N TRP A 91 2.01 -0.06 5.71
CA TRP A 91 2.36 -1.12 6.64
C TRP A 91 3.78 -0.93 7.16
N THR A 92 3.91 -0.79 8.48
CA THR A 92 5.21 -0.59 9.10
C THR A 92 5.37 -1.49 10.33
N GLY A 93 5.83 -2.72 10.10
CA GLY A 93 6.02 -3.65 11.20
C GLY A 93 6.86 -3.06 12.32
N GLU A 94 6.59 -3.50 13.55
CA GLU A 94 7.33 -3.01 14.70
C GLU A 94 8.78 -3.49 14.67
N GLY A 95 9.00 -4.65 14.07
CA GLY A 95 10.33 -5.21 13.98
C GLY A 95 11.32 -4.23 13.35
N VAL A 96 10.83 -3.39 12.44
CA VAL A 96 11.67 -2.41 11.77
C VAL A 96 12.17 -1.35 12.76
N ASN A 97 13.49 -1.26 12.89
CA ASN A 97 14.10 -0.29 13.79
C ASN A 97 13.59 1.12 13.50
N ASP A 98 13.87 2.04 14.42
CA ASP A 98 13.44 3.43 14.26
C ASP A 98 14.26 4.12 13.17
N VAL A 99 15.55 3.85 13.14
CA VAL A 99 16.44 4.45 12.14
C VAL A 99 15.95 4.16 10.74
N ARG A 100 15.24 3.05 10.57
CA ARG A 100 14.72 2.66 9.27
C ARG A 100 13.35 3.30 9.02
N LYS A 101 12.54 3.40 10.06
CA LYS A 101 11.22 3.99 9.96
C LYS A 101 11.29 5.37 9.33
N GLY A 102 12.27 6.16 9.76
CA GLY A 102 12.44 7.50 9.21
C GLY A 102 12.97 7.49 7.79
N ALA A 103 13.67 6.43 7.44
CA ALA A 103 14.25 6.31 6.10
C ALA A 103 13.19 5.86 5.09
N CYS A 104 12.30 4.98 5.52
CA CYS A 104 11.24 4.47 4.66
C CYS A 104 10.29 5.59 4.25
N ALA A 105 10.20 6.62 5.08
CA ALA A 105 9.34 7.76 4.79
C ALA A 105 9.67 8.37 3.43
N SER A 106 10.95 8.47 3.14
CA SER A 106 11.42 9.04 1.87
C SER A 106 10.94 8.19 0.69
N HIS A 107 10.73 6.91 0.94
CA HIS A 107 10.26 6.00 -0.11
C HIS A 107 8.76 6.12 -0.32
N VAL A 108 8.05 6.49 0.74
CA VAL A 108 6.60 6.64 0.67
C VAL A 108 6.23 7.80 -0.26
N SER A 109 7.12 8.76 -0.40
CA SER A 109 6.89 9.92 -1.25
C SER A 109 6.71 9.50 -2.71
N THR A 110 7.47 8.48 -3.11
CA THR A 110 7.40 7.98 -4.49
C THR A 110 6.25 7.01 -4.66
N MET A 111 6.10 6.09 -3.72
CA MET A 111 5.02 5.11 -3.76
C MET A 111 3.66 5.79 -3.74
N ALA A 112 3.52 6.78 -2.86
CA ALA A 112 2.26 7.52 -2.73
C ALA A 112 1.78 8.03 -4.09
N SER A 113 2.71 8.58 -4.87
CA SER A 113 2.39 9.12 -6.19
C SER A 113 2.00 7.98 -7.14
N PHE A 114 2.71 6.86 -7.04
CA PHE A 114 2.43 5.71 -7.89
C PHE A 114 1.02 5.20 -7.68
N LEU A 115 0.69 4.86 -6.44
CA LEU A 115 -0.64 4.35 -6.10
C LEU A 115 -1.62 5.50 -5.91
N LYS A 116 -1.84 6.27 -6.96
CA LYS A 116 -2.76 7.40 -6.92
C LYS A 116 -4.20 6.92 -6.78
N GLY A 117 -5.11 7.85 -6.55
CA GLY A 117 -6.51 7.50 -6.40
C GLY A 117 -6.90 7.24 -4.97
N ALA A 118 -5.91 6.98 -4.12
CA ALA A 118 -6.14 6.72 -2.71
C ALA A 118 -7.00 7.82 -2.08
N HIS A 119 -8.27 7.51 -1.88
CA HIS A 119 -9.20 8.48 -1.28
C HIS A 119 -8.87 8.72 0.18
N VAL A 120 -8.25 7.72 0.81
CA VAL A 120 -7.88 7.82 2.22
C VAL A 120 -6.53 7.17 2.47
N THR A 121 -5.72 7.80 3.34
CA THR A 121 -4.41 7.27 3.67
C THR A 121 -4.30 6.95 5.15
N ILE A 122 -3.61 5.86 5.47
CA ILE A 122 -3.43 5.44 6.85
C ILE A 122 -2.02 4.88 7.08
N ASN A 123 -1.40 5.30 8.18
CA ASN A 123 -0.06 4.84 8.53
C ASN A 123 -0.09 3.94 9.75
N ALA A 124 -0.40 2.67 9.54
CA ALA A 124 -0.45 1.70 10.63
C ALA A 124 0.89 1.00 10.82
N ARG A 125 0.94 0.06 11.76
CA ARG A 125 2.16 -0.67 12.04
C ARG A 125 1.85 -2.13 12.41
N ALA A 126 0.82 -2.31 13.22
CA ALA A 126 0.42 -3.64 13.65
C ALA A 126 -0.78 -4.14 12.86
N GLU A 127 -0.99 -5.44 12.86
CA GLU A 127 -2.11 -6.04 12.14
C GLU A 127 -3.44 -5.57 12.71
N GLU A 128 -3.44 -5.18 13.98
CA GLU A 128 -4.65 -4.71 14.64
C GLU A 128 -5.02 -3.31 14.15
N ASP A 129 -4.04 -2.58 13.65
CA ASP A 129 -4.27 -1.24 13.14
C ASP A 129 -4.49 -1.25 11.63
N VAL A 130 -4.95 -2.39 11.11
CA VAL A 130 -5.20 -2.53 9.69
C VAL A 130 -6.32 -3.52 9.43
N GLU A 131 -7.22 -3.67 10.39
CA GLU A 131 -8.33 -4.59 10.27
C GLU A 131 -9.42 -4.01 9.36
N PRO A 132 -10.32 -4.88 8.87
CA PRO A 132 -11.41 -4.48 7.99
C PRO A 132 -12.16 -3.25 8.51
N GLU A 133 -12.63 -3.34 9.74
CA GLU A 133 -13.37 -2.24 10.35
C GLU A 133 -12.46 -1.05 10.59
N CYS A 134 -11.24 -1.31 11.06
CA CYS A 134 -10.27 -0.26 11.34
C CYS A 134 -10.00 0.57 10.08
N ILE A 135 -10.18 -0.06 8.92
CA ILE A 135 -9.95 0.62 7.65
C ILE A 135 -11.25 1.20 7.10
N MET A 136 -12.33 0.43 7.17
CA MET A 136 -13.63 0.87 6.68
C MET A 136 -14.09 2.10 7.43
N GLU A 137 -13.67 2.23 8.68
CA GLU A 137 -14.05 3.37 9.51
C GLU A 137 -13.43 4.66 8.98
N LYS A 138 -12.29 4.53 8.31
CA LYS A 138 -11.60 5.68 7.74
C LYS A 138 -11.99 5.90 6.29
N VAL A 139 -12.35 4.81 5.61
CA VAL A 139 -12.75 4.89 4.21
C VAL A 139 -13.98 5.78 4.03
N ALA A 140 -14.85 5.77 5.04
CA ALA A 140 -16.06 6.58 5.00
C ALA A 140 -15.74 8.07 4.97
N SER A 141 -14.74 8.46 5.75
CA SER A 141 -14.32 9.85 5.82
C SER A 141 -13.98 10.39 4.44
N GLY A 142 -14.90 11.17 3.86
CA GLY A 142 -14.67 11.73 2.54
C GLY A 142 -15.96 12.20 1.89
N PRO A 143 -16.53 13.29 2.42
CA PRO A 143 -17.78 13.86 1.89
C PRO A 143 -17.74 14.04 0.38
N SER A 144 -16.70 14.73 -0.10
CA SER A 144 -16.55 14.98 -1.52
C SER A 144 -15.12 15.40 -1.86
N SER A 145 -14.61 14.91 -2.98
CA SER A 145 -13.25 15.24 -3.40
C SER A 145 -13.11 15.13 -4.92
N GLY A 146 -12.13 15.83 -5.46
CA GLY A 146 -11.92 15.80 -6.91
C GLY A 146 -10.91 14.75 -7.31
N GLY A 1 19.50 23.31 -9.38
CA GLY A 1 18.99 23.82 -8.12
C GLY A 1 18.60 22.72 -7.16
N SER A 2 18.90 22.92 -5.88
CA SER A 2 18.58 21.94 -4.85
C SER A 2 17.11 21.54 -4.93
N SER A 3 16.82 20.30 -4.51
CA SER A 3 15.45 19.80 -4.54
C SER A 3 15.34 18.51 -3.73
N GLY A 4 16.06 17.49 -4.16
CA GLY A 4 16.03 16.21 -3.47
C GLY A 4 14.81 15.38 -3.83
N SER A 5 14.96 14.51 -4.81
CA SER A 5 13.85 13.66 -5.25
C SER A 5 14.33 12.23 -5.48
N SER A 6 15.34 12.06 -6.31
CA SER A 6 15.88 10.75 -6.62
C SER A 6 17.26 10.57 -6.00
N GLY A 7 17.67 9.32 -5.82
CA GLY A 7 18.96 9.04 -5.24
C GLY A 7 18.90 7.97 -4.16
N MET A 8 17.89 8.06 -3.30
CA MET A 8 17.71 7.11 -2.22
C MET A 8 16.23 6.88 -1.93
N ALA A 9 15.42 6.95 -2.97
CA ALA A 9 13.98 6.74 -2.84
C ALA A 9 13.51 5.55 -3.65
N ALA A 10 12.22 5.25 -3.57
CA ALA A 10 11.64 4.13 -4.31
C ALA A 10 11.99 4.21 -5.79
N ASN A 11 12.16 3.05 -6.42
CA ASN A 11 12.48 3.00 -7.84
C ASN A 11 11.29 2.51 -8.66
N LEU A 12 10.82 1.31 -8.35
CA LEU A 12 9.68 0.72 -9.06
C LEU A 12 9.95 0.64 -10.55
N SER A 13 11.23 0.56 -10.91
CA SER A 13 11.63 0.48 -12.31
C SER A 13 11.84 -0.97 -12.73
N ARG A 14 12.55 -1.72 -11.89
CA ARG A 14 12.83 -3.12 -12.17
C ARG A 14 11.54 -3.90 -12.43
N ASN A 15 10.62 -3.82 -11.47
CA ASN A 15 9.34 -4.51 -11.58
C ASN A 15 8.23 -3.54 -11.93
N GLY A 16 8.52 -2.59 -12.81
CA GLY A 16 7.53 -1.61 -13.23
C GLY A 16 6.25 -2.25 -13.69
N PRO A 17 6.30 -2.95 -14.83
CA PRO A 17 5.13 -3.63 -15.40
C PRO A 17 4.39 -4.49 -14.38
N ALA A 18 5.16 -5.26 -13.62
CA ALA A 18 4.58 -6.13 -12.60
C ALA A 18 3.78 -5.33 -11.58
N LEU A 19 4.44 -4.38 -10.93
CA LEU A 19 3.79 -3.54 -9.94
C LEU A 19 2.59 -2.81 -10.53
N GLN A 20 2.82 -2.11 -11.65
CA GLN A 20 1.75 -1.37 -12.31
C GLN A 20 0.55 -2.27 -12.59
N GLU A 21 0.82 -3.48 -13.09
CA GLU A 21 -0.24 -4.43 -13.39
C GLU A 21 -1.16 -4.62 -12.18
N ALA A 22 -0.57 -4.96 -11.05
CA ALA A 22 -1.32 -5.17 -9.83
C ALA A 22 -2.17 -3.94 -9.47
N TYR A 23 -1.55 -2.77 -9.54
CA TYR A 23 -2.24 -1.53 -9.24
C TYR A 23 -3.40 -1.30 -10.20
N VAL A 24 -3.18 -1.61 -11.47
CA VAL A 24 -4.21 -1.43 -12.49
C VAL A 24 -5.38 -2.39 -12.25
N ARG A 25 -5.09 -3.55 -11.70
CA ARG A 25 -6.12 -4.55 -11.42
C ARG A 25 -6.96 -4.13 -10.22
N VAL A 26 -6.30 -3.74 -9.14
CA VAL A 26 -6.98 -3.31 -7.94
C VAL A 26 -7.95 -2.16 -8.22
N VAL A 27 -7.62 -1.36 -9.22
CA VAL A 27 -8.44 -0.22 -9.60
C VAL A 27 -9.45 -0.62 -10.68
N THR A 28 -9.14 -1.67 -11.42
CA THR A 28 -10.01 -2.15 -12.48
C THR A 28 -10.87 -3.31 -12.01
N GLU A 29 -12.18 -3.09 -11.97
CA GLU A 29 -13.11 -4.12 -11.52
C GLU A 29 -13.21 -5.25 -12.55
N LYS A 30 -12.79 -4.95 -13.78
CA LYS A 30 -12.82 -5.93 -14.86
C LYS A 30 -12.15 -7.23 -14.44
N SER A 31 -10.92 -7.12 -13.94
CA SER A 31 -10.17 -8.29 -13.50
C SER A 31 -10.44 -8.59 -12.02
N PRO A 32 -10.11 -9.82 -11.59
CA PRO A 32 -10.30 -10.26 -10.21
C PRO A 32 -9.17 -9.80 -9.30
N THR A 33 -9.41 -8.70 -8.57
CA THR A 33 -8.41 -8.16 -7.66
C THR A 33 -9.05 -7.23 -6.64
N ASP A 34 -8.79 -7.48 -5.36
CA ASP A 34 -9.33 -6.66 -4.29
C ASP A 34 -8.23 -5.88 -3.58
N TRP A 35 -7.10 -6.54 -3.34
CA TRP A 35 -5.98 -5.92 -2.66
C TRP A 35 -4.69 -6.14 -3.45
N ALA A 36 -3.58 -5.60 -2.92
CA ALA A 36 -2.29 -5.75 -3.58
C ALA A 36 -1.15 -5.35 -2.64
N LEU A 37 -0.26 -6.30 -2.36
CA LEU A 37 0.86 -6.06 -1.48
C LEU A 37 2.15 -5.82 -2.27
N PHE A 38 2.94 -4.85 -1.83
CA PHE A 38 4.20 -4.52 -2.50
C PHE A 38 5.33 -4.36 -1.49
N THR A 39 6.32 -5.25 -1.58
CA THR A 39 7.46 -5.21 -0.67
C THR A 39 8.77 -5.08 -1.44
N TYR A 40 9.85 -4.77 -0.73
CA TYR A 40 11.15 -4.61 -1.35
C TYR A 40 11.71 -5.97 -1.79
N GLU A 41 12.67 -5.94 -2.70
CA GLU A 41 13.29 -7.16 -3.21
C GLU A 41 14.23 -7.77 -2.16
N GLY A 42 15.26 -7.02 -1.79
CA GLY A 42 16.20 -7.50 -0.81
C GLY A 42 16.60 -6.42 0.20
N ASN A 43 17.78 -5.85 0.01
CA ASN A 43 18.28 -4.81 0.90
C ASN A 43 18.58 -3.53 0.14
N SER A 44 17.79 -3.27 -0.90
CA SER A 44 17.97 -2.08 -1.73
C SER A 44 16.62 -1.47 -2.10
N ASN A 45 16.65 -0.24 -2.59
CA ASN A 45 15.44 0.46 -2.98
C ASN A 45 14.90 -0.10 -4.30
N ASP A 46 13.79 -0.82 -4.21
CA ASP A 46 13.17 -1.41 -5.40
C ASP A 46 11.91 -2.18 -5.03
N ILE A 47 10.79 -1.45 -4.90
CA ILE A 47 9.52 -2.07 -4.54
C ILE A 47 9.09 -3.07 -5.60
N ARG A 48 8.46 -4.16 -5.15
CA ARG A 48 7.99 -5.19 -6.06
C ARG A 48 6.75 -5.89 -5.49
N VAL A 49 6.00 -6.54 -6.37
CA VAL A 49 4.79 -7.25 -5.96
C VAL A 49 5.10 -8.31 -4.92
N ALA A 50 4.21 -8.46 -3.94
CA ALA A 50 4.39 -9.44 -2.88
C ALA A 50 3.26 -10.46 -2.89
N GLY A 51 2.05 -10.01 -3.19
CA GLY A 51 0.90 -10.90 -3.22
C GLY A 51 -0.38 -10.18 -3.57
N THR A 52 -1.29 -10.88 -4.25
CA THR A 52 -2.57 -10.30 -4.64
C THR A 52 -3.71 -11.27 -4.38
N GLY A 53 -4.89 -10.73 -4.10
CA GLY A 53 -6.05 -11.56 -3.84
C GLY A 53 -7.36 -10.83 -4.09
N GLU A 54 -8.46 -11.56 -3.98
CA GLU A 54 -9.79 -10.97 -4.20
C GLU A 54 -10.72 -11.29 -3.03
N GLY A 55 -10.14 -11.50 -1.85
CA GLY A 55 -10.95 -11.81 -0.69
C GLY A 55 -11.28 -10.58 0.14
N GLY A 56 -10.50 -9.52 -0.04
CA GLY A 56 -10.74 -8.29 0.69
C GLY A 56 -9.63 -7.99 1.69
N LEU A 57 -9.96 -7.20 2.71
CA LEU A 57 -8.99 -6.83 3.73
C LEU A 57 -8.68 -8.02 4.63
N GLU A 58 -9.68 -8.86 4.86
CA GLU A 58 -9.51 -10.04 5.71
C GLU A 58 -8.47 -10.98 5.11
N GLU A 59 -8.31 -10.92 3.80
CA GLU A 59 -7.33 -11.78 3.11
C GLU A 59 -6.02 -11.04 2.89
N MET A 60 -6.09 -9.72 2.83
CA MET A 60 -4.90 -8.90 2.62
C MET A 60 -3.99 -8.94 3.85
N VAL A 61 -4.57 -8.64 5.01
CA VAL A 61 -3.81 -8.64 6.26
C VAL A 61 -3.13 -9.98 6.48
N GLU A 62 -3.76 -11.05 6.00
CA GLU A 62 -3.21 -12.39 6.15
C GLU A 62 -1.79 -12.47 5.57
N GLU A 63 -1.50 -11.60 4.62
CA GLU A 63 -0.19 -11.57 3.98
C GLU A 63 0.75 -10.61 4.72
N LEU A 64 0.17 -9.55 5.30
CA LEU A 64 0.95 -8.56 6.03
C LEU A 64 1.85 -9.23 7.07
N ASN A 65 3.14 -8.99 6.96
CA ASN A 65 4.11 -9.57 7.89
C ASN A 65 4.69 -8.49 8.81
N SER A 66 4.50 -8.69 10.11
CA SER A 66 5.01 -7.73 11.10
C SER A 66 6.52 -7.81 11.22
N GLY A 67 7.21 -6.92 10.51
CA GLY A 67 8.67 -6.90 10.55
C GLY A 67 9.27 -6.31 9.30
N LYS A 68 8.48 -6.27 8.23
CA LYS A 68 8.95 -5.73 6.95
C LYS A 68 7.97 -4.69 6.41
N VAL A 69 8.50 -3.56 5.95
CA VAL A 69 7.67 -2.49 5.41
C VAL A 69 7.05 -2.91 4.08
N MET A 70 5.73 -2.73 3.97
CA MET A 70 5.02 -3.09 2.75
C MET A 70 3.89 -2.10 2.49
N TYR A 71 3.28 -2.20 1.30
CA TYR A 71 2.20 -1.31 0.92
C TYR A 71 0.95 -2.10 0.54
N ALA A 72 -0.15 -1.83 1.24
CA ALA A 72 -1.41 -2.52 0.99
C ALA A 72 -2.40 -1.60 0.27
N PHE A 73 -2.81 -2.00 -0.92
CA PHE A 73 -3.76 -1.22 -1.70
C PHE A 73 -5.04 -2.00 -1.95
N CYS A 74 -6.07 -1.73 -1.15
CA CYS A 74 -7.35 -2.40 -1.28
C CYS A 74 -8.36 -1.51 -1.98
N ARG A 75 -9.47 -2.11 -2.42
CA ARG A 75 -10.52 -1.37 -3.10
C ARG A 75 -11.90 -1.77 -2.58
N VAL A 76 -12.57 -0.84 -1.91
CA VAL A 76 -13.89 -1.10 -1.36
C VAL A 76 -14.86 0.03 -1.71
N LYS A 77 -16.15 -0.28 -1.68
CA LYS A 77 -17.18 0.71 -1.99
C LYS A 77 -17.63 1.44 -0.74
N ASP A 78 -17.72 2.76 -0.82
CA ASP A 78 -18.15 3.57 0.31
C ASP A 78 -19.50 3.09 0.84
N PRO A 79 -19.82 3.51 2.07
CA PRO A 79 -21.08 3.13 2.73
C PRO A 79 -22.27 3.89 2.15
N ASN A 80 -22.14 5.20 2.02
CA ASN A 80 -23.20 6.04 1.48
C ASN A 80 -22.92 6.40 0.03
N SER A 81 -21.68 6.78 -0.26
CA SER A 81 -21.29 7.15 -1.61
C SER A 81 -21.70 6.07 -2.61
N GLY A 82 -21.59 4.82 -2.19
CA GLY A 82 -21.94 3.71 -3.06
C GLY A 82 -21.01 3.59 -4.25
N LEU A 83 -19.81 4.14 -4.12
CA LEU A 83 -18.83 4.09 -5.20
C LEU A 83 -17.52 3.47 -4.72
N PRO A 84 -16.78 2.87 -5.66
CA PRO A 84 -15.50 2.22 -5.35
C PRO A 84 -14.41 3.23 -5.02
N LYS A 85 -13.94 3.20 -3.78
CA LYS A 85 -12.89 4.11 -3.33
C LYS A 85 -11.58 3.38 -3.15
N PHE A 86 -10.48 4.12 -3.19
CA PHE A 86 -9.15 3.54 -3.03
C PHE A 86 -8.55 3.91 -1.68
N VAL A 87 -7.89 2.94 -1.05
CA VAL A 87 -7.27 3.16 0.26
C VAL A 87 -5.77 2.87 0.20
N LEU A 88 -4.99 3.69 0.89
CA LEU A 88 -3.54 3.52 0.93
C LEU A 88 -3.05 3.32 2.36
N ILE A 89 -2.47 2.16 2.63
CA ILE A 89 -1.95 1.86 3.96
C ILE A 89 -0.44 1.69 3.94
N ASN A 90 0.23 2.35 4.88
CA ASN A 90 1.69 2.27 4.96
C ASN A 90 2.12 1.27 6.03
N TRP A 91 1.96 -0.01 5.72
CA TRP A 91 2.33 -1.07 6.65
C TRP A 91 3.76 -0.89 7.15
N THR A 92 3.92 -0.78 8.47
CA THR A 92 5.23 -0.60 9.07
C THR A 92 5.40 -1.48 10.29
N GLY A 93 5.85 -2.71 10.08
CA GLY A 93 6.06 -3.63 11.19
C GLY A 93 6.90 -3.03 12.30
N GLU A 94 6.54 -3.35 13.54
CA GLU A 94 7.27 -2.84 14.69
C GLU A 94 8.70 -3.37 14.72
N GLY A 95 8.89 -4.55 14.15
CA GLY A 95 10.21 -5.15 14.11
C GLY A 95 11.24 -4.26 13.43
N VAL A 96 10.76 -3.33 12.60
CA VAL A 96 11.64 -2.42 11.90
C VAL A 96 12.19 -1.35 12.84
N ASN A 97 13.53 -1.27 12.91
CA ASN A 97 14.18 -0.29 13.77
C ASN A 97 13.70 1.12 13.45
N ASP A 98 14.14 2.09 14.25
CA ASP A 98 13.76 3.48 14.05
C ASP A 98 14.54 4.10 12.91
N VAL A 99 15.84 3.78 12.83
CA VAL A 99 16.68 4.31 11.78
C VAL A 99 16.13 4.00 10.40
N ARG A 100 15.39 2.90 10.30
CA ARG A 100 14.79 2.49 9.03
C ARG A 100 13.43 3.15 8.85
N LYS A 101 12.65 3.23 9.92
CA LYS A 101 11.33 3.83 9.88
C LYS A 101 11.38 5.23 9.25
N GLY A 102 12.48 5.94 9.52
CA GLY A 102 12.63 7.28 8.99
C GLY A 102 13.21 7.28 7.58
N ALA A 103 13.83 6.16 7.20
CA ALA A 103 14.43 6.04 5.88
C ALA A 103 13.41 5.52 4.87
N CYS A 104 12.40 4.80 5.37
CA CYS A 104 11.36 4.24 4.51
C CYS A 104 10.26 5.27 4.25
N ALA A 105 10.11 6.21 5.18
CA ALA A 105 9.10 7.24 5.05
C ALA A 105 9.31 8.07 3.78
N SER A 106 10.57 8.24 3.40
CA SER A 106 10.91 9.01 2.21
C SER A 106 10.32 8.36 0.96
N HIS A 107 10.20 7.04 0.99
CA HIS A 107 9.66 6.29 -0.13
C HIS A 107 8.13 6.46 -0.22
N VAL A 108 7.51 6.72 0.92
CA VAL A 108 6.06 6.91 0.98
C VAL A 108 5.61 7.97 -0.01
N SER A 109 6.48 8.94 -0.27
CA SER A 109 6.16 10.03 -1.19
C SER A 109 6.15 9.52 -2.64
N THR A 110 7.05 8.59 -2.95
CA THR A 110 7.14 8.03 -4.28
C THR A 110 5.98 7.08 -4.55
N MET A 111 5.79 6.10 -3.67
CA MET A 111 4.72 5.13 -3.82
C MET A 111 3.37 5.82 -3.82
N ALA A 112 3.24 6.88 -3.03
CA ALA A 112 1.98 7.62 -2.94
C ALA A 112 1.52 8.06 -4.32
N SER A 113 2.45 8.55 -5.14
CA SER A 113 2.13 9.00 -6.48
C SER A 113 1.82 7.82 -7.40
N PHE A 114 2.52 6.71 -7.18
CA PHE A 114 2.33 5.52 -7.98
C PHE A 114 0.90 4.98 -7.84
N LEU A 115 0.45 4.87 -6.59
CA LEU A 115 -0.89 4.37 -6.31
C LEU A 115 -1.86 5.52 -6.06
N LYS A 116 -1.89 6.47 -6.99
CA LYS A 116 -2.77 7.63 -6.87
C LYS A 116 -4.22 7.19 -6.72
N GLY A 117 -5.11 8.15 -6.48
CA GLY A 117 -6.52 7.85 -6.32
C GLY A 117 -6.91 7.59 -4.88
N ALA A 118 -5.92 7.27 -4.05
CA ALA A 118 -6.16 7.01 -2.64
C ALA A 118 -6.96 8.13 -2.00
N HIS A 119 -8.22 7.85 -1.67
CA HIS A 119 -9.09 8.84 -1.04
C HIS A 119 -8.67 9.10 0.40
N VAL A 120 -8.05 8.10 1.02
CA VAL A 120 -7.60 8.22 2.40
C VAL A 120 -6.29 7.47 2.62
N THR A 121 -5.48 7.96 3.55
CA THR A 121 -4.20 7.34 3.86
C THR A 121 -4.06 7.07 5.35
N ILE A 122 -3.50 5.93 5.70
CA ILE A 122 -3.30 5.56 7.10
C ILE A 122 -1.93 4.94 7.31
N ASN A 123 -1.25 5.40 8.36
CA ASN A 123 0.09 4.88 8.68
C ASN A 123 0.03 3.98 9.90
N ALA A 124 -0.32 2.72 9.69
CA ALA A 124 -0.39 1.75 10.78
C ALA A 124 0.93 1.04 10.99
N ARG A 125 0.96 0.09 11.92
CA ARG A 125 2.17 -0.65 12.21
C ARG A 125 1.85 -2.10 12.59
N ALA A 126 0.80 -2.27 13.40
CA ALA A 126 0.39 -3.60 13.83
C ALA A 126 -0.79 -4.10 13.00
N GLU A 127 -1.00 -5.41 13.02
CA GLU A 127 -2.09 -6.02 12.27
C GLU A 127 -3.44 -5.55 12.80
N GLU A 128 -3.47 -5.15 14.06
CA GLU A 128 -4.70 -4.68 14.69
C GLU A 128 -5.07 -3.29 14.20
N ASP A 129 -4.06 -2.56 13.72
CA ASP A 129 -4.27 -1.20 13.21
C ASP A 129 -4.45 -1.22 11.70
N VAL A 130 -4.89 -2.35 11.16
CA VAL A 130 -5.10 -2.49 9.72
C VAL A 130 -6.21 -3.49 9.43
N GLU A 131 -7.13 -3.64 10.37
CA GLU A 131 -8.25 -4.57 10.21
C GLU A 131 -9.32 -3.97 9.30
N PRO A 132 -10.20 -4.84 8.77
CA PRO A 132 -11.29 -4.43 7.88
C PRO A 132 -12.05 -3.22 8.41
N GLU A 133 -12.54 -3.33 9.64
CA GLU A 133 -13.30 -2.24 10.25
C GLU A 133 -12.39 -1.03 10.51
N CYS A 134 -11.19 -1.30 10.99
CA CYS A 134 -10.23 -0.24 11.29
C CYS A 134 -9.96 0.60 10.05
N ILE A 135 -10.14 0.00 8.88
CA ILE A 135 -9.92 0.70 7.62
C ILE A 135 -11.22 1.27 7.07
N MET A 136 -12.27 0.47 7.13
CA MET A 136 -13.58 0.90 6.63
C MET A 136 -14.10 2.10 7.43
N GLU A 137 -13.65 2.21 8.68
CA GLU A 137 -14.06 3.31 9.54
C GLU A 137 -13.55 4.65 9.00
N LYS A 138 -12.45 4.61 8.25
CA LYS A 138 -11.87 5.81 7.69
C LYS A 138 -12.36 6.03 6.25
N VAL A 139 -12.72 4.94 5.58
CA VAL A 139 -13.21 5.02 4.21
C VAL A 139 -14.50 5.82 4.14
N ALA A 140 -15.34 5.68 5.16
CA ALA A 140 -16.61 6.41 5.20
C ALA A 140 -16.38 7.91 5.19
N SER A 141 -15.39 8.36 5.95
CA SER A 141 -15.07 9.78 6.02
C SER A 141 -14.51 10.29 4.69
N GLY A 142 -15.37 10.92 3.90
CA GLY A 142 -14.94 11.45 2.62
C GLY A 142 -14.07 12.68 2.75
N PRO A 143 -13.55 13.17 1.61
CA PRO A 143 -12.68 14.35 1.58
C PRO A 143 -13.45 15.64 1.83
N SER A 144 -14.69 15.70 1.34
CA SER A 144 -15.53 16.87 1.51
C SER A 144 -15.95 17.04 2.97
N SER A 145 -15.79 18.25 3.48
CA SER A 145 -16.13 18.55 4.87
C SER A 145 -17.11 19.72 4.94
N GLY A 146 -17.92 19.74 6.00
CA GLY A 146 -18.88 20.81 6.17
C GLY A 146 -19.22 21.06 7.62
N GLY A 1 24.13 1.28 5.78
CA GLY A 1 24.72 1.99 6.90
C GLY A 1 25.29 3.34 6.49
N SER A 2 24.41 4.22 6.01
CA SER A 2 24.82 5.55 5.58
C SER A 2 23.97 6.62 6.24
N SER A 3 24.18 7.87 5.84
CA SER A 3 23.43 8.99 6.40
C SER A 3 23.49 10.19 5.47
N GLY A 4 22.73 10.12 4.38
CA GLY A 4 22.71 11.22 3.42
C GLY A 4 21.39 11.99 3.46
N SER A 5 21.10 12.70 2.37
CA SER A 5 19.87 13.48 2.29
C SER A 5 19.24 13.33 0.91
N SER A 6 18.00 12.86 0.89
CA SER A 6 17.27 12.67 -0.38
C SER A 6 18.05 11.76 -1.32
N GLY A 7 18.78 10.81 -0.74
CA GLY A 7 19.57 9.89 -1.55
C GLY A 7 18.80 8.62 -1.88
N MET A 8 18.07 8.10 -0.90
CA MET A 8 17.29 6.89 -1.09
C MET A 8 15.93 7.20 -1.71
N ALA A 9 15.51 6.34 -2.64
CA ALA A 9 14.22 6.53 -3.30
C ALA A 9 13.83 5.30 -4.10
N ALA A 10 12.56 4.92 -4.03
CA ALA A 10 12.06 3.75 -4.73
C ALA A 10 12.31 3.87 -6.23
N ASN A 11 12.48 2.73 -6.89
CA ASN A 11 12.72 2.70 -8.34
C ASN A 11 11.43 2.46 -9.11
N LEU A 12 10.78 1.33 -8.82
CA LEU A 12 9.53 0.97 -9.49
C LEU A 12 9.72 0.91 -10.99
N SER A 13 10.96 0.65 -11.43
CA SER A 13 11.28 0.56 -12.85
C SER A 13 11.23 -0.89 -13.32
N ARG A 14 12.15 -1.70 -12.82
CA ARG A 14 12.22 -3.11 -13.20
C ARG A 14 10.89 -3.79 -12.98
N ASN A 15 10.20 -3.42 -11.89
CA ASN A 15 8.91 -4.01 -11.56
C ASN A 15 7.77 -3.12 -12.07
N GLY A 16 8.06 -2.30 -13.08
CA GLY A 16 7.06 -1.42 -13.64
C GLY A 16 5.80 -2.15 -14.02
N PRO A 17 5.89 -3.02 -15.04
CA PRO A 17 4.75 -3.81 -15.53
C PRO A 17 4.07 -4.59 -14.41
N ALA A 18 4.86 -5.06 -13.45
CA ALA A 18 4.33 -5.83 -12.34
C ALA A 18 3.51 -4.94 -11.40
N LEU A 19 4.17 -3.98 -10.77
CA LEU A 19 3.50 -3.07 -9.84
C LEU A 19 2.29 -2.43 -10.51
N GLN A 20 2.49 -1.93 -11.73
CA GLN A 20 1.40 -1.29 -12.48
C GLN A 20 0.20 -2.22 -12.60
N GLU A 21 0.47 -3.51 -12.70
CA GLU A 21 -0.60 -4.50 -12.83
C GLU A 21 -1.36 -4.64 -11.52
N ALA A 22 -0.63 -4.88 -10.43
CA ALA A 22 -1.24 -5.03 -9.12
C ALA A 22 -2.03 -3.79 -8.73
N TYR A 23 -1.71 -2.67 -9.37
CA TYR A 23 -2.39 -1.40 -9.08
C TYR A 23 -3.58 -1.21 -10.01
N VAL A 24 -3.33 -1.32 -11.32
CA VAL A 24 -4.39 -1.15 -12.31
C VAL A 24 -5.44 -2.25 -12.18
N ARG A 25 -5.07 -3.35 -11.55
CA ARG A 25 -5.98 -4.47 -11.35
C ARG A 25 -7.00 -4.15 -10.25
N VAL A 26 -6.51 -3.70 -9.10
CA VAL A 26 -7.37 -3.36 -7.98
C VAL A 26 -8.43 -2.34 -8.39
N VAL A 27 -8.02 -1.37 -9.21
CA VAL A 27 -8.93 -0.32 -9.67
C VAL A 27 -9.88 -0.87 -10.74
N THR A 28 -9.45 -1.93 -11.42
CA THR A 28 -10.27 -2.54 -12.46
C THR A 28 -11.12 -3.67 -11.90
N GLU A 29 -12.42 -3.42 -11.75
CA GLU A 29 -13.33 -4.42 -11.22
C GLU A 29 -13.48 -5.59 -12.19
N LYS A 30 -13.17 -5.34 -13.46
CA LYS A 30 -13.26 -6.37 -14.48
C LYS A 30 -12.52 -7.63 -14.06
N SER A 31 -11.23 -7.47 -13.72
CA SER A 31 -10.41 -8.59 -13.30
C SER A 31 -10.58 -8.86 -11.81
N PRO A 32 -10.17 -10.07 -11.39
CA PRO A 32 -10.27 -10.48 -9.98
C PRO A 32 -9.15 -9.90 -9.13
N THR A 33 -9.43 -8.82 -8.42
CA THR A 33 -8.44 -8.17 -7.57
C THR A 33 -9.10 -7.27 -6.54
N ASP A 34 -8.82 -7.52 -5.28
CA ASP A 34 -9.39 -6.71 -4.20
C ASP A 34 -8.30 -5.98 -3.42
N TRP A 35 -7.13 -6.61 -3.32
CA TRP A 35 -6.01 -6.01 -2.60
C TRP A 35 -4.71 -6.19 -3.40
N ALA A 36 -3.62 -5.66 -2.85
CA ALA A 36 -2.32 -5.77 -3.50
C ALA A 36 -1.20 -5.31 -2.57
N LEU A 37 -0.26 -6.21 -2.31
CA LEU A 37 0.87 -5.90 -1.43
C LEU A 37 2.11 -5.59 -2.24
N PHE A 38 3.01 -4.80 -1.66
CA PHE A 38 4.25 -4.42 -2.32
C PHE A 38 5.40 -4.31 -1.33
N THR A 39 6.41 -5.16 -1.51
CA THR A 39 7.57 -5.16 -0.62
C THR A 39 8.87 -5.13 -1.41
N TYR A 40 9.97 -4.85 -0.71
CA TYR A 40 11.28 -4.78 -1.36
C TYR A 40 11.75 -6.17 -1.75
N GLU A 41 12.72 -6.23 -2.67
CA GLU A 41 13.27 -7.49 -3.14
C GLU A 41 14.24 -8.07 -2.10
N GLY A 42 15.36 -7.38 -1.90
CA GLY A 42 16.35 -7.84 -0.94
C GLY A 42 17.02 -6.69 -0.22
N ASN A 43 18.26 -6.40 -0.59
CA ASN A 43 19.02 -5.33 0.04
C ASN A 43 19.29 -4.20 -0.95
N SER A 44 18.25 -3.78 -1.67
CA SER A 44 18.37 -2.72 -2.65
C SER A 44 17.03 -2.02 -2.87
N ASN A 45 17.08 -0.85 -3.49
CA ASN A 45 15.86 -0.08 -3.76
C ASN A 45 15.16 -0.60 -5.02
N ASP A 46 14.02 -1.26 -4.82
CA ASP A 46 13.26 -1.81 -5.92
C ASP A 46 11.99 -2.51 -5.42
N ILE A 47 10.94 -1.72 -5.19
CA ILE A 47 9.68 -2.26 -4.72
C ILE A 47 9.09 -3.26 -5.70
N ARG A 48 8.65 -4.41 -5.19
CA ARG A 48 8.07 -5.45 -6.04
C ARG A 48 6.81 -6.01 -5.40
N VAL A 49 5.99 -6.68 -6.21
CA VAL A 49 4.75 -7.28 -5.72
C VAL A 49 5.03 -8.35 -4.67
N ALA A 50 4.16 -8.42 -3.67
CA ALA A 50 4.31 -9.40 -2.60
C ALA A 50 3.12 -10.35 -2.56
N GLY A 51 1.96 -9.87 -2.99
CA GLY A 51 0.77 -10.69 -3.00
C GLY A 51 -0.43 -9.96 -3.57
N THR A 52 -1.30 -10.70 -4.26
CA THR A 52 -2.50 -10.12 -4.84
C THR A 52 -3.62 -11.14 -4.93
N GLY A 53 -4.84 -10.70 -4.63
CA GLY A 53 -5.99 -11.58 -4.69
C GLY A 53 -7.29 -10.87 -4.41
N GLU A 54 -8.40 -11.60 -4.52
CA GLU A 54 -9.72 -11.03 -4.29
C GLU A 54 -10.28 -11.48 -2.94
N GLY A 55 -9.39 -11.82 -2.02
CA GLY A 55 -9.81 -12.27 -0.71
C GLY A 55 -10.38 -11.14 0.13
N GLY A 56 -10.02 -9.91 -0.21
CA GLY A 56 -10.52 -8.76 0.53
C GLY A 56 -9.48 -8.19 1.47
N LEU A 57 -9.91 -7.76 2.65
CA LEU A 57 -9.01 -7.17 3.63
C LEU A 57 -8.47 -8.26 4.57
N GLU A 58 -9.23 -9.33 4.73
CA GLU A 58 -8.82 -10.42 5.60
C GLU A 58 -7.59 -11.15 5.04
N GLU A 59 -7.45 -11.12 3.72
CA GLU A 59 -6.32 -11.76 3.06
C GLU A 59 -5.12 -10.82 3.00
N MET A 60 -5.38 -9.54 2.72
CA MET A 60 -4.32 -8.54 2.65
C MET A 60 -3.52 -8.50 3.94
N VAL A 61 -4.22 -8.39 5.06
CA VAL A 61 -3.58 -8.34 6.37
C VAL A 61 -2.88 -9.66 6.70
N GLU A 62 -3.40 -10.75 6.14
CA GLU A 62 -2.83 -12.07 6.37
C GLU A 62 -1.44 -12.18 5.74
N GLU A 63 -1.20 -11.38 4.70
CA GLU A 63 0.08 -11.39 4.02
C GLU A 63 1.07 -10.45 4.70
N LEU A 64 0.54 -9.39 5.32
CA LEU A 64 1.37 -8.41 6.01
C LEU A 64 2.30 -9.10 7.02
N ASN A 65 3.60 -8.84 6.89
CA ASN A 65 4.59 -9.43 7.77
C ASN A 65 5.15 -8.38 8.74
N SER A 66 4.82 -8.51 10.01
CA SER A 66 5.28 -7.58 11.03
C SER A 66 6.79 -7.63 11.15
N GLY A 67 7.47 -6.69 10.48
CA GLY A 67 8.92 -6.64 10.52
C GLY A 67 9.52 -5.99 9.29
N LYS A 68 8.73 -5.94 8.22
CA LYS A 68 9.19 -5.33 6.97
C LYS A 68 8.16 -4.34 6.44
N VAL A 69 8.64 -3.18 5.98
CA VAL A 69 7.76 -2.15 5.44
C VAL A 69 7.15 -2.58 4.12
N MET A 70 5.83 -2.46 4.02
CA MET A 70 5.11 -2.84 2.81
C MET A 70 3.97 -1.87 2.53
N TYR A 71 3.35 -2.02 1.36
CA TYR A 71 2.25 -1.16 0.96
C TYR A 71 1.04 -1.98 0.52
N ALA A 72 -0.12 -1.70 1.11
CA ALA A 72 -1.34 -2.41 0.77
C ALA A 72 -2.32 -1.50 0.03
N PHE A 73 -2.89 -2.00 -1.06
CA PHE A 73 -3.84 -1.24 -1.85
C PHE A 73 -5.15 -2.01 -2.03
N CYS A 74 -6.12 -1.71 -1.17
CA CYS A 74 -7.42 -2.37 -1.24
C CYS A 74 -8.43 -1.52 -1.98
N ARG A 75 -9.63 -2.06 -2.18
CA ARG A 75 -10.69 -1.35 -2.88
C ARG A 75 -12.06 -1.75 -2.35
N VAL A 76 -12.72 -0.82 -1.66
CA VAL A 76 -14.04 -1.08 -1.09
C VAL A 76 -15.03 0.00 -1.52
N LYS A 77 -16.29 -0.18 -1.12
CA LYS A 77 -17.34 0.78 -1.44
C LYS A 77 -17.79 1.54 -0.20
N ASP A 78 -18.06 2.84 -0.37
CA ASP A 78 -18.50 3.67 0.73
C ASP A 78 -19.92 3.30 1.17
N PRO A 79 -20.29 3.73 2.38
CA PRO A 79 -21.62 3.45 2.94
C PRO A 79 -22.71 4.31 2.31
N ASN A 80 -22.45 5.61 2.21
CA ASN A 80 -23.41 6.53 1.61
C ASN A 80 -23.19 6.66 0.11
N SER A 81 -21.97 6.99 -0.27
CA SER A 81 -21.62 7.15 -1.68
C SER A 81 -21.84 5.85 -2.44
N GLY A 82 -21.55 4.72 -1.79
CA GLY A 82 -21.73 3.43 -2.41
C GLY A 82 -20.87 3.27 -3.66
N LEU A 83 -19.83 4.08 -3.77
CA LEU A 83 -18.94 4.03 -4.93
C LEU A 83 -17.61 3.37 -4.56
N PRO A 84 -16.95 2.77 -5.56
CA PRO A 84 -15.67 2.09 -5.37
C PRO A 84 -14.53 3.08 -5.07
N LYS A 85 -14.07 3.08 -3.83
CA LYS A 85 -12.99 3.97 -3.41
C LYS A 85 -11.68 3.21 -3.26
N PHE A 86 -10.58 3.95 -3.11
CA PHE A 86 -9.27 3.33 -2.95
C PHE A 86 -8.61 3.80 -1.65
N VAL A 87 -8.13 2.83 -0.87
CA VAL A 87 -7.47 3.14 0.39
C VAL A 87 -5.98 2.83 0.32
N LEU A 88 -5.18 3.65 1.00
CA LEU A 88 -3.73 3.48 1.02
C LEU A 88 -3.22 3.28 2.44
N ILE A 89 -2.64 2.11 2.70
CA ILE A 89 -2.11 1.80 4.01
C ILE A 89 -0.59 1.66 3.98
N ASN A 90 0.08 2.36 4.89
CA ASN A 90 1.54 2.31 4.96
C ASN A 90 2.00 1.32 6.02
N TRP A 91 1.91 0.03 5.69
CA TRP A 91 2.33 -1.02 6.61
C TRP A 91 3.74 -0.77 7.14
N THR A 92 3.87 -0.74 8.45
CA THR A 92 5.17 -0.51 9.09
C THR A 92 5.35 -1.37 10.32
N GLY A 93 5.88 -2.58 10.12
CA GLY A 93 6.09 -3.50 11.22
C GLY A 93 6.87 -2.86 12.36
N GLU A 94 6.52 -3.21 13.59
CA GLU A 94 7.19 -2.67 14.76
C GLU A 94 8.63 -3.16 14.84
N GLY A 95 8.87 -4.38 14.36
CA GLY A 95 10.20 -4.95 14.38
C GLY A 95 11.20 -4.09 13.64
N VAL A 96 10.71 -3.24 12.75
CA VAL A 96 11.58 -2.36 11.97
C VAL A 96 12.19 -1.27 12.85
N ASN A 97 13.51 -1.31 12.99
CA ASN A 97 14.23 -0.33 13.81
C ASN A 97 13.85 1.09 13.40
N ASP A 98 13.77 1.98 14.38
CA ASP A 98 13.42 3.37 14.13
C ASP A 98 14.31 3.97 13.04
N VAL A 99 15.59 3.61 13.07
CA VAL A 99 16.55 4.10 12.10
C VAL A 99 16.07 3.83 10.68
N ARG A 100 15.28 2.78 10.51
CA ARG A 100 14.75 2.41 9.20
C ARG A 100 13.47 3.17 8.90
N LYS A 101 12.64 3.36 9.93
CA LYS A 101 11.38 4.07 9.78
C LYS A 101 11.58 5.42 9.11
N GLY A 102 12.69 6.07 9.44
CA GLY A 102 12.99 7.37 8.87
C GLY A 102 13.62 7.26 7.49
N ALA A 103 14.16 6.09 7.18
CA ALA A 103 14.80 5.86 5.89
C ALA A 103 13.77 5.40 4.86
N CYS A 104 12.73 4.73 5.32
CA CYS A 104 11.68 4.24 4.44
C CYS A 104 10.68 5.33 4.09
N ALA A 105 10.57 6.32 4.99
CA ALA A 105 9.65 7.44 4.78
C ALA A 105 9.94 8.16 3.48
N SER A 106 11.23 8.28 3.15
CA SER A 106 11.65 8.97 1.94
C SER A 106 11.07 8.28 0.71
N HIS A 107 10.89 6.97 0.80
CA HIS A 107 10.34 6.19 -0.31
C HIS A 107 8.83 6.39 -0.42
N VAL A 108 8.18 6.63 0.72
CA VAL A 108 6.75 6.83 0.76
C VAL A 108 6.32 7.91 -0.23
N SER A 109 7.17 8.91 -0.40
CA SER A 109 6.89 10.01 -1.32
C SER A 109 6.75 9.51 -2.75
N THR A 110 7.57 8.51 -3.10
CA THR A 110 7.55 7.94 -4.44
C THR A 110 6.39 6.96 -4.59
N MET A 111 6.27 6.03 -3.64
CA MET A 111 5.20 5.04 -3.68
C MET A 111 3.83 5.71 -3.66
N ALA A 112 3.67 6.69 -2.77
CA ALA A 112 2.40 7.40 -2.65
C ALA A 112 1.94 7.94 -4.01
N SER A 113 2.89 8.50 -4.77
CA SER A 113 2.56 9.05 -6.08
C SER A 113 2.10 7.94 -7.03
N PHE A 114 2.84 6.84 -7.06
CA PHE A 114 2.50 5.71 -7.92
C PHE A 114 1.07 5.24 -7.65
N LEU A 115 0.79 4.88 -6.40
CA LEU A 115 -0.53 4.41 -6.01
C LEU A 115 -1.51 5.58 -5.90
N LYS A 116 -1.81 6.20 -7.03
CA LYS A 116 -2.73 7.33 -7.05
C LYS A 116 -4.17 6.86 -6.90
N GLY A 117 -5.09 7.79 -6.70
CA GLY A 117 -6.49 7.46 -6.55
C GLY A 117 -6.88 7.25 -5.09
N ALA A 118 -5.88 7.03 -4.24
CA ALA A 118 -6.12 6.82 -2.82
C ALA A 118 -6.97 7.95 -2.23
N HIS A 119 -8.24 7.65 -1.99
CA HIS A 119 -9.17 8.64 -1.44
C HIS A 119 -8.85 8.90 0.03
N VAL A 120 -8.26 7.92 0.70
CA VAL A 120 -7.91 8.04 2.10
C VAL A 120 -6.58 7.36 2.40
N THR A 121 -5.83 7.94 3.34
CA THR A 121 -4.53 7.39 3.72
C THR A 121 -4.50 7.03 5.20
N ILE A 122 -3.89 5.89 5.51
CA ILE A 122 -3.79 5.43 6.89
C ILE A 122 -2.40 4.86 7.19
N ASN A 123 -1.79 5.33 8.28
CA ASN A 123 -0.47 4.87 8.67
C ASN A 123 -0.55 3.94 9.87
N ALA A 124 -0.68 2.65 9.62
CA ALA A 124 -0.76 1.66 10.68
C ALA A 124 0.60 1.03 10.96
N ARG A 125 0.61 -0.03 11.76
CA ARG A 125 1.84 -0.72 12.11
C ARG A 125 1.57 -2.18 12.44
N ALA A 126 0.50 -2.42 13.19
CA ALA A 126 0.13 -3.77 13.58
C ALA A 126 -1.06 -4.28 12.77
N GLU A 127 -1.36 -5.57 12.90
CA GLU A 127 -2.46 -6.17 12.17
C GLU A 127 -3.80 -5.68 12.71
N GLU A 128 -3.81 -5.26 13.98
CA GLU A 128 -5.02 -4.76 14.62
C GLU A 128 -5.37 -3.37 14.10
N ASP A 129 -4.36 -2.65 13.62
CA ASP A 129 -4.56 -1.31 13.09
C ASP A 129 -4.74 -1.33 11.58
N VAL A 130 -5.21 -2.46 11.06
CA VAL A 130 -5.43 -2.61 9.63
C VAL A 130 -6.56 -3.60 9.35
N GLU A 131 -7.48 -3.73 10.31
CA GLU A 131 -8.61 -4.62 10.16
C GLU A 131 -9.67 -4.03 9.23
N PRO A 132 -10.57 -4.88 8.73
CA PRO A 132 -11.65 -4.47 7.83
C PRO A 132 -12.38 -3.24 8.34
N GLU A 133 -12.88 -3.32 9.57
CA GLU A 133 -13.61 -2.22 10.19
C GLU A 133 -12.69 -1.01 10.40
N CYS A 134 -11.47 -1.28 10.86
CA CYS A 134 -10.50 -0.23 11.11
C CYS A 134 -10.24 0.59 9.86
N ILE A 135 -10.45 -0.03 8.70
CA ILE A 135 -10.24 0.64 7.42
C ILE A 135 -11.55 1.23 6.89
N MET A 136 -12.62 0.44 6.97
CA MET A 136 -13.93 0.89 6.51
C MET A 136 -14.41 2.09 7.30
N GLU A 137 -13.97 2.18 8.56
CA GLU A 137 -14.37 3.29 9.42
C GLU A 137 -13.81 4.62 8.90
N LYS A 138 -12.72 4.54 8.17
CA LYS A 138 -12.08 5.72 7.61
C LYS A 138 -12.55 5.96 6.18
N VAL A 139 -12.93 4.88 5.49
CA VAL A 139 -13.40 4.97 4.12
C VAL A 139 -14.67 5.82 4.02
N ALA A 140 -15.55 5.67 5.00
CA ALA A 140 -16.80 6.42 5.04
C ALA A 140 -16.54 7.93 5.07
N SER A 141 -15.47 8.32 5.76
CA SER A 141 -15.10 9.72 5.87
C SER A 141 -14.39 10.21 4.61
N GLY A 142 -15.13 10.92 3.76
CA GLY A 142 -14.56 11.43 2.53
C GLY A 142 -14.21 12.90 2.62
N PRO A 143 -13.87 13.51 1.47
CA PRO A 143 -13.52 14.93 1.40
C PRO A 143 -14.53 15.82 2.10
N SER A 144 -14.06 16.61 3.06
CA SER A 144 -14.94 17.51 3.81
C SER A 144 -14.49 18.96 3.64
N SER A 145 -15.43 19.88 3.83
CA SER A 145 -15.13 21.31 3.70
C SER A 145 -15.50 22.06 4.98
N GLY A 146 -16.79 22.14 5.25
CA GLY A 146 -17.25 22.83 6.45
C GLY A 146 -18.00 24.10 6.13
N GLY A 1 35.99 -10.79 -11.24
CA GLY A 1 35.37 -10.30 -10.03
C GLY A 1 34.02 -9.66 -10.29
N SER A 2 33.03 -9.99 -9.47
CA SER A 2 31.69 -9.44 -9.62
C SER A 2 31.38 -8.43 -8.53
N SER A 3 30.60 -7.42 -8.87
CA SER A 3 30.24 -6.38 -7.91
C SER A 3 28.76 -6.02 -8.04
N GLY A 4 28.06 -6.00 -6.91
CA GLY A 4 26.64 -5.67 -6.91
C GLY A 4 26.39 -4.23 -7.27
N SER A 5 25.21 -3.95 -7.82
CA SER A 5 24.84 -2.60 -8.21
C SER A 5 24.23 -1.83 -7.05
N SER A 6 24.31 -0.51 -7.11
CA SER A 6 23.77 0.34 -6.05
C SER A 6 22.55 1.11 -6.54
N GLY A 7 21.94 1.88 -5.65
CA GLY A 7 20.77 2.66 -6.01
C GLY A 7 20.32 3.58 -4.89
N MET A 8 19.32 4.40 -5.17
CA MET A 8 18.79 5.33 -4.18
C MET A 8 17.27 5.46 -4.30
N ALA A 9 16.60 5.64 -3.16
CA ALA A 9 15.16 5.78 -3.15
C ALA A 9 14.48 4.53 -3.70
N ALA A 10 13.15 4.49 -3.61
CA ALA A 10 12.39 3.35 -4.10
C ALA A 10 12.47 3.25 -5.61
N ASN A 11 12.82 2.07 -6.12
CA ASN A 11 12.93 1.85 -7.55
C ASN A 11 11.72 1.09 -8.08
N LEU A 12 11.06 1.67 -9.08
CA LEU A 12 9.88 1.06 -9.68
C LEU A 12 10.01 0.98 -11.20
N SER A 13 11.25 0.88 -11.68
CA SER A 13 11.52 0.80 -13.11
C SER A 13 11.66 -0.66 -13.55
N ARG A 14 12.58 -1.37 -12.91
CA ARG A 14 12.82 -2.78 -13.24
C ARG A 14 11.51 -3.57 -13.22
N ASN A 15 10.70 -3.33 -12.20
CA ASN A 15 9.42 -4.03 -12.06
C ASN A 15 8.26 -3.06 -12.26
N GLY A 16 8.50 -2.01 -13.03
CA GLY A 16 7.46 -1.02 -13.28
C GLY A 16 6.18 -1.66 -13.80
N PRO A 17 6.24 -2.22 -15.02
CA PRO A 17 5.10 -2.87 -15.65
C PRO A 17 4.39 -3.84 -14.71
N ALA A 18 5.18 -4.62 -13.98
CA ALA A 18 4.62 -5.59 -13.04
C ALA A 18 3.80 -4.91 -11.97
N LEU A 19 4.43 -4.03 -11.21
CA LEU A 19 3.75 -3.31 -10.13
C LEU A 19 2.49 -2.63 -10.66
N GLN A 20 2.60 -1.97 -11.81
CA GLN A 20 1.47 -1.29 -12.41
C GLN A 20 0.32 -2.26 -12.68
N GLU A 21 0.67 -3.49 -13.06
CA GLU A 21 -0.32 -4.51 -13.34
C GLU A 21 -1.18 -4.80 -12.12
N ALA A 22 -0.51 -5.10 -11.00
CA ALA A 22 -1.22 -5.40 -9.75
C ALA A 22 -2.10 -4.24 -9.33
N TYR A 23 -1.71 -3.03 -9.74
CA TYR A 23 -2.48 -1.84 -9.40
C TYR A 23 -3.69 -1.68 -10.32
N VAL A 24 -3.45 -1.76 -11.62
CA VAL A 24 -4.52 -1.63 -12.60
C VAL A 24 -5.68 -2.57 -12.28
N ARG A 25 -5.34 -3.75 -11.75
CA ARG A 25 -6.36 -4.74 -11.41
C ARG A 25 -7.15 -4.30 -10.18
N VAL A 26 -6.44 -3.85 -9.15
CA VAL A 26 -7.07 -3.39 -7.92
C VAL A 26 -8.05 -2.25 -8.20
N VAL A 27 -7.77 -1.47 -9.23
CA VAL A 27 -8.62 -0.35 -9.60
C VAL A 27 -9.64 -0.76 -10.65
N THR A 28 -9.34 -1.83 -11.37
CA THR A 28 -10.24 -2.33 -12.41
C THR A 28 -11.07 -3.50 -11.90
N GLU A 29 -12.39 -3.29 -11.82
CA GLU A 29 -13.29 -4.33 -11.36
C GLU A 29 -13.40 -5.45 -12.38
N LYS A 30 -13.02 -5.16 -13.61
CA LYS A 30 -13.07 -6.15 -14.69
C LYS A 30 -12.37 -7.44 -14.28
N SER A 31 -11.13 -7.31 -13.81
CA SER A 31 -10.34 -8.46 -13.39
C SER A 31 -10.59 -8.77 -11.91
N PRO A 32 -10.23 -10.00 -11.50
CA PRO A 32 -10.40 -10.44 -10.11
C PRO A 32 -9.28 -9.95 -9.20
N THR A 33 -9.55 -8.87 -8.47
CA THR A 33 -8.55 -8.30 -7.56
C THR A 33 -9.22 -7.40 -6.53
N ASP A 34 -8.80 -7.53 -5.28
CA ASP A 34 -9.36 -6.71 -4.20
C ASP A 34 -8.26 -5.91 -3.52
N TRP A 35 -7.11 -6.54 -3.31
CA TRP A 35 -5.98 -5.87 -2.66
C TRP A 35 -4.70 -6.09 -3.46
N ALA A 36 -3.60 -5.54 -2.96
CA ALA A 36 -2.31 -5.67 -3.62
C ALA A 36 -1.17 -5.24 -2.69
N LEU A 37 -0.28 -6.18 -2.38
CA LEU A 37 0.86 -5.89 -1.51
C LEU A 37 2.14 -5.70 -2.33
N PHE A 38 3.01 -4.82 -1.85
CA PHE A 38 4.26 -4.54 -2.53
C PHE A 38 5.40 -4.35 -1.53
N THR A 39 6.40 -5.21 -1.61
CA THR A 39 7.55 -5.15 -0.71
C THR A 39 8.85 -5.06 -1.48
N TYR A 40 9.94 -4.76 -0.77
CA TYR A 40 11.25 -4.65 -1.39
C TYR A 40 11.72 -5.99 -1.93
N GLU A 41 12.71 -5.96 -2.82
CA GLU A 41 13.26 -7.17 -3.40
C GLU A 41 13.99 -8.01 -2.35
N GLY A 42 15.07 -7.44 -1.81
CA GLY A 42 15.84 -8.14 -0.79
C GLY A 42 17.24 -7.60 -0.65
N ASN A 43 17.48 -6.86 0.43
CA ASN A 43 18.79 -6.28 0.68
C ASN A 43 19.17 -5.29 -0.42
N SER A 44 18.16 -4.70 -1.06
CA SER A 44 18.38 -3.74 -2.13
C SER A 44 17.12 -2.92 -2.39
N ASN A 45 17.31 -1.70 -2.89
CA ASN A 45 16.19 -0.82 -3.18
C ASN A 45 15.52 -1.19 -4.51
N ASP A 46 14.32 -1.77 -4.42
CA ASP A 46 13.59 -2.18 -5.60
C ASP A 46 12.22 -2.76 -5.22
N ILE A 47 11.24 -1.88 -5.06
CA ILE A 47 9.89 -2.30 -4.70
C ILE A 47 9.30 -3.23 -5.76
N ARG A 48 8.80 -4.37 -5.32
CA ARG A 48 8.20 -5.34 -6.24
C ARG A 48 6.94 -5.96 -5.63
N VAL A 49 6.13 -6.58 -6.47
CA VAL A 49 4.89 -7.21 -6.03
C VAL A 49 5.16 -8.19 -4.88
N ALA A 50 4.22 -8.25 -3.93
CA ALA A 50 4.35 -9.14 -2.79
C ALA A 50 3.25 -10.19 -2.79
N GLY A 51 2.06 -9.80 -3.23
CA GLY A 51 0.95 -10.73 -3.28
C GLY A 51 -0.36 -10.05 -3.61
N THR A 52 -1.27 -10.78 -4.23
CA THR A 52 -2.58 -10.24 -4.61
C THR A 52 -3.69 -11.24 -4.34
N GLY A 53 -4.87 -10.72 -4.02
CA GLY A 53 -6.01 -11.59 -3.74
C GLY A 53 -7.34 -10.90 -4.00
N GLU A 54 -8.42 -11.65 -3.88
CA GLU A 54 -9.76 -11.11 -4.11
C GLU A 54 -10.69 -11.43 -2.94
N GLY A 55 -10.10 -11.59 -1.76
CA GLY A 55 -10.89 -11.90 -0.57
C GLY A 55 -11.25 -10.67 0.23
N GLY A 56 -10.46 -9.61 0.07
CA GLY A 56 -10.72 -8.37 0.80
C GLY A 56 -9.65 -8.08 1.83
N LEU A 57 -9.99 -7.24 2.81
CA LEU A 57 -9.05 -6.86 3.86
C LEU A 57 -8.73 -8.07 4.75
N GLU A 58 -9.73 -8.93 4.95
CA GLU A 58 -9.55 -10.11 5.78
C GLU A 58 -8.47 -11.01 5.22
N GLU A 59 -8.24 -10.93 3.90
CA GLU A 59 -7.23 -11.75 3.25
C GLU A 59 -5.98 -10.92 2.96
N MET A 60 -6.16 -9.61 2.83
CA MET A 60 -5.04 -8.71 2.55
C MET A 60 -4.08 -8.66 3.74
N VAL A 61 -4.62 -8.39 4.91
CA VAL A 61 -3.81 -8.31 6.13
C VAL A 61 -3.13 -9.64 6.42
N GLU A 62 -3.75 -10.73 5.99
CA GLU A 62 -3.20 -12.06 6.20
C GLU A 62 -1.78 -12.16 5.64
N GLU A 63 -1.50 -11.33 4.64
CA GLU A 63 -0.18 -11.33 4.01
C GLU A 63 0.77 -10.40 4.75
N LEU A 64 0.23 -9.32 5.31
CA LEU A 64 1.03 -8.35 6.04
C LEU A 64 1.87 -9.04 7.10
N ASN A 65 3.19 -8.82 7.04
CA ASN A 65 4.11 -9.42 8.00
C ASN A 65 4.68 -8.37 8.95
N SER A 66 4.45 -8.56 10.24
CA SER A 66 4.93 -7.62 11.25
C SER A 66 6.45 -7.71 11.39
N GLY A 67 7.15 -6.80 10.71
CA GLY A 67 8.60 -6.79 10.78
C GLY A 67 9.23 -6.19 9.53
N LYS A 68 8.46 -6.12 8.45
CA LYS A 68 8.95 -5.57 7.19
C LYS A 68 7.96 -4.54 6.64
N VAL A 69 8.49 -3.41 6.20
CA VAL A 69 7.65 -2.34 5.65
C VAL A 69 7.07 -2.74 4.30
N MET A 70 5.77 -2.57 4.14
CA MET A 70 5.08 -2.92 2.90
C MET A 70 3.96 -1.93 2.61
N TYR A 71 3.38 -2.04 1.41
CA TYR A 71 2.29 -1.17 1.01
C TYR A 71 1.06 -1.97 0.59
N ALA A 72 -0.07 -1.66 1.21
CA ALA A 72 -1.32 -2.35 0.90
C ALA A 72 -2.28 -1.43 0.16
N PHE A 73 -2.86 -1.94 -0.93
CA PHE A 73 -3.80 -1.17 -1.72
C PHE A 73 -5.11 -1.94 -1.93
N CYS A 74 -6.08 -1.67 -1.07
CA CYS A 74 -7.37 -2.34 -1.16
C CYS A 74 -8.39 -1.47 -1.89
N ARG A 75 -9.52 -2.07 -2.26
CA ARG A 75 -10.56 -1.35 -2.97
C ARG A 75 -11.95 -1.78 -2.47
N VAL A 76 -12.62 -0.86 -1.78
CA VAL A 76 -13.95 -1.13 -1.25
C VAL A 76 -14.91 0.02 -1.53
N LYS A 77 -16.18 -0.30 -1.74
CA LYS A 77 -17.18 0.71 -2.01
C LYS A 77 -17.58 1.45 -0.74
N ASP A 78 -17.70 2.78 -0.84
CA ASP A 78 -18.08 3.60 0.31
C ASP A 78 -19.48 3.25 0.79
N PRO A 79 -19.80 3.66 2.03
CA PRO A 79 -21.10 3.40 2.64
C PRO A 79 -22.20 4.29 2.06
N ASN A 80 -21.93 5.59 1.98
CA ASN A 80 -22.88 6.54 1.44
C ASN A 80 -22.71 6.71 -0.07
N SER A 81 -21.48 6.96 -0.49
CA SER A 81 -21.18 7.15 -1.90
C SER A 81 -21.64 5.94 -2.72
N GLY A 82 -21.42 4.75 -2.19
CA GLY A 82 -21.83 3.54 -2.87
C GLY A 82 -20.99 3.27 -4.11
N LEU A 83 -19.81 3.88 -4.17
CA LEU A 83 -18.91 3.70 -5.31
C LEU A 83 -17.55 3.21 -4.86
N PRO A 84 -16.83 2.50 -5.75
CA PRO A 84 -15.50 1.96 -5.46
C PRO A 84 -14.56 3.03 -4.92
N LYS A 85 -14.00 2.78 -3.74
CA LYS A 85 -13.06 3.72 -3.13
C LYS A 85 -11.71 3.07 -2.89
N PHE A 86 -10.64 3.79 -3.21
CA PHE A 86 -9.29 3.28 -3.03
C PHE A 86 -8.72 3.71 -1.68
N VAL A 87 -7.95 2.82 -1.06
CA VAL A 87 -7.35 3.12 0.24
C VAL A 87 -5.86 2.82 0.23
N LEU A 88 -5.08 3.64 0.93
CA LEU A 88 -3.64 3.47 0.99
C LEU A 88 -3.18 3.27 2.44
N ILE A 89 -2.52 2.15 2.70
CA ILE A 89 -2.02 1.84 4.04
C ILE A 89 -0.50 1.73 4.04
N ASN A 90 0.13 2.40 5.01
CA ASN A 90 1.58 2.38 5.13
C ASN A 90 2.02 1.37 6.19
N TRP A 91 1.92 0.09 5.86
CA TRP A 91 2.31 -0.98 6.78
C TRP A 91 3.72 -0.74 7.31
N THR A 92 3.83 -0.65 8.64
CA THR A 92 5.13 -0.43 9.28
C THR A 92 5.31 -1.35 10.48
N GLY A 93 5.83 -2.55 10.23
CA GLY A 93 6.04 -3.50 11.31
C GLY A 93 6.83 -2.90 12.46
N GLU A 94 6.37 -3.18 13.68
CA GLU A 94 7.04 -2.66 14.88
C GLU A 94 8.47 -3.18 14.97
N GLY A 95 8.70 -4.37 14.42
CA GLY A 95 10.02 -4.96 14.45
C GLY A 95 11.07 -4.08 13.80
N VAL A 96 10.62 -3.16 12.95
CA VAL A 96 11.53 -2.24 12.26
C VAL A 96 12.03 -1.16 13.21
N ASN A 97 13.36 -1.04 13.30
CA ASN A 97 13.96 -0.04 14.18
C ASN A 97 13.48 1.37 13.81
N ASP A 98 13.98 2.36 14.54
CA ASP A 98 13.60 3.75 14.29
C ASP A 98 14.44 4.34 13.14
N VAL A 99 15.73 3.99 13.13
CA VAL A 99 16.63 4.49 12.09
C VAL A 99 16.15 4.07 10.70
N ARG A 100 15.40 2.98 10.65
CA ARG A 100 14.88 2.47 9.38
C ARG A 100 13.51 3.07 9.07
N LYS A 101 12.68 3.19 10.10
CA LYS A 101 11.34 3.75 9.94
C LYS A 101 11.40 5.12 9.28
N GLY A 102 12.44 5.89 9.59
CA GLY A 102 12.60 7.21 9.00
C GLY A 102 13.26 7.16 7.63
N ALA A 103 13.96 6.06 7.35
CA ALA A 103 14.63 5.90 6.07
C ALA A 103 13.70 5.30 5.02
N CYS A 104 12.69 4.56 5.49
CA CYS A 104 11.73 3.94 4.59
C CYS A 104 10.62 4.91 4.20
N ALA A 105 10.38 5.89 5.08
CA ALA A 105 9.34 6.89 4.83
C ALA A 105 9.65 7.70 3.59
N SER A 106 10.94 7.89 3.32
CA SER A 106 11.37 8.67 2.16
C SER A 106 10.86 8.04 0.87
N HIS A 107 10.63 6.73 0.90
CA HIS A 107 10.14 6.00 -0.26
C HIS A 107 8.63 6.16 -0.41
N VAL A 108 7.97 6.41 0.71
CA VAL A 108 6.51 6.59 0.71
C VAL A 108 6.09 7.72 -0.23
N SER A 109 6.95 8.73 -0.35
CA SER A 109 6.67 9.87 -1.21
C SER A 109 6.49 9.43 -2.66
N THR A 110 7.32 8.49 -3.09
CA THR A 110 7.25 7.98 -4.45
C THR A 110 6.08 7.01 -4.62
N MET A 111 5.98 6.06 -3.70
CA MET A 111 4.91 5.07 -3.74
C MET A 111 3.54 5.74 -3.79
N ALA A 112 3.37 6.76 -2.94
CA ALA A 112 2.11 7.50 -2.87
C ALA A 112 1.69 7.96 -4.26
N SER A 113 2.64 8.50 -5.02
CA SER A 113 2.36 8.99 -6.36
C SER A 113 1.96 7.85 -7.29
N PHE A 114 2.62 6.70 -7.12
CA PHE A 114 2.33 5.54 -7.94
C PHE A 114 0.92 5.03 -7.69
N LEU A 115 0.64 4.65 -6.45
CA LEU A 115 -0.68 4.14 -6.08
C LEU A 115 -1.68 5.29 -5.90
N LYS A 116 -1.97 5.99 -6.97
CA LYS A 116 -2.91 7.11 -6.94
C LYS A 116 -4.33 6.62 -6.72
N GLY A 117 -5.26 7.56 -6.56
CA GLY A 117 -6.65 7.20 -6.36
C GLY A 117 -7.00 7.06 -4.89
N ALA A 118 -5.98 6.91 -4.05
CA ALA A 118 -6.19 6.77 -2.61
C ALA A 118 -7.07 7.88 -2.07
N HIS A 119 -8.29 7.53 -1.68
CA HIS A 119 -9.23 8.51 -1.14
C HIS A 119 -8.94 8.79 0.34
N VAL A 120 -8.34 7.82 1.01
CA VAL A 120 -8.01 7.96 2.42
C VAL A 120 -6.67 7.30 2.74
N THR A 121 -5.81 8.05 3.42
CA THR A 121 -4.48 7.54 3.79
C THR A 121 -4.44 7.17 5.27
N ILE A 122 -3.75 6.07 5.58
CA ILE A 122 -3.62 5.61 6.95
C ILE A 122 -2.22 5.07 7.22
N ASN A 123 -1.62 5.50 8.33
CA ASN A 123 -0.28 5.06 8.70
C ASN A 123 -0.33 4.15 9.92
N ALA A 124 -0.49 2.85 9.68
CA ALA A 124 -0.56 1.87 10.76
C ALA A 124 0.80 1.19 10.96
N ARG A 125 0.85 0.28 11.93
CA ARG A 125 2.08 -0.45 12.23
C ARG A 125 1.79 -1.90 12.56
N ALA A 126 0.74 -2.13 13.35
CA ALA A 126 0.36 -3.47 13.75
C ALA A 126 -0.84 -3.96 12.94
N GLU A 127 -1.03 -5.28 12.92
CA GLU A 127 -2.13 -5.87 12.17
C GLU A 127 -3.47 -5.42 12.74
N GLU A 128 -3.48 -5.05 14.01
CA GLU A 128 -4.70 -4.59 14.67
C GLU A 128 -5.09 -3.20 14.18
N ASP A 129 -4.11 -2.44 13.69
CA ASP A 129 -4.35 -1.10 13.19
C ASP A 129 -4.56 -1.10 11.69
N VAL A 130 -5.00 -2.24 11.16
CA VAL A 130 -5.25 -2.38 9.73
C VAL A 130 -6.36 -3.38 9.46
N GLU A 131 -7.25 -3.57 10.43
CA GLU A 131 -8.36 -4.50 10.30
C GLU A 131 -9.44 -3.94 9.37
N PRO A 132 -10.32 -4.82 8.88
CA PRO A 132 -11.41 -4.43 7.98
C PRO A 132 -12.17 -3.22 8.49
N GLU A 133 -12.66 -3.31 9.71
CA GLU A 133 -13.42 -2.22 10.31
C GLU A 133 -12.52 -1.00 10.56
N CYS A 134 -11.32 -1.25 11.04
CA CYS A 134 -10.37 -0.19 11.32
C CYS A 134 -10.09 0.64 10.06
N ILE A 135 -10.26 0.01 8.91
CA ILE A 135 -10.04 0.69 7.63
C ILE A 135 -11.33 1.24 7.07
N MET A 136 -12.40 0.45 7.12
CA MET A 136 -13.70 0.86 6.62
C MET A 136 -14.21 2.08 7.38
N GLU A 137 -13.78 2.23 8.63
CA GLU A 137 -14.20 3.35 9.45
C GLU A 137 -13.62 4.67 8.91
N LYS A 138 -12.49 4.56 8.22
CA LYS A 138 -11.84 5.73 7.65
C LYS A 138 -12.25 5.94 6.20
N VAL A 139 -12.62 4.85 5.54
CA VAL A 139 -13.05 4.92 4.14
C VAL A 139 -14.32 5.75 3.99
N ALA A 140 -15.20 5.66 4.99
CA ALA A 140 -16.45 6.40 4.97
C ALA A 140 -16.20 7.91 4.96
N SER A 141 -15.19 8.33 5.72
CA SER A 141 -14.84 9.74 5.82
C SER A 141 -14.55 10.32 4.42
N GLY A 142 -15.40 11.26 4.00
CA GLY A 142 -15.21 11.87 2.69
C GLY A 142 -15.42 13.37 2.73
N PRO A 143 -15.46 13.99 1.54
CA PRO A 143 -15.65 15.44 1.41
C PRO A 143 -16.87 15.93 2.20
N SER A 144 -18.03 15.36 1.91
CA SER A 144 -19.26 15.76 2.58
C SER A 144 -19.53 17.25 2.42
N SER A 145 -19.19 17.78 1.25
CA SER A 145 -19.39 19.19 0.96
C SER A 145 -18.61 20.06 1.95
N GLY A 146 -18.72 21.37 1.78
CA GLY A 146 -18.02 22.30 2.67
C GLY A 146 -18.27 23.75 2.30
N GLY A 1 34.12 4.40 5.30
CA GLY A 1 34.21 5.85 5.42
C GLY A 1 33.04 6.57 4.77
N SER A 2 32.83 7.82 5.16
CA SER A 2 31.73 8.60 4.63
C SER A 2 32.22 9.51 3.50
N SER A 3 31.67 9.31 2.30
CA SER A 3 32.06 10.11 1.15
C SER A 3 30.91 10.21 0.14
N GLY A 4 30.53 11.42 -0.20
CA GLY A 4 29.44 11.63 -1.15
C GLY A 4 28.09 11.70 -0.46
N SER A 5 27.07 12.10 -1.21
CA SER A 5 25.72 12.21 -0.67
C SER A 5 24.70 11.52 -1.58
N SER A 6 23.89 10.65 -0.99
CA SER A 6 22.89 9.92 -1.74
C SER A 6 21.48 10.27 -1.26
N GLY A 7 20.47 9.72 -1.93
CA GLY A 7 19.10 10.00 -1.57
C GLY A 7 18.26 8.74 -1.52
N MET A 8 17.53 8.55 -0.42
CA MET A 8 16.68 7.37 -0.24
C MET A 8 15.28 7.65 -0.78
N ALA A 9 14.81 6.78 -1.67
CA ALA A 9 13.49 6.92 -2.26
C ALA A 9 13.12 5.69 -3.09
N ALA A 10 11.85 5.30 -3.03
CA ALA A 10 11.37 4.14 -3.77
C ALA A 10 11.71 4.26 -5.25
N ASN A 11 11.91 3.12 -5.90
CA ASN A 11 12.25 3.09 -7.32
C ASN A 11 11.04 2.68 -8.15
N LEU A 12 10.58 1.45 -7.94
CA LEU A 12 9.42 0.93 -8.68
C LEU A 12 9.67 0.99 -10.18
N SER A 13 10.95 0.94 -10.57
CA SER A 13 11.32 0.98 -11.98
C SER A 13 11.53 -0.43 -12.53
N ARG A 14 12.38 -1.19 -11.85
CA ARG A 14 12.67 -2.55 -12.27
C ARG A 14 11.39 -3.36 -12.42
N ASN A 15 10.51 -3.29 -11.42
CA ASN A 15 9.25 -4.01 -11.45
C ASN A 15 8.10 -3.10 -11.84
N GLY A 16 8.37 -2.19 -12.79
CA GLY A 16 7.35 -1.27 -13.24
C GLY A 16 6.08 -1.96 -13.67
N PRO A 17 6.17 -2.73 -14.78
CA PRO A 17 5.02 -3.47 -15.32
C PRO A 17 4.33 -4.32 -14.26
N ALA A 18 5.12 -5.07 -13.50
CA ALA A 18 4.58 -5.93 -12.45
C ALA A 18 3.73 -5.13 -11.48
N LEU A 19 4.35 -4.16 -10.82
CA LEU A 19 3.65 -3.32 -9.84
C LEU A 19 2.42 -2.69 -10.47
N GLN A 20 2.61 -2.01 -11.59
CA GLN A 20 1.50 -1.36 -12.30
C GLN A 20 0.36 -2.34 -12.55
N GLU A 21 0.72 -3.56 -12.96
CA GLU A 21 -0.27 -4.59 -13.25
C GLU A 21 -1.19 -4.81 -12.06
N ALA A 22 -0.58 -5.07 -10.90
CA ALA A 22 -1.36 -5.30 -9.68
C ALA A 22 -2.15 -4.06 -9.30
N TYR A 23 -1.67 -2.89 -9.72
CA TYR A 23 -2.34 -1.63 -9.41
C TYR A 23 -3.51 -1.39 -10.36
N VAL A 24 -3.43 -1.97 -11.56
CA VAL A 24 -4.48 -1.82 -12.55
C VAL A 24 -5.65 -2.75 -12.27
N ARG A 25 -5.34 -3.92 -11.72
CA ARG A 25 -6.36 -4.91 -11.39
C ARG A 25 -7.20 -4.45 -10.19
N VAL A 26 -6.51 -4.02 -9.14
CA VAL A 26 -7.19 -3.56 -7.93
C VAL A 26 -8.15 -2.42 -8.24
N VAL A 27 -7.82 -1.63 -9.26
CA VAL A 27 -8.65 -0.51 -9.66
C VAL A 27 -9.65 -0.92 -10.74
N THR A 28 -9.34 -2.00 -11.45
CA THR A 28 -10.20 -2.50 -12.51
C THR A 28 -11.04 -3.68 -12.02
N GLU A 29 -12.35 -3.46 -11.93
CA GLU A 29 -13.26 -4.50 -11.47
C GLU A 29 -13.34 -5.64 -12.49
N LYS A 30 -12.94 -5.35 -13.72
CA LYS A 30 -12.97 -6.35 -14.78
C LYS A 30 -12.25 -7.62 -14.35
N SER A 31 -11.01 -7.48 -13.89
CA SER A 31 -10.22 -8.62 -13.45
C SER A 31 -10.50 -8.93 -11.98
N PRO A 32 -10.13 -10.15 -11.56
CA PRO A 32 -10.33 -10.60 -10.18
C PRO A 32 -9.23 -10.11 -9.25
N THR A 33 -9.51 -9.04 -8.52
CA THR A 33 -8.54 -8.48 -7.58
C THR A 33 -9.22 -7.56 -6.57
N ASP A 34 -8.79 -7.67 -5.32
CA ASP A 34 -9.36 -6.85 -4.25
C ASP A 34 -8.28 -6.04 -3.55
N TRP A 35 -7.12 -6.65 -3.37
CA TRP A 35 -6.00 -5.98 -2.71
C TRP A 35 -4.71 -6.18 -3.50
N ALA A 36 -3.61 -5.63 -2.98
CA ALA A 36 -2.31 -5.74 -3.64
C ALA A 36 -1.19 -5.34 -2.70
N LEU A 37 -0.28 -6.27 -2.44
CA LEU A 37 0.85 -6.01 -1.55
C LEU A 37 2.12 -5.74 -2.35
N PHE A 38 2.92 -4.79 -1.88
CA PHE A 38 4.16 -4.44 -2.55
C PHE A 38 5.30 -4.25 -1.54
N THR A 39 6.30 -5.12 -1.63
CA THR A 39 7.44 -5.06 -0.73
C THR A 39 8.74 -4.81 -1.49
N TYR A 40 9.80 -4.50 -0.75
CA TYR A 40 11.10 -4.23 -1.37
C TYR A 40 11.67 -5.50 -2.00
N GLU A 41 12.73 -5.33 -2.78
CA GLU A 41 13.36 -6.47 -3.45
C GLU A 41 14.35 -7.16 -2.52
N GLY A 42 15.34 -6.42 -2.03
CA GLY A 42 16.32 -6.98 -1.14
C GLY A 42 16.94 -5.95 -0.21
N ASN A 43 18.23 -5.72 -0.36
CA ASN A 43 18.94 -4.75 0.46
C ASN A 43 19.18 -3.45 -0.31
N SER A 44 18.17 -3.03 -1.05
CA SER A 44 18.27 -1.80 -1.84
C SER A 44 16.88 -1.28 -2.21
N ASN A 45 16.85 -0.07 -2.76
CA ASN A 45 15.59 0.55 -3.16
C ASN A 45 15.04 -0.11 -4.43
N ASP A 46 13.97 -0.88 -4.28
CA ASP A 46 13.36 -1.56 -5.41
C ASP A 46 12.07 -2.26 -4.99
N ILE A 47 10.97 -1.52 -4.96
CA ILE A 47 9.67 -2.07 -4.58
C ILE A 47 9.08 -2.90 -5.71
N ARG A 48 8.53 -4.06 -5.35
CA ARG A 48 7.92 -4.95 -6.33
C ARG A 48 6.65 -5.59 -5.77
N VAL A 49 6.09 -6.53 -6.52
CA VAL A 49 4.87 -7.21 -6.11
C VAL A 49 5.15 -8.21 -4.99
N ALA A 50 4.24 -8.29 -4.03
CA ALA A 50 4.40 -9.20 -2.90
C ALA A 50 3.30 -10.27 -2.89
N GLY A 51 2.09 -9.86 -3.29
CA GLY A 51 0.97 -10.78 -3.32
C GLY A 51 -0.34 -10.10 -3.66
N THR A 52 -1.23 -10.83 -4.31
CA THR A 52 -2.53 -10.29 -4.70
C THR A 52 -3.64 -11.30 -4.47
N GLY A 53 -4.80 -10.81 -4.07
CA GLY A 53 -5.94 -11.69 -3.81
C GLY A 53 -7.26 -11.01 -4.08
N GLU A 54 -8.35 -11.76 -3.93
CA GLU A 54 -9.68 -11.24 -4.17
C GLU A 54 -10.60 -11.54 -2.99
N GLY A 55 -10.01 -11.69 -1.81
CA GLY A 55 -10.79 -11.98 -0.62
C GLY A 55 -11.15 -10.74 0.15
N GLY A 56 -10.35 -9.68 -0.01
CA GLY A 56 -10.60 -8.44 0.69
C GLY A 56 -9.54 -8.13 1.73
N LEU A 57 -9.91 -7.33 2.73
CA LEU A 57 -8.98 -6.95 3.79
C LEU A 57 -8.67 -8.15 4.69
N GLU A 58 -9.67 -9.00 4.90
CA GLU A 58 -9.51 -10.18 5.74
C GLU A 58 -8.41 -11.09 5.18
N GLU A 59 -8.18 -11.01 3.88
CA GLU A 59 -7.16 -11.82 3.22
C GLU A 59 -5.90 -11.00 2.96
N MET A 60 -6.07 -9.70 2.83
CA MET A 60 -4.95 -8.81 2.57
C MET A 60 -4.01 -8.75 3.76
N VAL A 61 -4.58 -8.46 4.93
CA VAL A 61 -3.78 -8.37 6.16
C VAL A 61 -3.09 -9.70 6.45
N GLU A 62 -3.72 -10.79 6.05
CA GLU A 62 -3.16 -12.12 6.27
C GLU A 62 -1.76 -12.23 5.68
N GLU A 63 -1.50 -11.42 4.66
CA GLU A 63 -0.19 -11.43 4.00
C GLU A 63 0.78 -10.50 4.71
N LEU A 64 0.25 -9.43 5.29
CA LEU A 64 1.08 -8.46 6.00
C LEU A 64 1.96 -9.15 7.04
N ASN A 65 3.28 -9.02 6.87
CA ASN A 65 4.23 -9.62 7.78
C ASN A 65 4.80 -8.60 8.74
N SER A 66 4.57 -8.80 10.03
CA SER A 66 5.05 -7.89 11.07
C SER A 66 6.58 -7.97 11.19
N GLY A 67 7.27 -7.06 10.52
CA GLY A 67 8.72 -7.05 10.58
C GLY A 67 9.34 -6.41 9.34
N LYS A 68 8.57 -6.33 8.27
CA LYS A 68 9.05 -5.74 7.02
C LYS A 68 8.06 -4.69 6.50
N VAL A 69 8.59 -3.56 6.05
CA VAL A 69 7.76 -2.49 5.52
C VAL A 69 7.14 -2.89 4.18
N MET A 70 5.82 -2.71 4.07
CA MET A 70 5.10 -3.04 2.85
C MET A 70 3.97 -2.06 2.61
N TYR A 71 3.33 -2.19 1.45
CA TYR A 71 2.22 -1.31 1.08
C TYR A 71 0.99 -2.12 0.68
N ALA A 72 -0.16 -1.75 1.25
CA ALA A 72 -1.42 -2.44 0.94
C ALA A 72 -2.36 -1.54 0.17
N PHE A 73 -2.88 -2.05 -0.95
CA PHE A 73 -3.80 -1.29 -1.78
C PHE A 73 -5.09 -2.07 -2.02
N CYS A 74 -6.09 -1.80 -1.19
CA CYS A 74 -7.38 -2.49 -1.31
C CYS A 74 -8.39 -1.61 -2.04
N ARG A 75 -9.49 -2.22 -2.47
CA ARG A 75 -10.53 -1.49 -3.18
C ARG A 75 -11.92 -1.86 -2.64
N VAL A 76 -12.57 -0.91 -1.99
CA VAL A 76 -13.90 -1.14 -1.43
C VAL A 76 -14.84 0.01 -1.77
N LYS A 77 -16.14 -0.25 -1.69
CA LYS A 77 -17.14 0.76 -1.98
C LYS A 77 -17.62 1.44 -0.71
N ASP A 78 -17.72 2.77 -0.75
CA ASP A 78 -18.17 3.55 0.40
C ASP A 78 -19.49 3.02 0.93
N PRO A 79 -19.83 3.39 2.17
CA PRO A 79 -21.08 2.97 2.82
C PRO A 79 -22.30 3.70 2.26
N ASN A 80 -22.19 5.01 2.17
CA ASN A 80 -23.29 5.84 1.65
C ASN A 80 -23.04 6.21 0.20
N SER A 81 -21.83 6.69 -0.10
CA SER A 81 -21.48 7.09 -1.46
C SER A 81 -21.79 5.96 -2.45
N GLY A 82 -21.61 4.73 -2.01
CA GLY A 82 -21.87 3.59 -2.87
C GLY A 82 -20.97 3.55 -4.08
N LEU A 83 -19.82 4.22 -3.97
CA LEU A 83 -18.86 4.26 -5.08
C LEU A 83 -17.54 3.61 -4.67
N PRO A 84 -16.80 3.09 -5.66
CA PRO A 84 -15.52 2.44 -5.42
C PRO A 84 -14.43 3.43 -5.04
N LYS A 85 -13.85 3.24 -3.85
CA LYS A 85 -12.79 4.11 -3.38
C LYS A 85 -11.48 3.34 -3.21
N PHE A 86 -10.37 4.07 -3.24
CA PHE A 86 -9.05 3.46 -3.10
C PHE A 86 -8.42 3.84 -1.76
N VAL A 87 -7.98 2.83 -1.01
CA VAL A 87 -7.35 3.07 0.29
C VAL A 87 -5.85 2.76 0.23
N LEU A 88 -5.06 3.60 0.89
CA LEU A 88 -3.62 3.43 0.92
C LEU A 88 -3.12 3.26 2.36
N ILE A 89 -2.55 2.10 2.64
CA ILE A 89 -2.03 1.81 3.97
C ILE A 89 -0.52 1.61 3.94
N ASN A 90 0.19 2.32 4.83
CA ASN A 90 1.64 2.23 4.90
C ASN A 90 2.06 1.24 5.98
N TRP A 91 1.92 -0.05 5.70
CA TRP A 91 2.29 -1.10 6.65
C TRP A 91 3.72 -0.89 7.15
N THR A 92 3.87 -0.85 8.47
CA THR A 92 5.18 -0.66 9.08
C THR A 92 5.42 -1.65 10.21
N GLY A 93 6.10 -2.75 9.89
CA GLY A 93 6.38 -3.78 10.88
C GLY A 93 7.02 -3.20 12.13
N GLU A 94 6.59 -3.68 13.29
CA GLU A 94 7.13 -3.22 14.56
C GLU A 94 8.58 -3.66 14.74
N GLY A 95 8.89 -4.85 14.22
CA GLY A 95 10.24 -5.38 14.32
C GLY A 95 11.27 -4.48 13.67
N VAL A 96 10.81 -3.62 12.76
CA VAL A 96 11.70 -2.70 12.06
C VAL A 96 12.22 -1.61 13.00
N ASN A 97 13.53 -1.46 13.05
CA ASN A 97 14.16 -0.45 13.91
C ASN A 97 13.64 0.94 13.56
N ASP A 98 14.06 1.93 14.35
CA ASP A 98 13.65 3.31 14.12
C ASP A 98 14.45 3.94 12.98
N VAL A 99 15.74 3.65 12.94
CA VAL A 99 16.62 4.19 11.91
C VAL A 99 16.09 3.85 10.52
N ARG A 100 15.34 2.75 10.43
CA ARG A 100 14.77 2.32 9.16
C ARG A 100 13.41 2.96 8.92
N LYS A 101 12.62 3.08 9.99
CA LYS A 101 11.29 3.67 9.91
C LYS A 101 11.35 5.07 9.31
N GLY A 102 12.41 5.81 9.65
CA GLY A 102 12.56 7.15 9.14
C GLY A 102 13.20 7.18 7.77
N ALA A 103 13.88 6.10 7.41
CA ALA A 103 14.54 6.00 6.11
C ALA A 103 13.59 5.47 5.05
N CYS A 104 12.57 4.72 5.48
CA CYS A 104 11.59 4.16 4.57
C CYS A 104 10.49 5.17 4.27
N ALA A 105 10.26 6.08 5.21
CA ALA A 105 9.23 7.10 5.05
C ALA A 105 9.46 7.91 3.78
N SER A 106 10.72 8.15 3.45
CA SER A 106 11.08 8.92 2.27
C SER A 106 10.50 8.28 1.01
N HIS A 107 10.29 6.97 1.05
CA HIS A 107 9.74 6.23 -0.07
C HIS A 107 8.23 6.44 -0.17
N VAL A 108 7.60 6.71 0.97
CA VAL A 108 6.15 6.93 1.00
C VAL A 108 5.73 7.99 -0.01
N SER A 109 6.58 8.99 -0.20
CA SER A 109 6.29 10.07 -1.13
C SER A 109 6.21 9.54 -2.56
N THR A 110 7.10 8.61 -2.89
CA THR A 110 7.14 8.03 -4.22
C THR A 110 5.98 7.05 -4.43
N MET A 111 5.85 6.10 -3.51
CA MET A 111 4.78 5.11 -3.59
C MET A 111 3.41 5.78 -3.64
N ALA A 112 3.26 6.86 -2.87
CA ALA A 112 2.00 7.59 -2.82
C ALA A 112 1.58 8.03 -4.22
N SER A 113 2.53 8.55 -5.00
CA SER A 113 2.26 9.02 -6.35
C SER A 113 1.91 7.85 -7.26
N PHE A 114 2.65 6.75 -7.12
CA PHE A 114 2.41 5.56 -7.93
C PHE A 114 0.99 5.05 -7.77
N LEU A 115 0.60 4.80 -6.52
CA LEU A 115 -0.74 4.31 -6.21
C LEU A 115 -1.72 5.47 -6.03
N LYS A 116 -1.89 6.26 -7.10
CA LYS A 116 -2.80 7.40 -7.06
C LYS A 116 -4.24 6.94 -6.86
N GLY A 117 -5.14 7.89 -6.63
CA GLY A 117 -6.54 7.57 -6.43
C GLY A 117 -6.88 7.36 -4.97
N ALA A 118 -5.87 7.12 -4.15
CA ALA A 118 -6.06 6.89 -2.73
C ALA A 118 -6.89 8.02 -2.11
N HIS A 119 -8.15 7.75 -1.85
CA HIS A 119 -9.04 8.74 -1.26
C HIS A 119 -8.67 9.02 0.19
N VAL A 120 -8.07 8.02 0.85
CA VAL A 120 -7.65 8.17 2.24
C VAL A 120 -6.37 7.40 2.50
N THR A 121 -5.47 8.00 3.28
CA THR A 121 -4.20 7.38 3.61
C THR A 121 -4.11 7.06 5.10
N ILE A 122 -3.50 5.93 5.42
CA ILE A 122 -3.36 5.50 6.80
C ILE A 122 -1.98 4.90 7.05
N ASN A 123 -1.30 5.39 8.08
CA ASN A 123 0.03 4.91 8.42
C ASN A 123 -0.02 4.08 9.70
N ALA A 124 -0.37 2.80 9.57
CA ALA A 124 -0.45 1.91 10.71
C ALA A 124 0.92 1.30 11.02
N ARG A 125 0.92 0.30 11.91
CA ARG A 125 2.16 -0.37 12.30
C ARG A 125 1.91 -1.82 12.64
N ALA A 126 0.83 -2.08 13.35
CA ALA A 126 0.47 -3.44 13.74
C ALA A 126 -0.73 -3.95 12.95
N GLU A 127 -0.91 -5.26 12.93
CA GLU A 127 -2.02 -5.87 12.20
C GLU A 127 -3.37 -5.40 12.76
N GLU A 128 -3.37 -5.01 14.03
CA GLU A 128 -4.58 -4.54 14.68
C GLU A 128 -4.96 -3.15 14.18
N ASP A 129 -3.98 -2.42 13.67
CA ASP A 129 -4.21 -1.07 13.16
C ASP A 129 -4.42 -1.10 11.66
N VAL A 130 -4.87 -2.23 11.14
CA VAL A 130 -5.12 -2.38 9.71
C VAL A 130 -6.23 -3.38 9.45
N GLU A 131 -7.13 -3.53 10.42
CA GLU A 131 -8.25 -4.46 10.28
C GLU A 131 -9.33 -3.89 9.38
N PRO A 132 -10.22 -4.76 8.89
CA PRO A 132 -11.32 -4.37 8.01
C PRO A 132 -12.08 -3.16 8.53
N GLU A 133 -12.55 -3.25 9.77
CA GLU A 133 -13.29 -2.16 10.38
C GLU A 133 -12.39 -0.96 10.64
N CYS A 134 -11.14 -1.23 10.98
CA CYS A 134 -10.17 -0.17 11.25
C CYS A 134 -9.90 0.65 10.00
N ILE A 135 -10.09 0.02 8.84
CA ILE A 135 -9.86 0.70 7.56
C ILE A 135 -11.16 1.29 7.02
N MET A 136 -12.22 0.49 7.03
CA MET A 136 -13.51 0.95 6.54
C MET A 136 -14.04 2.11 7.37
N GLU A 137 -13.60 2.19 8.63
CA GLU A 137 -14.02 3.25 9.52
C GLU A 137 -13.53 4.61 9.02
N LYS A 138 -12.43 4.60 8.27
CA LYS A 138 -11.85 5.82 7.74
C LYS A 138 -12.35 6.08 6.32
N VAL A 139 -12.70 5.01 5.62
CA VAL A 139 -13.20 5.12 4.26
C VAL A 139 -14.50 5.91 4.21
N ALA A 140 -15.36 5.70 5.21
CA ALA A 140 -16.64 6.39 5.27
C ALA A 140 -16.44 7.90 5.45
N SER A 141 -15.53 8.27 6.34
CA SER A 141 -15.25 9.67 6.61
C SER A 141 -14.67 10.35 5.37
N GLY A 142 -15.44 11.28 4.81
CA GLY A 142 -14.98 11.99 3.62
C GLY A 142 -14.43 13.36 3.95
N PRO A 143 -14.21 14.18 2.90
CA PRO A 143 -13.68 15.53 3.07
C PRO A 143 -14.44 16.34 4.12
N SER A 144 -13.76 16.65 5.21
CA SER A 144 -14.37 17.41 6.30
C SER A 144 -14.47 18.88 5.93
N SER A 145 -15.59 19.51 6.31
CA SER A 145 -15.82 20.92 6.01
C SER A 145 -15.56 21.78 7.25
N GLY A 146 -14.36 22.34 7.33
CA GLY A 146 -14.01 23.17 8.47
C GLY A 146 -13.29 24.44 8.06
N GLY A 1 23.86 15.75 -4.07
CA GLY A 1 23.99 15.67 -5.52
C GLY A 1 22.65 15.43 -6.19
N SER A 2 22.34 16.26 -7.19
CA SER A 2 21.08 16.14 -7.92
C SER A 2 19.89 16.26 -6.98
N SER A 3 18.70 16.22 -7.54
CA SER A 3 17.47 16.33 -6.76
C SER A 3 16.32 15.59 -7.43
N GLY A 4 16.63 14.43 -8.00
CA GLY A 4 15.61 13.64 -8.68
C GLY A 4 15.21 12.41 -7.87
N SER A 5 14.97 11.31 -8.57
CA SER A 5 14.58 10.07 -7.92
C SER A 5 15.63 8.98 -8.14
N SER A 6 16.90 9.36 -8.03
CA SER A 6 17.99 8.42 -8.23
C SER A 6 18.93 8.43 -7.02
N GLY A 7 18.39 8.10 -5.85
CA GLY A 7 19.19 8.08 -4.64
C GLY A 7 18.35 7.97 -3.39
N MET A 8 18.39 6.80 -2.76
CA MET A 8 17.62 6.56 -1.54
C MET A 8 16.13 6.79 -1.78
N ALA A 9 15.67 6.43 -2.97
CA ALA A 9 14.26 6.59 -3.33
C ALA A 9 13.76 5.38 -4.10
N ALA A 10 12.46 5.13 -4.00
CA ALA A 10 11.83 3.99 -4.68
C ALA A 10 12.06 4.08 -6.19
N ASN A 11 12.30 2.94 -6.81
CA ASN A 11 12.52 2.89 -8.25
C ASN A 11 11.26 2.43 -8.98
N LEU A 12 10.81 1.22 -8.67
CA LEU A 12 9.62 0.68 -9.30
C LEU A 12 9.77 0.62 -10.82
N SER A 13 11.01 0.54 -11.28
CA SER A 13 11.31 0.49 -12.70
C SER A 13 11.47 -0.95 -13.18
N ARG A 14 12.31 -1.71 -12.45
CA ARG A 14 12.55 -3.11 -12.80
C ARG A 14 11.24 -3.87 -12.95
N ASN A 15 10.38 -3.77 -11.93
CA ASN A 15 9.10 -4.45 -11.95
C ASN A 15 7.97 -3.48 -12.31
N GLY A 16 8.21 -2.63 -13.29
CA GLY A 16 7.21 -1.66 -13.70
C GLY A 16 5.89 -2.32 -14.06
N PRO A 17 5.88 -3.10 -15.16
CA PRO A 17 4.68 -3.80 -15.62
C PRO A 17 4.01 -4.60 -14.52
N ALA A 18 4.82 -5.28 -13.72
CA ALA A 18 4.29 -6.09 -12.62
C ALA A 18 3.59 -5.22 -11.58
N LEU A 19 4.30 -4.22 -11.07
CA LEU A 19 3.75 -3.31 -10.08
C LEU A 19 2.50 -2.62 -10.60
N GLN A 20 2.58 -2.13 -11.84
CA GLN A 20 1.46 -1.45 -12.47
C GLN A 20 0.25 -2.38 -12.60
N GLU A 21 0.52 -3.67 -12.72
CA GLU A 21 -0.53 -4.67 -12.86
C GLU A 21 -1.29 -4.83 -11.54
N ALA A 22 -0.56 -5.06 -10.46
CA ALA A 22 -1.17 -5.24 -9.15
C ALA A 22 -1.97 -4.01 -8.75
N TYR A 23 -1.66 -2.88 -9.36
CA TYR A 23 -2.36 -1.64 -9.08
C TYR A 23 -3.55 -1.44 -10.00
N VAL A 24 -3.30 -1.52 -11.30
CA VAL A 24 -4.34 -1.36 -12.30
C VAL A 24 -5.40 -2.44 -12.18
N ARG A 25 -5.02 -3.56 -11.55
CA ARG A 25 -5.93 -4.68 -11.37
C ARG A 25 -6.95 -4.38 -10.28
N VAL A 26 -6.45 -3.95 -9.11
CA VAL A 26 -7.33 -3.62 -7.99
C VAL A 26 -8.36 -2.58 -8.38
N VAL A 27 -7.92 -1.57 -9.13
CA VAL A 27 -8.82 -0.51 -9.58
C VAL A 27 -9.78 -1.01 -10.65
N THR A 28 -9.36 -2.02 -11.40
CA THR A 28 -10.17 -2.60 -12.46
C THR A 28 -11.01 -3.75 -11.94
N GLU A 29 -12.32 -3.55 -11.87
CA GLU A 29 -13.23 -4.59 -11.39
C GLU A 29 -13.33 -5.73 -12.40
N LYS A 30 -12.99 -5.43 -13.65
CA LYS A 30 -13.05 -6.44 -14.71
C LYS A 30 -12.31 -7.71 -14.30
N SER A 31 -11.04 -7.56 -13.94
CA SER A 31 -10.23 -8.69 -13.52
C SER A 31 -10.44 -9.01 -12.05
N PRO A 32 -10.05 -10.23 -11.64
CA PRO A 32 -10.19 -10.69 -10.26
C PRO A 32 -9.09 -10.16 -9.36
N THR A 33 -9.40 -9.09 -8.63
CA THR A 33 -8.43 -8.47 -7.72
C THR A 33 -9.12 -7.60 -6.69
N ASP A 34 -8.74 -7.76 -5.42
CA ASP A 34 -9.32 -6.97 -4.34
C ASP A 34 -8.26 -6.11 -3.66
N TRP A 35 -7.09 -6.70 -3.44
CA TRP A 35 -5.99 -5.99 -2.80
C TRP A 35 -4.70 -6.15 -3.58
N ALA A 36 -3.62 -5.55 -3.07
CA ALA A 36 -2.32 -5.63 -3.73
C ALA A 36 -1.21 -5.18 -2.79
N LEU A 37 -0.29 -6.09 -2.49
CA LEU A 37 0.83 -5.79 -1.60
C LEU A 37 2.10 -5.55 -2.40
N PHE A 38 2.93 -4.63 -1.91
CA PHE A 38 4.18 -4.30 -2.58
C PHE A 38 5.32 -4.17 -1.57
N THR A 39 6.34 -5.01 -1.72
CA THR A 39 7.49 -4.98 -0.82
C THR A 39 8.79 -4.86 -1.60
N TYR A 40 9.87 -4.58 -0.88
CA TYR A 40 11.18 -4.43 -1.51
C TYR A 40 11.67 -5.76 -2.08
N GLU A 41 12.54 -5.68 -3.08
CA GLU A 41 13.09 -6.88 -3.71
C GLU A 41 14.13 -7.55 -2.82
N GLY A 42 15.18 -6.80 -2.50
CA GLY A 42 16.24 -7.34 -1.65
C GLY A 42 16.70 -6.33 -0.61
N ASN A 43 17.96 -5.92 -0.71
CA ASN A 43 18.52 -4.96 0.24
C ASN A 43 18.83 -3.64 -0.45
N SER A 44 17.94 -3.23 -1.35
CA SER A 44 18.12 -1.97 -2.08
C SER A 44 16.76 -1.34 -2.42
N ASN A 45 16.79 -0.10 -2.86
CA ASN A 45 15.58 0.62 -3.23
C ASN A 45 14.99 0.08 -4.53
N ASP A 46 13.88 -0.63 -4.42
CA ASP A 46 13.22 -1.20 -5.60
C ASP A 46 11.95 -1.95 -5.20
N ILE A 47 10.86 -1.21 -5.02
CA ILE A 47 9.58 -1.79 -4.64
C ILE A 47 9.06 -2.72 -5.72
N ARG A 48 8.60 -3.90 -5.32
CA ARG A 48 8.06 -4.87 -6.26
C ARG A 48 6.84 -5.58 -5.68
N VAL A 49 6.07 -6.23 -6.54
CA VAL A 49 4.88 -6.95 -6.11
C VAL A 49 5.19 -7.90 -4.97
N ALA A 50 4.24 -8.04 -4.05
CA ALA A 50 4.42 -8.93 -2.90
C ALA A 50 3.36 -10.03 -2.88
N GLY A 51 2.16 -9.68 -3.34
CA GLY A 51 1.08 -10.66 -3.37
C GLY A 51 -0.25 -10.03 -3.73
N THR A 52 -1.11 -10.81 -4.38
CA THR A 52 -2.43 -10.32 -4.78
C THR A 52 -3.52 -11.33 -4.45
N GLY A 53 -4.72 -10.84 -4.18
CA GLY A 53 -5.83 -11.72 -3.85
C GLY A 53 -7.18 -11.07 -4.12
N GLU A 54 -8.24 -11.86 -4.02
CA GLU A 54 -9.58 -11.36 -4.25
C GLU A 54 -10.51 -11.73 -3.09
N GLY A 55 -9.94 -11.89 -1.90
CA GLY A 55 -10.73 -12.25 -0.74
C GLY A 55 -11.12 -11.04 0.09
N GLY A 56 -10.36 -9.95 -0.05
CA GLY A 56 -10.65 -8.74 0.70
C GLY A 56 -9.60 -8.44 1.74
N LEU A 57 -9.89 -7.48 2.62
CA LEU A 57 -8.96 -7.09 3.66
C LEU A 57 -8.60 -8.29 4.54
N GLU A 58 -9.61 -9.10 4.87
CA GLU A 58 -9.40 -10.27 5.71
C GLU A 58 -8.31 -11.17 5.12
N GLU A 59 -8.17 -11.12 3.81
CA GLU A 59 -7.17 -11.93 3.12
C GLU A 59 -5.89 -11.13 2.88
N MET A 60 -6.04 -9.81 2.78
CA MET A 60 -4.90 -8.93 2.55
C MET A 60 -3.98 -8.91 3.76
N VAL A 61 -4.55 -8.63 4.93
CA VAL A 61 -3.78 -8.58 6.17
C VAL A 61 -3.02 -9.87 6.40
N GLU A 62 -3.58 -10.98 5.93
CA GLU A 62 -2.96 -12.28 6.08
C GLU A 62 -1.54 -12.29 5.50
N GLU A 63 -1.30 -11.40 4.54
CA GLU A 63 0.01 -11.29 3.91
C GLU A 63 0.91 -10.33 4.67
N LEU A 64 0.30 -9.31 5.27
CA LEU A 64 1.05 -8.32 6.03
C LEU A 64 1.94 -8.98 7.07
N ASN A 65 3.24 -8.77 6.96
CA ASN A 65 4.21 -9.35 7.88
C ASN A 65 4.77 -8.29 8.81
N SER A 66 4.58 -8.49 10.11
CA SER A 66 5.07 -7.54 11.12
C SER A 66 6.59 -7.62 11.24
N GLY A 67 7.27 -6.71 10.54
CA GLY A 67 8.73 -6.69 10.58
C GLY A 67 9.33 -6.08 9.33
N LYS A 68 8.54 -6.04 8.26
CA LYS A 68 9.01 -5.47 7.00
C LYS A 68 8.01 -4.44 6.46
N VAL A 69 8.54 -3.31 6.01
CA VAL A 69 7.70 -2.24 5.47
C VAL A 69 7.08 -2.65 4.14
N MET A 70 5.77 -2.48 4.02
CA MET A 70 5.06 -2.84 2.80
C MET A 70 3.92 -1.85 2.53
N TYR A 71 3.30 -1.98 1.36
CA TYR A 71 2.20 -1.11 0.98
C TYR A 71 0.99 -1.92 0.53
N ALA A 72 -0.16 -1.67 1.16
CA ALA A 72 -1.39 -2.38 0.81
C ALA A 72 -2.34 -1.46 0.04
N PHE A 73 -2.99 -2.02 -0.98
CA PHE A 73 -3.94 -1.26 -1.79
C PHE A 73 -5.21 -2.04 -2.03
N CYS A 74 -6.22 -1.82 -1.18
CA CYS A 74 -7.49 -2.52 -1.30
C CYS A 74 -8.51 -1.66 -2.03
N ARG A 75 -9.68 -2.23 -2.29
CA ARG A 75 -10.74 -1.52 -2.99
C ARG A 75 -12.11 -1.87 -2.41
N VAL A 76 -12.74 -0.90 -1.76
CA VAL A 76 -14.05 -1.10 -1.15
C VAL A 76 -15.01 0.01 -1.53
N LYS A 77 -16.31 -0.26 -1.43
CA LYS A 77 -17.33 0.73 -1.76
C LYS A 77 -17.77 1.50 -0.51
N ASP A 78 -17.90 2.81 -0.65
CA ASP A 78 -18.32 3.66 0.45
C ASP A 78 -19.66 3.20 1.02
N PRO A 79 -19.97 3.67 2.24
CA PRO A 79 -21.22 3.31 2.92
C PRO A 79 -22.42 4.05 2.34
N ASN A 80 -22.28 5.36 2.16
CA ASN A 80 -23.35 6.18 1.61
C ASN A 80 -23.12 6.44 0.12
N SER A 81 -21.91 6.87 -0.22
CA SER A 81 -21.57 7.17 -1.61
C SER A 81 -21.91 5.98 -2.51
N GLY A 82 -21.74 4.77 -1.99
CA GLY A 82 -22.04 3.58 -2.76
C GLY A 82 -21.14 3.45 -3.98
N LEU A 83 -20.00 4.12 -3.95
CA LEU A 83 -19.05 4.07 -5.06
C LEU A 83 -17.74 3.42 -4.64
N PRO A 84 -17.04 2.82 -5.61
CA PRO A 84 -15.76 2.15 -5.35
C PRO A 84 -14.63 3.13 -5.05
N LYS A 85 -14.15 3.09 -3.81
CA LYS A 85 -13.08 3.99 -3.38
C LYS A 85 -11.77 3.21 -3.18
N PHE A 86 -10.67 3.94 -3.15
CA PHE A 86 -9.36 3.32 -2.97
C PHE A 86 -8.73 3.75 -1.64
N VAL A 87 -8.14 2.79 -0.94
CA VAL A 87 -7.51 3.07 0.35
C VAL A 87 -6.01 2.80 0.29
N LEU A 88 -5.24 3.64 0.97
CA LEU A 88 -3.78 3.49 0.98
C LEU A 88 -3.29 3.32 2.41
N ILE A 89 -2.66 2.17 2.68
CA ILE A 89 -2.13 1.88 4.00
C ILE A 89 -0.61 1.73 3.96
N ASN A 90 0.07 2.45 4.85
CA ASN A 90 1.53 2.39 4.92
C ASN A 90 1.99 1.41 5.99
N TRP A 91 1.88 0.11 5.69
CA TRP A 91 2.29 -0.93 6.62
C TRP A 91 3.71 -0.69 7.13
N THR A 92 3.86 -0.62 8.45
CA THR A 92 5.16 -0.39 9.06
C THR A 92 5.37 -1.30 10.26
N GLY A 93 5.94 -2.47 10.02
CA GLY A 93 6.19 -3.41 11.11
C GLY A 93 6.94 -2.78 12.26
N GLU A 94 6.44 -3.00 13.48
CA GLU A 94 7.07 -2.45 14.67
C GLU A 94 8.47 -3.02 14.85
N GLY A 95 8.68 -4.24 14.39
CA GLY A 95 9.97 -4.88 14.52
C GLY A 95 11.08 -4.07 13.86
N VAL A 96 10.70 -3.20 12.92
CA VAL A 96 11.66 -2.37 12.22
C VAL A 96 12.24 -1.29 13.14
N ASN A 97 13.56 -1.24 13.23
CA ASN A 97 14.23 -0.26 14.07
C ASN A 97 13.78 1.16 13.71
N ASP A 98 14.26 2.14 14.47
CA ASP A 98 13.92 3.53 14.22
C ASP A 98 14.74 4.10 13.07
N VAL A 99 16.01 3.75 13.03
CA VAL A 99 16.92 4.22 11.99
C VAL A 99 16.37 3.87 10.60
N ARG A 100 15.61 2.78 10.54
CA ARG A 100 15.03 2.33 9.28
C ARG A 100 13.67 2.99 9.03
N LYS A 101 12.87 3.06 10.09
CA LYS A 101 11.53 3.66 10.00
C LYS A 101 11.61 5.05 9.38
N GLY A 102 12.68 5.77 9.70
CA GLY A 102 12.86 7.11 9.17
C GLY A 102 13.47 7.12 7.78
N ALA A 103 14.12 6.01 7.42
CA ALA A 103 14.76 5.89 6.11
C ALA A 103 13.77 5.37 5.08
N CYS A 104 12.76 4.64 5.54
CA CYS A 104 11.75 4.08 4.65
C CYS A 104 10.65 5.10 4.35
N ALA A 105 10.46 6.04 5.27
CA ALA A 105 9.45 7.08 5.12
C ALA A 105 9.73 7.92 3.88
N SER A 106 11.00 8.16 3.60
CA SER A 106 11.40 8.96 2.45
C SER A 106 10.88 8.35 1.15
N HIS A 107 10.76 7.03 1.14
CA HIS A 107 10.26 6.32 -0.04
C HIS A 107 8.76 6.51 -0.19
N VAL A 108 8.08 6.76 0.92
CA VAL A 108 6.63 6.97 0.90
C VAL A 108 6.24 8.01 -0.12
N SER A 109 7.11 8.99 -0.33
CA SER A 109 6.84 10.06 -1.28
C SER A 109 6.73 9.51 -2.71
N THR A 110 7.54 8.49 -3.00
CA THR A 110 7.53 7.86 -4.32
C THR A 110 6.35 6.92 -4.47
N MET A 111 6.24 5.95 -3.57
CA MET A 111 5.15 4.99 -3.60
C MET A 111 3.79 5.69 -3.64
N ALA A 112 3.62 6.68 -2.77
CA ALA A 112 2.37 7.43 -2.71
C ALA A 112 1.99 7.96 -4.08
N SER A 113 2.97 8.42 -4.84
CA SER A 113 2.73 8.95 -6.17
C SER A 113 2.26 7.86 -7.13
N PHE A 114 2.89 6.69 -7.02
CA PHE A 114 2.55 5.55 -7.87
C PHE A 114 1.13 5.08 -7.60
N LEU A 115 0.85 4.77 -6.34
CA LEU A 115 -0.47 4.29 -5.93
C LEU A 115 -1.42 5.46 -5.73
N LYS A 116 -1.74 6.16 -6.82
CA LYS A 116 -2.64 7.30 -6.77
C LYS A 116 -4.10 6.84 -6.77
N GLY A 117 -5.02 7.80 -6.64
CA GLY A 117 -6.43 7.47 -6.64
C GLY A 117 -6.96 7.24 -5.24
N ALA A 118 -6.07 6.97 -4.30
CA ALA A 118 -6.46 6.72 -2.91
C ALA A 118 -7.28 7.89 -2.36
N HIS A 119 -8.48 7.59 -1.90
CA HIS A 119 -9.37 8.60 -1.34
C HIS A 119 -9.00 8.92 0.10
N VAL A 120 -8.39 7.95 0.77
CA VAL A 120 -7.98 8.13 2.17
C VAL A 120 -6.68 7.39 2.45
N THR A 121 -5.85 7.98 3.33
CA THR A 121 -4.57 7.39 3.68
C THR A 121 -4.52 7.05 5.18
N ILE A 122 -3.83 5.97 5.50
CA ILE A 122 -3.71 5.54 6.90
C ILE A 122 -2.30 5.00 7.17
N ASN A 123 -1.70 5.49 8.25
CA ASN A 123 -0.36 5.05 8.64
C ASN A 123 -0.40 4.16 9.87
N ALA A 124 -0.52 2.86 9.64
CA ALA A 124 -0.58 1.89 10.74
C ALA A 124 0.78 1.24 10.96
N ARG A 125 0.81 0.23 11.81
CA ARG A 125 2.05 -0.49 12.12
C ARG A 125 1.76 -1.93 12.52
N ALA A 126 0.72 -2.12 13.32
CA ALA A 126 0.34 -3.46 13.77
C ALA A 126 -0.85 -3.99 12.98
N GLU A 127 -1.09 -5.29 13.09
CA GLU A 127 -2.19 -5.92 12.38
C GLU A 127 -3.53 -5.44 12.93
N GLU A 128 -3.53 -5.01 14.18
CA GLU A 128 -4.76 -4.53 14.82
C GLU A 128 -5.13 -3.15 14.29
N ASP A 129 -4.14 -2.42 13.80
CA ASP A 129 -4.37 -1.08 13.26
C ASP A 129 -4.55 -1.12 11.76
N VAL A 130 -5.00 -2.27 11.24
CA VAL A 130 -5.22 -2.44 9.82
C VAL A 130 -6.34 -3.45 9.56
N GLU A 131 -7.25 -3.58 10.51
CA GLU A 131 -8.37 -4.50 10.39
C GLU A 131 -9.41 -3.97 9.41
N PRO A 132 -10.29 -4.86 8.92
CA PRO A 132 -11.35 -4.49 7.98
C PRO A 132 -12.12 -3.25 8.42
N GLU A 133 -12.64 -3.29 9.65
CA GLU A 133 -13.40 -2.17 10.18
C GLU A 133 -12.50 -0.96 10.41
N CYS A 134 -11.25 -1.22 10.78
CA CYS A 134 -10.29 -0.15 11.04
C CYS A 134 -10.10 0.70 9.80
N ILE A 135 -10.34 0.12 8.63
CA ILE A 135 -10.19 0.83 7.36
C ILE A 135 -11.53 1.37 6.88
N MET A 136 -12.56 0.54 6.98
CA MET A 136 -13.91 0.94 6.55
C MET A 136 -14.40 2.14 7.36
N GLU A 137 -13.88 2.28 8.57
CA GLU A 137 -14.27 3.38 9.45
C GLU A 137 -13.74 4.71 8.92
N LYS A 138 -12.64 4.65 8.17
CA LYS A 138 -12.03 5.84 7.60
C LYS A 138 -12.52 6.07 6.18
N VAL A 139 -12.91 5.00 5.50
CA VAL A 139 -13.41 5.10 4.14
C VAL A 139 -14.66 5.95 4.06
N ALA A 140 -15.48 5.87 5.10
CA ALA A 140 -16.73 6.64 5.16
C ALA A 140 -16.44 8.14 5.17
N SER A 141 -15.38 8.53 5.85
CA SER A 141 -14.99 9.93 5.93
C SER A 141 -14.79 10.53 4.54
N GLY A 142 -15.78 11.27 4.07
CA GLY A 142 -15.70 11.89 2.76
C GLY A 142 -16.96 12.63 2.38
N PRO A 143 -17.20 13.78 3.03
CA PRO A 143 -18.37 14.61 2.78
C PRO A 143 -18.58 14.90 1.29
N SER A 144 -19.72 14.48 0.76
CA SER A 144 -20.04 14.69 -0.65
C SER A 144 -20.87 15.95 -0.84
N SER A 145 -20.85 16.48 -2.06
CA SER A 145 -21.61 17.69 -2.37
C SER A 145 -22.18 17.62 -3.78
N GLY A 146 -23.50 17.77 -3.89
CA GLY A 146 -24.15 17.72 -5.18
C GLY A 146 -25.56 17.17 -5.10
#